data_2N03
#
_entry.id   2N03
#
_entity_poly.entity_id   1
_entity_poly.type   'polypeptide(L)'
_entity_poly.pdbx_seq_one_letter_code
;MGHHHHHHSHMQLASWSDPTEETGPVAGILDTETLEKVSITEAMHRNLVDNITGQRLLEAQACTGGIIDPSTGERFPVTD
AVNKGLVDKIMVDRINLAQKAFCGFEDPRTKTKMSAAQALKKGWLYYEAGQRFLEVQYLTGGLIEPDTPGRVPLDEALQR
GTVDARTAQKLRDVGAYSKYLTCPKTKLKISYKDALDRSMVEEGTGLRLLEAAAQ
;
_entity_poly.pdbx_strand_id   A
#
# COMPACT_ATOMS: atom_id res chain seq x y z
N MET A 1 -8.50 -10.32 -15.99
CA MET A 1 -8.18 -8.89 -15.90
C MET A 1 -8.51 -8.36 -14.51
N GLY A 2 -7.53 -7.74 -13.87
CA GLY A 2 -7.64 -7.44 -12.44
C GLY A 2 -7.79 -5.97 -12.18
N HIS A 3 -6.69 -5.23 -12.26
CA HIS A 3 -6.57 -3.94 -11.58
C HIS A 3 -6.73 -2.79 -12.58
N HIS A 4 -5.60 -2.20 -12.97
CA HIS A 4 -5.60 -0.91 -13.64
C HIS A 4 -5.45 -1.08 -15.14
N HIS A 5 -4.32 -1.66 -15.55
CA HIS A 5 -4.02 -1.80 -16.97
C HIS A 5 -5.12 -2.58 -17.70
N HIS A 6 -5.72 -3.53 -16.99
CA HIS A 6 -6.60 -4.50 -17.62
C HIS A 6 -8.07 -4.13 -17.39
N HIS A 7 -8.54 -4.34 -16.16
CA HIS A 7 -9.96 -4.21 -15.85
C HIS A 7 -10.22 -2.92 -15.10
N HIS A 8 -11.40 -2.83 -14.48
CA HIS A 8 -11.78 -1.65 -13.70
C HIS A 8 -10.92 -1.53 -12.43
N SER A 9 -10.72 -0.31 -11.98
CA SER A 9 -9.80 -0.05 -10.88
C SER A 9 -10.40 0.94 -9.88
N HIS A 10 -10.42 2.20 -10.28
CA HIS A 10 -10.77 3.29 -9.35
C HIS A 10 -12.23 3.18 -8.93
N MET A 11 -12.66 4.11 -8.07
CA MET A 11 -13.99 4.04 -7.48
C MET A 11 -15.07 4.07 -8.56
N GLN A 12 -16.26 3.61 -8.21
CA GLN A 12 -17.40 3.66 -9.11
C GLN A 12 -18.71 3.43 -8.36
N LEU A 13 -19.81 3.37 -9.10
CA LEU A 13 -21.12 3.10 -8.52
C LEU A 13 -21.33 1.61 -8.29
N ALA A 14 -21.22 1.18 -7.05
CA ALA A 14 -21.48 -0.21 -6.69
C ALA A 14 -22.34 -0.30 -5.43
N SER A 15 -21.79 0.17 -4.31
CA SER A 15 -22.47 0.08 -3.02
C SER A 15 -21.68 0.81 -1.94
N TRP A 16 -22.33 1.05 -0.80
CA TRP A 16 -21.68 1.72 0.32
C TRP A 16 -22.08 1.07 1.64
N SER A 17 -21.34 0.04 2.04
CA SER A 17 -21.64 -0.68 3.28
C SER A 17 -20.46 -1.54 3.71
N ASP A 18 -20.62 -2.26 4.80
CA ASP A 18 -19.62 -3.22 5.25
C ASP A 18 -18.34 -2.51 5.69
N PRO A 19 -18.32 -2.09 6.96
CA PRO A 19 -17.13 -1.49 7.57
C PRO A 19 -15.91 -2.40 7.49
N THR A 20 -14.75 -1.87 7.86
CA THR A 20 -13.49 -2.58 7.67
C THR A 20 -12.71 -2.66 8.97
N GLU A 21 -13.14 -3.55 9.87
CA GLU A 21 -12.52 -3.68 11.18
C GLU A 21 -11.47 -4.80 11.18
N GLU A 22 -10.63 -4.79 12.19
CA GLU A 22 -9.58 -5.81 12.32
C GLU A 22 -8.69 -5.83 11.08
N THR A 23 -7.98 -4.72 10.85
CA THR A 23 -7.19 -4.55 9.64
C THR A 23 -5.71 -4.44 9.97
N GLY A 24 -4.88 -4.22 8.94
CA GLY A 24 -3.47 -4.02 9.16
C GLY A 24 -2.66 -4.18 7.88
N PRO A 25 -1.38 -3.80 7.94
CA PRO A 25 -0.48 -3.86 6.78
C PRO A 25 -0.08 -5.28 6.42
N VAL A 26 -0.14 -5.60 5.13
CA VAL A 26 0.28 -6.91 4.64
C VAL A 26 1.67 -6.84 4.00
N ALA A 27 2.62 -7.57 4.58
CA ALA A 27 4.01 -7.47 4.17
C ALA A 27 4.35 -8.55 3.14
N GLY A 28 3.69 -9.70 3.25
CA GLY A 28 4.03 -10.83 2.40
C GLY A 28 2.91 -11.86 2.34
N ILE A 29 3.19 -12.99 1.71
CA ILE A 29 2.18 -14.02 1.50
C ILE A 29 2.51 -15.27 2.33
N LEU A 30 1.48 -15.87 2.91
CA LEU A 30 1.65 -17.10 3.67
C LEU A 30 0.84 -18.24 3.05
N ASP A 31 1.52 -19.33 2.73
CA ASP A 31 0.86 -20.54 2.27
C ASP A 31 0.41 -21.40 3.43
N THR A 32 -0.90 -21.56 3.59
CA THR A 32 -1.47 -22.33 4.68
C THR A 32 -0.94 -23.76 4.67
N GLU A 33 -0.60 -24.25 3.49
CA GLU A 33 -0.18 -25.64 3.33
C GLU A 33 1.18 -25.87 3.99
N THR A 34 1.99 -24.81 4.06
CA THR A 34 3.36 -24.93 4.53
C THR A 34 3.68 -23.89 5.59
N LEU A 35 2.73 -22.99 5.82
CA LEU A 35 2.95 -21.86 6.72
C LEU A 35 4.32 -21.22 6.46
N GLU A 36 4.61 -20.96 5.19
CA GLU A 36 5.85 -20.30 4.82
C GLU A 36 5.60 -18.82 4.49
N LYS A 37 6.25 -17.94 5.24
CA LYS A 37 6.18 -16.51 4.97
C LYS A 37 7.13 -16.13 3.83
N VAL A 38 6.56 -15.82 2.67
CA VAL A 38 7.35 -15.59 1.46
C VAL A 38 7.05 -14.23 0.86
N SER A 39 7.95 -13.76 0.00
CA SER A 39 7.80 -12.46 -0.64
C SER A 39 6.61 -12.46 -1.59
N ILE A 40 6.17 -11.26 -1.98
CA ILE A 40 5.09 -11.12 -2.95
C ILE A 40 5.46 -11.76 -4.29
N THR A 41 6.71 -11.55 -4.72
CA THR A 41 7.20 -12.15 -5.95
C THR A 41 7.27 -13.67 -5.82
N GLU A 42 7.70 -14.15 -4.66
CA GLU A 42 7.85 -15.58 -4.43
C GLU A 42 6.49 -16.28 -4.49
N ALA A 43 5.48 -15.64 -3.91
CA ALA A 43 4.13 -16.17 -3.94
C ALA A 43 3.57 -16.18 -5.36
N MET A 44 3.85 -15.11 -6.11
CA MET A 44 3.46 -15.04 -7.51
C MET A 44 4.22 -16.07 -8.34
N HIS A 45 5.48 -16.28 -7.99
CA HIS A 45 6.33 -17.20 -8.73
C HIS A 45 5.84 -18.64 -8.57
N ARG A 46 5.32 -18.95 -7.39
CA ARG A 46 4.87 -20.30 -7.09
C ARG A 46 3.47 -20.55 -7.67
N ASN A 47 2.46 -20.01 -7.01
CA ASN A 47 1.08 -20.17 -7.45
C ASN A 47 0.10 -19.68 -6.39
N LEU A 48 0.56 -18.76 -5.54
CA LEU A 48 -0.22 -18.30 -4.40
C LEU A 48 -1.02 -17.06 -4.77
N VAL A 49 -0.46 -16.22 -5.64
CA VAL A 49 -1.10 -14.97 -6.02
C VAL A 49 -0.89 -14.69 -7.51
N ASP A 50 -1.73 -13.82 -8.06
CA ASP A 50 -1.60 -13.43 -9.46
C ASP A 50 -0.62 -12.27 -9.62
N ASN A 51 -0.25 -11.97 -10.85
CA ASN A 51 0.62 -10.84 -11.15
C ASN A 51 -0.04 -9.53 -10.71
N ILE A 52 -1.33 -9.40 -10.96
CA ILE A 52 -2.07 -8.21 -10.59
C ILE A 52 -2.20 -8.08 -9.07
N THR A 53 -2.50 -9.20 -8.42
CA THR A 53 -2.66 -9.22 -6.97
C THR A 53 -1.35 -8.88 -6.26
N GLY A 54 -0.25 -9.43 -6.78
CA GLY A 54 1.06 -9.07 -6.27
C GLY A 54 1.38 -7.61 -6.49
N GLN A 55 0.99 -7.08 -7.65
CA GLN A 55 1.25 -5.69 -7.98
C GLN A 55 0.53 -4.76 -7.02
N ARG A 56 -0.74 -5.06 -6.75
CA ARG A 56 -1.57 -4.22 -5.90
C ARG A 56 -1.05 -4.23 -4.46
N LEU A 57 -0.62 -5.40 -4.00
CA LEU A 57 -0.09 -5.55 -2.65
C LEU A 57 1.21 -4.77 -2.49
N LEU A 58 2.06 -4.81 -3.52
CA LEU A 58 3.28 -4.02 -3.54
C LEU A 58 2.96 -2.52 -3.62
N GLU A 59 1.94 -2.19 -4.39
CA GLU A 59 1.44 -0.81 -4.45
C GLU A 59 0.92 -0.37 -3.09
N ALA A 60 0.25 -1.28 -2.39
CA ALA A 60 -0.32 -0.98 -1.08
C ALA A 60 0.77 -0.67 -0.07
N GLN A 61 1.87 -1.40 -0.15
CA GLN A 61 3.03 -1.13 0.70
C GLN A 61 3.68 0.20 0.34
N ALA A 62 3.72 0.50 -0.96
CA ALA A 62 4.24 1.78 -1.44
C ALA A 62 3.36 2.92 -0.97
N CYS A 63 2.05 2.69 -0.92
CA CYS A 63 1.12 3.67 -0.39
C CYS A 63 1.38 3.93 1.09
N THR A 64 1.88 2.91 1.79
CA THR A 64 2.29 3.06 3.17
C THR A 64 3.76 3.42 3.29
N GLY A 65 4.25 4.19 2.34
CA GLY A 65 5.65 4.61 2.37
C GLY A 65 6.50 3.83 1.40
N GLY A 66 7.40 3.00 1.93
CA GLY A 66 8.26 2.20 1.09
C GLY A 66 7.73 0.79 0.87
N ILE A 67 8.36 0.06 -0.04
CA ILE A 67 8.08 -1.36 -0.20
C ILE A 67 8.61 -2.16 1.00
N ILE A 68 7.78 -3.06 1.51
CA ILE A 68 7.99 -3.63 2.83
C ILE A 68 8.44 -5.08 2.73
N ASP A 69 9.62 -5.38 3.28
CA ASP A 69 10.08 -6.75 3.45
C ASP A 69 9.54 -7.34 4.75
N PRO A 70 8.78 -8.44 4.63
CA PRO A 70 8.26 -9.19 5.78
C PRO A 70 9.38 -9.72 6.67
N SER A 71 9.47 -9.17 7.88
CA SER A 71 10.55 -9.51 8.79
C SER A 71 10.48 -8.67 10.06
N THR A 72 10.33 -7.36 9.89
CA THR A 72 10.36 -6.42 11.00
C THR A 72 10.02 -5.01 10.56
N GLY A 73 9.26 -4.91 9.47
CA GLY A 73 8.78 -3.62 9.02
C GLY A 73 9.83 -2.84 8.25
N GLU A 74 10.52 -3.51 7.33
CA GLU A 74 11.53 -2.85 6.52
C GLU A 74 10.90 -1.89 5.52
N ARG A 75 11.64 -0.87 5.12
CA ARG A 75 11.19 0.07 4.11
C ARG A 75 12.24 0.24 3.01
N PHE A 76 11.85 -0.05 1.78
CA PHE A 76 12.71 0.19 0.63
C PHE A 76 11.96 0.92 -0.47
N PRO A 77 12.65 1.87 -1.13
CA PRO A 77 12.13 2.54 -2.33
C PRO A 77 11.66 1.56 -3.40
N VAL A 78 10.71 1.99 -4.22
CA VAL A 78 10.14 1.13 -5.25
C VAL A 78 11.19 0.67 -6.25
N THR A 79 12.02 1.62 -6.69
CA THR A 79 13.11 1.30 -7.61
C THR A 79 14.17 0.44 -6.94
N ASP A 80 14.44 0.73 -5.67
CA ASP A 80 15.45 0.00 -4.92
C ASP A 80 15.01 -1.44 -4.66
N ALA A 81 13.72 -1.60 -4.38
CA ALA A 81 13.16 -2.93 -4.11
C ALA A 81 13.31 -3.85 -5.32
N VAL A 82 13.21 -3.26 -6.51
CA VAL A 82 13.47 -4.00 -7.75
C VAL A 82 14.94 -4.41 -7.85
N ASN A 83 15.83 -3.52 -7.42
CA ASN A 83 17.26 -3.75 -7.55
C ASN A 83 17.73 -4.83 -6.58
N LYS A 84 17.11 -4.88 -5.41
CA LYS A 84 17.48 -5.86 -4.39
C LYS A 84 16.34 -6.06 -3.40
N GLY A 85 15.16 -6.39 -3.92
CA GLY A 85 14.01 -6.63 -3.06
C GLY A 85 13.09 -7.71 -3.61
N LEU A 86 11.81 -7.38 -3.74
CA LEU A 86 10.82 -8.34 -4.23
C LEU A 86 9.80 -7.64 -5.12
N VAL A 87 10.27 -6.69 -5.92
CA VAL A 87 9.41 -5.97 -6.85
C VAL A 87 9.84 -6.18 -8.29
N ASP A 88 8.86 -6.39 -9.17
CA ASP A 88 9.12 -6.50 -10.60
C ASP A 88 9.47 -5.13 -11.20
N LYS A 89 10.46 -5.10 -12.08
CA LYS A 89 10.89 -3.86 -12.70
C LYS A 89 9.75 -3.22 -13.49
N ILE A 90 8.86 -4.05 -14.01
CA ILE A 90 7.76 -3.57 -14.84
C ILE A 90 6.79 -2.73 -14.02
N MET A 91 6.92 -2.79 -12.70
CA MET A 91 5.97 -2.16 -11.80
C MET A 91 6.51 -0.84 -11.26
N VAL A 92 7.74 -0.51 -11.66
CA VAL A 92 8.43 0.65 -11.11
C VAL A 92 7.67 1.94 -11.42
N ASP A 93 7.40 2.17 -12.70
CA ASP A 93 6.68 3.36 -13.13
C ASP A 93 5.22 3.31 -12.66
N ARG A 94 4.65 2.11 -12.67
CA ARG A 94 3.26 1.93 -12.27
C ARG A 94 3.07 2.25 -10.79
N ILE A 95 4.00 1.81 -9.97
CA ILE A 95 3.92 2.02 -8.53
C ILE A 95 4.53 3.37 -8.13
N ASN A 96 5.28 3.96 -9.05
CA ASN A 96 6.10 5.12 -8.74
C ASN A 96 5.25 6.25 -8.17
N LEU A 97 4.03 6.37 -8.66
CA LEU A 97 3.10 7.38 -8.18
C LEU A 97 2.84 7.21 -6.68
N ALA A 98 2.84 5.96 -6.23
CA ALA A 98 2.43 5.64 -4.87
C ALA A 98 3.47 6.11 -3.85
N GLN A 99 4.74 5.88 -4.16
CA GLN A 99 5.83 6.33 -3.30
C GLN A 99 6.03 7.83 -3.41
N LYS A 100 5.83 8.37 -4.60
CA LYS A 100 5.86 9.81 -4.81
C LYS A 100 4.69 10.50 -4.12
N ALA A 101 3.59 9.77 -3.97
CA ALA A 101 2.39 10.34 -3.38
C ALA A 101 2.65 10.82 -1.96
N PHE A 102 3.54 10.14 -1.25
CA PHE A 102 3.96 10.56 0.08
C PHE A 102 4.92 11.75 -0.01
N CYS A 103 5.92 11.63 -0.88
CA CYS A 103 6.96 12.65 -1.00
C CYS A 103 7.91 12.32 -2.15
N GLY A 104 7.53 12.74 -3.35
CA GLY A 104 8.37 12.49 -4.52
C GLY A 104 8.28 13.60 -5.55
N PHE A 105 7.09 14.19 -5.67
CA PHE A 105 6.90 15.35 -6.54
C PHE A 105 7.06 16.65 -5.75
N GLU A 106 7.29 16.52 -4.44
CA GLU A 106 7.69 17.66 -3.63
C GLU A 106 8.99 18.27 -4.14
N ASP A 107 8.96 19.58 -4.40
CA ASP A 107 10.14 20.29 -4.87
C ASP A 107 11.22 20.32 -3.79
N PRO A 108 12.45 19.96 -4.18
CA PRO A 108 13.61 19.98 -3.28
C PRO A 108 14.13 21.40 -3.05
N ARG A 109 13.29 22.23 -2.46
CA ARG A 109 13.60 23.65 -2.30
C ARG A 109 12.67 24.31 -1.30
N THR A 110 11.36 24.19 -1.54
CA THR A 110 10.36 24.79 -0.67
C THR A 110 9.87 23.78 0.37
N LYS A 111 9.89 22.50 0.00
CA LYS A 111 9.55 21.44 0.93
C LYS A 111 8.16 21.64 1.52
N THR A 112 7.15 21.67 0.65
CA THR A 112 5.78 21.95 1.06
C THR A 112 5.19 20.79 1.83
N LYS A 113 5.80 19.62 1.71
CA LYS A 113 5.34 18.43 2.41
C LYS A 113 3.84 18.22 2.18
N MET A 114 3.49 17.69 1.02
CA MET A 114 2.09 17.55 0.63
C MET A 114 1.61 16.12 0.82
N SER A 115 0.36 15.97 1.22
CA SER A 115 -0.27 14.66 1.31
C SER A 115 -0.80 14.22 -0.05
N ALA A 116 -1.14 12.94 -0.16
CA ALA A 116 -1.79 12.42 -1.36
C ALA A 116 -3.14 13.10 -1.59
N ALA A 117 -3.88 13.32 -0.50
CA ALA A 117 -5.18 13.96 -0.58
C ALA A 117 -5.06 15.41 -1.03
N GLN A 118 -4.04 16.09 -0.53
CA GLN A 118 -3.77 17.47 -0.93
C GLN A 118 -3.33 17.53 -2.39
N ALA A 119 -2.56 16.53 -2.81
CA ALA A 119 -2.16 16.43 -4.20
C ALA A 119 -3.37 16.30 -5.12
N LEU A 120 -4.37 15.55 -4.67
CA LEU A 120 -5.60 15.38 -5.43
C LEU A 120 -6.37 16.70 -5.53
N LYS A 121 -6.41 17.44 -4.43
CA LYS A 121 -7.23 18.64 -4.33
C LYS A 121 -6.69 19.74 -5.24
N LYS A 122 -5.37 19.77 -5.41
CA LYS A 122 -4.71 20.83 -6.17
C LYS A 122 -4.11 20.28 -7.45
N GLY A 123 -4.21 18.97 -7.65
CA GLY A 123 -3.86 18.38 -8.92
C GLY A 123 -2.36 18.21 -9.09
N TRP A 124 -1.67 17.97 -7.98
CA TRP A 124 -0.23 17.70 -8.01
C TRP A 124 0.04 16.32 -8.59
N LEU A 125 -0.66 15.31 -8.05
CA LEU A 125 -0.38 13.92 -8.40
C LEU A 125 -1.31 13.44 -9.51
N TYR A 126 -2.41 12.80 -9.11
CA TYR A 126 -3.31 12.16 -10.07
C TYR A 126 -4.51 11.55 -9.36
N TYR A 127 -5.71 11.94 -9.81
CA TYR A 127 -6.93 11.60 -9.09
C TYR A 127 -7.09 10.10 -8.95
N GLU A 128 -6.96 9.39 -10.06
CA GLU A 128 -7.25 7.95 -10.10
C GLU A 128 -6.26 7.19 -9.21
N ALA A 129 -4.99 7.57 -9.29
CA ALA A 129 -3.94 6.89 -8.55
C ALA A 129 -4.00 7.25 -7.07
N GLY A 130 -4.12 8.55 -6.78
CA GLY A 130 -4.09 9.00 -5.40
C GLY A 130 -5.21 8.43 -4.57
N GLN A 131 -6.41 8.35 -5.16
CA GLN A 131 -7.57 7.81 -4.46
C GLN A 131 -7.35 6.35 -4.10
N ARG A 132 -6.71 5.61 -5.00
CA ARG A 132 -6.35 4.22 -4.73
C ARG A 132 -5.31 4.13 -3.62
N PHE A 133 -4.41 5.10 -3.58
CA PHE A 133 -3.38 5.15 -2.54
C PHE A 133 -4.00 5.51 -1.19
N LEU A 134 -5.01 6.38 -1.22
CA LEU A 134 -5.75 6.73 -0.01
C LEU A 134 -6.58 5.55 0.48
N GLU A 135 -7.01 4.71 -0.46
CA GLU A 135 -7.84 3.55 -0.11
C GLU A 135 -7.10 2.62 0.84
N VAL A 136 -5.85 2.32 0.53
CA VAL A 136 -5.06 1.41 1.35
C VAL A 136 -4.76 2.00 2.71
N GLN A 137 -4.44 3.29 2.74
CA GLN A 137 -4.14 3.99 3.98
C GLN A 137 -5.36 4.04 4.90
N TYR A 138 -6.52 4.31 4.30
CA TYR A 138 -7.76 4.39 5.06
C TYR A 138 -8.11 3.05 5.69
N LEU A 139 -7.87 1.97 4.96
CA LEU A 139 -8.24 0.63 5.42
C LEU A 139 -7.51 0.27 6.70
N THR A 140 -6.30 0.81 6.86
CA THR A 140 -5.47 0.49 8.02
C THR A 140 -5.75 1.45 9.17
N GLY A 141 -5.96 2.72 8.84
CA GLY A 141 -6.35 3.70 9.85
C GLY A 141 -6.82 5.00 9.24
N GLY A 142 -5.87 5.89 8.95
CA GLY A 142 -6.22 7.17 8.35
C GLY A 142 -5.44 7.44 7.08
N LEU A 143 -5.19 8.72 6.81
CA LEU A 143 -4.45 9.12 5.62
C LEU A 143 -3.02 9.54 5.98
N ILE A 144 -2.05 9.07 5.20
CA ILE A 144 -0.64 9.26 5.54
C ILE A 144 -0.09 10.51 4.85
N GLU A 145 0.64 11.32 5.62
CA GLU A 145 1.24 12.52 5.08
C GLU A 145 2.60 12.80 5.75
N PRO A 146 3.50 13.45 5.01
CA PRO A 146 4.79 13.90 5.55
C PRO A 146 4.63 14.95 6.64
N ASP A 147 5.74 15.31 7.27
CA ASP A 147 5.71 16.23 8.41
C ASP A 147 5.21 15.53 9.67
N THR A 148 4.03 14.93 9.57
CA THR A 148 3.42 14.24 10.71
C THR A 148 4.22 13.00 11.09
N PRO A 149 4.04 12.53 12.33
CA PRO A 149 4.71 11.34 12.84
C PRO A 149 4.22 10.06 12.16
N GLY A 150 3.16 10.20 11.36
CA GLY A 150 2.55 9.04 10.75
C GLY A 150 1.29 9.39 9.97
N ARG A 151 0.15 8.89 10.43
CA ARG A 151 -1.10 9.00 9.68
C ARG A 151 -2.13 9.79 10.46
N VAL A 152 -2.92 10.59 9.75
CA VAL A 152 -3.99 11.36 10.37
C VAL A 152 -5.36 10.78 10.01
N PRO A 153 -6.18 10.51 11.03
CA PRO A 153 -7.54 10.02 10.85
C PRO A 153 -8.35 10.91 9.89
N LEU A 154 -9.21 10.28 9.09
CA LEU A 154 -9.99 10.99 8.09
C LEU A 154 -10.82 12.10 8.74
N ASP A 155 -11.43 11.78 9.88
CA ASP A 155 -12.21 12.76 10.62
C ASP A 155 -11.32 13.89 11.14
N GLU A 156 -10.12 13.52 11.58
CA GLU A 156 -9.15 14.51 12.05
C GLU A 156 -8.62 15.34 10.88
N ALA A 157 -8.49 14.71 9.72
CA ALA A 157 -8.08 15.41 8.50
C ALA A 157 -9.09 16.48 8.11
N LEU A 158 -10.37 16.19 8.36
CA LEU A 158 -11.43 17.12 8.02
C LEU A 158 -11.34 18.39 8.87
N GLN A 159 -11.17 18.21 10.17
CA GLN A 159 -11.01 19.33 11.08
C GLN A 159 -9.64 20.00 10.90
N ARG A 160 -8.69 19.22 10.41
CA ARG A 160 -7.35 19.75 10.16
C ARG A 160 -7.32 20.60 8.90
N GLY A 161 -8.28 20.35 8.00
CA GLY A 161 -8.44 21.21 6.85
C GLY A 161 -7.67 20.72 5.64
N THR A 162 -7.17 19.50 5.72
CA THR A 162 -6.35 18.94 4.65
C THR A 162 -7.19 18.21 3.62
N VAL A 163 -8.39 17.79 4.04
CA VAL A 163 -9.35 17.19 3.12
C VAL A 163 -10.72 17.86 3.24
N ASP A 164 -11.51 17.77 2.17
CA ASP A 164 -12.87 18.28 2.19
C ASP A 164 -13.88 17.13 2.33
N ALA A 165 -15.15 17.49 2.44
CA ALA A 165 -16.21 16.49 2.61
C ALA A 165 -16.30 15.57 1.40
N ARG A 166 -16.10 16.14 0.22
CA ARG A 166 -16.25 15.38 -1.02
C ARG A 166 -15.24 14.25 -1.09
N THR A 167 -14.01 14.53 -0.67
CA THR A 167 -12.96 13.52 -0.63
C THR A 167 -13.20 12.51 0.48
N ALA A 168 -13.65 13.00 1.64
CA ALA A 168 -13.76 12.19 2.83
C ALA A 168 -14.80 11.08 2.65
N GLN A 169 -15.92 11.43 2.04
CA GLN A 169 -16.99 10.47 1.79
C GLN A 169 -16.53 9.40 0.81
N LYS A 170 -15.66 9.80 -0.12
CA LYS A 170 -15.07 8.85 -1.07
C LYS A 170 -14.15 7.86 -0.36
N LEU A 171 -13.46 8.33 0.67
CA LEU A 171 -12.68 7.46 1.53
C LEU A 171 -13.60 6.59 2.40
N ARG A 172 -14.76 7.14 2.75
CA ARG A 172 -15.72 6.41 3.57
C ARG A 172 -16.39 5.30 2.77
N ASP A 173 -16.38 5.44 1.44
CA ASP A 173 -16.94 4.43 0.56
C ASP A 173 -15.85 3.60 -0.10
N VAL A 174 -15.24 2.71 0.68
CA VAL A 174 -14.21 1.82 0.16
C VAL A 174 -14.79 0.83 -0.84
N GLY A 175 -16.09 0.56 -0.70
CA GLY A 175 -16.73 -0.44 -1.54
C GLY A 175 -16.81 -0.02 -2.99
N ALA A 176 -16.63 1.26 -3.25
CA ALA A 176 -16.64 1.78 -4.61
C ALA A 176 -15.47 1.24 -5.42
N TYR A 177 -14.38 0.94 -4.73
CA TYR A 177 -13.14 0.52 -5.38
C TYR A 177 -13.21 -0.93 -5.82
N SER A 178 -12.51 -1.26 -6.89
CA SER A 178 -12.47 -2.62 -7.41
C SER A 178 -11.80 -3.56 -6.40
N LYS A 179 -12.32 -4.79 -6.31
CA LYS A 179 -11.60 -5.86 -5.64
C LYS A 179 -10.25 -6.12 -6.31
N TYR A 180 -9.31 -6.65 -5.53
CA TYR A 180 -7.93 -6.79 -5.98
C TYR A 180 -7.42 -8.21 -5.74
N LEU A 181 -7.93 -8.84 -4.69
CA LEU A 181 -7.26 -10.01 -4.11
C LEU A 181 -8.00 -11.29 -4.51
N THR A 182 -7.23 -12.30 -4.90
CA THR A 182 -7.80 -13.57 -5.35
C THR A 182 -7.47 -14.70 -4.37
N CYS A 183 -8.50 -15.43 -3.95
CA CYS A 183 -8.30 -16.63 -3.16
C CYS A 183 -8.05 -17.84 -4.05
N PRO A 184 -7.52 -18.91 -3.46
CA PRO A 184 -7.26 -20.16 -4.17
C PRO A 184 -8.54 -20.82 -4.67
N LYS A 185 -9.40 -21.20 -3.72
CA LYS A 185 -10.71 -21.77 -4.06
C LYS A 185 -11.70 -21.57 -2.93
N THR A 186 -12.68 -20.70 -3.13
CA THR A 186 -13.69 -20.42 -2.12
C THR A 186 -14.63 -19.31 -2.58
N LYS A 187 -14.13 -18.45 -3.46
CA LYS A 187 -14.86 -17.25 -3.86
C LYS A 187 -14.01 -16.36 -4.76
N LEU A 188 -12.72 -16.30 -4.46
CA LEU A 188 -11.76 -15.61 -5.32
C LEU A 188 -11.96 -14.10 -5.25
N LYS A 189 -13.16 -13.64 -5.57
CA LYS A 189 -13.46 -12.21 -5.59
C LYS A 189 -13.63 -11.68 -4.16
N ILE A 190 -12.54 -11.16 -3.60
CA ILE A 190 -12.57 -10.63 -2.24
C ILE A 190 -11.92 -9.25 -2.18
N SER A 191 -12.25 -8.51 -1.12
CA SER A 191 -11.61 -7.22 -0.87
C SER A 191 -10.43 -7.36 0.09
N TYR A 192 -9.78 -6.24 0.37
CA TYR A 192 -8.69 -6.22 1.34
C TYR A 192 -9.19 -6.66 2.71
N LYS A 193 -10.38 -6.21 3.08
CA LYS A 193 -10.95 -6.52 4.38
C LYS A 193 -11.18 -8.02 4.54
N ASP A 194 -11.63 -8.66 3.46
CA ASP A 194 -11.89 -10.10 3.49
C ASP A 194 -10.59 -10.88 3.62
N ALA A 195 -9.57 -10.44 2.91
CA ALA A 195 -8.25 -11.04 3.01
C ALA A 195 -7.65 -10.81 4.40
N LEU A 196 -7.88 -9.62 4.94
CA LEU A 196 -7.32 -9.25 6.24
C LEU A 196 -7.92 -10.10 7.35
N ASP A 197 -9.17 -10.53 7.15
CA ASP A 197 -9.82 -11.44 8.08
C ASP A 197 -9.13 -12.81 8.06
N ARG A 198 -8.56 -13.16 6.92
CA ARG A 198 -7.88 -14.44 6.78
C ARG A 198 -6.36 -14.25 6.81
N SER A 199 -5.92 -13.00 6.82
CA SER A 199 -4.50 -12.68 6.83
C SER A 199 -3.89 -12.95 8.20
N MET A 200 -2.86 -13.80 8.23
CA MET A 200 -2.25 -14.20 9.48
C MET A 200 -0.94 -13.45 9.71
N VAL A 201 -0.73 -12.99 10.94
CA VAL A 201 0.45 -12.21 11.28
C VAL A 201 1.68 -13.10 11.43
N GLU A 202 2.78 -12.69 10.79
CA GLU A 202 4.00 -13.48 10.79
C GLU A 202 4.42 -13.84 12.21
N GLU A 203 4.58 -12.83 13.05
CA GLU A 203 4.91 -13.03 14.45
C GLU A 203 4.49 -11.84 15.30
N GLY A 204 4.99 -10.66 14.95
CA GLY A 204 4.65 -9.46 15.68
C GLY A 204 5.15 -8.20 15.01
N THR A 205 6.32 -8.30 14.38
CA THR A 205 6.89 -7.19 13.65
C THR A 205 6.97 -7.49 12.15
N GLY A 206 6.60 -8.72 11.78
CA GLY A 206 6.57 -9.10 10.38
C GLY A 206 5.27 -8.73 9.72
N LEU A 207 4.45 -7.94 10.41
CA LEU A 207 3.17 -7.50 9.86
C LEU A 207 2.35 -8.68 9.37
N ARG A 208 1.31 -8.40 8.59
CA ARG A 208 0.35 -9.42 8.19
C ARG A 208 0.89 -10.23 7.02
N LEU A 209 0.63 -11.54 7.03
CA LEU A 209 0.81 -12.37 5.86
C LEU A 209 -0.55 -12.78 5.28
N LEU A 210 -0.68 -12.69 3.96
CA LEU A 210 -1.93 -13.02 3.29
C LEU A 210 -2.07 -14.53 3.10
N GLU A 211 -3.08 -15.11 3.72
CA GLU A 211 -3.26 -16.56 3.71
C GLU A 211 -3.67 -17.05 2.34
N ALA A 212 -3.01 -18.11 1.87
CA ALA A 212 -3.34 -18.69 0.57
C ALA A 212 -3.09 -20.20 0.58
N ALA A 213 -3.81 -20.92 -0.28
CA ALA A 213 -3.64 -22.36 -0.39
C ALA A 213 -3.34 -22.78 -1.83
N ALA A 214 -2.77 -21.85 -2.59
CA ALA A 214 -2.42 -22.13 -3.98
C ALA A 214 -3.66 -22.20 -4.86
N GLN A 215 -4.34 -23.34 -4.83
CA GLN A 215 -5.56 -23.53 -5.61
C GLN A 215 -6.26 -24.82 -5.21
N MET A 1 14.30 5.35 -9.91
CA MET A 1 14.59 6.78 -9.89
C MET A 1 15.61 7.13 -8.81
N GLY A 2 16.88 7.13 -9.20
CA GLY A 2 17.93 7.58 -8.29
C GLY A 2 18.14 6.64 -7.13
N HIS A 3 17.46 6.91 -6.02
CA HIS A 3 17.72 6.21 -4.77
C HIS A 3 16.44 6.07 -3.95
N HIS A 4 16.56 6.28 -2.64
CA HIS A 4 15.49 5.95 -1.71
C HIS A 4 14.24 6.77 -2.02
N HIS A 5 13.22 6.12 -2.55
CA HIS A 5 11.90 6.73 -2.70
C HIS A 5 10.80 5.75 -2.34
N HIS A 6 9.88 6.20 -1.49
CA HIS A 6 8.87 5.31 -0.93
C HIS A 6 8.18 5.96 0.26
N HIS A 7 7.15 6.77 -0.01
CA HIS A 7 6.25 7.24 1.03
C HIS A 7 5.23 8.23 0.45
N HIS A 8 4.09 8.36 1.13
CA HIS A 8 3.05 9.27 0.68
C HIS A 8 3.15 10.61 1.41
N SER A 9 4.38 11.07 1.62
CA SER A 9 4.62 12.44 2.08
C SER A 9 6.11 12.74 2.15
N HIS A 10 6.44 14.01 2.34
CA HIS A 10 7.83 14.42 2.48
C HIS A 10 8.49 13.72 3.67
N MET A 11 9.45 12.86 3.38
CA MET A 11 10.07 12.02 4.40
C MET A 11 11.42 11.50 3.95
N GLN A 12 12.27 11.15 4.90
CA GLN A 12 13.56 10.52 4.60
C GLN A 12 13.85 9.38 5.57
N LEU A 13 13.70 8.16 5.10
CA LEU A 13 14.04 6.98 5.89
C LEU A 13 14.71 5.91 5.03
N ALA A 14 15.60 5.14 5.65
CA ALA A 14 16.30 4.07 4.94
C ALA A 14 16.24 2.77 5.73
N SER A 15 15.33 2.70 6.69
CA SER A 15 15.20 1.53 7.54
C SER A 15 13.90 1.57 8.34
N TRP A 16 13.56 0.44 8.96
CA TRP A 16 12.37 0.37 9.80
C TRP A 16 12.67 -0.35 11.11
N SER A 17 12.83 0.42 12.18
CA SER A 17 13.11 -0.15 13.49
C SER A 17 11.86 -0.13 14.38
N ASP A 18 11.44 -1.30 14.83
CA ASP A 18 10.23 -1.42 15.64
C ASP A 18 10.30 -2.66 16.53
N PRO A 19 9.27 -2.84 17.37
CA PRO A 19 9.16 -4.00 18.26
C PRO A 19 9.04 -5.30 17.49
N THR A 20 8.93 -6.40 18.22
CA THR A 20 8.80 -7.72 17.60
C THR A 20 7.40 -7.92 17.03
N GLU A 21 6.45 -7.10 17.49
CA GLU A 21 5.11 -7.09 16.91
C GLU A 21 4.94 -5.92 15.96
N GLU A 22 4.81 -6.23 14.67
CA GLU A 22 4.74 -5.20 13.64
C GLU A 22 3.35 -5.11 13.03
N THR A 23 2.74 -6.27 12.82
CA THR A 23 1.43 -6.34 12.18
C THR A 23 1.35 -5.42 10.98
N GLY A 24 0.30 -4.59 10.92
CA GLY A 24 0.21 -3.57 9.90
C GLY A 24 -0.15 -4.14 8.54
N PRO A 25 0.31 -3.47 7.48
CA PRO A 25 0.05 -3.90 6.10
C PRO A 25 0.55 -5.31 5.82
N VAL A 26 -0.04 -5.96 4.83
CA VAL A 26 0.39 -7.30 4.44
C VAL A 26 1.80 -7.28 3.87
N ALA A 27 2.67 -8.11 4.44
CA ALA A 27 4.08 -8.11 4.07
C ALA A 27 4.36 -9.14 2.97
N GLY A 28 3.70 -10.29 3.06
CA GLY A 28 4.00 -11.39 2.16
C GLY A 28 2.85 -12.37 2.06
N ILE A 29 3.09 -13.50 1.38
CA ILE A 29 2.04 -14.45 1.08
C ILE A 29 2.21 -15.73 1.90
N LEU A 30 1.10 -16.26 2.39
CA LEU A 30 1.11 -17.55 3.08
C LEU A 30 0.16 -18.53 2.39
N ASP A 31 0.68 -19.68 1.98
CA ASP A 31 -0.13 -20.73 1.39
C ASP A 31 -0.80 -21.58 2.48
N THR A 32 -2.12 -21.44 2.59
CA THR A 32 -2.86 -22.14 3.64
C THR A 32 -2.66 -23.66 3.54
N GLU A 33 -2.41 -24.14 2.32
CA GLU A 33 -2.32 -25.56 2.07
C GLU A 33 -1.10 -26.17 2.78
N THR A 34 -0.10 -25.33 3.03
CA THR A 34 1.14 -25.80 3.64
C THR A 34 1.57 -24.87 4.77
N LEU A 35 0.86 -23.76 4.93
CA LEU A 35 1.24 -22.74 5.90
C LEU A 35 2.67 -22.27 5.65
N GLU A 36 3.07 -22.23 4.39
CA GLU A 36 4.40 -21.75 4.03
C GLU A 36 4.36 -20.26 3.67
N LYS A 37 5.13 -19.47 4.40
CA LYS A 37 5.31 -18.06 4.07
C LYS A 37 6.33 -17.88 2.95
N VAL A 38 5.97 -17.10 1.95
CA VAL A 38 6.85 -16.85 0.82
C VAL A 38 6.90 -15.36 0.46
N SER A 39 7.95 -14.95 -0.24
CA SER A 39 8.05 -13.58 -0.74
C SER A 39 7.01 -13.31 -1.82
N ILE A 40 6.80 -12.04 -2.13
CA ILE A 40 5.86 -11.65 -3.17
C ILE A 40 6.29 -12.19 -4.52
N THR A 41 7.59 -12.12 -4.80
CA THR A 41 8.14 -12.66 -6.04
C THR A 41 8.00 -14.17 -6.09
N GLU A 42 8.27 -14.83 -4.97
CA GLU A 42 8.17 -16.28 -4.89
C GLU A 42 6.74 -16.75 -5.09
N ALA A 43 5.80 -15.99 -4.53
CA ALA A 43 4.38 -16.28 -4.70
C ALA A 43 3.96 -16.10 -6.16
N MET A 44 4.44 -15.04 -6.78
CA MET A 44 4.13 -14.77 -8.18
C MET A 44 4.75 -15.82 -9.08
N HIS A 45 5.87 -16.38 -8.66
CA HIS A 45 6.71 -17.18 -9.54
C HIS A 45 5.93 -18.35 -10.12
N ARG A 46 5.10 -18.97 -9.28
CA ARG A 46 4.20 -20.03 -9.74
C ARG A 46 3.44 -20.63 -8.56
N ASN A 47 3.18 -19.82 -7.54
CA ASN A 47 2.59 -20.31 -6.31
C ASN A 47 1.07 -20.38 -6.41
N LEU A 48 0.43 -19.21 -6.47
CA LEU A 48 -1.02 -19.13 -6.48
C LEU A 48 -1.49 -17.74 -6.87
N VAL A 49 -0.57 -16.79 -6.86
CA VAL A 49 -0.89 -15.40 -7.20
C VAL A 49 -0.37 -15.04 -8.58
N ASP A 50 -0.65 -13.81 -9.01
CA ASP A 50 -0.21 -13.34 -10.32
C ASP A 50 0.50 -11.99 -10.17
N ASN A 51 0.95 -11.44 -11.30
CA ASN A 51 1.64 -10.16 -11.31
C ASN A 51 0.76 -9.07 -10.69
N ILE A 52 -0.53 -9.11 -11.00
CA ILE A 52 -1.45 -8.06 -10.55
C ILE A 52 -1.64 -8.12 -9.03
N THR A 53 -1.78 -9.32 -8.50
CA THR A 53 -1.90 -9.52 -7.06
C THR A 53 -0.64 -9.05 -6.34
N GLY A 54 0.52 -9.44 -6.87
CA GLY A 54 1.77 -8.97 -6.32
C GLY A 54 1.95 -7.47 -6.45
N GLN A 55 1.53 -6.92 -7.59
CA GLN A 55 1.69 -5.50 -7.85
C GLN A 55 0.86 -4.67 -6.88
N ARG A 56 -0.35 -5.14 -6.60
CA ARG A 56 -1.24 -4.43 -5.68
C ARG A 56 -0.69 -4.44 -4.27
N LEU A 57 -0.13 -5.58 -3.86
CA LEU A 57 0.44 -5.71 -2.53
C LEU A 57 1.71 -4.87 -2.39
N LEU A 58 2.54 -4.88 -3.42
CA LEU A 58 3.76 -4.08 -3.44
C LEU A 58 3.44 -2.59 -3.46
N GLU A 59 2.40 -2.22 -4.20
CA GLU A 59 1.93 -0.85 -4.23
C GLU A 59 1.46 -0.39 -2.86
N ALA A 60 0.76 -1.29 -2.16
CA ALA A 60 0.22 -0.97 -0.85
C ALA A 60 1.33 -0.72 0.16
N GLN A 61 2.39 -1.52 0.08
CA GLN A 61 3.55 -1.35 0.94
C GLN A 61 4.27 -0.04 0.65
N ALA A 62 4.38 0.29 -0.63
CA ALA A 62 4.95 1.56 -1.05
C ALA A 62 4.08 2.73 -0.58
N CYS A 63 2.77 2.54 -0.61
CA CYS A 63 1.84 3.58 -0.21
C CYS A 63 1.93 3.85 1.30
N THR A 64 2.05 2.78 2.07
CA THR A 64 2.14 2.89 3.52
C THR A 64 3.53 3.34 3.96
N GLY A 65 4.53 3.05 3.13
CA GLY A 65 5.89 3.43 3.45
C GLY A 65 6.90 2.85 2.47
N GLY A 66 7.77 1.98 2.98
CA GLY A 66 8.73 1.31 2.12
C GLY A 66 8.24 -0.06 1.68
N ILE A 67 8.98 -0.67 0.76
CA ILE A 67 8.71 -2.05 0.36
C ILE A 67 9.13 -3.04 1.44
N ILE A 68 8.19 -3.87 1.87
CA ILE A 68 8.35 -4.64 3.09
C ILE A 68 8.60 -6.12 2.78
N ASP A 69 9.80 -6.60 3.14
CA ASP A 69 10.14 -8.00 2.94
C ASP A 69 9.90 -8.81 4.21
N PRO A 70 9.03 -9.83 4.10
CA PRO A 70 8.83 -10.80 5.17
C PRO A 70 10.11 -11.56 5.51
N SER A 71 10.63 -11.33 6.70
CA SER A 71 11.99 -11.75 7.04
C SER A 71 12.38 -11.25 8.43
N THR A 72 12.14 -9.97 8.68
CA THR A 72 12.42 -9.37 9.99
C THR A 72 11.95 -7.94 10.06
N GLY A 73 10.94 -7.61 9.23
CA GLY A 73 10.44 -6.25 9.19
C GLY A 73 11.30 -5.35 8.34
N GLU A 74 11.76 -5.87 7.20
CA GLU A 74 12.66 -5.12 6.33
C GLU A 74 11.94 -3.99 5.63
N ARG A 75 12.63 -2.87 5.43
CA ARG A 75 12.06 -1.73 4.73
C ARG A 75 13.06 -1.17 3.72
N PHE A 76 12.73 -1.29 2.44
CA PHE A 76 13.60 -0.79 1.38
C PHE A 76 12.79 -0.02 0.33
N PRO A 77 13.46 0.91 -0.37
CA PRO A 77 12.87 1.61 -1.51
C PRO A 77 12.53 0.67 -2.65
N VAL A 78 11.64 1.11 -3.54
CA VAL A 78 11.22 0.30 -4.67
C VAL A 78 12.39 0.02 -5.61
N THR A 79 13.21 1.03 -5.84
CA THR A 79 14.33 0.92 -6.77
C THR A 79 15.34 -0.12 -6.28
N ASP A 80 15.57 -0.14 -4.97
CA ASP A 80 16.48 -1.11 -4.37
C ASP A 80 15.85 -2.50 -4.34
N ALA A 81 14.54 -2.54 -4.09
CA ALA A 81 13.82 -3.81 -4.03
C ALA A 81 13.84 -4.52 -5.37
N VAL A 82 13.80 -3.74 -6.45
CA VAL A 82 13.99 -4.28 -7.79
C VAL A 82 15.43 -4.73 -8.00
N ASN A 83 16.37 -3.92 -7.51
CA ASN A 83 17.79 -4.17 -7.74
C ASN A 83 18.27 -5.37 -6.93
N LYS A 84 17.67 -5.56 -5.75
CA LYS A 84 18.08 -6.62 -4.85
C LYS A 84 16.96 -6.94 -3.85
N GLY A 85 15.78 -7.25 -4.37
CA GLY A 85 14.65 -7.55 -3.52
C GLY A 85 13.63 -8.44 -4.19
N LEU A 86 12.35 -8.07 -4.07
CA LEU A 86 11.26 -8.90 -4.56
C LEU A 86 10.25 -8.07 -5.36
N VAL A 87 10.71 -6.93 -5.85
CA VAL A 87 9.89 -6.10 -6.73
C VAL A 87 10.33 -6.22 -8.18
N ASP A 88 9.37 -6.22 -9.09
CA ASP A 88 9.66 -6.24 -10.52
C ASP A 88 9.95 -4.84 -11.04
N LYS A 89 11.01 -4.72 -11.84
CA LYS A 89 11.40 -3.43 -12.40
C LYS A 89 10.26 -2.82 -13.20
N ILE A 90 9.45 -3.68 -13.83
CA ILE A 90 8.37 -3.21 -14.69
C ILE A 90 7.24 -2.61 -13.86
N MET A 91 7.31 -2.77 -12.55
CA MET A 91 6.26 -2.29 -11.65
C MET A 91 6.67 -0.98 -11.00
N VAL A 92 7.90 -0.55 -11.25
CA VAL A 92 8.42 0.68 -10.66
C VAL A 92 7.63 1.89 -11.12
N ASP A 93 7.42 2.00 -12.43
CA ASP A 93 6.81 3.19 -13.01
C ASP A 93 5.35 3.32 -12.58
N ARG A 94 4.64 2.19 -12.62
CA ARG A 94 3.23 2.16 -12.24
C ARG A 94 3.07 2.44 -10.75
N ILE A 95 4.02 1.95 -9.96
CA ILE A 95 4.00 2.19 -8.51
C ILE A 95 4.58 3.55 -8.17
N ASN A 96 5.37 4.09 -9.10
CA ASN A 96 6.32 5.16 -8.77
C ASN A 96 5.57 6.41 -8.27
N LEU A 97 4.29 6.50 -8.62
CA LEU A 97 3.47 7.63 -8.22
C LEU A 97 3.51 7.83 -6.70
N ALA A 98 3.65 6.73 -5.98
CA ALA A 98 3.86 6.79 -4.53
C ALA A 98 5.23 7.36 -4.20
N GLN A 99 6.22 7.02 -5.02
CA GLN A 99 7.59 7.49 -4.80
C GLN A 99 7.69 8.99 -4.99
N LYS A 100 6.93 9.51 -5.94
CA LYS A 100 6.90 10.94 -6.22
C LYS A 100 6.39 11.72 -5.02
N ALA A 101 5.44 11.13 -4.30
CA ALA A 101 4.92 11.73 -3.08
C ALA A 101 5.98 11.77 -1.99
N PHE A 102 6.88 10.79 -2.01
CA PHE A 102 7.96 10.72 -1.02
C PHE A 102 8.86 11.94 -1.13
N CYS A 103 9.13 12.38 -2.35
CA CYS A 103 10.03 13.50 -2.58
C CYS A 103 9.44 14.79 -2.02
N GLY A 104 8.15 14.75 -1.67
CA GLY A 104 7.51 15.91 -1.09
C GLY A 104 6.26 16.32 -1.84
N PHE A 105 5.99 15.65 -2.95
CA PHE A 105 4.87 15.99 -3.81
C PHE A 105 4.75 17.51 -3.96
N GLU A 106 5.81 18.14 -4.45
CA GLU A 106 5.83 19.58 -4.64
C GLU A 106 6.51 19.95 -5.94
N ASP A 107 6.18 21.12 -6.48
CA ASP A 107 6.84 21.64 -7.67
C ASP A 107 8.06 22.48 -7.29
N PRO A 108 9.07 22.48 -8.18
CA PRO A 108 10.28 23.27 -7.99
C PRO A 108 10.05 24.76 -8.25
N ARG A 109 9.20 25.38 -7.44
CA ARG A 109 8.71 26.72 -7.71
C ARG A 109 7.66 27.13 -6.69
N THR A 110 6.86 26.18 -6.24
CA THR A 110 5.89 26.42 -5.19
C THR A 110 6.42 25.96 -3.83
N LYS A 111 7.07 24.80 -3.82
CA LYS A 111 7.66 24.27 -2.59
C LYS A 111 6.66 24.32 -1.44
N THR A 112 5.39 24.10 -1.76
CA THR A 112 4.32 24.21 -0.77
C THR A 112 3.88 22.82 -0.30
N LYS A 113 4.14 21.81 -1.12
CA LYS A 113 3.81 20.43 -0.75
C LYS A 113 2.30 20.23 -0.67
N MET A 114 1.80 19.25 -1.40
CA MET A 114 0.39 18.88 -1.32
C MET A 114 0.24 17.43 -0.84
N SER A 115 -0.74 17.19 0.02
CA SER A 115 -1.17 15.84 0.35
C SER A 115 -1.90 15.20 -0.83
N ALA A 116 -2.06 13.88 -0.76
CA ALA A 116 -2.78 13.15 -1.80
C ALA A 116 -4.22 13.62 -1.91
N ALA A 117 -4.84 13.89 -0.76
CA ALA A 117 -6.20 14.42 -0.74
C ALA A 117 -6.23 15.85 -1.25
N GLN A 118 -5.25 16.65 -0.85
CA GLN A 118 -5.11 18.02 -1.33
C GLN A 118 -4.83 18.04 -2.84
N ALA A 119 -4.11 17.03 -3.31
CA ALA A 119 -3.69 16.99 -4.71
C ALA A 119 -4.89 17.00 -5.64
N LEU A 120 -5.99 16.39 -5.21
CA LEU A 120 -7.21 16.36 -5.99
C LEU A 120 -7.82 17.75 -6.11
N LYS A 121 -7.83 18.48 -4.99
CA LYS A 121 -8.43 19.81 -4.95
C LYS A 121 -7.56 20.82 -5.68
N LYS A 122 -6.26 20.59 -5.68
CA LYS A 122 -5.30 21.53 -6.24
C LYS A 122 -4.99 21.21 -7.70
N GLY A 123 -5.45 20.03 -8.15
CA GLY A 123 -5.33 19.68 -9.55
C GLY A 123 -4.00 19.02 -9.87
N TRP A 124 -3.28 18.63 -8.83
CA TRP A 124 -2.00 17.95 -9.01
C TRP A 124 -2.21 16.50 -9.40
N LEU A 125 -3.07 15.80 -8.66
CA LEU A 125 -3.27 14.37 -8.86
C LEU A 125 -4.70 14.09 -9.32
N TYR A 126 -4.86 13.04 -10.13
CA TYR A 126 -6.17 12.66 -10.64
C TYR A 126 -6.87 11.68 -9.70
N TYR A 127 -8.19 11.64 -9.78
CA TYR A 127 -9.00 11.04 -8.73
C TYR A 127 -8.64 9.58 -8.53
N GLU A 128 -8.41 8.88 -9.64
CA GLU A 128 -8.18 7.44 -9.59
C GLU A 128 -6.95 7.11 -8.74
N ALA A 129 -5.94 7.95 -8.83
CA ALA A 129 -4.71 7.75 -8.07
C ALA A 129 -4.88 8.20 -6.63
N GLY A 130 -5.42 9.40 -6.43
CA GLY A 130 -5.59 9.94 -5.09
C GLY A 130 -6.52 9.10 -4.25
N GLN A 131 -7.64 8.68 -4.84
CA GLN A 131 -8.62 7.87 -4.13
C GLN A 131 -8.02 6.53 -3.71
N ARG A 132 -7.20 5.97 -4.58
CA ARG A 132 -6.53 4.70 -4.29
C ARG A 132 -5.56 4.85 -3.13
N PHE A 133 -4.82 5.96 -3.12
CA PHE A 133 -3.82 6.20 -2.10
C PHE A 133 -4.47 6.49 -0.75
N LEU A 134 -5.57 7.22 -0.78
CA LEU A 134 -6.23 7.65 0.45
C LEU A 134 -6.87 6.47 1.17
N GLU A 135 -7.41 5.53 0.41
CA GLU A 135 -8.08 4.36 0.97
C GLU A 135 -7.08 3.47 1.70
N VAL A 136 -5.87 3.34 1.14
CA VAL A 136 -4.78 2.65 1.81
C VAL A 136 -4.38 3.35 3.10
N GLN A 137 -4.34 4.67 3.05
CA GLN A 137 -4.07 5.48 4.24
C GLN A 137 -5.20 5.33 5.26
N TYR A 138 -6.43 5.21 4.76
CA TYR A 138 -7.59 5.02 5.63
C TYR A 138 -7.48 3.69 6.38
N LEU A 139 -7.01 2.66 5.69
CA LEU A 139 -6.85 1.33 6.29
C LEU A 139 -5.81 1.36 7.39
N THR A 140 -4.81 2.21 7.24
CA THR A 140 -3.77 2.37 8.24
C THR A 140 -4.21 3.29 9.37
N GLY A 141 -5.37 3.90 9.19
CA GLY A 141 -5.97 4.66 10.28
C GLY A 141 -5.59 6.13 10.25
N GLY A 142 -5.51 6.69 9.04
CA GLY A 142 -5.37 8.13 8.91
C GLY A 142 -4.67 8.53 7.62
N LEU A 143 -4.97 9.72 7.14
CA LEU A 143 -4.46 10.18 5.84
C LEU A 143 -3.07 10.77 5.99
N ILE A 144 -2.10 10.15 5.33
CA ILE A 144 -0.71 10.60 5.41
C ILE A 144 -0.50 11.87 4.59
N GLU A 145 0.15 12.87 5.20
CA GLU A 145 0.37 14.15 4.55
C GLU A 145 1.71 14.75 4.96
N PRO A 146 2.23 15.64 4.11
CA PRO A 146 3.54 16.27 4.33
C PRO A 146 3.47 17.41 5.35
N ASP A 147 2.27 17.97 5.52
CA ASP A 147 2.07 19.08 6.44
C ASP A 147 2.12 18.61 7.89
N THR A 148 1.10 17.87 8.30
CA THR A 148 1.12 17.18 9.59
C THR A 148 2.22 16.12 9.63
N PRO A 149 2.98 16.10 10.73
CA PRO A 149 4.03 15.11 10.95
C PRO A 149 3.47 13.70 11.11
N GLY A 150 3.15 13.06 9.98
CA GLY A 150 2.54 11.74 10.02
C GLY A 150 1.22 11.70 9.25
N ARG A 151 0.13 11.49 9.98
CA ARG A 151 -1.17 11.26 9.36
C ARG A 151 -2.28 11.95 10.13
N VAL A 152 -3.33 12.37 9.42
CA VAL A 152 -4.48 12.99 10.05
C VAL A 152 -5.73 12.12 9.90
N PRO A 153 -6.40 11.86 11.03
CA PRO A 153 -7.68 11.14 11.04
C PRO A 153 -8.70 11.77 10.09
N LEU A 154 -9.52 10.93 9.48
CA LEU A 154 -10.45 11.38 8.45
C LEU A 154 -11.38 12.47 8.99
N ASP A 155 -11.88 12.26 10.20
CA ASP A 155 -12.77 13.23 10.85
C ASP A 155 -12.01 14.52 11.14
N GLU A 156 -10.77 14.39 11.56
CA GLU A 156 -9.90 15.56 11.77
C GLU A 156 -9.51 16.19 10.44
N ALA A 157 -9.36 15.35 9.42
CA ALA A 157 -9.05 15.84 8.08
C ALA A 157 -10.15 16.73 7.54
N LEU A 158 -11.39 16.43 7.90
CA LEU A 158 -12.54 17.18 7.42
C LEU A 158 -12.51 18.60 7.96
N GLN A 159 -12.26 18.75 9.25
CA GLN A 159 -12.12 20.06 9.87
C GLN A 159 -10.82 20.73 9.46
N ARG A 160 -9.82 19.92 9.12
CA ARG A 160 -8.53 20.44 8.68
C ARG A 160 -8.60 20.96 7.26
N GLY A 161 -9.56 20.45 6.49
CA GLY A 161 -9.84 21.01 5.18
C GLY A 161 -9.28 20.17 4.05
N THR A 162 -8.21 19.44 4.34
CA THR A 162 -7.53 18.64 3.32
C THR A 162 -8.53 17.80 2.52
N VAL A 163 -9.62 17.42 3.18
CA VAL A 163 -10.67 16.65 2.52
C VAL A 163 -12.03 17.32 2.70
N ASP A 164 -12.92 17.12 1.73
CA ASP A 164 -14.31 17.52 1.87
C ASP A 164 -15.20 16.32 2.19
N ALA A 165 -16.48 16.58 2.36
CA ALA A 165 -17.43 15.51 2.68
C ALA A 165 -17.50 14.47 1.57
N ARG A 166 -17.47 14.93 0.33
CA ARG A 166 -17.65 14.05 -0.81
C ARG A 166 -16.52 13.04 -0.90
N THR A 167 -15.30 13.50 -0.63
CA THR A 167 -14.15 12.61 -0.60
C THR A 167 -14.16 11.73 0.64
N ALA A 168 -14.57 12.31 1.77
CA ALA A 168 -14.48 11.62 3.05
C ALA A 168 -15.39 10.39 3.09
N GLN A 169 -16.58 10.53 2.52
CA GLN A 169 -17.54 9.43 2.48
C GLN A 169 -17.03 8.29 1.60
N LYS A 170 -16.21 8.64 0.61
CA LYS A 170 -15.54 7.64 -0.22
C LYS A 170 -14.52 6.86 0.60
N LEU A 171 -13.89 7.54 1.55
CA LEU A 171 -13.00 6.89 2.50
C LEU A 171 -13.79 6.07 3.52
N ARG A 172 -15.01 6.49 3.80
CA ARG A 172 -15.91 5.73 4.65
C ARG A 172 -16.50 4.53 3.90
N ASP A 173 -16.39 4.57 2.58
CA ASP A 173 -16.86 3.47 1.75
C ASP A 173 -15.76 2.94 0.84
N VAL A 174 -14.70 2.44 1.46
CA VAL A 174 -13.55 1.91 0.72
C VAL A 174 -13.97 0.73 -0.15
N GLY A 175 -15.07 0.08 0.22
CA GLY A 175 -15.52 -1.08 -0.52
C GLY A 175 -15.97 -0.74 -1.92
N ALA A 176 -16.18 0.54 -2.18
CA ALA A 176 -16.53 1.00 -3.52
C ALA A 176 -15.42 0.70 -4.52
N TYR A 177 -14.19 0.67 -4.03
CA TYR A 177 -13.04 0.39 -4.88
C TYR A 177 -12.96 -1.09 -5.23
N SER A 178 -12.53 -1.39 -6.45
CA SER A 178 -12.52 -2.76 -6.95
C SER A 178 -11.65 -3.64 -6.07
N LYS A 179 -12.18 -4.79 -5.69
CA LYS A 179 -11.45 -5.74 -4.86
C LYS A 179 -10.80 -6.83 -5.70
N TYR A 180 -9.69 -7.37 -5.21
CA TYR A 180 -8.92 -8.36 -5.96
C TYR A 180 -7.74 -8.87 -5.14
N LEU A 181 -8.03 -9.37 -3.94
CA LEU A 181 -7.14 -10.29 -3.25
C LEU A 181 -7.75 -11.69 -3.18
N THR A 182 -6.92 -12.70 -3.39
CA THR A 182 -7.37 -14.08 -3.35
C THR A 182 -7.13 -14.70 -1.97
N CYS A 183 -8.10 -15.45 -1.47
CA CYS A 183 -7.94 -16.17 -0.21
C CYS A 183 -8.99 -17.27 -0.08
N PRO A 184 -10.26 -16.92 -0.34
CA PRO A 184 -11.34 -17.89 -0.39
C PRO A 184 -11.36 -18.67 -1.71
N LYS A 185 -11.94 -19.86 -1.68
CA LYS A 185 -11.93 -20.75 -2.84
C LYS A 185 -13.22 -20.60 -3.65
N THR A 186 -14.18 -19.88 -3.09
CA THR A 186 -15.50 -19.79 -3.69
C THR A 186 -15.77 -18.36 -4.20
N LYS A 187 -15.09 -17.39 -3.61
CA LYS A 187 -15.25 -15.99 -4.00
C LYS A 187 -13.99 -15.49 -4.70
N LEU A 188 -12.85 -16.09 -4.36
CA LEU A 188 -11.56 -15.60 -4.81
C LEU A 188 -11.39 -14.12 -4.46
N LYS A 189 -12.05 -13.26 -5.22
CA LYS A 189 -11.84 -11.81 -5.09
C LYS A 189 -12.46 -11.29 -3.80
N ILE A 190 -11.61 -10.88 -2.87
CA ILE A 190 -12.05 -10.18 -1.68
C ILE A 190 -11.32 -8.84 -1.52
N SER A 191 -11.92 -7.94 -0.74
CA SER A 191 -11.30 -6.65 -0.48
C SER A 191 -10.07 -6.79 0.40
N TYR A 192 -9.27 -5.73 0.47
CA TYR A 192 -8.10 -5.72 1.34
C TYR A 192 -8.51 -5.84 2.81
N LYS A 193 -9.59 -5.15 3.17
CA LYS A 193 -10.10 -5.21 4.53
C LYS A 193 -10.60 -6.61 4.87
N ASP A 194 -11.25 -7.25 3.91
CA ASP A 194 -11.64 -8.65 4.05
C ASP A 194 -10.42 -9.56 4.12
N ALA A 195 -9.39 -9.22 3.34
CA ALA A 195 -8.14 -9.95 3.37
C ALA A 195 -7.45 -9.80 4.72
N LEU A 196 -7.57 -8.62 5.31
CA LEU A 196 -6.98 -8.35 6.62
C LEU A 196 -7.67 -9.19 7.69
N ASP A 197 -8.96 -9.45 7.51
CA ASP A 197 -9.70 -10.32 8.41
C ASP A 197 -9.22 -11.77 8.28
N ARG A 198 -8.75 -12.12 7.09
CA ARG A 198 -8.34 -13.49 6.81
C ARG A 198 -6.82 -13.62 6.85
N SER A 199 -6.13 -12.49 7.00
CA SER A 199 -4.68 -12.49 7.13
C SER A 199 -4.24 -13.00 8.49
N MET A 200 -3.03 -13.55 8.56
CA MET A 200 -2.49 -14.05 9.82
C MET A 200 -1.10 -13.47 10.08
N VAL A 201 -0.90 -12.95 11.29
CA VAL A 201 0.38 -12.37 11.67
C VAL A 201 1.27 -13.41 12.33
N GLU A 202 2.50 -13.54 11.83
CA GLU A 202 3.41 -14.59 12.29
C GLU A 202 3.84 -14.35 13.74
N GLU A 203 3.75 -13.09 14.16
CA GLU A 203 4.05 -12.74 15.55
C GLU A 203 5.52 -12.99 15.87
N GLY A 204 6.39 -12.60 14.94
CA GLY A 204 7.82 -12.73 15.17
C GLY A 204 8.63 -11.92 14.16
N THR A 205 8.89 -12.52 13.01
CA THR A 205 9.67 -11.86 11.97
C THR A 205 9.00 -11.96 10.61
N GLY A 206 7.90 -12.72 10.57
CA GLY A 206 7.20 -12.95 9.31
C GLY A 206 6.17 -11.88 9.03
N LEU A 207 6.06 -10.91 9.93
CA LEU A 207 5.08 -9.83 9.77
C LEU A 207 3.70 -10.39 9.47
N ARG A 208 2.84 -9.56 8.89
CA ARG A 208 1.51 -9.99 8.49
C ARG A 208 1.55 -10.79 7.19
N LEU A 209 0.93 -11.97 7.20
CA LEU A 209 0.89 -12.83 6.02
C LEU A 209 -0.53 -12.93 5.47
N LEU A 210 -0.64 -12.91 4.15
CA LEU A 210 -1.94 -13.04 3.49
C LEU A 210 -2.31 -14.50 3.30
N GLU A 211 -3.45 -14.90 3.87
CA GLU A 211 -3.93 -16.27 3.70
C GLU A 211 -4.48 -16.49 2.30
N ALA A 212 -3.95 -17.50 1.63
CA ALA A 212 -4.49 -17.94 0.35
C ALA A 212 -4.21 -19.42 0.10
N ALA A 213 -5.12 -20.08 -0.60
CA ALA A 213 -4.96 -21.50 -0.92
C ALA A 213 -5.10 -21.74 -2.43
N ALA A 214 -4.89 -20.68 -3.21
CA ALA A 214 -5.00 -20.78 -4.66
C ALA A 214 -6.46 -20.87 -5.10
N GLN A 215 -7.02 -22.08 -5.02
CA GLN A 215 -8.38 -22.32 -5.47
C GLN A 215 -8.78 -23.78 -5.27
N MET A 1 -2.22 -3.64 -11.51
CA MET A 1 -3.29 -3.86 -12.47
C MET A 1 -3.11 -5.20 -13.18
N GLY A 2 -4.14 -6.04 -13.13
CA GLY A 2 -4.21 -7.19 -14.01
C GLY A 2 -4.44 -6.81 -15.46
N HIS A 3 -3.88 -7.58 -16.37
CA HIS A 3 -4.07 -7.33 -17.80
C HIS A 3 -4.84 -8.47 -18.45
N HIS A 4 -5.99 -8.14 -19.03
CA HIS A 4 -6.66 -9.03 -19.98
C HIS A 4 -7.97 -8.42 -20.46
N HIS A 5 -8.60 -9.08 -21.43
CA HIS A 5 -9.94 -8.72 -21.85
C HIS A 5 -10.98 -9.61 -21.17
N HIS A 6 -11.80 -8.99 -20.32
CA HIS A 6 -12.85 -9.72 -19.61
C HIS A 6 -13.70 -8.76 -18.79
N HIS A 7 -15.01 -9.03 -18.74
CA HIS A 7 -15.90 -8.31 -17.84
C HIS A 7 -16.93 -9.26 -17.24
N HIS A 8 -16.58 -9.87 -16.11
CA HIS A 8 -17.49 -10.79 -15.43
C HIS A 8 -16.91 -11.22 -14.08
N SER A 9 -17.66 -10.95 -13.01
CA SER A 9 -17.25 -11.39 -11.68
C SER A 9 -18.42 -11.28 -10.70
N HIS A 10 -18.54 -12.27 -9.83
CA HIS A 10 -19.51 -12.22 -8.74
C HIS A 10 -19.30 -13.38 -7.77
N MET A 11 -19.41 -13.09 -6.48
CA MET A 11 -19.31 -14.13 -5.45
C MET A 11 -19.55 -13.55 -4.06
N GLN A 12 -19.73 -14.42 -3.08
CA GLN A 12 -19.86 -14.00 -1.69
C GLN A 12 -19.28 -15.04 -0.75
N LEU A 13 -18.84 -14.60 0.43
CA LEU A 13 -18.23 -15.49 1.41
C LEU A 13 -18.41 -14.95 2.82
N ALA A 14 -18.13 -15.79 3.81
CA ALA A 14 -18.23 -15.40 5.20
C ALA A 14 -17.01 -15.85 6.00
N SER A 15 -16.86 -17.17 6.15
CA SER A 15 -15.79 -17.72 6.97
C SER A 15 -15.96 -17.33 8.43
N TRP A 16 -14.89 -17.48 9.21
CA TRP A 16 -14.88 -17.01 10.59
C TRP A 16 -13.45 -16.71 11.05
N SER A 17 -12.54 -17.62 10.73
CA SER A 17 -11.12 -17.41 11.02
C SER A 17 -10.88 -17.33 12.53
N ASP A 18 -9.70 -16.84 12.90
CA ASP A 18 -9.37 -16.62 14.31
C ASP A 18 -8.26 -15.61 14.46
N PRO A 19 -8.53 -14.35 14.06
CA PRO A 19 -7.56 -13.26 14.14
C PRO A 19 -7.40 -12.74 15.56
N THR A 20 -6.21 -12.21 15.86
CA THR A 20 -5.97 -11.55 17.13
C THR A 20 -5.74 -10.05 16.95
N GLU A 21 -4.57 -9.70 16.39
CA GLU A 21 -4.32 -8.34 15.94
C GLU A 21 -3.24 -8.32 14.87
N GLU A 22 -2.02 -8.67 15.25
CA GLU A 22 -0.90 -8.71 14.31
C GLU A 22 -0.73 -7.38 13.62
N THR A 23 0.39 -6.72 13.88
CA THR A 23 0.59 -5.34 13.47
C THR A 23 1.68 -5.21 12.42
N GLY A 24 1.28 -5.26 11.15
CA GLY A 24 2.23 -5.09 10.06
C GLY A 24 1.64 -5.46 8.71
N PRO A 25 2.43 -5.25 7.64
CA PRO A 25 2.01 -5.56 6.28
C PRO A 25 1.95 -7.06 6.02
N VAL A 26 1.39 -7.44 4.87
CA VAL A 26 1.43 -8.83 4.43
C VAL A 26 2.84 -9.22 4.01
N ALA A 27 3.36 -10.29 4.63
CA ALA A 27 4.78 -10.61 4.54
C ALA A 27 5.05 -11.52 3.35
N GLY A 28 4.13 -12.46 3.10
CA GLY A 28 4.39 -13.50 2.13
C GLY A 28 3.15 -14.32 1.82
N ILE A 29 3.31 -15.34 0.99
CA ILE A 29 2.18 -16.16 0.56
C ILE A 29 2.27 -17.56 1.13
N LEU A 30 1.14 -18.10 1.58
CA LEU A 30 1.09 -19.45 2.12
C LEU A 30 0.03 -20.28 1.41
N ASP A 31 0.41 -21.47 0.96
CA ASP A 31 -0.53 -22.41 0.36
C ASP A 31 -1.27 -23.19 1.44
N THR A 32 -2.56 -22.89 1.62
CA THR A 32 -3.36 -23.53 2.65
C THR A 32 -3.41 -25.04 2.46
N GLU A 33 -3.28 -25.47 1.20
CA GLU A 33 -3.37 -26.89 0.87
C GLU A 33 -2.51 -27.72 1.81
N THR A 34 -1.27 -27.27 2.02
CA THR A 34 -0.34 -27.99 2.89
C THR A 34 0.39 -27.02 3.83
N LEU A 35 -0.03 -25.76 3.80
CA LEU A 35 0.62 -24.73 4.61
C LEU A 35 2.10 -24.62 4.26
N GLU A 36 2.40 -23.93 3.17
CA GLU A 36 3.79 -23.68 2.78
C GLU A 36 4.07 -22.18 2.69
N LYS A 37 4.77 -21.65 3.68
CA LYS A 37 5.07 -20.22 3.74
C LYS A 37 6.25 -19.88 2.83
N VAL A 38 6.00 -19.01 1.85
CA VAL A 38 7.06 -18.50 1.00
C VAL A 38 6.99 -16.98 0.89
N SER A 39 8.11 -16.37 0.52
CA SER A 39 8.17 -14.92 0.37
C SER A 39 7.35 -14.46 -0.83
N ILE A 40 7.12 -13.15 -0.91
CA ILE A 40 6.41 -12.57 -2.05
C ILE A 40 7.16 -12.83 -3.35
N THR A 41 8.48 -12.69 -3.30
CA THR A 41 9.32 -12.98 -4.46
C THR A 41 9.28 -14.46 -4.83
N GLU A 42 9.34 -15.32 -3.80
CA GLU A 42 9.30 -16.75 -4.01
C GLU A 42 7.93 -17.19 -4.54
N ALA A 43 6.89 -16.52 -4.07
CA ALA A 43 5.52 -16.90 -4.43
C ALA A 43 5.25 -16.67 -5.91
N MET A 44 5.68 -15.52 -6.41
CA MET A 44 5.50 -15.19 -7.82
C MET A 44 6.42 -16.01 -8.70
N HIS A 45 7.53 -16.47 -8.12
CA HIS A 45 8.57 -17.15 -8.88
C HIS A 45 8.03 -18.41 -9.55
N ARG A 46 7.15 -19.12 -8.84
CA ARG A 46 6.46 -20.27 -9.41
C ARG A 46 5.72 -21.05 -8.33
N ASN A 47 5.14 -20.32 -7.38
CA ASN A 47 4.41 -20.95 -6.28
C ASN A 47 2.93 -21.08 -6.59
N LEU A 48 2.32 -19.96 -6.98
CA LEU A 48 0.94 -19.98 -7.46
C LEU A 48 0.49 -18.58 -7.85
N VAL A 49 1.09 -17.57 -7.23
CA VAL A 49 0.74 -16.18 -7.49
C VAL A 49 1.52 -15.64 -8.68
N ASP A 50 1.19 -14.40 -9.08
CA ASP A 50 1.91 -13.74 -10.17
C ASP A 50 2.47 -12.40 -9.71
N ASN A 51 3.19 -11.72 -10.60
CA ASN A 51 3.74 -10.40 -10.30
C ASN A 51 2.64 -9.44 -9.90
N ILE A 52 1.47 -9.58 -10.50
CA ILE A 52 0.36 -8.67 -10.26
C ILE A 52 -0.14 -8.78 -8.83
N THR A 53 -0.29 -10.02 -8.35
CA THR A 53 -0.76 -10.26 -7.00
C THR A 53 0.23 -9.76 -5.96
N GLY A 54 1.51 -10.02 -6.19
CA GLY A 54 2.56 -9.44 -5.38
C GLY A 54 2.60 -7.93 -5.48
N GLN A 55 2.34 -7.41 -6.67
CA GLN A 55 2.36 -5.97 -6.90
C GLN A 55 1.28 -5.28 -6.07
N ARG A 56 0.15 -5.95 -5.89
CA ARG A 56 -0.95 -5.41 -5.11
C ARG A 56 -0.54 -5.22 -3.66
N LEU A 57 0.21 -6.17 -3.12
CA LEU A 57 0.74 -6.06 -1.76
C LEU A 57 1.85 -5.02 -1.69
N LEU A 58 2.70 -4.98 -2.72
CA LEU A 58 3.79 -4.03 -2.76
C LEU A 58 3.28 -2.60 -2.90
N GLU A 59 2.18 -2.45 -3.64
CA GLU A 59 1.56 -1.15 -3.82
C GLU A 59 1.09 -0.57 -2.48
N ALA A 60 0.55 -1.45 -1.64
CA ALA A 60 0.07 -1.03 -0.32
C ALA A 60 1.21 -0.55 0.56
N GLN A 61 2.36 -1.20 0.43
CA GLN A 61 3.56 -0.78 1.15
C GLN A 61 4.04 0.58 0.65
N ALA A 62 3.99 0.78 -0.66
CA ALA A 62 4.39 2.05 -1.25
C ALA A 62 3.45 3.18 -0.82
N CYS A 63 2.18 2.85 -0.67
CA CYS A 63 1.19 3.83 -0.22
C CYS A 63 1.49 4.30 1.21
N THR A 64 1.90 3.36 2.05
CA THR A 64 2.21 3.67 3.44
C THR A 64 3.58 4.33 3.57
N GLY A 65 4.42 4.13 2.56
CA GLY A 65 5.74 4.73 2.58
C GLY A 65 6.66 4.15 1.52
N GLY A 66 7.73 3.50 1.95
CA GLY A 66 8.59 2.77 1.04
C GLY A 66 8.24 1.30 0.96
N ILE A 67 8.91 0.58 0.07
CA ILE A 67 8.77 -0.87 -0.02
C ILE A 67 9.33 -1.55 1.22
N ILE A 68 8.56 -2.47 1.79
CA ILE A 68 8.87 -3.03 3.10
C ILE A 68 9.33 -4.47 2.99
N ASP A 69 10.58 -4.73 3.39
CA ASP A 69 11.07 -6.09 3.52
C ASP A 69 10.64 -6.71 4.85
N PRO A 70 10.05 -7.91 4.77
CA PRO A 70 9.53 -8.61 5.95
C PRO A 70 10.64 -9.10 6.87
N SER A 71 11.88 -9.01 6.41
CA SER A 71 13.03 -9.44 7.20
C SER A 71 12.94 -8.91 8.62
N THR A 72 12.46 -7.67 8.76
CA THR A 72 12.32 -7.04 10.07
C THR A 72 11.68 -5.67 9.95
N GLY A 73 10.72 -5.54 9.03
CA GLY A 73 10.03 -4.28 8.85
C GLY A 73 10.91 -3.19 8.29
N GLU A 74 11.77 -3.57 7.34
CA GLU A 74 12.65 -2.60 6.69
C GLU A 74 11.85 -1.70 5.74
N ARG A 75 12.35 -0.49 5.52
CA ARG A 75 11.68 0.47 4.65
C ARG A 75 12.67 1.10 3.68
N PHE A 76 12.47 0.84 2.39
CA PHE A 76 13.26 1.49 1.35
C PHE A 76 12.36 1.94 0.20
N PRO A 77 12.75 3.05 -0.46
CA PRO A 77 12.06 3.53 -1.66
C PRO A 77 11.95 2.44 -2.73
N VAL A 78 10.99 2.63 -3.64
CA VAL A 78 10.69 1.60 -4.63
C VAL A 78 11.88 1.34 -5.54
N THR A 79 12.52 2.42 -5.99
CA THR A 79 13.71 2.31 -6.83
C THR A 79 14.88 1.69 -6.07
N ASP A 80 14.99 2.03 -4.79
CA ASP A 80 16.03 1.46 -3.94
C ASP A 80 15.76 -0.01 -3.67
N ALA A 81 14.47 -0.37 -3.60
CA ALA A 81 14.10 -1.77 -3.38
C ALA A 81 14.63 -2.66 -4.50
N VAL A 82 14.75 -2.10 -5.69
CA VAL A 82 15.39 -2.81 -6.80
C VAL A 82 16.86 -3.05 -6.51
N ASN A 83 17.52 -2.06 -5.90
CA ASN A 83 18.94 -2.15 -5.61
C ASN A 83 19.21 -3.11 -4.46
N LYS A 84 18.28 -3.17 -3.52
CA LYS A 84 18.46 -3.98 -2.32
C LYS A 84 17.12 -4.26 -1.65
N GLY A 85 16.23 -4.93 -2.39
CA GLY A 85 14.94 -5.31 -1.84
C GLY A 85 14.34 -6.51 -2.54
N LEU A 86 13.20 -6.30 -3.19
CA LEU A 86 12.47 -7.41 -3.82
C LEU A 86 11.58 -6.89 -4.94
N VAL A 87 11.84 -5.67 -5.39
CA VAL A 87 11.10 -5.08 -6.51
C VAL A 87 11.92 -5.17 -7.80
N ASP A 88 11.25 -5.46 -8.90
CA ASP A 88 11.90 -5.52 -10.20
C ASP A 88 11.89 -4.15 -10.88
N LYS A 89 12.81 -3.96 -11.82
CA LYS A 89 12.93 -2.69 -12.52
C LYS A 89 11.64 -2.35 -13.26
N ILE A 90 10.98 -3.37 -13.80
CA ILE A 90 9.79 -3.16 -14.61
C ILE A 90 8.59 -2.78 -13.75
N MET A 91 8.72 -2.99 -12.44
CA MET A 91 7.61 -2.77 -11.52
C MET A 91 7.74 -1.42 -10.82
N VAL A 92 8.85 -0.75 -11.04
CA VAL A 92 9.10 0.55 -10.43
C VAL A 92 8.13 1.60 -10.95
N ASP A 93 8.04 1.70 -12.27
CA ASP A 93 7.11 2.64 -12.90
C ASP A 93 5.67 2.25 -12.60
N ARG A 94 5.41 0.95 -12.51
CA ARG A 94 4.08 0.47 -12.15
C ARG A 94 3.72 0.87 -10.73
N ILE A 95 4.67 0.75 -9.82
CA ILE A 95 4.45 1.07 -8.42
C ILE A 95 4.62 2.56 -8.15
N ASN A 96 5.23 3.26 -9.10
CA ASN A 96 5.74 4.60 -8.86
C ASN A 96 4.61 5.55 -8.48
N LEU A 97 3.43 5.30 -9.02
CA LEU A 97 2.26 6.12 -8.72
C LEU A 97 1.91 6.05 -7.24
N ALA A 98 2.08 4.87 -6.65
CA ALA A 98 1.83 4.68 -5.23
C ALA A 98 2.87 5.42 -4.39
N GLN A 99 4.10 5.47 -4.88
CA GLN A 99 5.16 6.21 -4.21
C GLN A 99 4.88 7.70 -4.23
N LYS A 100 4.31 8.18 -5.34
CA LYS A 100 3.85 9.56 -5.42
C LYS A 100 2.70 9.81 -4.45
N ALA A 101 1.91 8.77 -4.17
CA ALA A 101 0.81 8.86 -3.23
C ALA A 101 1.33 9.17 -1.82
N PHE A 102 2.60 8.85 -1.58
CA PHE A 102 3.27 9.26 -0.35
C PHE A 102 3.53 10.76 -0.35
N CYS A 103 4.06 11.26 -1.47
CA CYS A 103 4.33 12.68 -1.61
C CYS A 103 4.82 13.01 -3.02
N GLY A 104 3.87 13.22 -3.93
CA GLY A 104 4.22 13.51 -5.31
C GLY A 104 3.06 14.10 -6.08
N PHE A 105 2.98 13.76 -7.37
CA PHE A 105 1.95 14.32 -8.24
C PHE A 105 2.30 15.75 -8.65
N GLU A 106 3.59 16.07 -8.59
CA GLU A 106 4.07 17.37 -9.06
C GLU A 106 3.88 17.51 -10.57
N ASP A 107 3.05 18.48 -10.96
CA ASP A 107 2.74 18.69 -12.37
C ASP A 107 3.21 20.07 -12.83
N PRO A 108 3.45 20.22 -14.14
CA PRO A 108 3.87 21.48 -14.73
C PRO A 108 2.82 22.58 -14.60
N ARG A 109 3.25 23.83 -14.68
CA ARG A 109 2.36 24.96 -14.49
C ARG A 109 2.04 25.17 -13.01
N THR A 110 2.57 24.29 -12.17
CA THR A 110 2.43 24.43 -10.72
C THR A 110 3.74 24.13 -10.01
N LYS A 111 4.41 23.06 -10.44
CA LYS A 111 5.71 22.70 -9.89
C LYS A 111 5.78 23.01 -8.40
N THR A 112 5.15 22.16 -7.59
CA THR A 112 5.09 22.37 -6.15
C THR A 112 4.84 21.06 -5.42
N LYS A 113 4.67 21.15 -4.10
CA LYS A 113 4.31 19.99 -3.29
C LYS A 113 2.81 19.99 -2.99
N MET A 114 2.26 18.80 -2.76
CA MET A 114 0.81 18.64 -2.68
C MET A 114 0.46 17.32 -1.98
N SER A 115 -0.77 17.24 -1.48
CA SER A 115 -1.30 15.98 -0.95
C SER A 115 -2.02 15.20 -2.04
N ALA A 116 -2.05 13.87 -1.89
CA ALA A 116 -2.89 13.02 -2.72
C ALA A 116 -4.35 13.41 -2.61
N ALA A 117 -4.77 13.78 -1.39
CA ALA A 117 -6.14 14.22 -1.16
C ALA A 117 -6.41 15.53 -1.88
N GLN A 118 -5.42 16.42 -1.91
CA GLN A 118 -5.51 17.65 -2.68
C GLN A 118 -5.51 17.35 -4.17
N ALA A 119 -4.78 16.32 -4.57
CA ALA A 119 -4.64 15.97 -5.98
C ALA A 119 -6.00 15.61 -6.59
N LEU A 120 -6.86 15.00 -5.78
CA LEU A 120 -8.22 14.72 -6.21
C LEU A 120 -9.03 16.01 -6.38
N LYS A 121 -8.79 16.97 -5.48
CA LYS A 121 -9.46 18.26 -5.56
C LYS A 121 -9.02 19.04 -6.79
N LYS A 122 -7.81 18.74 -7.26
CA LYS A 122 -7.27 19.41 -8.44
C LYS A 122 -7.20 18.45 -9.62
N GLY A 123 -6.68 18.94 -10.75
CA GLY A 123 -6.48 18.08 -11.91
C GLY A 123 -5.13 17.38 -11.86
N TRP A 124 -4.69 17.02 -10.66
CA TRP A 124 -3.36 16.45 -10.49
C TRP A 124 -3.41 14.93 -10.50
N LEU A 125 -4.54 14.37 -10.06
CA LEU A 125 -4.74 12.93 -10.06
C LEU A 125 -6.22 12.58 -10.17
N TYR A 126 -6.51 11.40 -10.69
CA TYR A 126 -7.89 11.00 -10.96
C TYR A 126 -8.40 10.05 -9.88
N TYR A 127 -9.72 10.00 -9.73
CA TYR A 127 -10.33 9.41 -8.55
C TYR A 127 -9.93 7.95 -8.40
N GLU A 128 -9.93 7.22 -9.52
CA GLU A 128 -9.76 5.78 -9.50
C GLU A 128 -8.43 5.39 -8.87
N ALA A 129 -7.41 6.19 -9.13
CA ALA A 129 -6.08 5.95 -8.57
C ALA A 129 -5.96 6.55 -7.17
N GLY A 130 -6.37 7.81 -7.04
CA GLY A 130 -6.12 8.54 -5.81
C GLY A 130 -6.83 7.94 -4.62
N GLN A 131 -8.10 7.57 -4.81
CA GLN A 131 -8.91 7.05 -3.72
C GLN A 131 -8.35 5.72 -3.23
N ARG A 132 -7.85 4.91 -4.14
CA ARG A 132 -7.29 3.60 -3.80
C ARG A 132 -6.12 3.76 -2.84
N PHE A 133 -5.31 4.79 -3.06
CA PHE A 133 -4.17 5.06 -2.18
C PHE A 133 -4.63 5.63 -0.85
N LEU A 134 -5.70 6.42 -0.88
CA LEU A 134 -6.30 6.94 0.34
C LEU A 134 -6.94 5.83 1.16
N GLU A 135 -7.49 4.84 0.47
CA GLU A 135 -8.15 3.72 1.12
C GLU A 135 -7.16 2.91 1.96
N VAL A 136 -5.99 2.65 1.38
CA VAL A 136 -4.98 1.84 2.06
C VAL A 136 -4.39 2.58 3.25
N GLN A 137 -4.12 3.86 3.07
CA GLN A 137 -3.57 4.69 4.14
C GLN A 137 -4.57 4.86 5.28
N TYR A 138 -5.85 4.94 4.92
CA TYR A 138 -6.91 5.06 5.91
C TYR A 138 -6.97 3.84 6.81
N LEU A 139 -6.79 2.67 6.21
CA LEU A 139 -6.88 1.41 6.95
C LEU A 139 -5.82 1.34 8.04
N THR A 140 -4.71 2.03 7.82
CA THR A 140 -3.63 2.07 8.80
C THR A 140 -3.87 3.15 9.84
N GLY A 141 -4.14 4.37 9.38
CA GLY A 141 -4.49 5.45 10.28
C GLY A 141 -5.11 6.63 9.56
N GLY A 142 -4.26 7.53 9.07
CA GLY A 142 -4.74 8.70 8.37
C GLY A 142 -4.22 8.80 6.96
N LEU A 143 -4.28 9.99 6.38
CA LEU A 143 -3.82 10.21 5.01
C LEU A 143 -2.44 10.87 5.00
N ILE A 144 -1.52 10.30 4.23
CA ILE A 144 -0.13 10.74 4.24
C ILE A 144 0.07 11.98 3.37
N GLU A 145 0.67 13.01 3.93
CA GLU A 145 0.74 14.31 3.28
C GLU A 145 2.08 15.00 3.54
N PRO A 146 2.41 15.98 2.69
CA PRO A 146 3.61 16.81 2.88
C PRO A 146 3.47 17.77 4.06
N ASP A 147 4.56 18.45 4.39
CA ASP A 147 4.57 19.39 5.50
C ASP A 147 4.52 18.66 6.83
N THR A 148 3.41 17.96 7.08
CA THR A 148 3.29 17.08 8.24
C THR A 148 4.41 16.05 8.26
N PRO A 149 4.86 15.67 9.46
CA PRO A 149 5.93 14.70 9.64
C PRO A 149 5.59 13.34 9.05
N GLY A 150 4.29 13.05 8.94
CA GLY A 150 3.85 11.78 8.40
C GLY A 150 2.46 11.86 7.81
N ARG A 151 1.46 11.49 8.60
CA ARG A 151 0.10 11.36 8.10
C ARG A 151 -0.88 12.18 8.95
N VAL A 152 -1.89 12.75 8.31
CA VAL A 152 -2.90 13.53 9.00
C VAL A 152 -4.19 12.75 9.15
N PRO A 153 -4.71 12.67 10.38
CA PRO A 153 -6.01 12.07 10.67
C PRO A 153 -7.13 12.65 9.82
N LEU A 154 -8.10 11.83 9.46
CA LEU A 154 -9.20 12.25 8.60
C LEU A 154 -9.93 13.45 9.20
N ASP A 155 -10.20 13.38 10.49
CA ASP A 155 -10.87 14.48 11.20
C ASP A 155 -10.00 15.73 11.19
N GLU A 156 -8.70 15.54 11.37
CA GLU A 156 -7.75 16.65 11.34
C GLU A 156 -7.61 17.21 9.93
N ALA A 157 -7.72 16.32 8.94
CA ALA A 157 -7.69 16.72 7.54
C ALA A 157 -8.86 17.62 7.20
N LEU A 158 -10.01 17.34 7.81
CA LEU A 158 -11.23 18.10 7.55
C LEU A 158 -11.07 19.55 8.03
N GLN A 159 -10.58 19.71 9.26
CA GLN A 159 -10.32 21.04 9.80
C GLN A 159 -9.13 21.68 9.11
N ARG A 160 -8.24 20.85 8.57
CA ARG A 160 -7.06 21.33 7.86
C ARG A 160 -7.45 21.85 6.47
N GLY A 161 -8.56 21.34 5.94
CA GLY A 161 -9.08 21.83 4.68
C GLY A 161 -8.64 21.01 3.50
N THR A 162 -7.67 20.11 3.73
CA THR A 162 -7.12 19.29 2.67
C THR A 162 -8.16 18.36 2.08
N VAL A 163 -9.16 18.00 2.89
CA VAL A 163 -10.29 17.23 2.40
C VAL A 163 -11.61 17.95 2.71
N ASP A 164 -12.62 17.71 1.87
CA ASP A 164 -13.97 18.16 2.16
C ASP A 164 -14.82 17.01 2.71
N ALA A 165 -16.07 17.31 3.03
CA ALA A 165 -16.99 16.30 3.55
C ALA A 165 -17.20 15.17 2.54
N ARG A 166 -17.31 15.54 1.27
CA ARG A 166 -17.63 14.58 0.22
C ARG A 166 -16.54 13.51 0.10
N THR A 167 -15.29 13.95 0.19
CA THR A 167 -14.16 13.03 0.16
C THR A 167 -14.05 12.24 1.46
N ALA A 168 -14.28 12.91 2.58
CA ALA A 168 -14.03 12.32 3.89
C ALA A 168 -14.98 11.15 4.14
N GLN A 169 -16.24 11.32 3.75
CA GLN A 169 -17.25 10.28 3.93
C GLN A 169 -16.91 9.05 3.10
N LYS A 170 -16.25 9.26 1.96
CA LYS A 170 -15.77 8.16 1.14
C LYS A 170 -14.68 7.38 1.85
N LEU A 171 -13.86 8.09 2.62
CA LEU A 171 -12.86 7.45 3.48
C LEU A 171 -13.52 6.71 4.63
N ARG A 172 -14.62 7.25 5.13
CA ARG A 172 -15.36 6.63 6.23
C ARG A 172 -16.12 5.40 5.73
N ASP A 173 -16.59 5.46 4.49
CA ASP A 173 -17.31 4.33 3.90
C ASP A 173 -16.41 3.59 2.90
N VAL A 174 -15.47 2.82 3.43
CA VAL A 174 -14.51 2.12 2.58
C VAL A 174 -15.22 1.12 1.66
N GLY A 175 -16.40 0.67 2.08
CA GLY A 175 -17.14 -0.31 1.31
C GLY A 175 -17.74 0.28 0.05
N ALA A 176 -17.88 1.59 0.01
CA ALA A 176 -18.47 2.28 -1.13
C ALA A 176 -17.54 2.25 -2.33
N TYR A 177 -16.24 2.30 -2.06
CA TYR A 177 -15.24 2.33 -3.14
C TYR A 177 -15.07 0.95 -3.77
N SER A 178 -14.88 0.93 -5.08
CA SER A 178 -14.69 -0.32 -5.80
C SER A 178 -13.47 -1.07 -5.27
N LYS A 179 -13.57 -2.40 -5.24
CA LYS A 179 -12.52 -3.23 -4.66
C LYS A 179 -11.25 -3.19 -5.51
N TYR A 180 -10.13 -3.58 -4.92
CA TYR A 180 -8.83 -3.37 -5.53
C TYR A 180 -7.80 -4.35 -4.97
N LEU A 181 -8.28 -5.33 -4.22
CA LEU A 181 -7.43 -6.42 -3.75
C LEU A 181 -7.73 -7.71 -4.49
N THR A 182 -6.68 -8.34 -5.01
CA THR A 182 -6.84 -9.54 -5.83
C THR A 182 -7.02 -10.78 -4.96
N CYS A 183 -8.17 -11.43 -5.09
CA CYS A 183 -8.47 -12.62 -4.31
C CYS A 183 -7.59 -13.79 -4.72
N PRO A 184 -6.92 -14.41 -3.74
CA PRO A 184 -6.03 -15.54 -3.98
C PRO A 184 -6.79 -16.84 -4.26
N LYS A 185 -7.37 -16.92 -5.45
CA LYS A 185 -8.12 -18.11 -5.85
C LYS A 185 -8.50 -18.06 -7.32
N THR A 186 -9.20 -16.99 -7.70
CA THR A 186 -9.50 -16.75 -9.11
C THR A 186 -9.19 -15.30 -9.49
N LYS A 187 -8.46 -14.61 -8.62
CA LYS A 187 -7.96 -13.28 -8.93
C LYS A 187 -9.10 -12.31 -9.20
N LEU A 188 -9.95 -12.10 -8.19
CA LEU A 188 -11.12 -11.25 -8.34
C LEU A 188 -11.05 -10.05 -7.41
N LYS A 189 -11.95 -9.09 -7.61
CA LYS A 189 -11.91 -7.83 -6.89
C LYS A 189 -12.53 -7.99 -5.50
N ILE A 190 -11.68 -8.03 -4.48
CA ILE A 190 -12.14 -7.92 -3.10
C ILE A 190 -11.46 -6.77 -2.37
N SER A 191 -12.05 -6.34 -1.26
CA SER A 191 -11.51 -5.22 -0.49
C SER A 191 -10.27 -5.64 0.28
N TYR A 192 -9.36 -4.69 0.49
CA TYR A 192 -8.16 -4.95 1.28
C TYR A 192 -8.50 -5.31 2.71
N LYS A 193 -9.53 -4.65 3.25
CA LYS A 193 -9.95 -4.87 4.63
C LYS A 193 -10.45 -6.30 4.82
N ASP A 194 -11.21 -6.79 3.84
CA ASP A 194 -11.70 -8.17 3.88
C ASP A 194 -10.54 -9.15 3.73
N ALA A 195 -9.58 -8.81 2.88
CA ALA A 195 -8.38 -9.62 2.72
C ALA A 195 -7.55 -9.63 3.99
N LEU A 196 -7.47 -8.47 4.64
CA LEU A 196 -6.71 -8.34 5.89
C LEU A 196 -7.42 -9.05 7.03
N ASP A 197 -8.74 -8.94 7.06
CA ASP A 197 -9.55 -9.57 8.10
C ASP A 197 -9.56 -11.09 7.92
N ARG A 198 -9.42 -11.54 6.69
CA ARG A 198 -9.55 -12.96 6.36
C ARG A 198 -8.18 -13.61 6.18
N SER A 199 -7.12 -12.81 6.36
CA SER A 199 -5.76 -13.32 6.26
C SER A 199 -5.43 -14.21 7.45
N MET A 200 -4.33 -14.96 7.33
CA MET A 200 -3.86 -15.80 8.42
C MET A 200 -2.82 -15.07 9.26
N VAL A 201 -2.93 -15.20 10.58
CA VAL A 201 -1.92 -14.69 11.49
C VAL A 201 -0.95 -15.78 11.91
N GLU A 202 0.33 -15.59 11.62
CA GLU A 202 1.37 -16.52 12.04
C GLU A 202 1.71 -16.32 13.51
N GLU A 203 1.45 -15.12 14.02
CA GLU A 203 1.80 -14.78 15.40
C GLU A 203 3.31 -14.81 15.60
N GLY A 204 4.04 -14.19 14.68
CA GLY A 204 5.48 -14.14 14.79
C GLY A 204 6.00 -12.79 15.24
N THR A 205 6.17 -11.88 14.28
CA THR A 205 6.68 -10.55 14.57
C THR A 205 5.91 -9.48 13.81
N GLY A 206 4.59 -9.45 14.02
CA GLY A 206 3.76 -8.45 13.37
C GLY A 206 3.73 -8.61 11.86
N LEU A 207 3.62 -9.85 11.40
CA LEU A 207 3.61 -10.14 9.98
C LEU A 207 2.27 -10.76 9.55
N ARG A 208 1.61 -10.11 8.60
CA ARG A 208 0.35 -10.63 8.07
C ARG A 208 0.60 -11.69 7.01
N LEU A 209 -0.01 -12.85 7.17
CA LEU A 209 0.21 -13.98 6.26
C LEU A 209 -1.03 -14.25 5.42
N LEU A 210 -0.84 -14.28 4.11
CA LEU A 210 -1.97 -14.33 3.17
C LEU A 210 -2.16 -15.74 2.63
N GLU A 211 -3.36 -16.29 2.84
CA GLU A 211 -3.63 -17.67 2.45
C GLU A 211 -3.88 -17.76 0.94
N ALA A 212 -3.53 -18.91 0.37
CA ALA A 212 -3.85 -19.19 -1.03
C ALA A 212 -4.14 -20.67 -1.24
N ALA A 213 -4.82 -20.98 -2.34
CA ALA A 213 -5.21 -22.36 -2.62
C ALA A 213 -4.68 -22.82 -3.98
N ALA A 214 -3.73 -22.05 -4.53
CA ALA A 214 -3.04 -22.44 -5.75
C ALA A 214 -4.04 -22.75 -6.87
N GLN A 215 -5.04 -21.90 -7.00
CA GLN A 215 -6.04 -22.05 -8.06
C GLN A 215 -5.75 -21.11 -9.23
N MET A 1 11.65 3.04 -14.15
CA MET A 1 11.24 4.32 -13.59
C MET A 1 10.31 5.06 -14.56
N GLY A 2 9.92 4.38 -15.64
CA GLY A 2 8.87 4.89 -16.49
C GLY A 2 9.15 6.31 -16.96
N HIS A 3 8.36 7.26 -16.47
CA HIS A 3 8.58 8.66 -16.77
C HIS A 3 8.66 9.48 -15.49
N HIS A 4 8.88 8.81 -14.36
CA HIS A 4 8.55 9.36 -13.06
C HIS A 4 9.81 9.79 -12.32
N HIS A 5 9.77 9.70 -10.99
CA HIS A 5 10.80 10.31 -10.15
C HIS A 5 12.14 10.37 -10.89
N HIS A 6 12.71 11.57 -10.96
CA HIS A 6 13.98 11.77 -11.63
C HIS A 6 15.04 12.28 -10.66
N HIS A 7 15.63 13.43 -10.97
CA HIS A 7 16.69 14.00 -10.15
C HIS A 7 16.11 14.80 -8.98
N HIS A 8 16.02 14.15 -7.82
CA HIS A 8 15.43 14.78 -6.64
C HIS A 8 16.02 14.19 -5.36
N SER A 9 16.58 15.04 -4.51
CA SER A 9 17.23 14.61 -3.29
C SER A 9 16.62 15.29 -2.07
N HIS A 10 16.95 14.78 -0.89
CA HIS A 10 16.37 15.30 0.36
C HIS A 10 16.75 16.76 0.57
N MET A 11 16.01 17.44 1.43
CA MET A 11 16.29 18.84 1.73
C MET A 11 17.13 18.96 3.00
N GLN A 12 16.64 19.77 3.94
CA GLN A 12 17.37 20.01 5.19
C GLN A 12 17.31 18.78 6.10
N LEU A 13 18.15 18.78 7.13
CA LEU A 13 18.14 17.69 8.11
C LEU A 13 17.29 18.06 9.32
N ALA A 14 17.20 17.13 10.27
CA ALA A 14 16.40 17.36 11.47
C ALA A 14 14.94 17.66 11.10
N SER A 15 14.34 16.78 10.31
CA SER A 15 12.97 16.98 9.85
C SER A 15 11.98 16.34 10.82
N TRP A 16 10.76 16.11 10.33
CA TRP A 16 9.69 15.55 11.17
C TRP A 16 9.69 14.04 11.09
N SER A 17 9.68 13.39 12.26
CA SER A 17 9.65 11.94 12.33
C SER A 17 9.25 11.47 13.73
N ASP A 18 8.85 10.20 13.83
CA ASP A 18 8.41 9.64 15.10
C ASP A 18 8.74 8.15 15.18
N PRO A 19 9.78 7.80 15.95
CA PRO A 19 10.19 6.41 16.16
C PRO A 19 9.03 5.54 16.65
N THR A 20 8.71 4.52 15.87
CA THR A 20 7.59 3.63 16.21
C THR A 20 7.57 2.40 15.30
N GLU A 21 7.09 1.29 15.84
CA GLU A 21 7.00 0.06 15.07
C GLU A 21 6.05 0.22 13.89
N GLU A 22 4.82 0.63 14.18
CA GLU A 22 3.86 0.99 13.15
C GLU A 22 3.52 -0.22 12.27
N THR A 23 2.31 -0.73 12.41
CA THR A 23 1.83 -1.80 11.56
C THR A 23 1.25 -1.26 10.25
N GLY A 24 0.93 -2.16 9.33
CA GLY A 24 0.50 -1.75 8.01
C GLY A 24 -0.15 -2.87 7.24
N PRO A 25 -0.15 -2.76 5.89
CA PRO A 25 -0.80 -3.73 5.01
C PRO A 25 0.00 -5.03 4.89
N VAL A 26 -0.50 -5.93 4.05
CA VAL A 26 0.16 -7.21 3.84
C VAL A 26 1.64 -7.02 3.51
N ALA A 27 2.51 -7.69 4.27
CA ALA A 27 3.94 -7.60 4.04
C ALA A 27 4.41 -8.66 3.05
N GLY A 28 3.80 -9.83 3.11
CA GLY A 28 4.19 -10.92 2.23
C GLY A 28 3.12 -12.00 2.13
N ILE A 29 3.47 -13.11 1.49
CA ILE A 29 2.51 -14.17 1.24
C ILE A 29 2.83 -15.40 2.08
N LEU A 30 1.79 -16.04 2.60
CA LEU A 30 1.94 -17.29 3.35
C LEU A 30 1.08 -18.39 2.76
N ASP A 31 1.68 -19.54 2.48
CA ASP A 31 0.95 -20.72 2.08
C ASP A 31 0.35 -21.43 3.30
N THR A 32 -0.97 -21.37 3.43
CA THR A 32 -1.64 -21.84 4.62
C THR A 32 -1.51 -23.35 4.78
N GLU A 33 -1.30 -24.03 3.66
CA GLU A 33 -1.18 -25.49 3.67
C GLU A 33 -0.20 -25.96 4.74
N THR A 34 0.96 -25.30 4.80
CA THR A 34 1.98 -25.64 5.78
C THR A 34 2.61 -24.39 6.37
N LEU A 35 1.94 -23.26 6.20
CA LEU A 35 2.43 -21.98 6.72
C LEU A 35 3.84 -21.70 6.19
N GLU A 36 3.96 -21.57 4.87
CA GLU A 36 5.23 -21.25 4.25
C GLU A 36 5.28 -19.77 3.85
N LYS A 37 6.18 -19.03 4.48
CA LYS A 37 6.35 -17.61 4.18
C LYS A 37 7.18 -17.41 2.92
N VAL A 38 6.62 -16.71 1.95
CA VAL A 38 7.33 -16.41 0.70
C VAL A 38 7.17 -14.95 0.31
N SER A 39 8.05 -14.48 -0.58
CA SER A 39 7.99 -13.12 -1.06
C SER A 39 6.84 -12.94 -2.06
N ILE A 40 6.56 -11.70 -2.43
CA ILE A 40 5.53 -11.41 -3.41
C ILE A 40 5.85 -12.05 -4.76
N THR A 41 7.11 -11.95 -5.18
CA THR A 41 7.56 -12.56 -6.43
C THR A 41 7.51 -14.08 -6.34
N GLU A 42 7.93 -14.62 -5.20
CA GLU A 42 8.00 -16.06 -5.01
C GLU A 42 6.62 -16.68 -5.04
N ALA A 43 5.65 -15.99 -4.43
CA ALA A 43 4.27 -16.44 -4.44
C ALA A 43 3.69 -16.38 -5.85
N MET A 44 4.02 -15.33 -6.58
CA MET A 44 3.58 -15.19 -7.97
C MET A 44 4.21 -16.25 -8.84
N HIS A 45 5.49 -16.52 -8.62
CA HIS A 45 6.22 -17.52 -9.39
C HIS A 45 5.75 -18.93 -9.04
N ARG A 46 5.42 -19.14 -7.78
CA ARG A 46 5.05 -20.46 -7.29
C ARG A 46 3.69 -20.88 -7.85
N ASN A 47 2.62 -20.27 -7.33
CA ASN A 47 1.28 -20.53 -7.82
C ASN A 47 0.24 -19.97 -6.87
N LEU A 48 0.62 -18.96 -6.10
CA LEU A 48 -0.17 -18.53 -4.96
C LEU A 48 -0.96 -17.27 -5.29
N VAL A 49 -0.34 -16.38 -6.07
CA VAL A 49 -0.96 -15.11 -6.41
C VAL A 49 -0.75 -14.77 -7.88
N ASP A 50 -1.55 -13.84 -8.39
CA ASP A 50 -1.42 -13.41 -9.79
C ASP A 50 -0.46 -12.23 -9.89
N ASN A 51 -0.11 -11.87 -11.13
CA ASN A 51 0.75 -10.72 -11.37
C ASN A 51 0.09 -9.44 -10.87
N ILE A 52 -1.21 -9.32 -11.12
CA ILE A 52 -1.96 -8.15 -10.66
C ILE A 52 -2.09 -8.14 -9.14
N THR A 53 -2.32 -9.32 -8.57
CA THR A 53 -2.47 -9.45 -7.12
C THR A 53 -1.18 -9.08 -6.41
N GLY A 54 -0.05 -9.53 -6.95
CA GLY A 54 1.25 -9.15 -6.42
C GLY A 54 1.51 -7.66 -6.52
N GLN A 55 1.11 -7.07 -7.65
CA GLN A 55 1.33 -5.65 -7.89
C GLN A 55 0.58 -4.81 -6.86
N ARG A 56 -0.67 -5.16 -6.60
CA ARG A 56 -1.51 -4.38 -5.71
C ARG A 56 -0.98 -4.39 -4.28
N LEU A 57 -0.42 -5.54 -3.88
CA LEU A 57 0.16 -5.67 -2.56
C LEU A 57 1.40 -4.79 -2.42
N LEU A 58 2.20 -4.73 -3.49
CA LEU A 58 3.39 -3.88 -3.50
C LEU A 58 3.00 -2.41 -3.49
N GLU A 59 1.95 -2.07 -4.23
CA GLU A 59 1.43 -0.71 -4.24
C GLU A 59 0.91 -0.31 -2.86
N ALA A 60 0.29 -1.26 -2.17
CA ALA A 60 -0.24 -1.02 -0.84
C ALA A 60 0.88 -0.73 0.15
N GLN A 61 2.00 -1.44 -0.01
CA GLN A 61 3.20 -1.15 0.77
C GLN A 61 3.80 0.19 0.35
N ALA A 62 3.72 0.50 -0.93
CA ALA A 62 4.24 1.77 -1.45
C ALA A 62 3.48 2.96 -0.87
N CYS A 63 2.18 2.77 -0.65
CA CYS A 63 1.35 3.82 -0.06
C CYS A 63 1.85 4.17 1.35
N THR A 64 2.54 3.22 1.97
CA THR A 64 3.15 3.47 3.28
C THR A 64 4.65 3.73 3.14
N GLY A 65 5.04 4.32 2.01
CA GLY A 65 6.43 4.66 1.81
C GLY A 65 7.15 3.67 0.90
N GLY A 66 8.23 3.08 1.42
CA GLY A 66 8.99 2.14 0.62
C GLY A 66 8.37 0.76 0.60
N ILE A 67 8.89 -0.10 -0.26
CA ILE A 67 8.44 -1.49 -0.31
C ILE A 67 8.93 -2.28 0.89
N ILE A 68 8.02 -3.06 1.49
CA ILE A 68 8.31 -3.71 2.77
C ILE A 68 8.64 -5.18 2.57
N ASP A 69 9.83 -5.58 3.03
CA ASP A 69 10.26 -6.96 2.91
C ASP A 69 9.74 -7.80 4.07
N PRO A 70 8.96 -8.85 3.75
CA PRO A 70 8.45 -9.79 4.76
C PRO A 70 9.57 -10.50 5.51
N SER A 71 9.74 -10.14 6.78
CA SER A 71 10.89 -10.59 7.56
C SER A 71 10.91 -9.94 8.93
N THR A 72 10.73 -8.63 8.96
CA THR A 72 10.60 -7.90 10.22
C THR A 72 10.26 -6.43 9.97
N GLY A 73 9.64 -6.16 8.83
CA GLY A 73 9.23 -4.80 8.52
C GLY A 73 10.35 -3.99 7.88
N GLU A 74 11.23 -4.68 7.14
CA GLU A 74 12.36 -4.03 6.52
C GLU A 74 11.92 -3.13 5.37
N ARG A 75 12.53 -1.94 5.28
CA ARG A 75 12.04 -0.91 4.38
C ARG A 75 13.02 -0.68 3.23
N PHE A 76 12.54 -0.82 2.01
CA PHE A 76 13.36 -0.57 0.83
C PHE A 76 12.60 0.26 -0.20
N PRO A 77 13.24 1.34 -0.69
CA PRO A 77 12.75 2.09 -1.84
C PRO A 77 12.45 1.19 -3.03
N VAL A 78 11.47 1.60 -3.84
CA VAL A 78 10.98 0.77 -4.93
C VAL A 78 12.14 0.24 -5.79
N THR A 79 13.06 1.13 -6.13
CA THR A 79 14.20 0.76 -6.96
C THR A 79 15.12 -0.21 -6.24
N ASP A 80 15.27 -0.01 -4.93
CA ASP A 80 16.10 -0.89 -4.11
C ASP A 80 15.42 -2.25 -3.92
N ALA A 81 14.10 -2.23 -3.83
CA ALA A 81 13.32 -3.45 -3.71
C ALA A 81 13.44 -4.30 -4.97
N VAL A 82 13.54 -3.65 -6.12
CA VAL A 82 13.86 -4.32 -7.37
C VAL A 82 15.29 -4.81 -7.39
N ASN A 83 16.20 -3.98 -6.87
CA ASN A 83 17.63 -4.26 -6.95
C ASN A 83 18.01 -5.41 -6.02
N LYS A 84 17.28 -5.54 -4.92
CA LYS A 84 17.56 -6.58 -3.94
C LYS A 84 16.31 -6.89 -3.10
N GLY A 85 15.22 -7.22 -3.78
CA GLY A 85 13.99 -7.56 -3.09
C GLY A 85 13.08 -8.44 -3.92
N LEU A 86 11.80 -8.11 -3.92
CA LEU A 86 10.79 -8.94 -4.58
C LEU A 86 9.90 -8.11 -5.49
N VAL A 87 10.46 -7.05 -6.05
CA VAL A 87 9.75 -6.23 -7.02
C VAL A 87 10.38 -6.32 -8.40
N ASP A 88 9.55 -6.29 -9.44
CA ASP A 88 10.04 -6.39 -10.81
C ASP A 88 10.30 -5.00 -11.38
N LYS A 89 11.20 -4.94 -12.36
CA LYS A 89 11.55 -3.68 -13.01
C LYS A 89 10.33 -3.04 -13.65
N ILE A 90 9.42 -3.88 -14.15
CA ILE A 90 8.24 -3.40 -14.86
C ILE A 90 7.25 -2.74 -13.91
N MET A 91 7.47 -2.92 -12.61
CA MET A 91 6.55 -2.42 -11.60
C MET A 91 7.08 -1.14 -10.96
N VAL A 92 8.28 -0.74 -11.38
CA VAL A 92 8.90 0.47 -10.84
C VAL A 92 8.07 1.70 -11.17
N ASP A 93 7.71 1.85 -12.43
CA ASP A 93 7.02 3.06 -12.91
C ASP A 93 5.64 3.17 -12.29
N ARG A 94 4.91 2.06 -12.29
CA ARG A 94 3.53 2.04 -11.82
C ARG A 94 3.47 2.29 -10.31
N ILE A 95 4.48 1.78 -9.59
CA ILE A 95 4.51 1.91 -8.14
C ILE A 95 5.07 3.26 -7.72
N ASN A 96 5.91 3.84 -8.57
CA ASN A 96 6.71 5.00 -8.20
C ASN A 96 5.80 6.18 -7.81
N LEU A 97 4.64 6.25 -8.44
CA LEU A 97 3.67 7.30 -8.12
C LEU A 97 3.17 7.17 -6.68
N ALA A 98 3.00 5.93 -6.23
CA ALA A 98 2.53 5.68 -4.87
C ALA A 98 3.60 6.04 -3.85
N GLN A 99 4.86 5.77 -4.20
CA GLN A 99 5.98 6.07 -3.32
C GLN A 99 6.15 7.57 -3.13
N LYS A 100 6.03 8.31 -4.21
CA LYS A 100 6.15 9.76 -4.16
C LYS A 100 4.95 10.38 -3.44
N ALA A 101 3.82 9.69 -3.49
CA ALA A 101 2.62 10.14 -2.79
C ALA A 101 2.83 10.13 -1.27
N PHE A 102 3.67 9.22 -0.81
CA PHE A 102 4.05 9.17 0.60
C PHE A 102 4.94 10.37 0.96
N CYS A 103 5.94 10.62 0.12
CA CYS A 103 6.82 11.77 0.31
C CYS A 103 7.44 12.21 -1.01
N GLY A 104 6.74 13.08 -1.72
CA GLY A 104 7.16 13.47 -3.04
C GLY A 104 6.25 14.50 -3.67
N PHE A 105 6.16 14.50 -5.00
CA PHE A 105 5.42 15.53 -5.73
C PHE A 105 6.07 16.89 -5.54
N GLU A 106 6.01 17.41 -4.31
CA GLU A 106 6.56 18.73 -4.01
C GLU A 106 7.96 18.88 -4.59
N ASP A 107 8.21 20.01 -5.24
CA ASP A 107 9.50 20.26 -5.89
C ASP A 107 10.42 21.05 -4.96
N PRO A 108 11.74 20.88 -5.15
CA PRO A 108 12.75 21.59 -4.36
C PRO A 108 12.86 23.06 -4.74
N ARG A 109 11.90 23.85 -4.28
CA ARG A 109 11.80 25.25 -4.68
C ARG A 109 10.87 26.03 -3.76
N THR A 110 9.65 25.53 -3.60
CA THR A 110 8.65 26.18 -2.77
C THR A 110 8.23 25.30 -1.61
N LYS A 111 8.19 23.99 -1.85
CA LYS A 111 7.77 23.03 -0.83
C LYS A 111 6.52 23.51 -0.12
N THR A 112 5.37 23.32 -0.75
CA THR A 112 4.12 23.90 -0.27
C THR A 112 3.62 23.15 0.97
N LYS A 113 4.22 22.01 1.25
CA LYS A 113 3.85 21.21 2.42
C LYS A 113 2.39 20.76 2.32
N MET A 114 2.11 19.89 1.36
CA MET A 114 0.75 19.46 1.10
C MET A 114 0.60 17.94 1.25
N SER A 115 -0.61 17.45 1.13
CA SER A 115 -0.88 16.03 1.27
C SER A 115 -1.33 15.41 -0.04
N ALA A 116 -1.46 14.09 -0.07
CA ALA A 116 -2.10 13.41 -1.19
C ALA A 116 -3.56 13.83 -1.32
N ALA A 117 -4.21 14.07 -0.19
CA ALA A 117 -5.60 14.54 -0.18
C ALA A 117 -5.70 15.94 -0.76
N GLN A 118 -4.72 16.78 -0.47
CA GLN A 118 -4.62 18.09 -1.07
C GLN A 118 -4.28 17.98 -2.55
N ALA A 119 -3.53 16.95 -2.91
CA ALA A 119 -3.22 16.66 -4.30
C ALA A 119 -4.49 16.43 -5.11
N LEU A 120 -5.51 15.87 -4.46
CA LEU A 120 -6.79 15.62 -5.11
C LEU A 120 -7.46 16.95 -5.52
N LYS A 121 -7.09 18.02 -4.83
CA LYS A 121 -7.74 19.31 -5.02
C LYS A 121 -7.62 19.76 -6.48
N LYS A 122 -6.70 19.16 -7.21
CA LYS A 122 -6.54 19.42 -8.64
C LYS A 122 -5.36 20.34 -8.90
N GLY A 123 -4.26 19.75 -9.35
CA GLY A 123 -3.05 20.52 -9.58
C GLY A 123 -1.79 19.75 -9.20
N TRP A 124 -1.97 18.56 -8.64
CA TRP A 124 -0.85 17.69 -8.31
C TRP A 124 -1.09 16.28 -8.82
N LEU A 125 -2.22 15.69 -8.43
CA LEU A 125 -2.50 14.29 -8.74
C LEU A 125 -3.99 14.08 -8.99
N TYR A 126 -4.31 13.15 -9.87
CA TYR A 126 -5.69 12.97 -10.33
C TYR A 126 -6.44 12.00 -9.43
N TYR A 127 -7.77 12.05 -9.51
CA TYR A 127 -8.61 11.41 -8.52
C TYR A 127 -8.30 9.92 -8.42
N GLU A 128 -8.12 9.27 -9.56
CA GLU A 128 -8.09 7.81 -9.62
C GLU A 128 -6.92 7.26 -8.81
N ALA A 129 -5.77 7.94 -8.89
CA ALA A 129 -4.56 7.47 -8.24
C ALA A 129 -4.56 7.84 -6.76
N GLY A 130 -4.82 9.10 -6.47
CA GLY A 130 -4.78 9.57 -5.10
C GLY A 130 -5.83 8.92 -4.23
N GLN A 131 -7.02 8.72 -4.78
CA GLN A 131 -8.11 8.08 -4.06
C GLN A 131 -7.73 6.66 -3.66
N ARG A 132 -7.03 5.96 -4.55
CA ARG A 132 -6.63 4.59 -4.30
C ARG A 132 -5.58 4.53 -3.19
N PHE A 133 -4.65 5.49 -3.21
CA PHE A 133 -3.52 5.48 -2.28
C PHE A 133 -3.98 5.77 -0.86
N LEU A 134 -4.95 6.68 -0.74
CA LEU A 134 -5.43 7.12 0.57
C LEU A 134 -6.23 6.01 1.25
N GLU A 135 -6.99 5.26 0.44
CA GLU A 135 -7.88 4.24 0.98
C GLU A 135 -7.09 3.11 1.63
N VAL A 136 -5.95 2.77 1.03
CA VAL A 136 -5.06 1.77 1.61
C VAL A 136 -4.50 2.24 2.94
N GLN A 137 -4.16 3.52 3.02
CA GLN A 137 -3.74 4.12 4.28
C GLN A 137 -4.89 4.15 5.28
N TYR A 138 -6.10 4.39 4.79
CA TYR A 138 -7.27 4.46 5.65
C TYR A 138 -7.55 3.10 6.30
N LEU A 139 -7.31 2.03 5.54
CA LEU A 139 -7.58 0.68 6.02
C LEU A 139 -6.75 0.37 7.26
N THR A 140 -5.57 0.97 7.34
CA THR A 140 -4.67 0.74 8.47
C THR A 140 -4.90 1.76 9.57
N GLY A 141 -5.01 3.03 9.19
CA GLY A 141 -5.25 4.08 10.16
C GLY A 141 -5.92 5.29 9.56
N GLY A 142 -5.13 6.29 9.18
CA GLY A 142 -5.68 7.50 8.61
C GLY A 142 -5.06 7.85 7.27
N LEU A 143 -4.88 9.14 7.02
CA LEU A 143 -4.25 9.60 5.79
C LEU A 143 -2.87 10.19 6.06
N ILE A 144 -1.87 9.68 5.34
CA ILE A 144 -0.49 10.06 5.60
C ILE A 144 -0.11 11.33 4.87
N GLU A 145 0.55 12.24 5.59
CA GLU A 145 0.96 13.52 5.01
C GLU A 145 2.46 13.74 5.19
N PRO A 146 3.15 14.13 4.11
CA PRO A 146 4.60 14.29 4.11
C PRO A 146 5.08 15.25 5.21
N ASP A 147 4.22 16.19 5.58
CA ASP A 147 4.56 17.19 6.58
C ASP A 147 4.65 16.55 7.96
N THR A 148 3.49 16.14 8.50
CA THR A 148 3.43 15.57 9.83
C THR A 148 4.42 14.42 9.98
N PRO A 149 4.98 14.28 11.19
CA PRO A 149 5.87 13.16 11.52
C PRO A 149 5.16 11.81 11.45
N GLY A 150 3.83 11.84 11.56
CA GLY A 150 3.07 10.61 11.58
C GLY A 150 2.01 10.58 10.50
N ARG A 151 0.75 10.41 10.92
CA ARG A 151 -0.37 10.40 9.98
C ARG A 151 -1.54 11.23 10.52
N VAL A 152 -2.37 11.73 9.62
CA VAL A 152 -3.48 12.59 10.00
C VAL A 152 -4.81 11.84 9.93
N PRO A 153 -5.55 11.82 11.05
CA PRO A 153 -6.90 11.26 11.10
C PRO A 153 -7.82 11.85 10.06
N LEU A 154 -8.76 11.05 9.57
CA LEU A 154 -9.77 11.52 8.62
C LEU A 154 -10.58 12.67 9.21
N ASP A 155 -10.91 12.56 10.49
CA ASP A 155 -11.63 13.61 11.19
C ASP A 155 -10.80 14.87 11.29
N GLU A 156 -9.50 14.71 11.52
CA GLU A 156 -8.57 15.84 11.53
C GLU A 156 -8.39 16.41 10.14
N ALA A 157 -8.42 15.55 9.13
CA ALA A 157 -8.34 15.98 7.74
C ALA A 157 -9.54 16.83 7.37
N LEU A 158 -10.70 16.49 7.91
CA LEU A 158 -11.93 17.21 7.59
C LEU A 158 -11.87 18.64 8.11
N GLN A 159 -11.44 18.79 9.36
CA GLN A 159 -11.37 20.11 9.99
C GLN A 159 -10.22 20.92 9.41
N ARG A 160 -9.22 20.23 8.88
CA ARG A 160 -8.11 20.89 8.20
C ARG A 160 -8.50 21.27 6.78
N GLY A 161 -9.52 20.61 6.25
CA GLY A 161 -10.06 20.97 4.95
C GLY A 161 -9.40 20.23 3.81
N THR A 162 -8.35 19.48 4.13
CA THR A 162 -7.60 18.73 3.12
C THR A 162 -8.48 17.70 2.45
N VAL A 163 -9.55 17.29 3.14
CA VAL A 163 -10.60 16.48 2.52
C VAL A 163 -11.95 17.15 2.69
N ASP A 164 -12.85 16.92 1.73
CA ASP A 164 -14.23 17.37 1.84
C ASP A 164 -15.10 16.32 2.52
N ALA A 165 -16.34 16.69 2.81
CA ALA A 165 -17.33 15.74 3.31
C ALA A 165 -17.58 14.62 2.30
N ARG A 166 -17.60 14.99 1.02
CA ARG A 166 -17.68 14.01 -0.06
C ARG A 166 -16.44 13.13 -0.08
N THR A 167 -15.29 13.73 0.20
CA THR A 167 -14.03 13.00 0.19
C THR A 167 -13.97 11.99 1.33
N ALA A 168 -14.47 12.39 2.49
CA ALA A 168 -14.35 11.58 3.70
C ALA A 168 -15.14 10.28 3.58
N GLN A 169 -16.35 10.39 3.03
CA GLN A 169 -17.20 9.21 2.84
C GLN A 169 -16.64 8.31 1.74
N LYS A 170 -15.92 8.92 0.79
CA LYS A 170 -15.21 8.16 -0.23
C LYS A 170 -14.05 7.37 0.40
N LEU A 171 -13.44 7.95 1.42
CA LEU A 171 -12.45 7.23 2.21
C LEU A 171 -13.10 6.13 3.05
N ARG A 172 -14.32 6.39 3.49
CA ARG A 172 -15.10 5.40 4.21
C ARG A 172 -15.62 4.32 3.27
N ASP A 173 -15.71 4.66 2.00
CA ASP A 173 -16.18 3.71 0.99
C ASP A 173 -15.01 3.01 0.30
N VAL A 174 -14.22 2.29 1.08
CA VAL A 174 -13.12 1.51 0.54
C VAL A 174 -13.63 0.38 -0.37
N GLY A 175 -14.88 0.00 -0.16
CA GLY A 175 -15.47 -1.06 -0.96
C GLY A 175 -15.65 -0.66 -2.41
N ALA A 176 -15.58 0.64 -2.69
CA ALA A 176 -15.64 1.13 -4.05
C ALA A 176 -14.40 0.72 -4.84
N TYR A 177 -13.32 0.42 -4.11
CA TYR A 177 -12.07 0.01 -4.75
C TYR A 177 -12.20 -1.36 -5.39
N SER A 178 -11.65 -1.49 -6.60
CA SER A 178 -11.78 -2.74 -7.35
C SER A 178 -11.10 -3.90 -6.63
N LYS A 179 -11.74 -5.06 -6.65
CA LYS A 179 -11.20 -6.25 -6.01
C LYS A 179 -10.08 -6.86 -6.84
N TYR A 180 -9.10 -7.47 -6.17
CA TYR A 180 -7.95 -8.04 -6.85
C TYR A 180 -7.45 -9.29 -6.13
N LEU A 181 -7.88 -9.45 -4.88
CA LEU A 181 -7.37 -10.52 -4.04
C LEU A 181 -8.39 -11.65 -3.93
N THR A 182 -7.94 -12.88 -4.17
CA THR A 182 -8.80 -14.05 -4.10
C THR A 182 -8.49 -14.89 -2.86
N CYS A 183 -9.52 -15.18 -2.08
CA CYS A 183 -9.38 -16.04 -0.91
C CYS A 183 -9.45 -17.50 -1.31
N PRO A 184 -8.48 -18.29 -0.82
CA PRO A 184 -8.38 -19.73 -1.14
C PRO A 184 -9.55 -20.52 -0.57
N LYS A 185 -10.43 -20.98 -1.45
CA LYS A 185 -11.57 -21.80 -1.05
C LYS A 185 -12.38 -22.24 -2.26
N THR A 186 -12.63 -21.30 -3.17
CA THR A 186 -13.46 -21.58 -4.34
C THR A 186 -13.51 -20.38 -5.27
N LYS A 187 -12.37 -19.74 -5.49
CA LYS A 187 -12.30 -18.56 -6.35
C LYS A 187 -13.13 -17.42 -5.76
N LEU A 188 -12.77 -16.98 -4.56
CA LEU A 188 -13.51 -15.92 -3.89
C LEU A 188 -12.86 -14.56 -4.11
N LYS A 189 -13.41 -13.80 -5.06
CA LYS A 189 -12.89 -12.48 -5.36
C LYS A 189 -13.37 -11.45 -4.34
N ILE A 190 -12.45 -10.94 -3.54
CA ILE A 190 -12.81 -10.14 -2.37
C ILE A 190 -12.03 -8.83 -2.34
N SER A 191 -12.51 -7.87 -1.55
CA SER A 191 -11.83 -6.59 -1.40
C SER A 191 -10.56 -6.75 -0.57
N TYR A 192 -9.73 -5.71 -0.55
CA TYR A 192 -8.53 -5.71 0.25
C TYR A 192 -8.87 -5.76 1.74
N LYS A 193 -9.89 -5.02 2.13
CA LYS A 193 -10.34 -5.00 3.51
C LYS A 193 -10.85 -6.37 3.95
N ASP A 194 -11.56 -7.04 3.05
CA ASP A 194 -11.99 -8.41 3.31
C ASP A 194 -10.80 -9.36 3.38
N ALA A 195 -9.82 -9.14 2.50
CA ALA A 195 -8.59 -9.92 2.52
C ALA A 195 -7.80 -9.68 3.80
N LEU A 196 -7.78 -8.43 4.24
CA LEU A 196 -7.05 -8.06 5.44
C LEU A 196 -7.69 -8.69 6.68
N ASP A 197 -9.01 -8.80 6.67
CA ASP A 197 -9.73 -9.49 7.74
C ASP A 197 -9.48 -10.99 7.69
N ARG A 198 -9.25 -11.51 6.48
CA ARG A 198 -9.10 -12.94 6.27
C ARG A 198 -7.62 -13.33 6.18
N SER A 199 -6.75 -12.33 6.27
CA SER A 199 -5.31 -12.57 6.20
C SER A 199 -4.79 -13.11 7.54
N MET A 200 -3.53 -13.55 7.53
CA MET A 200 -2.92 -14.09 8.74
C MET A 200 -1.90 -13.11 9.30
N VAL A 201 -2.13 -12.67 10.54
CA VAL A 201 -1.22 -11.74 11.20
C VAL A 201 -0.17 -12.50 12.00
N GLU A 202 1.11 -12.21 11.72
CA GLU A 202 2.21 -12.94 12.33
C GLU A 202 2.28 -12.65 13.84
N GLU A 203 1.79 -11.49 14.24
CA GLU A 203 1.89 -11.06 15.62
C GLU A 203 3.35 -10.84 16.03
N GLY A 204 4.07 -10.09 15.22
CA GLY A 204 5.47 -9.82 15.50
C GLY A 204 5.83 -8.36 15.34
N THR A 205 6.33 -7.99 14.17
CA THR A 205 6.75 -6.62 13.91
C THR A 205 6.10 -6.07 12.64
N GLY A 206 4.79 -5.84 12.71
CA GLY A 206 4.08 -5.28 11.58
C GLY A 206 4.07 -6.21 10.38
N LEU A 207 3.96 -7.51 10.64
CA LEU A 207 4.07 -8.52 9.58
C LEU A 207 2.72 -9.15 9.29
N ARG A 208 1.98 -8.55 8.35
CA ARG A 208 0.78 -9.18 7.81
C ARG A 208 1.13 -10.17 6.71
N LEU A 209 0.57 -11.37 6.78
CA LEU A 209 0.74 -12.36 5.73
C LEU A 209 -0.60 -12.66 5.05
N LEU A 210 -0.58 -12.69 3.72
CA LEU A 210 -1.78 -13.01 2.95
C LEU A 210 -1.88 -14.51 2.70
N GLU A 211 -3.01 -15.10 3.10
CA GLU A 211 -3.16 -16.55 3.06
C GLU A 211 -3.42 -17.02 1.63
N ALA A 212 -2.73 -18.10 1.24
CA ALA A 212 -3.00 -18.75 -0.03
C ALA A 212 -2.85 -20.27 0.09
N ALA A 213 -3.54 -21.00 -0.79
CA ALA A 213 -3.47 -22.45 -0.79
C ALA A 213 -3.47 -22.99 -2.22
N ALA A 214 -2.59 -22.46 -3.05
CA ALA A 214 -2.49 -22.90 -4.44
C ALA A 214 -3.80 -22.67 -5.19
N GLN A 215 -4.54 -21.66 -4.77
CA GLN A 215 -5.84 -21.36 -5.38
C GLN A 215 -5.67 -20.84 -6.80
N MET A 1 19.88 27.39 -9.40
CA MET A 1 20.37 26.68 -10.59
C MET A 1 20.78 27.67 -11.67
N GLY A 2 20.37 28.92 -11.52
CA GLY A 2 21.01 30.02 -12.22
C GLY A 2 20.69 30.01 -13.71
N HIS A 3 21.54 30.69 -14.49
CA HIS A 3 21.26 30.89 -15.91
C HIS A 3 21.68 29.68 -16.73
N HIS A 4 21.01 28.55 -16.51
CA HIS A 4 21.14 27.39 -17.39
C HIS A 4 20.02 26.39 -17.14
N HIS A 5 19.94 25.39 -18.00
CA HIS A 5 18.69 24.64 -18.19
C HIS A 5 18.95 23.14 -18.22
N HIS A 6 18.05 22.38 -17.60
CA HIS A 6 18.05 20.93 -17.76
C HIS A 6 16.64 20.37 -17.56
N HIS A 7 16.29 19.38 -18.37
CA HIS A 7 14.89 19.00 -18.55
C HIS A 7 14.76 17.52 -18.90
N HIS A 8 15.53 16.69 -18.20
CA HIS A 8 15.64 15.27 -18.56
C HIS A 8 15.82 14.42 -17.32
N SER A 9 14.81 13.58 -17.03
CA SER A 9 14.92 12.60 -15.96
C SER A 9 13.81 11.57 -16.06
N HIS A 10 14.04 10.39 -15.48
CA HIS A 10 13.10 9.28 -15.58
C HIS A 10 12.96 8.56 -14.24
N MET A 11 12.61 9.32 -13.20
CA MET A 11 12.20 8.72 -11.93
C MET A 11 11.73 9.79 -10.95
N GLN A 12 10.94 9.37 -9.96
CA GLN A 12 10.56 10.25 -8.86
C GLN A 12 10.85 9.61 -7.52
N LEU A 13 11.47 10.38 -6.62
CA LEU A 13 11.75 9.89 -5.27
C LEU A 13 11.67 11.03 -4.26
N ALA A 14 11.89 10.70 -2.99
CA ALA A 14 11.74 11.67 -1.92
C ALA A 14 13.10 12.17 -1.45
N SER A 15 13.78 11.36 -0.64
CA SER A 15 15.05 11.77 -0.04
C SER A 15 15.94 10.57 0.21
N TRP A 16 17.18 10.83 0.60
CA TRP A 16 18.19 9.77 0.70
C TRP A 16 18.37 9.33 2.16
N SER A 17 17.31 9.49 2.95
CA SER A 17 17.34 9.09 4.35
C SER A 17 17.15 7.58 4.48
N ASP A 18 17.31 7.08 5.71
CA ASP A 18 17.16 5.66 5.97
C ASP A 18 15.99 5.41 6.93
N PRO A 19 14.77 5.34 6.37
CA PRO A 19 13.56 5.05 7.15
C PRO A 19 13.52 3.59 7.63
N THR A 20 13.60 3.41 8.94
CA THR A 20 13.50 2.08 9.53
C THR A 20 12.38 2.01 10.56
N GLU A 21 11.25 1.42 10.16
CA GLU A 21 10.09 1.32 11.04
C GLU A 21 9.28 0.07 10.72
N GLU A 22 9.51 -1.00 11.50
CA GLU A 22 8.89 -2.28 11.21
C GLU A 22 7.37 -2.17 11.21
N THR A 23 6.80 -1.89 10.05
CA THR A 23 5.37 -1.68 9.92
C THR A 23 4.88 -2.04 8.51
N GLY A 24 3.57 -2.03 8.33
CA GLY A 24 3.00 -2.07 6.99
C GLY A 24 1.94 -3.14 6.85
N PRO A 25 1.18 -3.08 5.75
CA PRO A 25 0.19 -4.11 5.40
C PRO A 25 0.85 -5.42 4.99
N VAL A 26 0.06 -6.32 4.41
CA VAL A 26 0.55 -7.63 4.01
C VAL A 26 1.94 -7.53 3.40
N ALA A 27 2.92 -8.19 4.02
CA ALA A 27 4.30 -8.13 3.56
C ALA A 27 4.61 -9.29 2.64
N GLY A 28 3.92 -10.40 2.83
CA GLY A 28 4.21 -11.61 2.08
C GLY A 28 3.04 -12.56 2.00
N ILE A 29 3.26 -13.76 1.48
CA ILE A 29 2.19 -14.71 1.22
C ILE A 29 2.30 -15.92 2.14
N LEU A 30 1.15 -16.39 2.62
CA LEU A 30 1.10 -17.62 3.41
C LEU A 30 0.18 -18.64 2.75
N ASP A 31 0.72 -19.84 2.50
CA ASP A 31 -0.09 -20.95 2.01
C ASP A 31 -0.87 -21.60 3.14
N THR A 32 -2.19 -21.42 3.11
CA THR A 32 -3.04 -21.89 4.20
C THR A 32 -2.96 -23.40 4.34
N GLU A 33 -2.60 -24.08 3.25
CA GLU A 33 -2.58 -25.54 3.23
C GLU A 33 -1.57 -26.08 4.24
N THR A 34 -0.48 -25.35 4.42
CA THR A 34 0.60 -25.80 5.30
C THR A 34 1.10 -24.64 6.18
N LEU A 35 0.48 -23.48 6.02
CA LEU A 35 0.93 -22.28 6.71
C LEU A 35 2.42 -22.02 6.47
N GLU A 36 2.79 -21.89 5.19
CA GLU A 36 4.17 -21.59 4.83
C GLU A 36 4.32 -20.13 4.41
N LYS A 37 5.07 -19.37 5.19
CA LYS A 37 5.30 -17.95 4.89
C LYS A 37 6.40 -17.79 3.86
N VAL A 38 6.10 -17.05 2.79
CA VAL A 38 7.09 -16.72 1.79
C VAL A 38 7.03 -15.25 1.40
N SER A 39 8.12 -14.75 0.81
CA SER A 39 8.16 -13.37 0.35
C SER A 39 7.30 -13.19 -0.90
N ILE A 40 7.08 -11.94 -1.29
CA ILE A 40 6.33 -11.64 -2.49
C ILE A 40 7.01 -12.20 -3.73
N THR A 41 8.33 -12.06 -3.78
CA THR A 41 9.12 -12.62 -4.87
C THR A 41 9.09 -14.15 -4.85
N GLU A 42 9.21 -14.71 -3.66
CA GLU A 42 9.16 -16.17 -3.50
C GLU A 42 7.79 -16.71 -3.86
N ALA A 43 6.74 -15.95 -3.53
CA ALA A 43 5.37 -16.36 -3.83
C ALA A 43 5.15 -16.43 -5.33
N MET A 44 5.62 -15.42 -6.05
CA MET A 44 5.50 -15.39 -7.51
C MET A 44 6.33 -16.50 -8.15
N HIS A 45 7.44 -16.85 -7.49
CA HIS A 45 8.44 -17.73 -8.10
C HIS A 45 7.83 -19.09 -8.41
N ARG A 46 6.97 -19.58 -7.53
CA ARG A 46 6.23 -20.80 -7.78
C ARG A 46 5.55 -21.31 -6.50
N ASN A 47 4.94 -20.38 -5.77
CA ASN A 47 4.21 -20.73 -4.55
C ASN A 47 2.75 -21.00 -4.86
N LEU A 48 2.09 -20.04 -5.50
CA LEU A 48 0.72 -20.21 -5.96
C LEU A 48 0.21 -18.95 -6.65
N VAL A 49 0.78 -17.81 -6.27
CA VAL A 49 0.33 -16.52 -6.80
C VAL A 49 0.90 -16.27 -8.19
N ASP A 50 0.34 -15.30 -8.90
CA ASP A 50 0.82 -14.92 -10.21
C ASP A 50 1.48 -13.55 -10.18
N ASN A 51 1.97 -13.10 -11.33
CA ASN A 51 2.59 -11.79 -11.45
C ASN A 51 1.60 -10.69 -11.07
N ILE A 52 0.34 -10.89 -11.43
CA ILE A 52 -0.69 -9.88 -11.21
C ILE A 52 -0.92 -9.65 -9.72
N THR A 53 -0.99 -10.73 -8.96
CA THR A 53 -1.21 -10.66 -7.53
C THR A 53 -0.03 -9.99 -6.83
N GLY A 54 1.18 -10.37 -7.23
CA GLY A 54 2.37 -9.73 -6.69
C GLY A 54 2.44 -8.26 -7.01
N GLN A 55 2.04 -7.90 -8.22
CA GLN A 55 2.06 -6.50 -8.65
C GLN A 55 1.10 -5.66 -7.81
N ARG A 56 -0.08 -6.20 -7.55
CA ARG A 56 -1.10 -5.49 -6.77
C ARG A 56 -0.66 -5.33 -5.32
N LEU A 57 -0.02 -6.37 -4.79
CA LEU A 57 0.43 -6.36 -3.39
C LEU A 57 1.57 -5.38 -3.19
N LEU A 58 2.48 -5.32 -4.16
CA LEU A 58 3.57 -4.37 -4.13
C LEU A 58 3.06 -2.93 -4.26
N GLU A 59 2.04 -2.76 -5.10
CA GLU A 59 1.34 -1.48 -5.20
C GLU A 59 0.67 -1.13 -3.87
N ALA A 60 0.08 -2.13 -3.24
CA ALA A 60 -0.66 -1.92 -2.00
C ALA A 60 0.28 -1.48 -0.88
N GLN A 61 1.49 -2.03 -0.88
CA GLN A 61 2.54 -1.58 0.03
C GLN A 61 2.98 -0.15 -0.31
N ALA A 62 3.09 0.12 -1.60
CA ALA A 62 3.48 1.45 -2.07
C ALA A 62 2.45 2.50 -1.66
N CYS A 63 1.18 2.10 -1.64
CA CYS A 63 0.10 3.00 -1.24
C CYS A 63 0.31 3.47 0.20
N THR A 64 1.09 2.72 0.96
CA THR A 64 1.42 3.10 2.33
C THR A 64 2.82 3.70 2.40
N GLY A 65 3.25 4.32 1.30
CA GLY A 65 4.56 4.94 1.26
C GLY A 65 5.59 4.08 0.56
N GLY A 66 6.48 3.47 1.34
CA GLY A 66 7.53 2.64 0.76
C GLY A 66 7.11 1.19 0.64
N ILE A 67 7.90 0.41 -0.08
CA ILE A 67 7.64 -1.02 -0.23
C ILE A 67 8.07 -1.79 1.01
N ILE A 68 7.25 -2.75 1.42
CA ILE A 68 7.44 -3.44 2.70
C ILE A 68 8.15 -4.77 2.51
N ASP A 69 9.35 -4.87 3.07
CA ASP A 69 10.11 -6.12 3.01
C ASP A 69 9.63 -7.09 4.09
N PRO A 70 9.31 -8.32 3.68
CA PRO A 70 8.78 -9.35 4.58
C PRO A 70 9.83 -9.84 5.59
N SER A 71 11.05 -9.36 5.42
CA SER A 71 12.12 -9.66 6.38
C SER A 71 11.69 -9.33 7.80
N THR A 72 11.04 -8.18 7.97
CA THR A 72 10.55 -7.75 9.27
C THR A 72 9.74 -6.47 9.16
N GLY A 73 9.16 -6.24 7.99
CA GLY A 73 8.32 -5.07 7.79
C GLY A 73 9.11 -3.82 7.53
N GLU A 74 10.29 -3.98 6.92
CA GLU A 74 11.15 -2.85 6.61
C GLU A 74 10.58 -2.02 5.47
N ARG A 75 10.82 -0.71 5.52
CA ARG A 75 10.34 0.19 4.47
C ARG A 75 11.50 0.63 3.58
N PHE A 76 11.38 0.35 2.28
CA PHE A 76 12.35 0.81 1.31
C PHE A 76 11.66 1.37 0.07
N PRO A 77 12.31 2.33 -0.60
CA PRO A 77 11.86 2.86 -1.88
C PRO A 77 11.66 1.75 -2.91
N VAL A 78 10.77 1.98 -3.87
CA VAL A 78 10.44 0.98 -4.88
C VAL A 78 11.69 0.58 -5.66
N THR A 79 12.47 1.56 -6.08
CA THR A 79 13.65 1.32 -6.90
C THR A 79 14.71 0.55 -6.12
N ASP A 80 14.83 0.85 -4.83
CA ASP A 80 15.78 0.16 -3.96
C ASP A 80 15.35 -1.28 -3.72
N ALA A 81 14.04 -1.49 -3.62
CA ALA A 81 13.49 -2.83 -3.47
C ALA A 81 13.82 -3.69 -4.69
N VAL A 82 13.86 -3.06 -5.86
CA VAL A 82 14.26 -3.76 -7.08
C VAL A 82 15.70 -4.24 -7.00
N ASN A 83 16.56 -3.42 -6.40
CA ASN A 83 17.96 -3.77 -6.24
C ASN A 83 18.12 -4.94 -5.27
N LYS A 84 17.16 -5.08 -4.37
CA LYS A 84 17.19 -6.17 -3.40
C LYS A 84 16.61 -7.45 -4.00
N GLY A 85 15.84 -7.30 -5.07
CA GLY A 85 15.22 -8.45 -5.70
C GLY A 85 13.78 -8.64 -5.28
N LEU A 86 13.21 -7.62 -4.66
CA LEU A 86 11.84 -7.68 -4.17
C LEU A 86 10.85 -7.29 -5.26
N VAL A 87 11.13 -6.19 -5.94
CA VAL A 87 10.21 -5.63 -6.93
C VAL A 87 10.77 -5.78 -8.34
N ASP A 88 9.88 -6.05 -9.30
CA ASP A 88 10.28 -6.15 -10.70
C ASP A 88 10.59 -4.77 -11.28
N LYS A 89 11.57 -4.71 -12.16
CA LYS A 89 11.95 -3.46 -12.79
C LYS A 89 10.77 -2.84 -13.55
N ILE A 90 9.94 -3.71 -14.12
CA ILE A 90 8.85 -3.26 -14.98
C ILE A 90 7.74 -2.61 -14.16
N MET A 91 7.79 -2.78 -12.85
CA MET A 91 6.75 -2.28 -11.96
C MET A 91 7.16 -0.94 -11.36
N VAL A 92 8.38 -0.51 -11.63
CA VAL A 92 8.91 0.71 -11.03
C VAL A 92 8.13 1.94 -11.48
N ASP A 93 8.00 2.09 -12.79
CA ASP A 93 7.25 3.21 -13.36
C ASP A 93 5.77 3.11 -13.01
N ARG A 94 5.25 1.88 -13.00
CA ARG A 94 3.85 1.65 -12.69
C ARG A 94 3.54 2.04 -11.25
N ILE A 95 4.43 1.67 -10.33
CA ILE A 95 4.21 1.90 -8.92
C ILE A 95 4.64 3.31 -8.52
N ASN A 96 5.43 3.94 -9.38
CA ASN A 96 6.11 5.18 -9.02
C ASN A 96 5.10 6.29 -8.71
N LEU A 97 3.90 6.17 -9.29
CA LEU A 97 2.82 7.10 -9.00
C LEU A 97 2.46 7.06 -7.51
N ALA A 98 2.54 5.87 -6.92
CA ALA A 98 2.29 5.71 -5.49
C ALA A 98 3.37 6.41 -4.66
N GLN A 99 4.60 6.37 -5.16
CA GLN A 99 5.68 7.16 -4.57
C GLN A 99 5.43 8.65 -4.76
N LYS A 100 4.91 9.02 -5.92
CA LYS A 100 4.64 10.42 -6.23
C LYS A 100 3.47 10.94 -5.40
N ALA A 101 2.51 10.07 -5.12
CA ALA A 101 1.36 10.43 -4.31
C ALA A 101 1.76 10.78 -2.88
N PHE A 102 2.75 10.05 -2.37
CA PHE A 102 3.33 10.35 -1.06
C PHE A 102 4.18 11.60 -1.11
N CYS A 103 5.09 11.65 -2.09
CA CYS A 103 6.01 12.77 -2.22
C CYS A 103 6.86 12.64 -3.48
N GLY A 104 6.30 13.03 -4.62
CA GLY A 104 7.05 13.07 -5.86
C GLY A 104 6.75 14.29 -6.69
N PHE A 105 5.48 14.46 -7.05
CA PHE A 105 5.04 15.66 -7.73
C PHE A 105 5.44 16.92 -6.96
N GLU A 106 6.17 17.81 -7.63
CA GLU A 106 6.66 19.03 -7.00
C GLU A 106 7.11 20.04 -8.05
N ASP A 107 6.90 21.32 -7.75
CA ASP A 107 7.39 22.39 -8.60
C ASP A 107 8.46 23.21 -7.89
N PRO A 108 9.52 23.56 -8.64
CA PRO A 108 10.62 24.37 -8.11
C PRO A 108 10.25 25.83 -7.92
N ARG A 109 9.58 26.13 -6.81
CA ARG A 109 8.94 27.42 -6.63
C ARG A 109 8.16 27.47 -5.31
N THR A 110 7.59 26.34 -4.93
CA THR A 110 6.83 26.25 -3.70
C THR A 110 7.35 25.13 -2.81
N LYS A 111 7.85 24.07 -3.43
CA LYS A 111 8.59 23.03 -2.72
C LYS A 111 7.88 22.66 -1.42
N THR A 112 6.64 22.19 -1.54
CA THR A 112 5.74 22.11 -0.40
C THR A 112 5.56 20.67 0.07
N LYS A 113 5.70 19.73 -0.86
CA LYS A 113 5.60 18.31 -0.54
C LYS A 113 4.26 18.00 0.11
N MET A 114 3.18 18.43 -0.53
CA MET A 114 1.84 18.18 -0.03
C MET A 114 1.55 16.68 0.03
N SER A 115 0.54 16.29 0.81
CA SER A 115 0.12 14.90 0.89
C SER A 115 -0.72 14.52 -0.34
N ALA A 116 -1.05 13.23 -0.43
CA ALA A 116 -1.96 12.76 -1.48
C ALA A 116 -3.34 13.40 -1.34
N ALA A 117 -3.81 13.49 -0.10
CA ALA A 117 -5.11 14.11 0.17
C ALA A 117 -5.09 15.60 -0.14
N GLN A 118 -3.98 16.25 0.22
CA GLN A 118 -3.79 17.65 -0.13
C GLN A 118 -3.57 17.82 -1.63
N ALA A 119 -2.96 16.81 -2.24
CA ALA A 119 -2.70 16.83 -3.69
C ALA A 119 -4.01 16.95 -4.46
N LEU A 120 -5.05 16.30 -3.97
CA LEU A 120 -6.36 16.35 -4.62
C LEU A 120 -6.95 17.75 -4.55
N LYS A 121 -6.80 18.40 -3.40
CA LYS A 121 -7.40 19.72 -3.18
C LYS A 121 -6.60 20.80 -3.89
N LYS A 122 -5.30 20.56 -4.07
CA LYS A 122 -4.40 21.57 -4.60
C LYS A 122 -4.17 21.36 -6.09
N GLY A 123 -4.49 20.17 -6.58
CA GLY A 123 -4.49 19.93 -8.01
C GLY A 123 -3.16 19.40 -8.52
N TRP A 124 -2.54 18.53 -7.72
CA TRP A 124 -1.29 17.89 -8.14
C TRP A 124 -1.57 16.52 -8.74
N LEU A 125 -1.92 15.56 -7.88
CA LEU A 125 -2.43 14.27 -8.34
C LEU A 125 -3.83 14.42 -8.94
N TYR A 126 -4.29 13.37 -9.60
CA TYR A 126 -5.63 13.36 -10.20
C TYR A 126 -6.56 12.41 -9.45
N TYR A 127 -7.86 12.60 -9.65
CA TYR A 127 -8.86 12.02 -8.75
C TYR A 127 -8.71 10.50 -8.69
N GLU A 128 -8.57 9.88 -9.86
CA GLU A 128 -8.60 8.43 -9.96
C GLU A 128 -7.45 7.79 -9.17
N ALA A 129 -6.30 8.45 -9.19
CA ALA A 129 -5.13 7.96 -8.49
C ALA A 129 -5.24 8.22 -6.99
N GLY A 130 -5.63 9.44 -6.63
CA GLY A 130 -5.62 9.84 -5.24
C GLY A 130 -6.55 8.99 -4.38
N GLN A 131 -7.73 8.70 -4.91
CA GLN A 131 -8.73 7.93 -4.17
C GLN A 131 -8.23 6.51 -3.90
N ARG A 132 -7.54 5.93 -4.88
CA ARG A 132 -7.05 4.56 -4.77
C ARG A 132 -5.99 4.45 -3.68
N PHE A 133 -5.11 5.45 -3.61
CA PHE A 133 -4.01 5.43 -2.64
C PHE A 133 -4.51 5.76 -1.24
N LEU A 134 -5.45 6.69 -1.16
CA LEU A 134 -5.94 7.18 0.12
C LEU A 134 -6.80 6.13 0.82
N GLU A 135 -7.59 5.41 0.03
CA GLU A 135 -8.51 4.41 0.57
C GLU A 135 -7.73 3.27 1.22
N VAL A 136 -6.63 2.87 0.60
CA VAL A 136 -5.76 1.84 1.16
C VAL A 136 -5.11 2.32 2.46
N GLN A 137 -4.72 3.59 2.49
CA GLN A 137 -4.18 4.19 3.70
C GLN A 137 -5.23 4.26 4.79
N TYR A 138 -6.47 4.56 4.39
CA TYR A 138 -7.57 4.66 5.35
C TYR A 138 -7.86 3.30 5.98
N LEU A 139 -7.79 2.25 5.17
CA LEU A 139 -8.10 0.91 5.64
C LEU A 139 -7.10 0.46 6.69
N THR A 140 -5.87 0.96 6.59
CA THR A 140 -4.81 0.60 7.53
C THR A 140 -4.82 1.55 8.73
N GLY A 141 -5.26 2.78 8.51
CA GLY A 141 -5.55 3.67 9.62
C GLY A 141 -6.00 5.04 9.15
N GLY A 142 -5.05 5.84 8.68
CA GLY A 142 -5.35 7.21 8.29
C GLY A 142 -4.66 7.61 7.01
N LEU A 143 -4.67 8.91 6.72
CA LEU A 143 -4.09 9.41 5.48
C LEU A 143 -2.65 9.89 5.71
N ILE A 144 -1.73 9.37 4.89
CA ILE A 144 -0.30 9.56 5.15
C ILE A 144 0.19 10.90 4.61
N GLU A 145 0.97 11.60 5.42
CA GLU A 145 1.48 12.91 5.03
C GLU A 145 3.00 12.98 5.27
N PRO A 146 3.74 13.35 4.23
CA PRO A 146 5.21 13.41 4.28
C PRO A 146 5.72 14.48 5.23
N ASP A 147 4.91 15.53 5.41
CA ASP A 147 5.27 16.62 6.32
C ASP A 147 5.20 16.16 7.77
N THR A 148 4.24 15.29 8.06
CA THR A 148 4.09 14.75 9.41
C THR A 148 4.99 13.54 9.62
N PRO A 149 5.26 13.22 10.90
CA PRO A 149 6.03 12.03 11.27
C PRO A 149 5.38 10.73 10.79
N GLY A 150 4.09 10.80 10.52
CA GLY A 150 3.35 9.61 10.11
C GLY A 150 2.11 9.95 9.31
N ARG A 151 0.95 9.63 9.86
CA ARG A 151 -0.30 9.74 9.13
C ARG A 151 -1.38 10.40 9.99
N VAL A 152 -2.31 11.09 9.34
CA VAL A 152 -3.39 11.77 10.04
C VAL A 152 -4.73 11.10 9.79
N PRO A 153 -5.45 10.78 10.87
CA PRO A 153 -6.80 10.23 10.79
C PRO A 153 -7.72 11.08 9.93
N LEU A 154 -8.65 10.42 9.22
CA LEU A 154 -9.56 11.11 8.32
C LEU A 154 -10.35 12.19 9.07
N ASP A 155 -10.83 11.84 10.25
CA ASP A 155 -11.60 12.78 11.08
C ASP A 155 -10.73 13.97 11.49
N GLU A 156 -9.47 13.69 11.80
CA GLU A 156 -8.52 14.75 12.13
C GLU A 156 -8.15 15.54 10.89
N ALA A 157 -8.10 14.86 9.74
CA ALA A 157 -7.83 15.51 8.47
C ALA A 157 -8.88 16.56 8.15
N LEU A 158 -10.12 16.27 8.52
CA LEU A 158 -11.24 17.17 8.25
C LEU A 158 -11.06 18.49 8.99
N GLN A 159 -10.73 18.40 10.27
CA GLN A 159 -10.54 19.58 11.10
C GLN A 159 -9.23 20.29 10.75
N ARG A 160 -8.28 19.54 10.22
CA ARG A 160 -7.03 20.11 9.73
C ARG A 160 -7.24 20.75 8.36
N GLY A 161 -8.34 20.42 7.70
CA GLY A 161 -8.70 21.08 6.47
C GLY A 161 -7.98 20.52 5.26
N THR A 162 -7.53 19.27 5.39
CA THR A 162 -6.89 18.58 4.27
C THR A 162 -7.94 18.02 3.31
N VAL A 163 -9.12 17.71 3.84
CA VAL A 163 -10.15 17.00 3.08
C VAL A 163 -11.52 17.63 3.29
N ASP A 164 -12.40 17.45 2.31
CA ASP A 164 -13.77 17.93 2.43
C ASP A 164 -14.70 16.82 2.92
N ALA A 165 -15.90 17.20 3.33
CA ALA A 165 -16.91 16.23 3.76
C ALA A 165 -17.25 15.25 2.63
N ARG A 166 -17.32 15.78 1.41
CA ARG A 166 -17.54 14.94 0.24
C ARG A 166 -16.38 13.98 0.03
N THR A 167 -15.17 14.45 0.29
CA THR A 167 -13.98 13.61 0.19
C THR A 167 -13.96 12.58 1.31
N ALA A 168 -14.37 12.99 2.51
CA ALA A 168 -14.26 12.14 3.69
C ALA A 168 -15.14 10.91 3.56
N GLN A 169 -16.36 11.09 3.07
CA GLN A 169 -17.29 9.98 2.87
C GLN A 169 -16.80 9.07 1.76
N LYS A 170 -16.12 9.64 0.78
CA LYS A 170 -15.50 8.86 -0.28
C LYS A 170 -14.38 7.97 0.26
N LEU A 171 -13.67 8.49 1.25
CA LEU A 171 -12.69 7.68 1.98
C LEU A 171 -13.38 6.65 2.87
N ARG A 172 -14.55 7.01 3.38
CA ARG A 172 -15.36 6.10 4.18
C ARG A 172 -16.01 5.04 3.28
N ASP A 173 -16.13 5.36 1.99
CA ASP A 173 -16.66 4.40 1.02
C ASP A 173 -15.54 3.53 0.45
N VAL A 174 -14.88 2.77 1.32
CA VAL A 174 -13.80 1.90 0.90
C VAL A 174 -14.32 0.78 0.01
N GLY A 175 -15.61 0.52 0.08
CA GLY A 175 -16.21 -0.53 -0.71
C GLY A 175 -16.15 -0.25 -2.19
N ALA A 176 -15.88 1.00 -2.55
CA ALA A 176 -15.70 1.39 -3.94
C ALA A 176 -14.36 0.93 -4.47
N TYR A 177 -13.46 0.54 -3.56
CA TYR A 177 -12.13 0.08 -3.94
C TYR A 177 -12.20 -1.30 -4.58
N SER A 178 -11.43 -1.49 -5.65
CA SER A 178 -11.54 -2.70 -6.46
C SER A 178 -11.12 -3.94 -5.66
N LYS A 179 -11.86 -5.02 -5.86
CA LYS A 179 -11.41 -6.34 -5.40
C LYS A 179 -10.36 -6.91 -6.35
N TYR A 180 -9.55 -7.83 -5.83
CA TYR A 180 -8.57 -8.53 -6.66
C TYR A 180 -7.84 -9.59 -5.85
N LEU A 181 -7.80 -9.40 -4.53
CA LEU A 181 -7.08 -10.31 -3.64
C LEU A 181 -7.86 -11.63 -3.48
N THR A 182 -7.15 -12.74 -3.57
CA THR A 182 -7.77 -14.05 -3.55
C THR A 182 -7.64 -14.70 -2.17
N CYS A 183 -8.75 -15.17 -1.62
CA CYS A 183 -8.73 -15.94 -0.39
C CYS A 183 -9.65 -17.15 -0.50
N PRO A 184 -9.19 -18.30 0.01
CA PRO A 184 -9.95 -19.56 -0.03
C PRO A 184 -11.25 -19.47 0.75
N LYS A 185 -12.36 -19.63 0.05
CA LYS A 185 -13.68 -19.56 0.68
C LYS A 185 -14.76 -20.14 -0.23
N THR A 186 -15.12 -19.37 -1.26
CA THR A 186 -16.11 -19.82 -2.22
C THR A 186 -16.27 -18.82 -3.36
N LYS A 187 -15.93 -17.56 -3.09
CA LYS A 187 -15.92 -16.53 -4.12
C LYS A 187 -14.49 -16.14 -4.50
N LEU A 188 -13.56 -16.41 -3.58
CA LEU A 188 -12.13 -16.21 -3.88
C LEU A 188 -11.79 -14.71 -3.92
N LYS A 189 -12.40 -14.01 -4.87
CA LYS A 189 -12.09 -12.61 -5.10
C LYS A 189 -12.73 -11.73 -4.04
N ILE A 190 -11.90 -11.11 -3.20
CA ILE A 190 -12.40 -10.33 -2.07
C ILE A 190 -11.75 -8.95 -2.04
N SER A 191 -12.33 -8.05 -1.25
CA SER A 191 -11.81 -6.69 -1.14
C SER A 191 -10.52 -6.66 -0.33
N TYR A 192 -9.84 -5.52 -0.36
CA TYR A 192 -8.65 -5.31 0.46
C TYR A 192 -8.99 -5.38 1.94
N LYS A 193 -10.15 -4.83 2.30
CA LYS A 193 -10.60 -4.84 3.68
C LYS A 193 -10.89 -6.27 4.15
N ASP A 194 -11.49 -7.05 3.27
CA ASP A 194 -11.76 -8.46 3.57
C ASP A 194 -10.46 -9.25 3.70
N ALA A 195 -9.48 -8.92 2.85
CA ALA A 195 -8.17 -9.54 2.93
C ALA A 195 -7.46 -9.17 4.23
N LEU A 196 -7.67 -7.94 4.67
CA LEU A 196 -7.08 -7.47 5.93
C LEU A 196 -7.69 -8.22 7.11
N ASP A 197 -8.97 -8.51 7.03
CA ASP A 197 -9.65 -9.28 8.06
C ASP A 197 -9.18 -10.73 8.05
N ARG A 198 -8.81 -11.22 6.87
CA ARG A 198 -8.48 -12.63 6.69
C ARG A 198 -6.97 -12.84 6.68
N SER A 199 -6.23 -11.76 6.85
CA SER A 199 -4.78 -11.83 6.89
C SER A 199 -4.30 -12.50 8.17
N MET A 200 -3.08 -13.04 8.13
CA MET A 200 -2.49 -13.68 9.30
C MET A 200 -1.18 -13.00 9.69
N VAL A 201 -1.10 -12.58 10.95
CA VAL A 201 0.11 -11.95 11.46
C VAL A 201 1.08 -12.98 12.01
N GLU A 202 2.34 -12.88 11.61
CA GLU A 202 3.37 -13.82 12.06
C GLU A 202 3.33 -13.99 13.57
N GLU A 203 3.62 -12.91 14.28
CA GLU A 203 3.53 -12.91 15.74
C GLU A 203 3.37 -11.48 16.28
N GLY A 204 4.32 -10.62 15.94
CA GLY A 204 4.24 -9.23 16.32
C GLY A 204 5.43 -8.42 15.85
N THR A 205 5.69 -8.46 14.55
CA THR A 205 6.82 -7.75 13.97
C THR A 205 6.39 -6.91 12.77
N GLY A 206 5.08 -6.73 12.61
CA GLY A 206 4.56 -5.99 11.48
C GLY A 206 4.54 -6.81 10.21
N LEU A 207 4.49 -8.13 10.36
CA LEU A 207 4.49 -9.03 9.21
C LEU A 207 3.10 -9.63 8.99
N ARG A 208 2.30 -8.97 8.17
CA ARG A 208 1.02 -9.53 7.74
C ARG A 208 1.21 -10.48 6.56
N LEU A 209 0.56 -11.64 6.64
CA LEU A 209 0.61 -12.61 5.55
C LEU A 209 -0.77 -12.78 4.92
N LEU A 210 -0.80 -12.85 3.59
CA LEU A 210 -2.05 -13.07 2.86
C LEU A 210 -2.32 -14.56 2.71
N GLU A 211 -3.48 -15.01 3.19
CA GLU A 211 -3.84 -16.41 3.14
C GLU A 211 -4.28 -16.83 1.74
N ALA A 212 -3.68 -17.89 1.22
CA ALA A 212 -4.12 -18.48 -0.03
C ALA A 212 -3.94 -19.99 -0.02
N ALA A 213 -4.75 -20.69 -0.81
CA ALA A 213 -4.70 -22.15 -0.87
C ALA A 213 -4.77 -22.64 -2.31
N ALA A 214 -3.87 -22.14 -3.15
CA ALA A 214 -3.83 -22.52 -4.55
C ALA A 214 -5.20 -22.36 -5.20
N GLN A 215 -5.84 -21.22 -4.96
CA GLN A 215 -7.18 -20.97 -5.46
C GLN A 215 -7.14 -20.21 -6.78
N MET A 1 -5.47 -1.76 -12.75
CA MET A 1 -4.57 -1.06 -11.84
C MET A 1 -4.44 0.41 -12.21
N GLY A 2 -3.54 0.71 -13.14
CA GLY A 2 -3.14 2.08 -13.37
C GLY A 2 -1.68 2.32 -13.04
N HIS A 3 -1.14 3.42 -13.53
CA HIS A 3 0.28 3.73 -13.36
C HIS A 3 0.51 5.23 -13.28
N HIS A 4 -0.13 5.97 -14.19
CA HIS A 4 0.08 7.41 -14.29
C HIS A 4 -0.79 8.01 -15.39
N HIS A 5 -1.49 9.09 -15.07
CA HIS A 5 -2.23 9.84 -16.07
C HIS A 5 -2.30 11.33 -15.70
N HIS A 6 -1.14 11.97 -15.67
CA HIS A 6 -1.04 13.33 -15.15
C HIS A 6 0.20 14.03 -15.71
N HIS A 7 0.22 15.35 -15.62
CA HIS A 7 1.41 16.13 -15.96
C HIS A 7 1.91 16.92 -14.75
N HIS A 8 3.04 16.49 -14.21
CA HIS A 8 3.56 17.07 -12.97
C HIS A 8 4.47 18.25 -13.26
N SER A 9 4.90 18.95 -12.21
CA SER A 9 5.77 20.10 -12.36
C SER A 9 6.55 20.36 -11.06
N HIS A 10 7.50 21.29 -11.13
CA HIS A 10 8.30 21.65 -9.96
C HIS A 10 7.50 22.53 -9.01
N MET A 11 7.62 22.26 -7.72
CA MET A 11 6.77 22.90 -6.72
C MET A 11 7.63 23.58 -5.65
N GLN A 12 7.01 23.89 -4.51
CA GLN A 12 7.62 24.75 -3.50
C GLN A 12 8.58 23.96 -2.62
N LEU A 13 9.05 24.60 -1.55
CA LEU A 13 10.11 24.02 -0.72
C LEU A 13 9.51 23.29 0.47
N ALA A 14 10.36 22.55 1.18
CA ALA A 14 9.93 21.84 2.39
C ALA A 14 9.79 22.80 3.56
N SER A 15 8.57 22.91 4.09
CA SER A 15 8.34 23.63 5.33
C SER A 15 7.93 22.68 6.45
N TRP A 16 8.23 21.39 6.26
CA TRP A 16 7.86 20.38 7.24
C TRP A 16 8.80 19.17 7.14
N SER A 17 8.91 18.43 8.24
CA SER A 17 9.77 17.25 8.27
C SER A 17 9.31 16.28 9.36
N ASP A 18 9.00 15.05 8.96
CA ASP A 18 8.58 14.03 9.89
C ASP A 18 8.86 12.63 9.34
N PRO A 19 9.97 12.03 9.80
CA PRO A 19 10.43 10.73 9.31
C PRO A 19 9.67 9.57 9.93
N THR A 20 10.08 8.35 9.59
CA THR A 20 9.55 7.16 10.25
C THR A 20 8.20 6.75 9.65
N GLU A 21 7.12 7.14 10.32
CA GLU A 21 5.77 6.78 9.89
C GLU A 21 5.71 5.30 9.49
N GLU A 22 6.05 4.43 10.43
CA GLU A 22 6.09 3.00 10.16
C GLU A 22 4.69 2.38 10.30
N THR A 23 3.96 2.36 9.19
CA THR A 23 2.60 1.81 9.19
C THR A 23 2.46 0.71 8.15
N GLY A 24 3.50 -0.11 8.02
CA GLY A 24 3.55 -1.07 6.93
C GLY A 24 2.49 -2.14 7.06
N PRO A 25 1.94 -2.58 5.92
CA PRO A 25 0.94 -3.66 5.88
C PRO A 25 1.57 -5.04 5.86
N VAL A 26 0.87 -6.00 5.28
CA VAL A 26 1.44 -7.31 4.99
C VAL A 26 2.77 -7.17 4.27
N ALA A 27 3.74 -7.98 4.68
CA ALA A 27 5.09 -7.91 4.12
C ALA A 27 5.25 -8.89 2.96
N GLY A 28 4.62 -10.07 3.10
CA GLY A 28 4.82 -11.12 2.13
C GLY A 28 3.65 -12.08 2.07
N ILE A 29 3.82 -13.17 1.33
CA ILE A 29 2.71 -14.08 1.03
C ILE A 29 2.90 -15.42 1.73
N LEU A 30 1.79 -15.96 2.24
CA LEU A 30 1.80 -17.31 2.82
C LEU A 30 0.74 -18.18 2.18
N ASP A 31 1.15 -19.34 1.66
CA ASP A 31 0.22 -20.32 1.13
C ASP A 31 -0.34 -21.19 2.24
N THR A 32 -1.66 -21.12 2.43
CA THR A 32 -2.30 -21.80 3.55
C THR A 32 -2.44 -23.29 3.29
N GLU A 33 -2.17 -23.69 2.05
CA GLU A 33 -2.16 -25.11 1.70
C GLU A 33 -0.90 -25.80 2.23
N THR A 34 0.13 -25.01 2.47
CA THR A 34 1.41 -25.55 2.93
C THR A 34 1.97 -24.73 4.09
N LEU A 35 1.30 -23.62 4.40
CA LEU A 35 1.80 -22.68 5.39
C LEU A 35 3.27 -22.36 5.14
N GLU A 36 3.58 -21.94 3.92
CA GLU A 36 4.95 -21.59 3.55
C GLU A 36 5.09 -20.09 3.32
N LYS A 37 6.04 -19.48 4.00
CA LYS A 37 6.34 -18.06 3.79
C LYS A 37 7.17 -17.85 2.53
N VAL A 38 6.65 -17.02 1.63
CA VAL A 38 7.37 -16.69 0.40
C VAL A 38 7.36 -15.18 0.15
N SER A 39 8.31 -14.73 -0.67
CA SER A 39 8.36 -13.31 -1.05
C SER A 39 7.28 -12.99 -2.08
N ILE A 40 7.12 -11.70 -2.37
CA ILE A 40 6.16 -11.25 -3.38
C ILE A 40 6.50 -11.82 -4.74
N THR A 41 7.79 -11.80 -5.08
CA THR A 41 8.26 -12.35 -6.34
C THR A 41 8.07 -13.87 -6.38
N GLU A 42 8.39 -14.54 -5.27
CA GLU A 42 8.29 -15.98 -5.20
C GLU A 42 6.84 -16.44 -5.30
N ALA A 43 5.95 -15.67 -4.71
CA ALA A 43 4.51 -15.95 -4.80
C ALA A 43 4.03 -15.81 -6.24
N MET A 44 4.49 -14.75 -6.92
CA MET A 44 4.13 -14.54 -8.32
C MET A 44 4.77 -15.59 -9.21
N HIS A 45 5.94 -16.08 -8.81
CA HIS A 45 6.76 -16.92 -9.67
C HIS A 45 6.03 -18.21 -10.00
N ARG A 46 5.30 -18.75 -9.03
CA ARG A 46 4.48 -19.94 -9.24
C ARG A 46 3.94 -20.46 -7.92
N ASN A 47 3.25 -19.60 -7.19
CA ASN A 47 2.55 -20.00 -5.97
C ASN A 47 1.05 -20.08 -6.21
N LEU A 48 0.41 -18.92 -6.31
CA LEU A 48 -1.05 -18.85 -6.48
C LEU A 48 -1.48 -17.46 -6.90
N VAL A 49 -0.64 -16.46 -6.61
CA VAL A 49 -0.97 -15.07 -6.91
C VAL A 49 -0.61 -14.73 -8.35
N ASP A 50 -1.35 -13.79 -8.93
CA ASP A 50 -1.02 -13.25 -10.25
C ASP A 50 -0.21 -11.96 -10.11
N ASN A 51 0.16 -11.39 -11.26
CA ASN A 51 0.87 -10.12 -11.27
C ASN A 51 0.06 -9.02 -10.59
N ILE A 52 -1.25 -9.02 -10.83
CA ILE A 52 -2.10 -7.93 -10.40
C ILE A 52 -2.19 -7.86 -8.88
N THR A 53 -2.26 -9.03 -8.25
CA THR A 53 -2.27 -9.11 -6.79
C THR A 53 -0.94 -8.62 -6.21
N GLY A 54 0.16 -9.02 -6.84
CA GLY A 54 1.46 -8.57 -6.41
C GLY A 54 1.64 -7.07 -6.54
N GLN A 55 1.13 -6.51 -7.63
CA GLN A 55 1.26 -5.09 -7.88
C GLN A 55 0.50 -4.28 -6.82
N ARG A 56 -0.71 -4.71 -6.51
CA ARG A 56 -1.55 -4.01 -5.55
C ARG A 56 -0.94 -4.07 -4.15
N LEU A 57 -0.41 -5.23 -3.80
CA LEU A 57 0.21 -5.42 -2.49
C LEU A 57 1.48 -4.58 -2.37
N LEU A 58 2.25 -4.52 -3.45
CA LEU A 58 3.47 -3.72 -3.47
C LEU A 58 3.15 -2.23 -3.38
N GLU A 59 2.09 -1.82 -4.06
CA GLU A 59 1.60 -0.44 -3.96
C GLU A 59 1.14 -0.13 -2.54
N ALA A 60 0.53 -1.12 -1.89
CA ALA A 60 0.07 -0.96 -0.52
C ALA A 60 1.25 -0.75 0.43
N GLN A 61 2.34 -1.46 0.18
CA GLN A 61 3.59 -1.24 0.90
C GLN A 61 4.21 0.09 0.55
N ALA A 62 4.10 0.47 -0.73
CA ALA A 62 4.62 1.75 -1.19
C ALA A 62 3.89 2.91 -0.54
N CYS A 63 2.60 2.72 -0.27
CA CYS A 63 1.79 3.75 0.37
C CYS A 63 1.95 3.70 1.88
N THR A 64 2.95 2.95 2.35
CA THR A 64 3.35 3.00 3.75
C THR A 64 4.85 3.20 3.88
N GLY A 65 5.44 3.91 2.92
CA GLY A 65 6.88 4.05 2.88
C GLY A 65 7.49 3.35 1.68
N GLY A 66 8.65 2.74 1.88
CA GLY A 66 9.27 1.95 0.83
C GLY A 66 8.66 0.56 0.72
N ILE A 67 9.02 -0.15 -0.35
CA ILE A 67 8.62 -1.54 -0.50
C ILE A 67 9.22 -2.42 0.58
N ILE A 68 8.38 -3.23 1.23
CA ILE A 68 8.76 -3.91 2.46
C ILE A 68 9.27 -5.31 2.17
N ASP A 69 10.50 -5.59 2.57
CA ASP A 69 11.09 -6.92 2.42
C ASP A 69 10.71 -7.81 3.60
N PRO A 70 10.02 -8.92 3.30
CA PRO A 70 9.67 -9.93 4.31
C PRO A 70 10.91 -10.56 4.95
N SER A 71 11.18 -10.20 6.19
CA SER A 71 12.45 -10.54 6.83
C SER A 71 12.56 -9.90 8.21
N THR A 72 12.25 -8.60 8.27
CA THR A 72 12.19 -7.89 9.54
C THR A 72 11.66 -6.48 9.36
N GLY A 73 10.89 -6.27 8.30
CA GLY A 73 10.14 -5.04 8.14
C GLY A 73 10.96 -3.93 7.52
N GLU A 74 12.03 -4.31 6.83
CA GLU A 74 12.89 -3.34 6.15
C GLU A 74 12.18 -2.75 4.94
N ARG A 75 12.35 -1.45 4.74
CA ARG A 75 11.73 -0.75 3.62
C ARG A 75 12.78 -0.30 2.61
N PHE A 76 12.48 -0.48 1.33
CA PHE A 76 13.35 0.00 0.26
C PHE A 76 12.54 0.75 -0.80
N PRO A 77 13.10 1.85 -1.30
CA PRO A 77 12.54 2.57 -2.44
C PRO A 77 12.24 1.66 -3.62
N VAL A 78 11.19 1.98 -4.37
CA VAL A 78 10.69 1.09 -5.41
C VAL A 78 11.79 0.73 -6.41
N THR A 79 12.57 1.74 -6.80
CA THR A 79 13.68 1.53 -7.73
C THR A 79 14.77 0.68 -7.08
N ASP A 80 15.01 0.90 -5.79
CA ASP A 80 15.98 0.11 -5.05
C ASP A 80 15.47 -1.32 -4.84
N ALA A 81 14.15 -1.44 -4.68
CA ALA A 81 13.54 -2.72 -4.35
C ALA A 81 13.81 -3.75 -5.44
N VAL A 82 13.89 -3.29 -6.69
CA VAL A 82 14.31 -4.15 -7.79
C VAL A 82 15.75 -4.60 -7.63
N ASN A 83 16.59 -3.69 -7.14
CA ASN A 83 18.00 -4.00 -6.96
C ASN A 83 18.22 -4.90 -5.75
N LYS A 84 17.31 -4.83 -4.79
CA LYS A 84 17.48 -5.51 -3.51
C LYS A 84 16.14 -5.79 -2.85
N GLY A 85 15.25 -6.47 -3.59
CA GLY A 85 13.93 -6.75 -3.07
C GLY A 85 13.17 -7.73 -3.95
N LEU A 86 11.86 -7.52 -4.09
CA LEU A 86 11.00 -8.47 -4.77
C LEU A 86 10.09 -7.77 -5.77
N VAL A 87 10.55 -6.62 -6.26
CA VAL A 87 9.78 -5.86 -7.24
C VAL A 87 10.30 -6.10 -8.66
N ASP A 88 9.37 -6.22 -9.60
CA ASP A 88 9.74 -6.39 -11.00
C ASP A 88 10.05 -5.04 -11.64
N LYS A 89 10.92 -5.05 -12.64
CA LYS A 89 11.31 -3.82 -13.33
C LYS A 89 10.10 -3.16 -13.97
N ILE A 90 9.16 -3.98 -14.45
CA ILE A 90 7.99 -3.47 -15.16
C ILE A 90 7.00 -2.84 -14.19
N MET A 91 7.22 -3.06 -12.89
CA MET A 91 6.28 -2.59 -11.87
C MET A 91 6.81 -1.33 -11.19
N VAL A 92 8.02 -0.92 -11.56
CA VAL A 92 8.66 0.24 -10.94
C VAL A 92 7.85 1.51 -11.20
N ASP A 93 7.51 1.73 -12.46
CA ASP A 93 6.87 2.98 -12.87
C ASP A 93 5.46 3.08 -12.28
N ARG A 94 4.73 1.97 -12.34
CA ARG A 94 3.35 1.96 -11.88
C ARG A 94 3.27 2.13 -10.37
N ILE A 95 4.24 1.54 -9.67
CA ILE A 95 4.29 1.62 -8.21
C ILE A 95 4.92 2.92 -7.74
N ASN A 96 5.71 3.54 -8.62
CA ASN A 96 6.49 4.72 -8.25
C ASN A 96 5.57 5.86 -7.80
N LEU A 97 4.42 5.97 -8.46
CA LEU A 97 3.42 6.95 -8.08
C LEU A 97 2.88 6.68 -6.69
N ALA A 98 2.76 5.40 -6.35
CA ALA A 98 2.23 4.99 -5.05
C ALA A 98 3.23 5.31 -3.94
N GLN A 99 4.51 5.09 -4.21
CA GLN A 99 5.56 5.40 -3.24
C GLN A 99 5.70 6.90 -3.04
N LYS A 100 5.49 7.65 -4.11
CA LYS A 100 5.44 9.11 -4.03
C LYS A 100 4.22 9.58 -3.26
N ALA A 101 3.11 8.85 -3.43
CA ALA A 101 1.84 9.27 -2.84
C ALA A 101 1.91 9.26 -1.31
N PHE A 102 2.73 8.37 -0.77
CA PHE A 102 2.89 8.26 0.68
C PHE A 102 3.47 9.55 1.24
N CYS A 103 4.37 10.18 0.49
CA CYS A 103 5.14 11.30 1.00
C CYS A 103 4.55 12.63 0.53
N GLY A 104 3.48 12.56 -0.25
CA GLY A 104 2.86 13.75 -0.79
C GLY A 104 3.52 14.21 -2.07
N PHE A 105 4.09 13.27 -2.81
CA PHE A 105 4.79 13.59 -4.05
C PHE A 105 6.08 14.34 -3.76
N GLU A 106 5.95 15.57 -3.26
CA GLU A 106 7.11 16.39 -2.93
C GLU A 106 7.88 16.77 -4.20
N ASP A 107 9.02 17.43 -4.03
CA ASP A 107 9.96 17.64 -5.12
C ASP A 107 11.36 17.16 -4.72
N PRO A 108 12.12 16.66 -5.70
CA PRO A 108 13.44 16.09 -5.46
C PRO A 108 14.50 17.16 -5.21
N ARG A 109 14.55 17.66 -3.98
CA ARG A 109 15.49 18.72 -3.62
C ARG A 109 15.25 19.19 -2.19
N THR A 110 13.98 19.21 -1.78
CA THR A 110 13.63 19.62 -0.43
C THR A 110 12.85 18.52 0.29
N LYS A 111 11.95 17.87 -0.44
CA LYS A 111 11.10 16.83 0.13
C LYS A 111 10.21 17.41 1.23
N THR A 112 8.98 17.79 0.86
CA THR A 112 8.16 18.63 1.71
C THR A 112 7.54 17.83 2.85
N LYS A 113 7.39 16.53 2.64
CA LYS A 113 6.82 15.64 3.65
C LYS A 113 5.34 15.99 3.91
N MET A 114 4.50 15.68 2.92
CA MET A 114 3.10 16.06 2.99
C MET A 114 2.19 14.84 2.93
N SER A 115 0.89 15.06 3.10
CA SER A 115 -0.09 13.99 2.94
C SER A 115 -0.43 13.79 1.48
N ALA A 116 -0.79 12.54 1.13
CA ALA A 116 -1.31 12.25 -0.20
C ALA A 116 -2.58 13.06 -0.49
N ALA A 117 -3.40 13.23 0.53
CA ALA A 117 -4.65 13.98 0.39
C ALA A 117 -4.37 15.44 0.06
N GLN A 118 -3.30 15.97 0.63
CA GLN A 118 -2.85 17.32 0.31
C GLN A 118 -2.34 17.39 -1.14
N ALA A 119 -1.70 16.31 -1.58
CA ALA A 119 -1.21 16.23 -2.95
C ALA A 119 -2.36 16.28 -3.94
N LEU A 120 -3.50 15.75 -3.54
CA LEU A 120 -4.68 15.74 -4.40
C LEU A 120 -5.16 17.16 -4.71
N LYS A 121 -4.75 18.10 -3.86
CA LYS A 121 -5.23 19.47 -3.97
C LYS A 121 -5.01 20.01 -5.38
N LYS A 122 -4.16 19.33 -6.14
CA LYS A 122 -4.07 19.56 -7.58
C LYS A 122 -2.83 20.38 -7.93
N GLY A 123 -1.80 19.69 -8.42
CA GLY A 123 -0.55 20.36 -8.73
C GLY A 123 0.66 19.55 -8.30
N TRP A 124 0.42 18.53 -7.46
CA TRP A 124 1.50 17.68 -6.97
C TRP A 124 1.40 16.28 -7.59
N LEU A 125 0.31 15.59 -7.28
CA LEU A 125 0.18 14.19 -7.65
C LEU A 125 -1.18 13.93 -8.30
N TYR A 126 -1.23 12.90 -9.13
CA TYR A 126 -2.44 12.59 -9.89
C TYR A 126 -3.61 12.30 -8.95
N TYR A 127 -4.67 13.10 -9.07
CA TYR A 127 -5.73 13.11 -8.07
C TYR A 127 -6.34 11.72 -7.92
N GLU A 128 -6.70 11.11 -9.04
CA GLU A 128 -7.47 9.87 -9.02
C GLU A 128 -6.63 8.72 -8.44
N ALA A 129 -5.36 8.70 -8.80
CA ALA A 129 -4.46 7.64 -8.35
C ALA A 129 -4.16 7.79 -6.86
N GLY A 130 -3.86 9.00 -6.44
CA GLY A 130 -3.64 9.27 -5.02
C GLY A 130 -4.88 9.00 -4.20
N GLN A 131 -6.05 9.37 -4.73
CA GLN A 131 -7.32 9.07 -4.07
C GLN A 131 -7.53 7.55 -3.97
N ARG A 132 -7.10 6.83 -4.99
CA ARG A 132 -7.20 5.38 -4.99
C ARG A 132 -6.26 4.77 -3.94
N PHE A 133 -5.10 5.39 -3.78
CA PHE A 133 -4.12 4.93 -2.79
C PHE A 133 -4.60 5.24 -1.37
N LEU A 134 -5.33 6.33 -1.23
CA LEU A 134 -5.93 6.70 0.05
C LEU A 134 -6.99 5.70 0.47
N GLU A 135 -7.68 5.13 -0.52
CA GLU A 135 -8.74 4.17 -0.26
C GLU A 135 -8.18 2.92 0.43
N VAL A 136 -6.99 2.51 0.01
CA VAL A 136 -6.31 1.38 0.64
C VAL A 136 -5.96 1.69 2.09
N GLN A 137 -5.47 2.90 2.33
CA GLN A 137 -5.14 3.35 3.68
C GLN A 137 -6.41 3.51 4.51
N TYR A 138 -7.49 3.95 3.88
CA TYR A 138 -8.76 4.12 4.56
C TYR A 138 -9.27 2.79 5.10
N LEU A 139 -9.05 1.72 4.32
CA LEU A 139 -9.50 0.39 4.72
C LEU A 139 -8.77 -0.07 5.98
N THR A 140 -7.53 0.36 6.13
CA THR A 140 -6.72 -0.05 7.27
C THR A 140 -7.05 0.78 8.51
N GLY A 141 -7.47 2.02 8.29
CA GLY A 141 -7.94 2.84 9.39
C GLY A 141 -8.14 4.29 8.98
N GLY A 142 -7.04 5.02 8.82
CA GLY A 142 -7.13 6.41 8.39
C GLY A 142 -6.12 6.76 7.32
N LEU A 143 -6.03 8.03 6.98
CA LEU A 143 -5.11 8.49 5.96
C LEU A 143 -3.79 8.97 6.57
N ILE A 144 -2.71 8.83 5.82
CA ILE A 144 -1.39 9.22 6.30
C ILE A 144 -1.18 10.72 6.17
N GLU A 145 -0.74 11.35 7.26
CA GLU A 145 -0.44 12.79 7.24
C GLU A 145 0.73 13.10 8.16
N PRO A 146 1.87 13.45 7.55
CA PRO A 146 3.12 13.70 8.29
C PRO A 146 2.99 14.84 9.28
N ASP A 147 1.95 15.65 9.12
CA ASP A 147 1.64 16.72 10.06
C ASP A 147 1.39 16.16 11.45
N THR A 148 0.46 15.20 11.54
CA THR A 148 0.12 14.58 12.81
C THR A 148 1.01 13.36 13.09
N PRO A 149 1.12 13.00 14.37
CA PRO A 149 1.87 11.80 14.79
C PRO A 149 1.08 10.51 14.53
N GLY A 150 0.84 10.22 13.26
CA GLY A 150 0.09 9.03 12.91
C GLY A 150 -0.91 9.28 11.79
N ARG A 151 -1.99 8.51 11.78
CA ARG A 151 -2.98 8.60 10.72
C ARG A 151 -4.17 9.46 11.16
N VAL A 152 -4.77 10.15 10.21
CA VAL A 152 -5.89 11.05 10.50
C VAL A 152 -7.20 10.50 9.96
N PRO A 153 -8.23 10.44 10.82
CA PRO A 153 -9.58 10.05 10.42
C PRO A 153 -10.11 10.90 9.27
N LEU A 154 -10.93 10.29 8.42
CA LEU A 154 -11.51 11.00 7.28
C LEU A 154 -12.34 12.19 7.75
N ASP A 155 -13.14 11.98 8.79
CA ASP A 155 -13.97 13.04 9.34
C ASP A 155 -13.09 14.16 9.92
N GLU A 156 -11.98 13.78 10.53
CA GLU A 156 -11.02 14.75 11.05
C GLU A 156 -10.30 15.47 9.91
N ALA A 157 -10.05 14.74 8.84
CA ALA A 157 -9.42 15.32 7.65
C ALA A 157 -10.29 16.41 7.04
N LEU A 158 -11.60 16.22 7.11
CA LEU A 158 -12.55 17.18 6.55
C LEU A 158 -12.48 18.51 7.28
N GLN A 159 -12.49 18.45 8.61
CA GLN A 159 -12.37 19.64 9.43
C GLN A 159 -10.94 20.20 9.38
N ARG A 160 -9.98 19.31 9.11
CA ARG A 160 -8.58 19.72 8.99
C ARG A 160 -8.34 20.44 7.66
N GLY A 161 -9.21 20.18 6.69
CA GLY A 161 -9.17 20.95 5.46
C GLY A 161 -8.19 20.37 4.45
N THR A 162 -7.86 19.10 4.60
CA THR A 162 -6.92 18.43 3.71
C THR A 162 -7.65 17.61 2.65
N VAL A 163 -8.91 17.28 2.94
CA VAL A 163 -9.77 16.63 1.94
C VAL A 163 -11.07 17.41 1.75
N ASP A 164 -11.73 17.18 0.62
CA ASP A 164 -12.99 17.84 0.34
C ASP A 164 -14.16 16.89 0.57
N ALA A 165 -15.38 17.42 0.54
CA ALA A 165 -16.58 16.62 0.69
C ALA A 165 -16.71 15.60 -0.45
N ARG A 166 -16.39 16.03 -1.66
CA ARG A 166 -16.40 15.14 -2.81
C ARG A 166 -15.36 14.04 -2.66
N THR A 167 -14.21 14.41 -2.12
CA THR A 167 -13.14 13.45 -1.87
C THR A 167 -13.52 12.48 -0.76
N ALA A 168 -14.17 13.01 0.28
CA ALA A 168 -14.47 12.22 1.47
C ALA A 168 -15.46 11.11 1.16
N GLN A 169 -16.49 11.43 0.39
CA GLN A 169 -17.51 10.46 0.03
C GLN A 169 -16.93 9.35 -0.85
N LYS A 170 -15.91 9.70 -1.64
CA LYS A 170 -15.18 8.72 -2.43
C LYS A 170 -14.41 7.76 -1.53
N LEU A 171 -13.87 8.29 -0.44
CA LEU A 171 -13.22 7.45 0.57
C LEU A 171 -14.23 6.63 1.34
N ARG A 172 -15.45 7.14 1.43
CA ARG A 172 -16.53 6.44 2.13
C ARG A 172 -17.07 5.29 1.28
N ASP A 173 -16.74 5.31 -0.01
CA ASP A 173 -17.32 4.37 -0.96
C ASP A 173 -16.33 3.26 -1.30
N VAL A 174 -15.40 3.00 -0.38
CA VAL A 174 -14.47 1.89 -0.54
C VAL A 174 -15.20 0.55 -0.56
N GLY A 175 -16.38 0.52 0.06
CA GLY A 175 -17.18 -0.68 0.04
C GLY A 175 -17.78 -0.97 -1.33
N ALA A 176 -17.85 0.05 -2.17
CA ALA A 176 -18.28 -0.11 -3.54
C ALA A 176 -17.09 -0.19 -4.49
N TYR A 177 -15.92 0.23 -4.01
CA TYR A 177 -14.70 0.17 -4.79
C TYR A 177 -14.25 -1.27 -5.00
N SER A 178 -13.73 -1.56 -6.19
CA SER A 178 -13.43 -2.94 -6.59
C SER A 178 -12.44 -3.57 -5.62
N LYS A 179 -12.73 -4.81 -5.22
CA LYS A 179 -11.86 -5.53 -4.29
C LYS A 179 -10.78 -6.30 -5.03
N TYR A 180 -9.63 -6.47 -4.38
CA TYR A 180 -8.50 -7.18 -4.99
C TYR A 180 -8.22 -8.48 -4.25
N LEU A 181 -8.51 -8.49 -2.95
CA LEU A 181 -8.22 -9.65 -2.11
C LEU A 181 -9.49 -10.47 -1.86
N THR A 182 -9.40 -11.77 -2.09
CA THR A 182 -10.52 -12.67 -1.84
C THR A 182 -10.19 -13.65 -0.72
N CYS A 183 -11.12 -13.82 0.21
CA CYS A 183 -10.99 -14.86 1.24
C CYS A 183 -12.30 -15.63 1.39
N PRO A 184 -12.19 -16.96 1.53
CA PRO A 184 -13.34 -17.85 1.67
C PRO A 184 -14.26 -17.42 2.83
N LYS A 185 -15.56 -17.49 2.61
CA LYS A 185 -16.53 -17.15 3.63
C LYS A 185 -17.95 -17.19 3.08
N THR A 186 -18.24 -16.29 2.15
CA THR A 186 -19.51 -16.30 1.44
C THR A 186 -19.55 -15.24 0.33
N LYS A 187 -18.73 -14.20 0.51
CA LYS A 187 -18.64 -13.14 -0.50
C LYS A 187 -17.38 -13.30 -1.33
N LEU A 188 -16.40 -14.03 -0.80
CA LEU A 188 -15.10 -14.15 -1.44
C LEU A 188 -14.38 -12.80 -1.45
N LYS A 189 -14.92 -11.86 -2.21
CA LYS A 189 -14.33 -10.53 -2.31
C LYS A 189 -14.49 -9.76 -1.00
N ILE A 190 -13.37 -9.45 -0.36
CA ILE A 190 -13.39 -8.87 0.98
C ILE A 190 -12.52 -7.61 1.04
N SER A 191 -12.72 -6.82 2.09
CA SER A 191 -11.97 -5.57 2.26
C SER A 191 -10.59 -5.86 2.84
N TYR A 192 -9.71 -4.87 2.75
CA TYR A 192 -8.32 -5.05 3.18
C TYR A 192 -8.24 -5.40 4.66
N LYS A 193 -9.14 -4.82 5.45
CA LYS A 193 -9.18 -5.07 6.89
C LYS A 193 -9.46 -6.54 7.17
N ASP A 194 -10.32 -7.14 6.36
CA ASP A 194 -10.68 -8.55 6.51
C ASP A 194 -9.47 -9.44 6.24
N ALA A 195 -8.70 -9.10 5.21
CA ALA A 195 -7.46 -9.79 4.92
C ALA A 195 -6.43 -9.59 6.04
N LEU A 196 -6.38 -8.37 6.56
CA LEU A 196 -5.43 -8.04 7.61
C LEU A 196 -5.79 -8.74 8.91
N ASP A 197 -7.08 -8.88 9.17
CA ASP A 197 -7.56 -9.61 10.34
C ASP A 197 -7.35 -11.11 10.18
N ARG A 198 -7.39 -11.57 8.94
CA ARG A 198 -7.28 -13.00 8.66
C ARG A 198 -5.87 -13.36 8.22
N SER A 199 -4.97 -12.38 8.24
CA SER A 199 -3.58 -12.60 7.87
C SER A 199 -2.87 -13.47 8.90
N MET A 200 -1.71 -14.00 8.52
CA MET A 200 -0.92 -14.84 9.42
C MET A 200 0.29 -14.09 9.95
N VAL A 201 0.45 -14.11 11.27
CA VAL A 201 1.63 -13.53 11.90
C VAL A 201 2.73 -14.58 12.09
N GLU A 202 3.91 -14.30 11.57
CA GLU A 202 5.05 -15.20 11.75
C GLU A 202 5.20 -15.60 13.22
N GLU A 203 5.71 -16.81 13.45
CA GLU A 203 5.87 -17.32 14.80
C GLU A 203 7.20 -16.86 15.39
N GLY A 204 7.24 -15.61 15.84
CA GLY A 204 8.46 -15.07 16.43
C GLY A 204 8.77 -13.69 15.92
N THR A 205 9.26 -13.60 14.68
CA THR A 205 9.66 -12.33 14.11
C THR A 205 8.51 -11.34 14.09
N GLY A 206 7.32 -11.83 13.76
CA GLY A 206 6.14 -10.99 13.78
C GLY A 206 5.80 -10.43 12.40
N LEU A 207 6.36 -11.05 11.37
CA LEU A 207 6.10 -10.64 9.99
C LEU A 207 4.62 -10.86 9.63
N ARG A 208 4.04 -9.89 8.93
CA ARG A 208 2.68 -10.03 8.44
C ARG A 208 2.65 -10.78 7.11
N LEU A 209 1.95 -11.90 7.09
CA LEU A 209 1.81 -12.70 5.87
C LEU A 209 0.36 -12.77 5.42
N LEU A 210 0.14 -12.63 4.12
CA LEU A 210 -1.20 -12.72 3.55
C LEU A 210 -1.58 -14.17 3.28
N GLU A 211 -2.66 -14.62 3.91
CA GLU A 211 -3.13 -15.99 3.75
C GLU A 211 -3.88 -16.16 2.43
N ALA A 212 -3.50 -17.17 1.65
CA ALA A 212 -4.25 -17.55 0.47
C ALA A 212 -4.02 -19.01 0.10
N ALA A 213 -4.98 -19.60 -0.60
CA ALA A 213 -4.83 -20.96 -1.10
C ALA A 213 -4.89 -20.99 -2.62
N ALA A 214 -4.11 -21.89 -3.22
CA ALA A 214 -4.08 -22.04 -4.67
C ALA A 214 -5.42 -22.52 -5.20
N GLN A 215 -6.03 -23.48 -4.50
CA GLN A 215 -7.33 -23.99 -4.89
C GLN A 215 -7.36 -24.39 -6.36
N MET A 1 -16.09 0.77 -19.12
CA MET A 1 -14.80 1.11 -19.72
C MET A 1 -13.85 1.68 -18.66
N GLY A 2 -13.67 2.99 -18.67
CA GLY A 2 -12.80 3.63 -17.69
C GLY A 2 -13.42 3.68 -16.31
N HIS A 3 -12.68 3.24 -15.31
CA HIS A 3 -13.17 3.23 -13.94
C HIS A 3 -12.04 3.51 -12.95
N HIS A 4 -12.32 3.32 -11.66
CA HIS A 4 -11.29 3.33 -10.64
C HIS A 4 -10.29 2.19 -10.87
N HIS A 5 -9.41 2.37 -11.86
CA HIS A 5 -8.49 1.31 -12.25
C HIS A 5 -7.04 1.82 -12.23
N HIS A 6 -6.10 0.90 -12.40
CA HIS A 6 -4.68 1.25 -12.34
C HIS A 6 -4.18 1.70 -13.71
N HIS A 7 -3.77 2.96 -13.79
CA HIS A 7 -3.02 3.46 -14.95
C HIS A 7 -2.07 4.58 -14.56
N HIS A 8 -0.79 4.24 -14.42
CA HIS A 8 0.19 5.17 -13.90
C HIS A 8 1.56 4.94 -14.54
N SER A 9 1.68 5.32 -15.81
CA SER A 9 2.95 5.23 -16.52
C SER A 9 3.20 6.48 -17.35
N HIS A 10 4.13 7.32 -16.90
CA HIS A 10 4.38 8.60 -17.55
C HIS A 10 5.71 9.18 -17.09
N MET A 11 6.37 8.49 -16.16
CA MET A 11 7.58 8.99 -15.53
C MET A 11 8.27 7.91 -14.72
N GLN A 12 9.52 8.18 -14.32
CA GLN A 12 10.25 7.25 -13.46
C GLN A 12 11.08 8.02 -12.43
N LEU A 13 10.42 8.55 -11.42
CA LEU A 13 11.11 9.19 -10.30
C LEU A 13 10.18 9.33 -9.10
N ALA A 14 10.76 9.60 -7.93
CA ALA A 14 9.98 9.78 -6.72
C ALA A 14 10.46 11.00 -5.94
N SER A 15 11.53 10.81 -5.16
CA SER A 15 11.97 11.83 -4.21
C SER A 15 13.28 11.43 -3.55
N TRP A 16 13.76 12.25 -2.64
CA TRP A 16 15.01 11.98 -1.93
C TRP A 16 14.81 12.08 -0.42
N SER A 17 14.04 11.16 0.14
CA SER A 17 13.79 11.13 1.57
C SER A 17 13.09 9.83 1.98
N ASP A 18 13.51 9.28 3.11
CA ASP A 18 13.09 7.94 3.51
C ASP A 18 13.15 7.78 5.02
N PRO A 19 11.97 7.80 5.66
CA PRO A 19 11.83 7.45 7.08
C PRO A 19 12.01 5.96 7.32
N THR A 20 11.65 5.51 8.53
CA THR A 20 11.86 4.13 8.92
C THR A 20 10.53 3.38 9.05
N GLU A 21 10.00 3.32 10.26
CA GLU A 21 8.75 2.61 10.51
C GLU A 21 8.92 1.12 10.22
N GLU A 22 8.86 0.77 8.94
CA GLU A 22 8.96 -0.61 8.52
C GLU A 22 7.71 -1.40 8.89
N THR A 23 6.59 -0.70 8.98
CA THR A 23 5.29 -1.33 9.19
C THR A 23 4.31 -0.91 8.10
N GLY A 24 3.12 -1.53 8.12
CA GLY A 24 2.09 -1.17 7.17
C GLY A 24 1.26 -2.36 6.74
N PRO A 25 0.79 -2.34 5.48
CA PRO A 25 -0.09 -3.38 4.95
C PRO A 25 0.63 -4.70 4.70
N VAL A 26 -0.08 -5.66 4.13
CA VAL A 26 0.46 -7.00 3.94
C VAL A 26 1.91 -6.94 3.46
N ALA A 27 2.81 -7.59 4.20
CA ALA A 27 4.21 -7.64 3.83
C ALA A 27 4.50 -8.83 2.92
N GLY A 28 3.82 -9.94 3.19
CA GLY A 28 4.09 -11.17 2.46
C GLY A 28 2.89 -12.10 2.43
N ILE A 29 3.06 -13.28 1.84
CA ILE A 29 1.96 -14.21 1.64
C ILE A 29 2.11 -15.43 2.54
N LEU A 30 1.00 -15.87 3.12
CA LEU A 30 0.98 -17.10 3.91
C LEU A 30 0.08 -18.14 3.27
N ASP A 31 0.65 -19.30 2.98
CA ASP A 31 -0.11 -20.41 2.41
C ASP A 31 -0.84 -21.19 3.51
N THR A 32 -2.17 -21.11 3.51
CA THR A 32 -2.96 -21.71 4.57
C THR A 32 -2.84 -23.23 4.55
N GLU A 33 -2.53 -23.78 3.38
CA GLU A 33 -2.50 -25.23 3.20
C GLU A 33 -1.58 -25.89 4.22
N THR A 34 -0.44 -25.25 4.48
CA THR A 34 0.51 -25.75 5.45
C THR A 34 1.10 -24.60 6.29
N LEU A 35 0.47 -23.44 6.20
CA LEU A 35 0.94 -22.26 6.92
C LEU A 35 2.40 -21.97 6.59
N GLU A 36 2.68 -21.72 5.31
CA GLU A 36 4.03 -21.43 4.85
C GLU A 36 4.20 -19.93 4.58
N LYS A 37 5.15 -19.32 5.27
CA LYS A 37 5.50 -17.93 5.02
C LYS A 37 6.36 -17.80 3.77
N VAL A 38 5.85 -17.10 2.77
CA VAL A 38 6.59 -16.88 1.53
C VAL A 38 6.58 -15.41 1.14
N SER A 39 7.53 -15.02 0.29
CA SER A 39 7.66 -13.63 -0.10
C SER A 39 6.62 -13.25 -1.15
N ILE A 40 6.46 -11.95 -1.38
CA ILE A 40 5.60 -11.47 -2.45
C ILE A 40 6.06 -11.98 -3.81
N THR A 41 7.38 -11.98 -4.02
CA THR A 41 7.96 -12.46 -5.27
C THR A 41 7.72 -13.96 -5.43
N GLU A 42 7.93 -14.72 -4.34
CA GLU A 42 7.82 -16.16 -4.40
C GLU A 42 6.38 -16.59 -4.66
N ALA A 43 5.44 -15.91 -4.02
CA ALA A 43 4.01 -16.13 -4.27
C ALA A 43 3.63 -15.70 -5.69
N MET A 44 4.16 -14.56 -6.12
CA MET A 44 3.88 -14.04 -7.44
C MET A 44 4.41 -14.97 -8.52
N HIS A 45 5.47 -15.71 -8.19
CA HIS A 45 6.17 -16.53 -9.18
C HIS A 45 5.22 -17.55 -9.81
N ARG A 46 4.32 -18.09 -8.99
CA ARG A 46 3.30 -19.00 -9.48
C ARG A 46 2.74 -19.86 -8.35
N ASN A 47 2.56 -19.26 -7.19
CA ASN A 47 2.04 -19.97 -6.02
C ASN A 47 0.52 -20.01 -6.04
N LEU A 48 -0.10 -18.84 -5.90
CA LEU A 48 -1.55 -18.76 -5.80
C LEU A 48 -2.04 -17.34 -6.10
N VAL A 49 -1.11 -16.40 -6.09
CA VAL A 49 -1.41 -15.02 -6.48
C VAL A 49 -0.99 -14.74 -7.91
N ASP A 50 -1.63 -13.75 -8.53
CA ASP A 50 -1.28 -13.35 -9.89
C ASP A 50 -0.35 -12.14 -9.87
N ASN A 51 0.10 -11.73 -11.04
CA ASN A 51 0.98 -10.57 -11.17
C ASN A 51 0.31 -9.32 -10.62
N ILE A 52 -1.01 -9.22 -10.82
CA ILE A 52 -1.76 -8.05 -10.40
C ILE A 52 -1.75 -7.90 -8.89
N THR A 53 -1.97 -9.00 -8.17
CA THR A 53 -2.00 -8.99 -6.72
C THR A 53 -0.64 -8.62 -6.14
N GLY A 54 0.42 -9.15 -6.76
CA GLY A 54 1.76 -8.78 -6.38
C GLY A 54 2.04 -7.30 -6.56
N GLN A 55 1.56 -6.75 -7.66
CA GLN A 55 1.63 -5.31 -7.89
C GLN A 55 0.78 -4.56 -6.88
N ARG A 56 -0.38 -5.11 -6.56
CA ARG A 56 -1.31 -4.46 -5.64
C ARG A 56 -0.72 -4.38 -4.24
N LEU A 57 -0.09 -5.46 -3.79
CA LEU A 57 0.51 -5.52 -2.47
C LEU A 57 1.75 -4.65 -2.40
N LEU A 58 2.53 -4.65 -3.47
CA LEU A 58 3.72 -3.80 -3.55
C LEU A 58 3.34 -2.33 -3.59
N GLU A 59 2.26 -2.02 -4.28
CA GLU A 59 1.72 -0.66 -4.27
C GLU A 59 1.28 -0.26 -2.86
N ALA A 60 0.69 -1.20 -2.14
CA ALA A 60 0.24 -0.95 -0.78
C ALA A 60 1.42 -0.67 0.15
N GLN A 61 2.51 -1.40 -0.05
CA GLN A 61 3.73 -1.17 0.70
C GLN A 61 4.38 0.15 0.29
N ALA A 62 4.24 0.51 -0.99
CA ALA A 62 4.75 1.77 -1.49
C ALA A 62 4.05 2.95 -0.83
N CYS A 63 2.76 2.77 -0.54
CA CYS A 63 1.99 3.81 0.13
C CYS A 63 2.45 3.98 1.58
N THR A 64 3.30 3.07 2.04
CA THR A 64 3.95 3.22 3.33
C THR A 64 5.46 3.35 3.17
N GLY A 65 5.88 3.99 2.08
CA GLY A 65 7.29 4.24 1.87
C GLY A 65 7.89 3.28 0.85
N GLY A 66 9.03 2.69 1.21
CA GLY A 66 9.72 1.79 0.30
C GLY A 66 9.12 0.40 0.29
N ILE A 67 9.64 -0.47 -0.56
CA ILE A 67 9.16 -1.84 -0.66
C ILE A 67 9.61 -2.67 0.54
N ILE A 68 8.68 -3.43 1.10
CA ILE A 68 8.96 -4.20 2.32
C ILE A 68 9.07 -5.68 2.02
N ASP A 69 10.26 -6.24 2.22
CA ASP A 69 10.48 -7.67 2.04
C ASP A 69 10.18 -8.42 3.34
N PRO A 70 9.22 -9.35 3.28
CA PRO A 70 8.89 -10.23 4.41
C PRO A 70 10.04 -11.16 4.77
N SER A 71 10.60 -10.98 5.96
CA SER A 71 11.82 -11.67 6.34
C SER A 71 12.29 -11.21 7.72
N THR A 72 12.30 -9.90 7.93
CA THR A 72 12.72 -9.33 9.20
C THR A 72 12.46 -7.83 9.25
N GLY A 73 11.48 -7.38 8.46
CA GLY A 73 11.14 -5.97 8.45
C GLY A 73 12.04 -5.16 7.55
N GLU A 74 12.36 -5.71 6.38
CA GLU A 74 13.25 -5.05 5.44
C GLU A 74 12.58 -3.85 4.80
N ARG A 75 13.34 -2.79 4.60
CA ARG A 75 12.82 -1.56 4.01
C ARG A 75 13.79 -0.96 3.00
N PHE A 76 13.40 -0.95 1.74
CA PHE A 76 14.24 -0.44 0.67
C PHE A 76 13.41 0.04 -0.52
N PRO A 77 13.97 0.95 -1.32
CA PRO A 77 13.27 1.55 -2.44
C PRO A 77 12.83 0.53 -3.49
N VAL A 78 11.75 0.83 -4.19
CA VAL A 78 11.30 -0.01 -5.30
C VAL A 78 12.38 -0.14 -6.37
N THR A 79 13.14 0.93 -6.57
CA THR A 79 14.18 0.95 -7.58
C THR A 79 15.30 -0.03 -7.23
N ASP A 80 15.62 -0.13 -5.94
CA ASP A 80 16.58 -1.11 -5.46
C ASP A 80 16.00 -2.51 -5.53
N ALA A 81 14.69 -2.62 -5.31
CA ALA A 81 14.03 -3.92 -5.30
C ALA A 81 14.17 -4.62 -6.65
N VAL A 82 14.15 -3.84 -7.72
CA VAL A 82 14.36 -4.37 -9.06
C VAL A 82 15.78 -4.92 -9.22
N ASN A 83 16.75 -4.22 -8.64
CA ASN A 83 18.13 -4.67 -8.65
C ASN A 83 18.30 -5.93 -7.82
N LYS A 84 17.44 -6.10 -6.82
CA LYS A 84 17.49 -7.27 -5.96
C LYS A 84 16.70 -8.43 -6.58
N GLY A 85 15.74 -8.08 -7.43
CA GLY A 85 14.96 -9.10 -8.11
C GLY A 85 13.65 -9.39 -7.42
N LEU A 86 13.21 -8.46 -6.57
CA LEU A 86 11.95 -8.61 -5.86
C LEU A 86 10.80 -8.01 -6.66
N VAL A 87 10.98 -6.76 -7.10
CA VAL A 87 9.95 -6.06 -7.86
C VAL A 87 10.33 -5.95 -9.34
N ASP A 88 9.34 -6.10 -10.20
CA ASP A 88 9.56 -5.96 -11.64
C ASP A 88 9.91 -4.52 -12.00
N LYS A 89 10.84 -4.36 -12.92
CA LYS A 89 11.26 -3.04 -13.38
C LYS A 89 10.07 -2.27 -13.95
N ILE A 90 9.11 -3.00 -14.51
CA ILE A 90 7.94 -2.40 -15.13
C ILE A 90 7.01 -1.80 -14.08
N MET A 91 7.28 -2.10 -12.82
CA MET A 91 6.45 -1.61 -11.72
C MET A 91 7.07 -0.41 -11.04
N VAL A 92 8.27 -0.04 -11.48
CA VAL A 92 9.00 1.08 -10.90
C VAL A 92 8.23 2.38 -11.08
N ASP A 93 7.79 2.64 -12.31
CA ASP A 93 7.16 3.90 -12.64
C ASP A 93 5.82 4.05 -11.91
N ARG A 94 5.04 2.98 -11.91
CA ARG A 94 3.72 2.99 -11.28
C ARG A 94 3.85 3.10 -9.76
N ILE A 95 4.89 2.45 -9.22
CA ILE A 95 5.08 2.40 -7.77
C ILE A 95 5.69 3.69 -7.25
N ASN A 96 6.50 4.34 -8.08
CA ASN A 96 7.21 5.55 -7.68
C ASN A 96 6.21 6.67 -7.38
N LEU A 97 5.10 6.68 -8.10
CA LEU A 97 4.07 7.70 -7.89
C LEU A 97 3.49 7.60 -6.49
N ALA A 98 3.29 6.38 -6.01
CA ALA A 98 2.85 6.14 -4.65
C ALA A 98 3.98 6.43 -3.66
N GLN A 99 5.20 6.11 -4.06
CA GLN A 99 6.34 6.16 -3.14
C GLN A 99 6.60 7.58 -2.66
N LYS A 100 6.65 8.51 -3.60
CA LYS A 100 6.86 9.92 -3.27
C LYS A 100 5.62 10.50 -2.60
N ALA A 101 4.45 9.99 -2.96
CA ALA A 101 3.20 10.45 -2.37
C ALA A 101 3.17 10.16 -0.87
N PHE A 102 3.88 9.11 -0.45
CA PHE A 102 4.07 8.84 0.96
C PHE A 102 5.01 9.86 1.60
N CYS A 103 6.10 10.15 0.92
CA CYS A 103 7.09 11.12 1.42
C CYS A 103 7.81 11.80 0.26
N GLY A 104 7.24 12.90 -0.22
CA GLY A 104 7.76 13.54 -1.41
C GLY A 104 6.67 14.22 -2.22
N PHE A 105 6.83 14.22 -3.54
CA PHE A 105 5.83 14.81 -4.43
C PHE A 105 5.57 16.27 -4.04
N GLU A 106 6.40 17.17 -4.55
CA GLU A 106 6.34 18.58 -4.16
C GLU A 106 7.22 19.43 -5.07
N ASP A 107 7.07 20.74 -4.96
CA ASP A 107 7.79 21.68 -5.82
C ASP A 107 9.29 21.59 -5.55
N PRO A 108 10.05 21.18 -6.58
CA PRO A 108 11.51 21.00 -6.47
C PRO A 108 12.26 22.32 -6.52
N ARG A 109 12.19 23.08 -5.44
CA ARG A 109 12.83 24.39 -5.38
C ARG A 109 12.47 25.11 -4.08
N THR A 110 11.25 24.91 -3.61
CA THR A 110 10.81 25.50 -2.35
C THR A 110 10.30 24.44 -1.40
N LYS A 111 9.91 23.29 -1.93
CA LYS A 111 9.41 22.18 -1.12
C LYS A 111 8.10 22.55 -0.44
N THR A 112 7.07 21.73 -0.66
CA THR A 112 5.73 22.06 -0.21
C THR A 112 5.15 20.96 0.65
N LYS A 113 5.57 19.73 0.38
CA LYS A 113 5.08 18.58 1.14
C LYS A 113 3.59 18.36 0.91
N MET A 114 2.78 19.20 1.53
CA MET A 114 1.33 19.08 1.43
C MET A 114 0.87 17.71 1.93
N SER A 115 -0.37 17.36 1.62
CA SER A 115 -0.82 15.97 1.71
C SER A 115 -1.26 15.44 0.35
N ALA A 116 -1.44 14.13 0.27
CA ALA A 116 -1.99 13.52 -0.93
C ALA A 116 -3.42 14.00 -1.19
N ALA A 117 -4.19 14.13 -0.12
CA ALA A 117 -5.56 14.59 -0.23
C ALA A 117 -5.63 16.04 -0.69
N GLN A 118 -4.68 16.85 -0.23
CA GLN A 118 -4.53 18.22 -0.71
C GLN A 118 -4.13 18.24 -2.18
N ALA A 119 -3.33 17.25 -2.58
CA ALA A 119 -2.94 17.10 -3.98
C ALA A 119 -4.16 16.88 -4.86
N LEU A 120 -5.15 16.16 -4.33
CA LEU A 120 -6.45 16.05 -4.97
C LEU A 120 -7.20 17.38 -4.93
N LYS A 121 -7.11 18.07 -3.80
CA LYS A 121 -7.83 19.32 -3.61
C LYS A 121 -7.31 20.39 -4.55
N LYS A 122 -6.04 20.28 -4.93
CA LYS A 122 -5.41 21.26 -5.81
C LYS A 122 -5.04 20.63 -7.15
N GLY A 123 -4.40 21.41 -8.02
CA GLY A 123 -4.03 20.92 -9.33
C GLY A 123 -2.63 20.34 -9.35
N TRP A 124 -2.35 19.41 -8.44
CA TRP A 124 -1.03 18.79 -8.35
C TRP A 124 -1.10 17.34 -8.79
N LEU A 125 -2.04 16.59 -8.23
CA LEU A 125 -2.18 15.17 -8.54
C LEU A 125 -3.58 14.84 -9.04
N TYR A 126 -3.68 13.91 -9.97
CA TYR A 126 -4.93 13.63 -10.65
C TYR A 126 -5.72 12.55 -9.92
N TYR A 127 -7.02 12.47 -10.22
CA TYR A 127 -7.95 11.75 -9.36
C TYR A 127 -7.51 10.31 -9.17
N GLU A 128 -7.10 9.66 -10.26
CA GLU A 128 -6.82 8.23 -10.24
C GLU A 128 -5.68 7.91 -9.29
N ALA A 129 -4.68 8.79 -9.25
CA ALA A 129 -3.47 8.55 -8.47
C ALA A 129 -3.73 8.77 -6.98
N GLY A 130 -4.25 9.94 -6.64
CA GLY A 130 -4.49 10.27 -5.25
C GLY A 130 -5.53 9.36 -4.62
N GLN A 131 -6.56 9.02 -5.38
CA GLN A 131 -7.66 8.21 -4.86
C GLN A 131 -7.17 6.83 -4.43
N ARG A 132 -6.25 6.27 -5.22
CA ARG A 132 -5.69 4.96 -4.91
C ARG A 132 -4.87 5.00 -3.63
N PHE A 133 -4.09 6.07 -3.46
CA PHE A 133 -3.11 6.15 -2.40
C PHE A 133 -3.80 6.35 -1.05
N LEU A 134 -4.89 7.11 -1.05
CA LEU A 134 -5.61 7.43 0.17
C LEU A 134 -6.35 6.19 0.69
N GLU A 135 -6.88 5.39 -0.23
CA GLU A 135 -7.75 4.29 0.14
C GLU A 135 -6.99 3.23 0.93
N VAL A 136 -5.80 2.89 0.45
CA VAL A 136 -5.01 1.84 1.07
C VAL A 136 -4.51 2.25 2.46
N GLN A 137 -4.07 3.51 2.57
CA GLN A 137 -3.62 4.04 3.84
C GLN A 137 -4.77 4.12 4.84
N TYR A 138 -5.95 4.49 4.34
CA TYR A 138 -7.14 4.57 5.18
C TYR A 138 -7.51 3.19 5.74
N LEU A 139 -7.38 2.17 4.89
CA LEU A 139 -7.75 0.82 5.28
C LEU A 139 -6.83 0.30 6.38
N THR A 140 -5.59 0.79 6.40
CA THR A 140 -4.62 0.39 7.40
C THR A 140 -4.70 1.27 8.64
N GLY A 141 -5.13 2.52 8.43
CA GLY A 141 -5.29 3.44 9.55
C GLY A 141 -5.89 4.76 9.12
N GLY A 142 -5.09 5.60 8.47
CA GLY A 142 -5.56 6.90 8.04
C GLY A 142 -4.73 7.46 6.90
N LEU A 143 -4.94 8.75 6.61
CA LEU A 143 -4.31 9.37 5.44
C LEU A 143 -2.92 9.90 5.79
N ILE A 144 -1.91 9.38 5.11
CA ILE A 144 -0.53 9.74 5.40
C ILE A 144 -0.08 10.93 4.54
N GLU A 145 0.67 11.83 5.15
CA GLU A 145 1.18 13.01 4.43
C GLU A 145 2.61 13.32 4.85
N PRO A 146 3.39 13.87 3.91
CA PRO A 146 4.79 14.24 4.16
C PRO A 146 4.93 15.44 5.09
N ASP A 147 3.88 16.26 5.13
CA ASP A 147 3.90 17.47 5.95
C ASP A 147 3.80 17.11 7.43
N THR A 148 2.64 16.63 7.86
CA THR A 148 2.46 16.10 9.20
C THR A 148 3.22 14.78 9.38
N PRO A 149 3.99 14.69 10.47
CA PRO A 149 4.75 13.48 10.79
C PRO A 149 3.87 12.36 11.31
N GLY A 150 3.10 11.74 10.42
CA GLY A 150 2.18 10.69 10.81
C GLY A 150 0.99 10.58 9.88
N ARG A 151 -0.11 10.03 10.40
CA ARG A 151 -1.31 9.84 9.60
C ARG A 151 -2.51 10.55 10.23
N VAL A 152 -3.34 11.15 9.38
CA VAL A 152 -4.52 11.87 9.86
C VAL A 152 -5.79 11.05 9.63
N PRO A 153 -6.56 10.85 10.71
CA PRO A 153 -7.87 10.19 10.63
C PRO A 153 -8.80 10.87 9.64
N LEU A 154 -9.64 10.06 8.99
CA LEU A 154 -10.58 10.59 7.99
C LEU A 154 -11.50 11.64 8.60
N ASP A 155 -11.98 11.37 9.80
CA ASP A 155 -12.84 12.31 10.51
C ASP A 155 -12.09 13.59 10.84
N GLU A 156 -10.82 13.46 11.20
CA GLU A 156 -9.97 14.62 11.46
C GLU A 156 -9.64 15.36 10.18
N ALA A 157 -9.52 14.61 9.09
CA ALA A 157 -9.23 15.20 7.78
C ALA A 157 -10.37 16.12 7.34
N LEU A 158 -11.59 15.75 7.67
CA LEU A 158 -12.77 16.52 7.29
C LEU A 158 -12.76 17.89 7.97
N GLN A 159 -12.50 17.90 9.26
CA GLN A 159 -12.43 19.14 10.02
C GLN A 159 -11.16 19.91 9.67
N ARG A 160 -10.13 19.20 9.24
CA ARG A 160 -8.89 19.82 8.82
C ARG A 160 -9.04 20.47 7.44
N GLY A 161 -9.99 19.95 6.66
CA GLY A 161 -10.30 20.56 5.38
C GLY A 161 -9.53 19.94 4.23
N THR A 162 -8.64 19.01 4.56
CA THR A 162 -7.76 18.42 3.56
C THR A 162 -8.52 17.49 2.62
N VAL A 163 -9.66 16.99 3.09
CA VAL A 163 -10.59 16.28 2.21
C VAL A 163 -11.95 16.97 2.18
N ASP A 164 -12.67 16.77 1.08
CA ASP A 164 -14.06 17.22 0.99
C ASP A 164 -15.02 16.13 1.47
N ALA A 165 -16.29 16.50 1.63
CA ALA A 165 -17.30 15.54 2.03
C ALA A 165 -17.45 14.42 1.01
N ARG A 166 -17.37 14.78 -0.27
CA ARG A 166 -17.43 13.80 -1.34
C ARG A 166 -16.23 12.86 -1.29
N THR A 167 -15.07 13.39 -0.95
CA THR A 167 -13.85 12.60 -0.85
C THR A 167 -13.91 11.64 0.33
N ALA A 168 -14.42 12.14 1.46
CA ALA A 168 -14.41 11.37 2.70
C ALA A 168 -15.34 10.17 2.61
N GLN A 169 -16.52 10.38 2.01
CA GLN A 169 -17.52 9.32 1.90
C GLN A 169 -17.03 8.21 0.97
N LYS A 170 -16.22 8.58 -0.01
CA LYS A 170 -15.62 7.61 -0.92
C LYS A 170 -14.67 6.69 -0.17
N LEU A 171 -13.94 7.24 0.79
CA LEU A 171 -13.03 6.46 1.61
C LEU A 171 -13.79 5.44 2.46
N ARG A 172 -15.01 5.81 2.84
CA ARG A 172 -15.86 4.92 3.63
C ARG A 172 -16.47 3.82 2.75
N ASP A 173 -16.53 4.08 1.45
CA ASP A 173 -17.25 3.21 0.53
C ASP A 173 -16.34 2.14 -0.05
N VAL A 174 -15.07 2.51 -0.27
CA VAL A 174 -14.12 1.62 -0.94
C VAL A 174 -13.87 0.37 -0.11
N GLY A 175 -14.08 0.48 1.20
CA GLY A 175 -13.88 -0.66 2.08
C GLY A 175 -14.93 -1.74 1.88
N ALA A 176 -16.04 -1.37 1.26
CA ALA A 176 -17.13 -2.31 1.03
C ALA A 176 -16.97 -3.03 -0.31
N TYR A 177 -16.68 -2.27 -1.35
CA TYR A 177 -16.59 -2.83 -2.69
C TYR A 177 -15.28 -3.58 -2.89
N SER A 178 -15.38 -4.81 -3.39
CA SER A 178 -14.21 -5.62 -3.67
C SER A 178 -13.54 -5.18 -4.97
N LYS A 179 -12.22 -5.00 -4.93
CA LYS A 179 -11.43 -4.85 -6.14
C LYS A 179 -10.01 -4.42 -5.80
N TYR A 180 -9.35 -5.19 -4.95
CA TYR A 180 -7.96 -4.92 -4.59
C TYR A 180 -7.09 -6.16 -4.81
N LEU A 181 -7.53 -7.29 -4.29
CA LEU A 181 -6.73 -8.51 -4.31
C LEU A 181 -7.40 -9.58 -5.17
N THR A 182 -6.59 -10.41 -5.81
CA THR A 182 -7.08 -11.62 -6.45
C THR A 182 -6.99 -12.81 -5.50
N CYS A 183 -8.13 -13.47 -5.28
CA CYS A 183 -8.19 -14.64 -4.42
C CYS A 183 -8.02 -15.93 -5.23
N PRO A 184 -7.34 -16.91 -4.64
CA PRO A 184 -7.12 -18.22 -5.28
C PRO A 184 -8.41 -19.01 -5.44
N LYS A 185 -9.47 -18.54 -4.79
CA LYS A 185 -10.78 -19.16 -4.91
C LYS A 185 -11.47 -18.73 -6.20
N THR A 186 -12.68 -19.24 -6.42
CA THR A 186 -13.44 -18.94 -7.63
C THR A 186 -13.88 -17.48 -7.66
N LYS A 187 -13.91 -16.87 -6.48
CA LYS A 187 -14.26 -15.46 -6.37
C LYS A 187 -13.02 -14.58 -6.38
N LEU A 188 -12.45 -14.39 -7.57
CA LEU A 188 -11.17 -13.70 -7.70
C LEU A 188 -11.20 -12.35 -7.00
N LYS A 189 -12.16 -11.50 -7.37
CA LYS A 189 -12.18 -10.12 -6.93
C LYS A 189 -12.59 -10.02 -5.47
N ILE A 190 -11.66 -9.63 -4.62
CA ILE A 190 -11.95 -9.39 -3.21
C ILE A 190 -11.41 -8.04 -2.75
N SER A 191 -12.05 -7.48 -1.73
CA SER A 191 -11.57 -6.24 -1.12
C SER A 191 -10.37 -6.50 -0.23
N TYR A 192 -9.54 -5.49 -0.04
CA TYR A 192 -8.43 -5.56 0.90
C TYR A 192 -8.94 -5.68 2.34
N LYS A 193 -10.03 -4.98 2.62
CA LYS A 193 -10.58 -4.94 3.97
C LYS A 193 -11.09 -6.32 4.39
N ASP A 194 -11.71 -7.02 3.44
CA ASP A 194 -12.12 -8.40 3.68
C ASP A 194 -10.91 -9.32 3.85
N ALA A 195 -9.86 -9.04 3.08
CA ALA A 195 -8.61 -9.78 3.20
C ALA A 195 -7.98 -9.56 4.58
N LEU A 196 -8.15 -8.37 5.12
CA LEU A 196 -7.58 -8.03 6.42
C LEU A 196 -8.20 -8.87 7.53
N ASP A 197 -9.44 -9.29 7.32
CA ASP A 197 -10.13 -10.14 8.28
C ASP A 197 -9.48 -11.52 8.36
N ARG A 198 -8.90 -11.96 7.26
CA ARG A 198 -8.24 -13.26 7.22
C ARG A 198 -6.71 -13.10 7.26
N SER A 199 -6.25 -11.87 7.07
CA SER A 199 -4.84 -11.56 7.20
C SER A 199 -4.36 -11.74 8.63
N MET A 200 -3.18 -12.33 8.79
CA MET A 200 -2.64 -12.61 10.11
C MET A 200 -1.29 -11.90 10.31
N VAL A 201 -1.13 -11.28 11.47
CA VAL A 201 0.03 -10.42 11.71
C VAL A 201 1.13 -11.18 12.46
N GLU A 202 2.35 -11.07 11.94
CA GLU A 202 3.49 -11.77 12.53
C GLU A 202 3.56 -11.53 14.03
N GLU A 203 3.26 -10.31 14.45
CA GLU A 203 3.49 -9.89 15.82
C GLU A 203 4.97 -9.92 16.16
N GLY A 204 5.77 -9.26 15.32
CA GLY A 204 7.22 -9.32 15.47
C GLY A 204 7.92 -8.11 14.88
N THR A 205 8.34 -8.23 13.63
CA THR A 205 9.06 -7.16 12.96
C THR A 205 8.10 -6.29 12.14
N GLY A 206 6.81 -6.44 12.39
CA GLY A 206 5.83 -5.60 11.73
C GLY A 206 5.44 -6.14 10.37
N LEU A 207 5.45 -7.45 10.22
CA LEU A 207 5.16 -8.09 8.94
C LEU A 207 3.76 -8.69 8.94
N ARG A 208 2.90 -8.18 8.07
CA ARG A 208 1.57 -8.75 7.88
C ARG A 208 1.58 -9.85 6.82
N LEU A 209 0.93 -10.96 7.14
CA LEU A 209 0.83 -12.07 6.20
C LEU A 209 -0.60 -12.23 5.70
N LEU A 210 -0.75 -12.39 4.39
CA LEU A 210 -2.06 -12.62 3.79
C LEU A 210 -2.39 -14.11 3.74
N GLU A 211 -3.46 -14.50 4.42
CA GLU A 211 -3.86 -15.90 4.48
C GLU A 211 -4.60 -16.30 3.21
N ALA A 212 -4.03 -17.26 2.47
CA ALA A 212 -4.64 -17.73 1.23
C ALA A 212 -4.20 -19.15 0.92
N ALA A 213 -5.00 -19.85 0.13
CA ALA A 213 -4.72 -21.25 -0.22
C ALA A 213 -5.16 -21.55 -1.64
N ALA A 214 -4.28 -22.17 -2.41
CA ALA A 214 -4.58 -22.52 -3.80
C ALA A 214 -5.69 -23.57 -3.86
N GLN A 215 -5.59 -24.58 -3.00
CA GLN A 215 -6.61 -25.62 -2.94
C GLN A 215 -6.69 -26.39 -4.25
N MET A 1 5.24 18.46 -10.87
CA MET A 1 4.22 18.46 -11.91
C MET A 1 3.72 19.88 -12.19
N GLY A 2 3.67 20.25 -13.46
CA GLY A 2 3.10 21.52 -13.85
C GLY A 2 3.78 22.69 -13.16
N HIS A 3 5.08 22.81 -13.36
CA HIS A 3 5.86 23.88 -12.73
C HIS A 3 6.67 24.64 -13.77
N HIS A 4 7.09 25.86 -13.41
CA HIS A 4 7.60 26.81 -14.39
C HIS A 4 8.93 27.39 -13.96
N HIS A 5 9.11 27.55 -12.64
CA HIS A 5 10.19 28.36 -12.11
C HIS A 5 11.18 27.51 -11.32
N HIS A 6 11.41 27.88 -10.07
CA HIS A 6 12.53 27.33 -9.31
C HIS A 6 12.07 26.84 -7.94
N HIS A 7 12.15 25.53 -7.73
CA HIS A 7 11.86 24.95 -6.42
C HIS A 7 13.03 24.09 -5.96
N HIS A 8 13.72 24.55 -4.92
CA HIS A 8 15.02 24.01 -4.55
C HIS A 8 14.90 23.02 -3.40
N SER A 9 13.70 22.93 -2.83
CA SER A 9 13.43 21.99 -1.75
C SER A 9 14.35 22.27 -0.56
N HIS A 10 15.17 21.28 -0.21
CA HIS A 10 15.97 21.35 1.00
C HIS A 10 15.09 21.32 2.25
N MET A 11 14.44 20.19 2.47
CA MET A 11 13.51 20.04 3.59
C MET A 11 13.90 18.88 4.48
N GLN A 12 13.42 18.89 5.71
CA GLN A 12 13.78 17.87 6.70
C GLN A 12 12.60 16.96 6.99
N LEU A 13 12.83 15.95 7.82
CA LEU A 13 11.78 15.05 8.24
C LEU A 13 10.93 15.67 9.35
N ALA A 14 9.71 15.16 9.52
CA ALA A 14 8.92 15.46 10.71
C ALA A 14 9.16 14.42 11.80
N SER A 15 10.41 14.32 12.24
CA SER A 15 10.78 13.32 13.25
C SER A 15 10.48 11.91 12.75
N TRP A 16 9.63 11.20 13.46
CA TRP A 16 9.21 9.86 13.06
C TRP A 16 8.21 9.94 11.90
N SER A 17 8.71 10.26 10.71
CA SER A 17 7.86 10.41 9.54
C SER A 17 8.46 9.69 8.33
N ASP A 18 9.48 8.87 8.59
CA ASP A 18 10.22 8.22 7.51
C ASP A 18 9.52 6.95 7.06
N PRO A 19 9.93 6.42 5.89
CA PRO A 19 9.22 5.34 5.21
C PRO A 19 9.59 3.98 5.75
N THR A 20 10.36 3.95 6.83
CA THR A 20 11.11 2.77 7.22
C THR A 20 10.19 1.70 7.80
N GLU A 21 10.78 0.65 8.37
CA GLU A 21 10.04 -0.57 8.65
C GLU A 21 8.58 -0.27 8.98
N GLU A 22 7.67 -0.80 8.18
CA GLU A 22 6.25 -0.69 8.46
C GLU A 22 5.73 -1.93 9.18
N THR A 23 4.71 -1.75 10.02
CA THR A 23 4.26 -2.80 10.92
C THR A 23 3.17 -3.64 10.26
N GLY A 24 1.93 -3.47 10.74
CA GLY A 24 0.92 -4.49 10.51
C GLY A 24 0.74 -4.83 9.05
N PRO A 25 0.66 -3.79 8.20
CA PRO A 25 0.27 -3.94 6.79
C PRO A 25 0.98 -5.11 6.11
N VAL A 26 0.27 -5.81 5.24
CA VAL A 26 0.73 -7.10 4.74
C VAL A 26 2.12 -6.99 4.15
N ALA A 27 3.01 -7.90 4.55
CA ALA A 27 4.39 -7.86 4.12
C ALA A 27 4.60 -8.68 2.85
N GLY A 28 3.86 -9.78 2.73
CA GLY A 28 4.06 -10.69 1.62
C GLY A 28 3.03 -11.80 1.59
N ILE A 29 3.31 -12.85 0.82
CA ILE A 29 2.34 -13.91 0.59
C ILE A 29 2.70 -15.17 1.37
N LEU A 30 1.70 -15.83 1.93
CA LEU A 30 1.89 -17.13 2.57
C LEU A 30 0.96 -18.18 1.98
N ASP A 31 1.55 -19.30 1.56
CA ASP A 31 0.76 -20.45 1.14
C ASP A 31 0.27 -21.24 2.34
N THR A 32 -1.04 -21.19 2.59
CA THR A 32 -1.60 -21.74 3.81
C THR A 32 -1.48 -23.26 3.83
N GLU A 33 -1.37 -23.86 2.65
CA GLU A 33 -1.28 -25.31 2.54
C GLU A 33 -0.06 -25.84 3.28
N THR A 34 1.00 -25.05 3.32
CA THR A 34 2.24 -25.45 3.98
C THR A 34 2.88 -24.28 4.71
N LEU A 35 2.15 -23.18 4.81
CA LEU A 35 2.65 -21.98 5.49
C LEU A 35 3.98 -21.54 4.89
N GLU A 36 4.05 -21.53 3.57
CA GLU A 36 5.24 -21.07 2.87
C GLU A 36 5.19 -19.56 2.63
N LYS A 37 5.87 -18.81 3.49
CA LYS A 37 6.05 -17.38 3.27
C LYS A 37 7.01 -17.13 2.10
N VAL A 38 6.53 -16.38 1.10
CA VAL A 38 7.33 -16.09 -0.07
C VAL A 38 7.24 -14.62 -0.45
N SER A 39 8.18 -14.16 -1.28
CA SER A 39 8.18 -12.78 -1.74
C SER A 39 7.01 -12.51 -2.67
N ILE A 40 6.72 -11.23 -2.89
CA ILE A 40 5.64 -10.84 -3.78
C ILE A 40 5.88 -11.34 -5.21
N THR A 41 7.13 -11.22 -5.67
CA THR A 41 7.51 -11.73 -6.98
C THR A 41 7.44 -13.25 -7.01
N GLU A 42 7.94 -13.89 -5.96
CA GLU A 42 8.04 -15.35 -5.92
C GLU A 42 6.66 -15.99 -5.93
N ALA A 43 5.72 -15.38 -5.20
CA ALA A 43 4.37 -15.91 -5.09
C ALA A 43 3.68 -15.93 -6.45
N MET A 44 3.91 -14.89 -7.25
CA MET A 44 3.47 -14.87 -8.64
C MET A 44 4.22 -15.90 -9.47
N HIS A 45 5.52 -16.05 -9.18
CA HIS A 45 6.36 -16.99 -9.92
C HIS A 45 5.96 -18.43 -9.60
N ARG A 46 5.53 -18.66 -8.37
CA ARG A 46 5.18 -20.01 -7.93
C ARG A 46 3.84 -20.43 -8.52
N ASN A 47 2.75 -19.92 -7.94
CA ASN A 47 1.42 -20.27 -8.39
C ASN A 47 0.36 -19.74 -7.42
N LEU A 48 0.71 -18.70 -6.68
CA LEU A 48 -0.14 -18.19 -5.62
C LEU A 48 -0.95 -16.99 -6.09
N VAL A 49 -0.27 -16.02 -6.69
CA VAL A 49 -0.89 -14.74 -7.02
C VAL A 49 -0.57 -14.33 -8.46
N ASP A 50 -1.12 -13.20 -8.88
CA ASP A 50 -0.82 -12.64 -10.19
C ASP A 50 0.06 -11.41 -10.07
N ASN A 51 0.56 -10.94 -11.21
CA ASN A 51 1.38 -9.73 -11.25
C ASN A 51 0.59 -8.53 -10.74
N ILE A 52 -0.69 -8.47 -11.10
CA ILE A 52 -1.57 -7.40 -10.66
C ILE A 52 -1.80 -7.47 -9.15
N THR A 53 -1.99 -8.67 -8.65
CA THR A 53 -2.18 -8.88 -7.22
C THR A 53 -0.94 -8.47 -6.43
N GLY A 54 0.22 -8.83 -6.95
CA GLY A 54 1.47 -8.39 -6.35
C GLY A 54 1.63 -6.88 -6.38
N GLN A 55 1.24 -6.27 -7.49
CA GLN A 55 1.36 -4.82 -7.64
C GLN A 55 0.53 -4.10 -6.59
N ARG A 56 -0.67 -4.59 -6.35
CA ARG A 56 -1.60 -3.95 -5.42
C ARG A 56 -1.04 -3.96 -4.00
N LEU A 57 -0.40 -5.07 -3.64
CA LEU A 57 0.23 -5.18 -2.33
C LEU A 57 1.47 -4.29 -2.25
N LEU A 58 2.22 -4.23 -3.33
CA LEU A 58 3.43 -3.41 -3.39
C LEU A 58 3.08 -1.93 -3.29
N GLU A 59 2.01 -1.53 -3.97
CA GLU A 59 1.52 -0.16 -3.87
C GLU A 59 1.05 0.15 -2.45
N ALA A 60 0.39 -0.83 -1.83
CA ALA A 60 -0.12 -0.66 -0.47
C ALA A 60 1.02 -0.47 0.53
N GLN A 61 2.10 -1.21 0.32
CA GLN A 61 3.29 -1.07 1.14
C GLN A 61 3.96 0.29 0.90
N ALA A 62 3.98 0.70 -0.37
CA ALA A 62 4.56 2.00 -0.73
C ALA A 62 3.78 3.14 -0.11
N CYS A 63 2.46 2.97 -0.02
CA CYS A 63 1.60 3.99 0.55
C CYS A 63 1.82 4.12 2.05
N THR A 64 2.36 3.07 2.67
CA THR A 64 2.68 3.10 4.08
C THR A 64 4.11 3.54 4.31
N GLY A 65 4.98 3.26 3.34
CA GLY A 65 6.35 3.74 3.40
C GLY A 65 7.20 3.22 2.26
N GLY A 66 8.20 2.41 2.60
CA GLY A 66 8.95 1.70 1.59
C GLY A 66 8.36 0.32 1.29
N ILE A 67 8.97 -0.39 0.35
CA ILE A 67 8.53 -1.73 0.00
C ILE A 67 8.99 -2.75 1.04
N ILE A 68 8.03 -3.52 1.57
CA ILE A 68 8.28 -4.32 2.76
C ILE A 68 8.61 -5.76 2.39
N ASP A 69 9.78 -6.23 2.82
CA ASP A 69 10.19 -7.60 2.57
C ASP A 69 9.64 -8.54 3.64
N PRO A 70 8.85 -9.53 3.21
CA PRO A 70 8.32 -10.57 4.11
C PRO A 70 9.43 -11.43 4.72
N SER A 71 9.70 -11.20 6.00
CA SER A 71 10.85 -11.81 6.66
C SER A 71 11.00 -11.31 8.09
N THR A 72 10.91 -9.99 8.25
CA THR A 72 10.98 -9.38 9.57
C THR A 72 10.69 -7.88 9.50
N GLY A 73 9.96 -7.48 8.47
CA GLY A 73 9.53 -6.09 8.36
C GLY A 73 10.60 -5.20 7.78
N GLU A 74 11.46 -5.78 6.95
CA GLU A 74 12.54 -5.01 6.31
C GLU A 74 11.99 -4.05 5.27
N ARG A 75 12.56 -2.86 5.20
CA ARG A 75 12.07 -1.81 4.32
C ARG A 75 13.11 -1.45 3.26
N PHE A 76 12.72 -1.56 2.00
CA PHE A 76 13.54 -1.07 0.90
C PHE A 76 12.75 -0.21 -0.05
N PRO A 77 13.34 0.91 -0.49
CA PRO A 77 12.83 1.71 -1.60
C PRO A 77 12.56 0.86 -2.84
N VAL A 78 11.51 1.22 -3.58
CA VAL A 78 11.07 0.43 -4.71
C VAL A 78 12.21 0.16 -5.69
N THR A 79 13.09 1.15 -5.85
CA THR A 79 14.25 1.01 -6.73
C THR A 79 15.26 0.04 -6.15
N ASP A 80 15.45 0.10 -4.83
CA ASP A 80 16.35 -0.82 -4.15
C ASP A 80 15.78 -2.22 -4.12
N ALA A 81 14.46 -2.32 -4.04
CA ALA A 81 13.78 -3.61 -3.99
C ALA A 81 14.09 -4.45 -5.22
N VAL A 82 14.30 -3.78 -6.35
CA VAL A 82 14.75 -4.45 -7.56
C VAL A 82 16.13 -5.08 -7.36
N ASN A 83 16.97 -4.41 -6.59
CA ASN A 83 18.30 -4.93 -6.28
C ASN A 83 18.22 -6.17 -5.40
N LYS A 84 17.11 -6.30 -4.68
CA LYS A 84 16.91 -7.43 -3.78
C LYS A 84 16.07 -8.53 -4.45
N GLY A 85 15.34 -8.14 -5.49
CA GLY A 85 14.53 -9.10 -6.21
C GLY A 85 13.09 -9.14 -5.71
N LEU A 86 12.68 -8.09 -5.02
CA LEU A 86 11.34 -8.01 -4.47
C LEU A 86 10.37 -7.37 -5.46
N VAL A 87 10.80 -6.26 -6.07
CA VAL A 87 10.02 -5.62 -7.13
C VAL A 87 10.73 -5.75 -8.47
N ASP A 88 9.94 -5.98 -9.52
CA ASP A 88 10.48 -6.13 -10.86
C ASP A 88 10.81 -4.77 -11.47
N LYS A 89 11.71 -4.76 -12.44
CA LYS A 89 12.14 -3.52 -13.09
C LYS A 89 10.96 -2.83 -13.75
N ILE A 90 10.04 -3.62 -14.29
CA ILE A 90 8.89 -3.07 -15.00
C ILE A 90 7.86 -2.51 -14.03
N MET A 91 8.02 -2.83 -12.75
CA MET A 91 7.03 -2.48 -11.74
C MET A 91 7.49 -1.28 -10.92
N VAL A 92 8.72 -0.83 -11.19
CA VAL A 92 9.30 0.28 -10.43
C VAL A 92 8.47 1.56 -10.60
N ASP A 93 8.17 1.89 -11.85
CA ASP A 93 7.49 3.15 -12.15
C ASP A 93 6.05 3.12 -11.62
N ARG A 94 5.36 2.02 -11.85
CA ARG A 94 3.96 1.89 -11.46
C ARG A 94 3.82 1.90 -9.94
N ILE A 95 4.80 1.31 -9.25
CA ILE A 95 4.82 1.32 -7.80
C ILE A 95 5.35 2.63 -7.25
N ASN A 96 6.17 3.30 -8.05
CA ASN A 96 6.84 4.51 -7.61
C ASN A 96 5.83 5.62 -7.28
N LEU A 97 4.73 5.64 -8.01
CA LEU A 97 3.69 6.63 -7.78
C LEU A 97 3.08 6.47 -6.40
N ALA A 98 2.91 5.22 -5.97
CA ALA A 98 2.43 4.92 -4.62
C ALA A 98 3.49 5.30 -3.59
N GLN A 99 4.75 5.10 -3.93
CA GLN A 99 5.86 5.47 -3.05
C GLN A 99 5.91 6.98 -2.87
N LYS A 100 5.62 7.72 -3.94
CA LYS A 100 5.56 9.17 -3.89
C LYS A 100 4.40 9.63 -3.01
N ALA A 101 3.31 8.88 -3.04
CA ALA A 101 2.09 9.29 -2.36
C ALA A 101 2.29 9.37 -0.86
N PHE A 102 3.21 8.55 -0.35
CA PHE A 102 3.56 8.56 1.07
C PHE A 102 4.21 9.88 1.45
N CYS A 103 5.05 10.40 0.57
CA CYS A 103 5.89 11.56 0.89
C CYS A 103 5.13 12.86 0.65
N GLY A 104 3.93 12.75 0.08
CA GLY A 104 3.24 13.92 -0.42
C GLY A 104 3.45 14.13 -1.91
N PHE A 105 3.64 13.03 -2.63
CA PHE A 105 4.03 13.10 -4.04
C PHE A 105 5.48 13.56 -4.17
N GLU A 106 5.71 14.86 -3.96
CA GLU A 106 7.06 15.38 -3.88
C GLU A 106 7.94 14.79 -4.98
N ASP A 107 7.56 15.03 -6.23
CA ASP A 107 8.30 14.50 -7.37
C ASP A 107 9.58 15.31 -7.60
N PRO A 108 10.47 14.78 -8.45
CA PRO A 108 11.74 15.44 -8.78
C PRO A 108 11.53 16.79 -9.45
N ARG A 109 12.62 17.45 -9.79
CA ARG A 109 12.56 18.77 -10.43
C ARG A 109 12.23 19.85 -9.41
N THR A 110 11.22 19.60 -8.58
CA THR A 110 10.69 20.62 -7.68
C THR A 110 10.71 20.14 -6.24
N LYS A 111 10.37 18.86 -6.04
CA LYS A 111 10.46 18.25 -4.72
C LYS A 111 9.85 19.16 -3.65
N THR A 112 8.53 19.14 -3.55
CA THR A 112 7.83 19.94 -2.55
C THR A 112 6.77 19.10 -1.84
N LYS A 113 6.35 19.57 -0.66
CA LYS A 113 5.50 18.77 0.21
C LYS A 113 4.02 19.09 -0.04
N MET A 114 3.23 18.06 -0.28
CA MET A 114 1.80 18.22 -0.52
C MET A 114 1.00 17.13 0.19
N SER A 115 -0.22 17.47 0.58
CA SER A 115 -1.19 16.46 1.01
C SER A 115 -1.61 15.57 -0.15
N ALA A 116 -1.53 14.26 0.05
CA ALA A 116 -1.96 13.30 -0.96
C ALA A 116 -3.43 13.50 -1.31
N ALA A 117 -4.24 13.80 -0.29
CA ALA A 117 -5.66 14.03 -0.49
C ALA A 117 -5.90 15.31 -1.28
N GLN A 118 -5.11 16.35 -0.99
CA GLN A 118 -5.18 17.59 -1.73
C GLN A 118 -4.67 17.40 -3.16
N ALA A 119 -3.73 16.48 -3.33
CA ALA A 119 -3.14 16.23 -4.64
C ALA A 119 -4.19 15.89 -5.67
N LEU A 120 -5.24 15.19 -5.23
CA LEU A 120 -6.35 14.84 -6.11
C LEU A 120 -7.10 16.08 -6.58
N LYS A 121 -7.23 17.06 -5.69
CA LYS A 121 -8.03 18.24 -5.98
C LYS A 121 -7.31 19.15 -6.98
N LYS A 122 -5.98 19.09 -6.99
CA LYS A 122 -5.18 20.01 -7.77
C LYS A 122 -4.64 19.34 -9.03
N GLY A 123 -4.61 18.00 -9.01
CA GLY A 123 -4.32 17.26 -10.22
C GLY A 123 -2.91 16.72 -10.25
N TRP A 124 -2.33 16.51 -9.07
CA TRP A 124 -1.01 15.90 -8.96
C TRP A 124 -1.11 14.38 -9.09
N LEU A 125 -2.10 13.80 -8.42
CA LEU A 125 -2.48 12.41 -8.67
C LEU A 125 -3.85 12.34 -9.35
N TYR A 126 -4.12 11.22 -10.02
CA TYR A 126 -5.41 11.00 -10.65
C TYR A 126 -6.26 10.04 -9.84
N TYR A 127 -7.57 10.07 -10.06
CA TYR A 127 -8.52 9.47 -9.14
C TYR A 127 -8.19 8.00 -8.89
N GLU A 128 -7.86 7.29 -9.96
CA GLU A 128 -7.64 5.85 -9.87
C GLU A 128 -6.48 5.52 -8.94
N ALA A 129 -5.43 6.36 -9.01
CA ALA A 129 -4.25 6.17 -8.18
C ALA A 129 -4.48 6.71 -6.77
N GLY A 130 -4.88 7.97 -6.69
CA GLY A 130 -5.01 8.62 -5.40
C GLY A 130 -6.06 7.96 -4.52
N GLN A 131 -7.20 7.61 -5.11
CA GLN A 131 -8.31 7.05 -4.36
C GLN A 131 -7.93 5.72 -3.71
N ARG A 132 -7.19 4.90 -4.45
CA ARG A 132 -6.71 3.62 -3.93
C ARG A 132 -5.69 3.84 -2.82
N PHE A 133 -4.79 4.80 -3.03
CA PHE A 133 -3.69 5.03 -2.09
C PHE A 133 -4.20 5.61 -0.79
N LEU A 134 -5.22 6.45 -0.88
CA LEU A 134 -5.80 7.08 0.31
C LEU A 134 -6.56 6.07 1.15
N GLU A 135 -7.28 5.17 0.48
CA GLU A 135 -8.13 4.20 1.18
C GLU A 135 -7.29 3.21 1.96
N VAL A 136 -6.16 2.81 1.39
CA VAL A 136 -5.26 1.86 2.05
C VAL A 136 -4.70 2.46 3.34
N GLN A 137 -4.36 3.73 3.31
CA GLN A 137 -3.96 4.45 4.51
C GLN A 137 -5.14 4.60 5.46
N TYR A 138 -6.32 4.83 4.91
CA TYR A 138 -7.53 4.99 5.71
C TYR A 138 -7.84 3.70 6.47
N LEU A 139 -7.62 2.56 5.83
CA LEU A 139 -7.97 1.27 6.40
C LEU A 139 -7.15 1.01 7.66
N THR A 140 -5.94 1.55 7.71
CA THR A 140 -5.05 1.35 8.85
C THR A 140 -5.28 2.42 9.91
N GLY A 141 -5.31 3.67 9.49
CA GLY A 141 -5.60 4.76 10.41
C GLY A 141 -6.15 5.98 9.70
N GLY A 142 -5.28 6.92 9.38
CA GLY A 142 -5.71 8.12 8.66
C GLY A 142 -4.90 8.36 7.41
N LEU A 143 -5.00 9.57 6.87
CA LEU A 143 -4.28 9.92 5.64
C LEU A 143 -2.91 10.51 5.98
N ILE A 144 -1.87 10.01 5.31
CA ILE A 144 -0.51 10.40 5.62
C ILE A 144 -0.10 11.66 4.88
N GLU A 145 0.33 12.68 5.62
CA GLU A 145 0.73 13.94 5.03
C GLU A 145 2.11 14.37 5.54
N PRO A 146 2.89 15.02 4.66
CA PRO A 146 4.18 15.60 5.02
C PRO A 146 4.04 16.79 5.98
N ASP A 147 5.16 17.27 6.50
CA ASP A 147 5.16 18.35 7.48
C ASP A 147 4.70 17.84 8.85
N THR A 148 3.54 17.21 8.89
CA THR A 148 2.99 16.70 10.14
C THR A 148 3.85 15.58 10.70
N PRO A 149 3.87 15.45 12.04
CA PRO A 149 4.65 14.43 12.73
C PRO A 149 4.19 13.01 12.39
N GLY A 150 2.93 12.89 11.98
CA GLY A 150 2.39 11.58 11.68
C GLY A 150 1.34 11.63 10.58
N ARG A 151 0.23 10.95 10.80
CA ARG A 151 -0.85 10.92 9.81
C ARG A 151 -2.14 11.49 10.41
N VAL A 152 -2.98 12.07 9.55
CA VAL A 152 -4.15 12.80 10.00
C VAL A 152 -5.43 12.00 9.73
N PRO A 153 -6.20 11.75 10.80
CA PRO A 153 -7.52 11.11 10.69
C PRO A 153 -8.43 11.84 9.71
N LEU A 154 -9.29 11.09 9.03
CA LEU A 154 -10.18 11.65 8.01
C LEU A 154 -11.05 12.74 8.61
N ASP A 155 -11.56 12.49 9.82
CA ASP A 155 -12.39 13.47 10.51
C ASP A 155 -11.58 14.72 10.84
N GLU A 156 -10.32 14.53 11.23
CA GLU A 156 -9.42 15.63 11.50
C GLU A 156 -9.02 16.36 10.22
N ALA A 157 -8.90 15.60 9.13
CA ALA A 157 -8.61 16.17 7.83
C ALA A 157 -9.71 17.11 7.38
N LEU A 158 -10.94 16.79 7.73
CA LEU A 158 -12.09 17.61 7.37
C LEU A 158 -12.01 18.98 8.04
N GLN A 159 -11.73 18.98 9.34
CA GLN A 159 -11.64 20.20 10.11
C GLN A 159 -10.34 20.96 9.79
N ARG A 160 -9.34 20.22 9.31
CA ARG A 160 -8.10 20.83 8.86
C ARG A 160 -8.27 21.48 7.50
N GLY A 161 -9.30 21.04 6.76
CA GLY A 161 -9.63 21.68 5.50
C GLY A 161 -8.78 21.15 4.36
N THR A 162 -8.27 19.93 4.53
CA THR A 162 -7.47 19.29 3.48
C THR A 162 -8.32 18.34 2.64
N VAL A 163 -9.43 17.89 3.21
CA VAL A 163 -10.44 17.16 2.45
C VAL A 163 -11.82 17.78 2.65
N ASP A 164 -12.68 17.63 1.63
CA ASP A 164 -14.07 18.04 1.75
C ASP A 164 -14.97 16.84 2.02
N ALA A 165 -16.27 17.10 2.14
CA ALA A 165 -17.23 16.04 2.43
C ALA A 165 -17.27 15.00 1.32
N ARG A 166 -17.15 15.46 0.08
CA ARG A 166 -17.20 14.58 -1.08
C ARG A 166 -16.04 13.59 -1.06
N THR A 167 -14.87 14.08 -0.67
CA THR A 167 -13.69 13.23 -0.53
C THR A 167 -13.83 12.29 0.66
N ALA A 168 -14.36 12.82 1.76
CA ALA A 168 -14.41 12.09 3.02
C ALA A 168 -15.32 10.86 2.90
N GLN A 169 -16.46 11.04 2.25
CA GLN A 169 -17.39 9.94 2.04
C GLN A 169 -16.80 8.89 1.11
N LYS A 170 -15.97 9.33 0.16
CA LYS A 170 -15.28 8.43 -0.74
C LYS A 170 -14.25 7.60 0.01
N LEU A 171 -13.61 8.21 1.00
CA LEU A 171 -12.71 7.49 1.89
C LEU A 171 -13.49 6.58 2.84
N ARG A 172 -14.68 7.02 3.23
CA ARG A 172 -15.54 6.24 4.12
C ARG A 172 -16.12 5.04 3.38
N ASP A 173 -16.24 5.15 2.06
CA ASP A 173 -16.75 4.06 1.24
C ASP A 173 -15.60 3.30 0.57
N VAL A 174 -14.83 2.58 1.39
CA VAL A 174 -13.77 1.72 0.87
C VAL A 174 -14.35 0.55 0.08
N GLY A 175 -15.60 0.21 0.37
CA GLY A 175 -16.23 -0.93 -0.29
C GLY A 175 -16.52 -0.66 -1.75
N ALA A 176 -16.46 0.61 -2.14
CA ALA A 176 -16.68 1.00 -3.53
C ALA A 176 -15.60 0.42 -4.43
N TYR A 177 -14.41 0.23 -3.88
CA TYR A 177 -13.29 -0.31 -4.63
C TYR A 177 -13.49 -1.80 -4.91
N SER A 178 -13.13 -2.23 -6.11
CA SER A 178 -13.40 -3.59 -6.56
C SER A 178 -12.67 -4.61 -5.69
N LYS A 179 -13.35 -5.70 -5.37
CA LYS A 179 -12.70 -6.87 -4.79
C LYS A 179 -11.80 -7.56 -5.81
N TYR A 180 -10.90 -8.40 -5.33
CA TYR A 180 -9.94 -9.07 -6.20
C TYR A 180 -9.09 -10.06 -5.41
N LEU A 181 -8.95 -9.81 -4.11
CA LEU A 181 -8.12 -10.65 -3.26
C LEU A 181 -8.83 -11.95 -2.91
N THR A 182 -8.13 -13.06 -3.09
CA THR A 182 -8.72 -14.37 -2.85
C THR A 182 -8.08 -15.04 -1.63
N CYS A 183 -8.93 -15.51 -0.71
CA CYS A 183 -8.45 -16.28 0.44
C CYS A 183 -8.85 -17.75 0.30
N PRO A 184 -8.19 -18.60 1.09
CA PRO A 184 -8.44 -20.05 1.06
C PRO A 184 -9.69 -20.46 1.84
N LYS A 185 -10.85 -20.05 1.33
CA LYS A 185 -12.11 -20.34 1.99
C LYS A 185 -13.29 -20.09 1.06
N THR A 186 -14.46 -20.52 1.47
CA THR A 186 -15.68 -20.30 0.69
C THR A 186 -15.83 -18.84 0.30
N LYS A 187 -15.39 -17.95 1.18
CA LYS A 187 -15.42 -16.52 0.91
C LYS A 187 -14.18 -16.09 0.13
N LEU A 188 -14.17 -16.40 -1.17
CA LEU A 188 -12.96 -16.27 -1.97
C LEU A 188 -12.66 -14.81 -2.28
N LYS A 189 -13.49 -14.22 -3.14
CA LYS A 189 -13.24 -12.86 -3.61
C LYS A 189 -13.71 -11.84 -2.58
N ILE A 190 -12.74 -11.15 -1.96
CA ILE A 190 -13.04 -10.24 -0.87
C ILE A 190 -12.32 -8.90 -1.06
N SER A 191 -12.74 -7.90 -0.28
CA SER A 191 -12.12 -6.59 -0.34
C SER A 191 -10.75 -6.60 0.35
N TYR A 192 -10.02 -5.50 0.20
CA TYR A 192 -8.75 -5.34 0.88
C TYR A 192 -8.95 -5.27 2.40
N LYS A 193 -10.02 -4.59 2.82
CA LYS A 193 -10.35 -4.48 4.23
C LYS A 193 -10.68 -5.85 4.82
N ASP A 194 -11.41 -6.66 4.06
CA ASP A 194 -11.70 -8.03 4.46
C ASP A 194 -10.41 -8.86 4.49
N ALA A 195 -9.53 -8.62 3.53
CA ALA A 195 -8.27 -9.34 3.47
C ALA A 195 -7.39 -9.00 4.67
N LEU A 196 -7.42 -7.74 5.09
CA LEU A 196 -6.65 -7.30 6.24
C LEU A 196 -7.17 -7.94 7.53
N ASP A 197 -8.49 -8.08 7.62
CA ASP A 197 -9.10 -8.73 8.77
C ASP A 197 -8.85 -10.24 8.74
N ARG A 198 -8.70 -10.78 7.54
CA ARG A 198 -8.58 -12.23 7.37
C ARG A 198 -7.12 -12.62 7.12
N SER A 199 -6.23 -11.63 7.16
CA SER A 199 -4.80 -11.89 7.07
C SER A 199 -4.28 -12.51 8.36
N MET A 200 -3.17 -13.25 8.25
CA MET A 200 -2.59 -13.93 9.40
C MET A 200 -1.28 -13.28 9.83
N VAL A 201 -1.17 -12.94 11.10
CA VAL A 201 0.04 -12.34 11.63
C VAL A 201 1.00 -13.40 12.16
N GLU A 202 2.24 -13.37 11.69
CA GLU A 202 3.23 -14.36 12.06
C GLU A 202 3.92 -13.98 13.38
N GLU A 203 3.55 -14.65 14.45
CA GLU A 203 4.16 -14.41 15.75
C GLU A 203 3.84 -13.01 16.25
N GLY A 204 4.43 -12.63 17.39
CA GLY A 204 4.20 -11.31 17.93
C GLY A 204 5.12 -10.27 17.32
N THR A 205 5.08 -10.16 15.99
CA THR A 205 5.96 -9.24 15.28
C THR A 205 5.16 -8.16 14.57
N GLY A 206 3.86 -8.38 14.43
CA GLY A 206 3.01 -7.43 13.73
C GLY A 206 3.20 -7.47 12.23
N LEU A 207 3.41 -8.67 11.70
CA LEU A 207 3.62 -8.84 10.26
C LEU A 207 2.49 -9.65 9.64
N ARG A 208 1.60 -8.97 8.92
CA ARG A 208 0.48 -9.62 8.27
C ARG A 208 0.92 -10.36 7.02
N LEU A 209 0.48 -11.62 6.89
CA LEU A 209 0.69 -12.38 5.66
C LEU A 209 -0.64 -12.68 4.98
N LEU A 210 -0.66 -12.56 3.66
CA LEU A 210 -1.86 -12.83 2.88
C LEU A 210 -1.96 -14.31 2.52
N GLU A 211 -3.07 -14.94 2.92
CA GLU A 211 -3.22 -16.38 2.77
C GLU A 211 -3.59 -16.74 1.33
N ALA A 212 -2.93 -17.76 0.80
CA ALA A 212 -3.29 -18.32 -0.49
C ALA A 212 -3.15 -19.83 -0.50
N ALA A 213 -3.89 -20.50 -1.39
CA ALA A 213 -3.84 -21.95 -1.50
C ALA A 213 -3.52 -22.38 -2.92
N ALA A 214 -2.86 -21.50 -3.66
CA ALA A 214 -2.47 -21.81 -5.04
C ALA A 214 -3.67 -21.84 -5.97
N GLN A 215 -4.37 -22.97 -5.99
CA GLN A 215 -5.55 -23.11 -6.82
C GLN A 215 -5.26 -22.76 -8.27
N MET A 1 1.50 -1.18 -13.59
CA MET A 1 0.57 -2.32 -13.55
C MET A 1 -0.34 -2.23 -12.32
N GLY A 2 -1.60 -2.60 -12.51
CA GLY A 2 -2.59 -2.36 -11.48
C GLY A 2 -2.91 -0.89 -11.30
N HIS A 3 -2.85 -0.43 -10.05
CA HIS A 3 -3.12 0.98 -9.75
C HIS A 3 -2.88 1.26 -8.27
N HIS A 4 -2.36 2.46 -7.98
CA HIS A 4 -1.73 2.71 -6.69
C HIS A 4 -1.27 4.17 -6.60
N HIS A 5 -0.94 4.59 -5.38
CA HIS A 5 -0.22 5.85 -5.18
C HIS A 5 0.27 5.97 -3.74
N HIS A 6 1.45 6.57 -3.58
CA HIS A 6 2.07 6.68 -2.27
C HIS A 6 1.39 7.75 -1.42
N HIS A 7 1.53 7.63 -0.10
CA HIS A 7 1.21 8.74 0.80
C HIS A 7 2.24 8.85 1.92
N HIS A 8 2.60 10.07 2.27
CA HIS A 8 3.66 10.31 3.25
C HIS A 8 3.37 9.58 4.55
N SER A 9 4.27 8.68 4.94
CA SER A 9 4.07 7.85 6.13
C SER A 9 5.28 7.94 7.05
N HIS A 10 5.24 8.87 8.00
CA HIS A 10 6.36 9.11 8.90
C HIS A 10 5.94 8.95 10.35
N MET A 11 6.36 7.85 10.97
CA MET A 11 5.93 7.52 12.32
C MET A 11 6.80 8.22 13.36
N GLN A 12 6.74 9.55 13.38
CA GLN A 12 7.50 10.34 14.35
C GLN A 12 7.06 11.79 14.31
N LEU A 13 6.82 12.36 15.49
CA LEU A 13 6.40 13.76 15.59
C LEU A 13 7.03 14.42 16.82
N ALA A 14 7.94 15.34 16.57
CA ALA A 14 8.62 16.07 17.64
C ALA A 14 9.42 15.11 18.53
N SER A 15 9.71 13.93 17.99
CA SER A 15 10.43 12.91 18.76
C SER A 15 10.70 11.68 17.89
N TRP A 16 11.84 11.04 18.11
CA TRP A 16 12.19 9.82 17.40
C TRP A 16 11.59 8.60 18.09
N SER A 17 10.27 8.52 18.11
CA SER A 17 9.57 7.45 18.79
C SER A 17 8.07 7.49 18.50
N ASP A 18 7.44 6.33 18.55
CA ASP A 18 6.00 6.23 18.31
C ASP A 18 5.37 5.18 19.21
N PRO A 19 5.10 5.55 20.47
CA PRO A 19 4.54 4.63 21.46
C PRO A 19 3.02 4.49 21.34
N THR A 20 2.58 3.89 20.24
CA THR A 20 1.15 3.67 20.00
C THR A 20 0.87 2.20 19.73
N GLU A 21 1.16 1.76 18.51
CA GLU A 21 0.89 0.39 18.11
C GLU A 21 1.75 -0.01 16.91
N GLU A 22 1.89 -1.31 16.70
CA GLU A 22 2.69 -1.83 15.60
C GLU A 22 1.82 -2.47 14.54
N THR A 23 1.44 -1.68 13.54
CA THR A 23 0.58 -2.18 12.47
C THR A 23 1.25 -1.96 11.10
N GLY A 24 0.58 -2.42 10.05
CA GLY A 24 1.11 -2.25 8.71
C GLY A 24 0.36 -3.08 7.68
N PRO A 25 0.83 -3.04 6.42
CA PRO A 25 0.21 -3.77 5.32
C PRO A 25 0.65 -5.23 5.27
N VAL A 26 0.11 -5.98 4.32
CA VAL A 26 0.58 -7.34 4.06
C VAL A 26 1.99 -7.35 3.49
N ALA A 27 2.88 -8.10 4.13
CA ALA A 27 4.27 -8.14 3.72
C ALA A 27 4.54 -9.27 2.74
N GLY A 28 3.88 -10.40 2.96
CA GLY A 28 4.20 -11.60 2.20
C GLY A 28 3.05 -12.60 2.21
N ILE A 29 3.32 -13.80 1.70
CA ILE A 29 2.26 -14.78 1.47
C ILE A 29 2.42 -15.97 2.41
N LEU A 30 1.28 -16.46 2.92
CA LEU A 30 1.28 -17.68 3.72
C LEU A 30 0.32 -18.72 3.14
N ASP A 31 0.84 -19.92 2.89
CA ASP A 31 0.01 -21.03 2.44
C ASP A 31 -0.70 -21.69 3.61
N THR A 32 -2.03 -21.54 3.66
CA THR A 32 -2.81 -22.02 4.79
C THR A 32 -2.74 -23.54 4.91
N GLU A 33 -2.49 -24.19 3.78
CA GLU A 33 -2.47 -25.65 3.73
C GLU A 33 -1.50 -26.21 4.76
N THR A 34 -0.35 -25.56 4.91
CA THR A 34 0.68 -26.01 5.83
C THR A 34 1.32 -24.84 6.56
N LEU A 35 0.72 -23.66 6.42
CA LEU A 35 1.24 -22.45 7.05
C LEU A 35 2.69 -22.21 6.66
N GLU A 36 2.92 -22.02 5.37
CA GLU A 36 4.27 -21.79 4.86
C GLU A 36 4.47 -20.32 4.52
N LYS A 37 5.38 -19.67 5.24
CA LYS A 37 5.73 -18.27 4.95
C LYS A 37 6.65 -18.18 3.75
N VAL A 38 6.21 -17.47 2.72
CA VAL A 38 7.02 -17.26 1.53
C VAL A 38 7.03 -15.80 1.12
N SER A 39 8.05 -15.40 0.37
CA SER A 39 8.19 -14.02 -0.08
C SER A 39 7.25 -13.74 -1.26
N ILE A 40 7.12 -12.47 -1.61
CA ILE A 40 6.33 -12.08 -2.77
C ILE A 40 6.93 -12.64 -4.06
N THR A 41 8.26 -12.62 -4.15
CA THR A 41 8.96 -13.17 -5.29
C THR A 41 8.76 -14.68 -5.37
N GLU A 42 8.87 -15.35 -4.23
CA GLU A 42 8.68 -16.79 -4.17
C GLU A 42 7.24 -17.17 -4.49
N ALA A 43 6.30 -16.34 -4.03
CA ALA A 43 4.89 -16.57 -4.27
C ALA A 43 4.56 -16.47 -5.77
N MET A 44 5.15 -15.46 -6.41
CA MET A 44 4.92 -15.25 -7.85
C MET A 44 5.52 -16.38 -8.66
N HIS A 45 6.59 -16.98 -8.14
CA HIS A 45 7.40 -17.91 -8.92
C HIS A 45 6.57 -19.10 -9.38
N ARG A 46 5.70 -19.59 -8.50
CA ARG A 46 4.74 -20.62 -8.86
C ARG A 46 3.99 -21.14 -7.64
N ASN A 47 3.63 -20.21 -6.74
CA ASN A 47 2.94 -20.58 -5.50
C ASN A 47 1.44 -20.53 -5.70
N LEU A 48 0.93 -19.37 -6.11
CA LEU A 48 -0.50 -19.20 -6.36
C LEU A 48 -0.79 -17.80 -6.89
N VAL A 49 0.05 -16.85 -6.53
CA VAL A 49 -0.16 -15.46 -6.90
C VAL A 49 0.42 -15.17 -8.28
N ASP A 50 -0.23 -14.26 -9.01
CA ASP A 50 0.31 -13.78 -10.27
C ASP A 50 0.99 -12.42 -10.09
N ASN A 51 1.34 -11.79 -11.21
CA ASN A 51 1.93 -10.45 -11.18
C ASN A 51 0.98 -9.47 -10.50
N ILE A 52 -0.31 -9.56 -10.82
CA ILE A 52 -1.29 -8.61 -10.32
C ILE A 52 -1.54 -8.79 -8.83
N THR A 53 -1.66 -10.06 -8.41
CA THR A 53 -1.88 -10.37 -7.01
C THR A 53 -0.69 -9.97 -6.16
N GLY A 54 0.52 -10.26 -6.65
CA GLY A 54 1.71 -9.78 -6.00
C GLY A 54 1.83 -8.26 -6.05
N GLN A 55 1.44 -7.68 -7.17
CA GLN A 55 1.57 -6.24 -7.37
C GLN A 55 0.74 -5.47 -6.35
N ARG A 56 -0.51 -5.89 -6.18
CA ARG A 56 -1.46 -5.16 -5.36
C ARG A 56 -1.02 -5.13 -3.90
N LEU A 57 -0.41 -6.23 -3.46
CA LEU A 57 0.20 -6.28 -2.12
C LEU A 57 1.40 -5.35 -2.03
N LEU A 58 2.19 -5.32 -3.11
CA LEU A 58 3.34 -4.42 -3.17
C LEU A 58 2.88 -2.96 -3.24
N GLU A 59 1.73 -2.73 -3.88
CA GLU A 59 1.18 -1.39 -3.98
C GLU A 59 0.86 -0.83 -2.60
N ALA A 60 0.32 -1.67 -1.73
CA ALA A 60 0.03 -1.28 -0.36
C ALA A 60 1.31 -0.96 0.41
N GLN A 61 2.37 -1.69 0.10
CA GLN A 61 3.66 -1.48 0.75
C GLN A 61 4.29 -0.15 0.31
N ALA A 62 4.18 0.13 -0.98
CA ALA A 62 4.75 1.36 -1.54
C ALA A 62 4.06 2.58 -0.95
N CYS A 63 2.76 2.50 -0.75
CA CYS A 63 2.01 3.53 -0.03
C CYS A 63 2.61 3.73 1.37
N THR A 64 2.80 2.63 2.09
CA THR A 64 3.35 2.69 3.44
C THR A 64 4.87 2.84 3.41
N GLY A 65 5.33 4.00 2.95
CA GLY A 65 6.75 4.26 2.89
C GLY A 65 7.42 3.53 1.72
N GLY A 66 8.28 2.58 2.05
CA GLY A 66 8.98 1.84 1.01
C GLY A 66 8.43 0.44 0.82
N ILE A 67 9.01 -0.30 -0.11
CA ILE A 67 8.61 -1.69 -0.33
C ILE A 67 9.14 -2.60 0.76
N ILE A 68 8.29 -3.49 1.26
CA ILE A 68 8.55 -4.18 2.51
C ILE A 68 8.88 -5.65 2.26
N ASP A 69 10.07 -6.06 2.69
CA ASP A 69 10.44 -7.46 2.67
C ASP A 69 9.96 -8.18 3.92
N PRO A 70 9.12 -9.21 3.72
CA PRO A 70 8.61 -10.03 4.83
C PRO A 70 9.72 -10.71 5.62
N SER A 71 9.92 -10.26 6.85
CA SER A 71 11.02 -10.75 7.67
C SER A 71 10.98 -10.13 9.07
N THR A 72 10.96 -8.80 9.13
CA THR A 72 11.12 -8.08 10.38
C THR A 72 10.90 -6.58 10.19
N GLY A 73 10.13 -6.23 9.16
CA GLY A 73 9.79 -4.83 8.93
C GLY A 73 10.85 -4.11 8.13
N GLU A 74 11.39 -4.78 7.12
CA GLU A 74 12.42 -4.18 6.27
C GLU A 74 11.80 -3.11 5.36
N ARG A 75 12.63 -2.15 4.97
CA ARG A 75 12.20 -1.12 4.03
C ARG A 75 13.19 -0.99 2.87
N PHE A 76 12.69 -1.12 1.65
CA PHE A 76 13.50 -0.93 0.46
C PHE A 76 12.80 -0.02 -0.55
N PRO A 77 13.56 0.91 -1.14
CA PRO A 77 13.09 1.71 -2.27
C PRO A 77 12.59 0.86 -3.43
N VAL A 78 11.70 1.41 -4.22
CA VAL A 78 11.08 0.66 -5.32
C VAL A 78 12.12 0.26 -6.37
N THR A 79 12.95 1.22 -6.76
CA THR A 79 13.98 0.98 -7.76
C THR A 79 15.02 -0.02 -7.25
N ASP A 80 15.33 0.07 -5.97
CA ASP A 80 16.26 -0.87 -5.34
C ASP A 80 15.62 -2.25 -5.21
N ALA A 81 14.31 -2.27 -4.95
CA ALA A 81 13.56 -3.52 -4.90
C ALA A 81 13.59 -4.24 -6.25
N VAL A 82 13.62 -3.46 -7.32
CA VAL A 82 13.83 -4.01 -8.66
C VAL A 82 15.25 -4.58 -8.80
N ASN A 83 16.22 -3.87 -8.22
CA ASN A 83 17.62 -4.19 -8.43
C ASN A 83 17.98 -5.50 -7.75
N LYS A 84 17.36 -5.77 -6.61
CA LYS A 84 17.62 -6.99 -5.85
C LYS A 84 16.49 -7.28 -4.87
N GLY A 85 15.25 -7.21 -5.36
CA GLY A 85 14.10 -7.43 -4.50
C GLY A 85 12.97 -8.13 -5.20
N LEU A 86 11.79 -7.53 -5.18
CA LEU A 86 10.57 -8.21 -5.60
C LEU A 86 9.66 -7.26 -6.38
N VAL A 87 10.26 -6.44 -7.23
CA VAL A 87 9.50 -5.54 -8.09
C VAL A 87 9.97 -5.64 -9.54
N ASP A 88 9.01 -5.62 -10.46
CA ASP A 88 9.32 -5.69 -11.88
C ASP A 88 9.76 -4.31 -12.42
N LYS A 89 10.66 -4.32 -13.39
CA LYS A 89 11.09 -3.09 -14.03
C LYS A 89 9.91 -2.36 -14.68
N ILE A 90 8.97 -3.13 -15.20
CA ILE A 90 7.88 -2.57 -15.99
C ILE A 90 6.86 -1.87 -15.10
N MET A 91 7.00 -2.06 -13.80
CA MET A 91 6.07 -1.47 -12.83
C MET A 91 6.62 -0.17 -12.27
N VAL A 92 7.91 0.09 -12.55
CA VAL A 92 8.60 1.22 -11.94
C VAL A 92 7.98 2.54 -12.39
N ASP A 93 7.65 2.63 -13.66
CA ASP A 93 7.19 3.89 -14.25
C ASP A 93 5.88 4.35 -13.62
N ARG A 94 4.96 3.40 -13.43
CA ARG A 94 3.70 3.69 -12.77
C ARG A 94 3.92 3.95 -11.28
N ILE A 95 4.79 3.15 -10.66
CA ILE A 95 5.05 3.28 -9.23
C ILE A 95 5.93 4.49 -8.95
N ASN A 96 6.54 5.03 -9.99
CA ASN A 96 7.40 6.20 -9.86
C ASN A 96 6.61 7.40 -9.35
N LEU A 97 5.31 7.42 -9.67
CA LEU A 97 4.41 8.43 -9.13
C LEU A 97 4.27 8.28 -7.62
N ALA A 98 4.31 7.04 -7.15
CA ALA A 98 4.38 6.76 -5.72
C ALA A 98 5.72 7.19 -5.14
N GLN A 99 6.77 7.01 -5.92
CA GLN A 99 8.10 7.47 -5.52
C GLN A 99 8.15 8.99 -5.44
N LYS A 100 7.48 9.66 -6.38
CA LYS A 100 7.50 11.11 -6.45
C LYS A 100 6.75 11.72 -5.26
N ALA A 101 5.71 11.03 -4.80
CA ALA A 101 4.94 11.48 -3.65
C ALA A 101 5.79 11.46 -2.38
N PHE A 102 6.71 10.50 -2.31
CA PHE A 102 7.58 10.37 -1.14
C PHE A 102 8.69 11.41 -1.16
N CYS A 103 9.32 11.59 -2.32
CA CYS A 103 10.45 12.50 -2.46
C CYS A 103 10.47 13.13 -3.85
N GLY A 104 9.37 13.77 -4.23
CA GLY A 104 9.29 14.44 -5.51
C GLY A 104 8.46 15.70 -5.45
N PHE A 105 7.21 15.56 -5.02
CA PHE A 105 6.29 16.70 -4.97
C PHE A 105 6.61 17.60 -3.78
N GLU A 106 7.76 18.26 -3.84
CA GLU A 106 8.11 19.27 -2.85
C GLU A 106 9.19 20.20 -3.38
N ASP A 107 8.86 21.49 -3.45
CA ASP A 107 9.78 22.48 -4.02
C ASP A 107 11.05 22.60 -3.18
N PRO A 108 12.19 22.75 -3.86
CA PRO A 108 13.49 22.95 -3.20
C PRO A 108 13.65 24.37 -2.66
N ARG A 109 12.82 24.73 -1.69
CA ARG A 109 12.82 26.09 -1.15
C ARG A 109 12.01 26.16 0.14
N THR A 110 10.76 25.72 0.07
CA THR A 110 9.91 25.61 1.26
C THR A 110 10.28 24.37 2.07
N LYS A 111 10.65 23.30 1.37
CA LYS A 111 11.11 22.09 2.03
C LYS A 111 10.15 21.65 3.13
N THR A 112 8.85 21.69 2.82
CA THR A 112 7.83 21.30 3.79
C THR A 112 7.42 19.85 3.59
N LYS A 113 6.38 19.43 4.31
CA LYS A 113 5.97 18.03 4.32
C LYS A 113 4.48 17.90 4.05
N MET A 114 4.12 17.76 2.78
CA MET A 114 2.72 17.64 2.39
C MET A 114 2.19 16.24 2.65
N SER A 115 0.90 16.14 2.93
CA SER A 115 0.19 14.86 2.83
C SER A 115 -0.31 14.63 1.41
N ALA A 116 -0.53 13.37 1.05
CA ALA A 116 -1.04 13.02 -0.26
C ALA A 116 -2.41 13.65 -0.51
N ALA A 117 -3.24 13.66 0.52
CA ALA A 117 -4.56 14.27 0.43
C ALA A 117 -4.46 15.78 0.24
N GLN A 118 -3.49 16.40 0.90
CA GLN A 118 -3.26 17.82 0.77
C GLN A 118 -2.84 18.19 -0.65
N ALA A 119 -2.13 17.27 -1.29
CA ALA A 119 -1.64 17.49 -2.66
C ALA A 119 -2.78 17.81 -3.60
N LEU A 120 -3.94 17.21 -3.36
CA LEU A 120 -5.13 17.51 -4.13
C LEU A 120 -5.58 18.95 -3.93
N LYS A 121 -5.45 19.43 -2.69
CA LYS A 121 -5.78 20.81 -2.37
C LYS A 121 -4.74 21.77 -2.94
N LYS A 122 -3.51 21.27 -3.10
CA LYS A 122 -2.43 22.08 -3.66
C LYS A 122 -2.54 22.13 -5.19
N GLY A 123 -3.09 21.07 -5.77
CA GLY A 123 -3.29 21.05 -7.22
C GLY A 123 -2.06 20.58 -7.96
N TRP A 124 -1.14 19.96 -7.24
CA TRP A 124 0.09 19.45 -7.85
C TRP A 124 -0.15 18.11 -8.53
N LEU A 125 -0.57 17.12 -7.75
CA LEU A 125 -1.08 15.87 -8.30
C LEU A 125 -2.42 16.07 -9.00
N TYR A 126 -2.84 15.07 -9.76
CA TYR A 126 -4.11 15.14 -10.46
C TYR A 126 -5.13 14.19 -9.84
N TYR A 127 -6.41 14.43 -10.11
CA TYR A 127 -7.48 13.79 -9.37
C TYR A 127 -7.40 12.27 -9.50
N GLU A 128 -7.13 11.80 -10.72
CA GLU A 128 -7.14 10.37 -11.01
C GLU A 128 -6.11 9.64 -10.17
N ALA A 129 -4.97 10.28 -9.93
CA ALA A 129 -3.98 9.76 -9.00
C ALA A 129 -4.37 10.07 -7.56
N GLY A 130 -5.12 11.17 -7.37
CA GLY A 130 -5.52 11.57 -6.04
C GLY A 130 -6.33 10.51 -5.33
N GLN A 131 -7.23 9.85 -6.07
CA GLN A 131 -8.05 8.80 -5.50
C GLN A 131 -7.20 7.60 -5.08
N ARG A 132 -6.11 7.39 -5.80
CA ARG A 132 -5.45 6.08 -5.80
C ARG A 132 -4.93 5.72 -4.40
N PHE A 133 -4.28 6.69 -3.76
CA PHE A 133 -3.71 6.47 -2.43
C PHE A 133 -4.80 6.50 -1.37
N LEU A 134 -5.89 7.21 -1.65
CA LEU A 134 -6.95 7.40 -0.68
C LEU A 134 -7.63 6.07 -0.34
N GLU A 135 -7.75 5.21 -1.35
CA GLU A 135 -8.52 3.97 -1.21
C GLU A 135 -7.87 3.04 -0.20
N VAL A 136 -6.55 2.91 -0.30
CA VAL A 136 -5.85 1.81 0.36
C VAL A 136 -5.74 2.05 1.86
N GLN A 137 -5.33 3.26 2.23
CA GLN A 137 -5.08 3.59 3.63
C GLN A 137 -6.38 3.58 4.43
N TYR A 138 -7.47 3.99 3.79
CA TYR A 138 -8.78 3.99 4.41
C TYR A 138 -9.19 2.57 4.82
N LEU A 139 -8.84 1.61 3.97
CA LEU A 139 -9.20 0.21 4.22
C LEU A 139 -8.53 -0.30 5.49
N THR A 140 -7.37 0.25 5.82
CA THR A 140 -6.64 -0.16 7.01
C THR A 140 -7.07 0.65 8.23
N GLY A 141 -7.49 1.90 7.98
CA GLY A 141 -8.05 2.71 9.05
C GLY A 141 -8.49 4.07 8.57
N GLY A 142 -7.54 4.96 8.33
CA GLY A 142 -7.86 6.31 7.90
C GLY A 142 -6.87 6.84 6.87
N LEU A 143 -6.60 8.14 6.94
CA LEU A 143 -5.60 8.75 6.07
C LEU A 143 -4.26 8.89 6.79
N ILE A 144 -3.18 8.59 6.08
CA ILE A 144 -1.84 8.70 6.65
C ILE A 144 -1.19 10.02 6.27
N GLU A 145 -0.60 10.69 7.26
CA GLU A 145 0.06 11.98 7.04
C GLU A 145 1.45 11.99 7.65
N PRO A 146 2.31 12.91 7.14
CA PRO A 146 3.70 13.01 7.59
C PRO A 146 3.82 13.52 9.02
N ASP A 147 2.79 14.21 9.49
CA ASP A 147 2.82 14.83 10.80
C ASP A 147 2.44 13.83 11.89
N THR A 148 1.14 13.54 11.99
CA THR A 148 0.65 12.55 12.94
C THR A 148 1.32 11.21 12.75
N PRO A 149 1.97 10.71 13.82
CA PRO A 149 2.63 9.40 13.80
C PRO A 149 1.64 8.25 13.87
N GLY A 150 0.85 8.08 12.81
CA GLY A 150 -0.21 7.09 12.81
C GLY A 150 -1.26 7.36 11.76
N ARG A 151 -2.50 7.00 12.07
CA ARG A 151 -3.61 7.21 11.15
C ARG A 151 -4.49 8.37 11.60
N VAL A 152 -5.02 9.13 10.64
CA VAL A 152 -5.97 10.19 10.94
C VAL A 152 -7.36 9.85 10.43
N PRO A 153 -8.35 9.90 11.33
CA PRO A 153 -9.76 9.65 10.98
C PRO A 153 -10.23 10.52 9.84
N LEU A 154 -11.07 9.95 8.97
CA LEU A 154 -11.63 10.70 7.85
C LEU A 154 -12.39 11.92 8.33
N ASP A 155 -13.13 11.76 9.43
CA ASP A 155 -13.89 12.86 10.01
C ASP A 155 -12.96 13.97 10.49
N GLU A 156 -11.81 13.58 11.02
CA GLU A 156 -10.80 14.55 11.45
C GLU A 156 -10.15 15.23 10.26
N ALA A 157 -9.98 14.47 9.17
CA ALA A 157 -9.48 15.02 7.93
C ALA A 157 -10.41 16.09 7.37
N LEU A 158 -11.71 15.89 7.57
CA LEU A 158 -12.71 16.84 7.11
C LEU A 158 -12.59 18.17 7.85
N GLN A 159 -12.47 18.08 9.18
CA GLN A 159 -12.40 19.27 10.01
C GLN A 159 -11.04 19.96 9.86
N ARG A 160 -10.02 19.18 9.49
CA ARG A 160 -8.71 19.73 9.20
C ARG A 160 -8.68 20.35 7.81
N GLY A 161 -9.60 19.92 6.96
CA GLY A 161 -9.77 20.55 5.66
C GLY A 161 -9.01 19.85 4.56
N THR A 162 -8.02 19.05 4.94
CA THR A 162 -7.22 18.32 3.97
C THR A 162 -8.09 17.61 2.95
N VAL A 163 -9.27 17.17 3.39
CA VAL A 163 -10.27 16.63 2.48
C VAL A 163 -11.60 17.37 2.61
N ASP A 164 -12.32 17.47 1.51
CA ASP A 164 -13.67 18.03 1.52
C ASP A 164 -14.73 16.94 1.56
N ALA A 165 -15.99 17.35 1.59
CA ALA A 165 -17.09 16.41 1.76
C ALA A 165 -17.16 15.42 0.60
N ARG A 166 -16.94 15.93 -0.60
CA ARG A 166 -17.03 15.10 -1.80
C ARG A 166 -15.97 14.00 -1.79
N THR A 167 -14.77 14.36 -1.33
CA THR A 167 -13.68 13.39 -1.22
C THR A 167 -13.95 12.36 -0.13
N ALA A 168 -14.51 12.83 0.99
CA ALA A 168 -14.69 11.98 2.16
C ALA A 168 -15.71 10.90 1.89
N GLN A 169 -16.81 11.27 1.24
CA GLN A 169 -17.87 10.32 0.92
C GLN A 169 -17.37 9.26 -0.07
N LYS A 170 -16.44 9.66 -0.94
CA LYS A 170 -15.78 8.72 -1.82
C LYS A 170 -14.90 7.74 -1.05
N LEU A 171 -14.30 8.23 0.03
CA LEU A 171 -13.51 7.39 0.92
C LEU A 171 -14.40 6.37 1.62
N ARG A 172 -15.63 6.77 1.94
CA ARG A 172 -16.55 5.91 2.66
C ARG A 172 -17.06 4.78 1.76
N ASP A 173 -16.91 4.96 0.46
CA ASP A 173 -17.42 3.99 -0.51
C ASP A 173 -16.51 2.77 -0.58
N VAL A 174 -15.21 3.00 -0.52
CA VAL A 174 -14.24 1.94 -0.80
C VAL A 174 -14.28 0.84 0.25
N GLY A 175 -14.73 1.20 1.46
CA GLY A 175 -14.82 0.23 2.53
C GLY A 175 -16.03 -0.68 2.37
N ALA A 176 -16.99 -0.26 1.56
CA ALA A 176 -18.23 -1.01 1.40
C ALA A 176 -18.09 -2.08 0.32
N TYR A 177 -17.61 -1.68 -0.84
CA TYR A 177 -17.55 -2.57 -2.00
C TYR A 177 -16.35 -3.51 -1.90
N SER A 178 -16.61 -4.81 -2.04
CA SER A 178 -15.54 -5.80 -2.04
C SER A 178 -14.75 -5.75 -3.34
N LYS A 179 -13.43 -5.88 -3.22
CA LYS A 179 -12.57 -6.01 -4.39
C LYS A 179 -11.21 -5.35 -4.15
N TYR A 180 -10.24 -6.15 -3.73
CA TYR A 180 -8.87 -5.68 -3.61
C TYR A 180 -7.88 -6.79 -3.96
N LEU A 181 -8.03 -7.93 -3.31
CA LEU A 181 -7.13 -9.06 -3.52
C LEU A 181 -7.78 -10.10 -4.45
N THR A 182 -7.00 -10.62 -5.39
CA THR A 182 -7.46 -11.71 -6.23
C THR A 182 -6.70 -13.00 -5.93
N CYS A 183 -7.43 -14.07 -5.67
CA CYS A 183 -6.84 -15.38 -5.46
C CYS A 183 -7.20 -16.33 -6.60
N PRO A 184 -6.48 -17.46 -6.68
CA PRO A 184 -6.72 -18.48 -7.71
C PRO A 184 -8.17 -18.96 -7.72
N LYS A 185 -8.55 -19.68 -6.67
CA LYS A 185 -9.94 -20.08 -6.49
C LYS A 185 -10.19 -20.56 -5.06
N THR A 186 -10.64 -19.66 -4.20
CA THR A 186 -10.92 -20.00 -2.81
C THR A 186 -11.45 -18.80 -2.04
N LYS A 187 -11.02 -17.61 -2.45
CA LYS A 187 -11.51 -16.38 -1.85
C LYS A 187 -11.90 -15.36 -2.92
N LEU A 188 -11.06 -15.21 -3.93
CA LEU A 188 -11.44 -14.51 -5.15
C LEU A 188 -11.71 -13.04 -4.86
N LYS A 189 -12.99 -12.67 -4.85
CA LYS A 189 -13.38 -11.27 -4.70
C LYS A 189 -13.46 -10.88 -3.24
N ILE A 190 -12.35 -10.41 -2.68
CA ILE A 190 -12.30 -9.97 -1.29
C ILE A 190 -11.66 -8.60 -1.17
N SER A 191 -12.05 -7.86 -0.12
CA SER A 191 -11.47 -6.55 0.13
C SER A 191 -10.17 -6.68 0.91
N TYR A 192 -9.45 -5.56 1.05
CA TYR A 192 -8.29 -5.50 1.93
C TYR A 192 -8.69 -5.69 3.39
N LYS A 193 -9.87 -5.19 3.74
CA LYS A 193 -10.41 -5.38 5.08
C LYS A 193 -10.67 -6.85 5.37
N ASP A 194 -11.10 -7.58 4.35
CA ASP A 194 -11.29 -9.03 4.45
C ASP A 194 -9.96 -9.73 4.71
N ALA A 195 -8.92 -9.27 4.04
CA ALA A 195 -7.58 -9.81 4.24
C ALA A 195 -7.05 -9.49 5.62
N LEU A 196 -7.31 -8.27 6.09
CA LEU A 196 -6.72 -7.78 7.33
C LEU A 196 -7.23 -8.58 8.53
N ASP A 197 -8.47 -9.06 8.42
CA ASP A 197 -9.04 -9.93 9.45
C ASP A 197 -8.36 -11.30 9.43
N ARG A 198 -7.91 -11.71 8.25
CA ARG A 198 -7.35 -13.05 8.09
C ARG A 198 -5.82 -12.99 8.03
N SER A 199 -5.29 -11.77 7.99
CA SER A 199 -3.84 -11.57 7.93
C SER A 199 -3.15 -12.24 9.12
N MET A 200 -2.16 -13.08 8.82
CA MET A 200 -1.49 -13.86 9.86
C MET A 200 -0.18 -13.20 10.26
N VAL A 201 -0.06 -12.85 11.54
CA VAL A 201 1.16 -12.24 12.06
C VAL A 201 1.84 -13.17 13.06
N GLU A 202 3.14 -13.41 12.84
CA GLU A 202 3.94 -14.20 13.77
C GLU A 202 4.17 -13.44 15.07
N GLU A 203 4.23 -14.18 16.18
CA GLU A 203 4.33 -13.56 17.50
C GLU A 203 5.35 -12.43 17.50
N GLY A 204 6.57 -12.75 17.08
CA GLY A 204 7.65 -11.78 17.14
C GLY A 204 7.65 -10.82 15.96
N THR A 205 7.86 -11.37 14.76
CA THR A 205 7.75 -10.57 13.54
C THR A 205 6.81 -11.25 12.55
N GLY A 206 7.37 -11.70 11.43
CA GLY A 206 6.56 -12.34 10.40
C GLY A 206 5.74 -11.35 9.61
N LEU A 207 5.55 -10.16 10.18
CA LEU A 207 4.65 -9.17 9.59
C LEU A 207 3.32 -9.80 9.20
N ARG A 208 2.55 -9.09 8.39
CA ARG A 208 1.27 -9.60 7.90
C ARG A 208 1.48 -10.56 6.74
N LEU A 209 0.97 -11.78 6.90
CA LEU A 209 0.98 -12.77 5.82
C LEU A 209 -0.43 -13.01 5.30
N LEU A 210 -0.57 -13.04 3.97
CA LEU A 210 -1.87 -13.25 3.34
C LEU A 210 -2.17 -14.74 3.21
N GLU A 211 -3.29 -15.16 3.77
CA GLU A 211 -3.67 -16.57 3.77
C GLU A 211 -4.24 -16.98 2.41
N ALA A 212 -3.69 -18.06 1.85
CA ALA A 212 -4.26 -18.66 0.64
C ALA A 212 -4.10 -20.17 0.67
N ALA A 213 -4.99 -20.86 -0.03
CA ALA A 213 -4.98 -22.31 -0.06
C ALA A 213 -4.16 -22.85 -1.22
N ALA A 214 -3.67 -21.95 -2.06
CA ALA A 214 -2.92 -22.33 -3.25
C ALA A 214 -3.72 -23.29 -4.11
N GLN A 215 -4.97 -22.97 -4.35
CA GLN A 215 -5.85 -23.83 -5.14
C GLN A 215 -7.16 -23.12 -5.47
N MET A 1 9.54 6.85 -19.43
CA MET A 1 8.35 6.06 -19.73
C MET A 1 7.12 6.65 -19.03
N GLY A 2 7.27 6.98 -17.76
CA GLY A 2 6.16 6.87 -16.83
C GLY A 2 5.11 5.89 -17.28
N HIS A 3 3.92 6.39 -17.62
CA HIS A 3 2.98 5.65 -18.44
C HIS A 3 3.39 4.19 -18.56
N HIS A 4 2.93 3.37 -17.63
CA HIS A 4 2.97 1.91 -17.80
C HIS A 4 1.58 1.35 -18.06
N HIS A 5 0.97 0.77 -17.02
CA HIS A 5 -0.45 0.46 -17.04
C HIS A 5 -0.75 -0.69 -17.99
N HIS A 6 -1.67 -1.56 -17.59
CA HIS A 6 -2.25 -2.54 -18.50
C HIS A 6 -3.36 -3.34 -17.81
N HIS A 7 -3.83 -2.84 -16.68
CA HIS A 7 -4.72 -3.60 -15.81
C HIS A 7 -5.42 -2.68 -14.81
N HIS A 8 -5.57 -3.17 -13.59
CA HIS A 8 -6.23 -2.40 -12.53
C HIS A 8 -5.41 -1.17 -12.15
N SER A 9 -4.15 -1.39 -11.82
CA SER A 9 -3.26 -0.31 -11.42
C SER A 9 -3.80 0.40 -10.18
N HIS A 10 -3.82 -0.32 -9.06
CA HIS A 10 -4.54 0.14 -7.88
C HIS A 10 -3.93 -0.44 -6.61
N MET A 11 -3.76 0.41 -5.60
CA MET A 11 -3.17 -0.03 -4.34
C MET A 11 -4.09 -1.00 -3.62
N GLN A 12 -3.51 -1.79 -2.71
CA GLN A 12 -4.26 -2.85 -2.05
C GLN A 12 -3.77 -3.05 -0.61
N LEU A 13 -4.11 -2.11 0.26
CA LEU A 13 -3.71 -2.19 1.66
C LEU A 13 -4.90 -1.93 2.58
N ALA A 14 -4.93 -2.61 3.72
CA ALA A 14 -6.05 -2.51 4.65
C ALA A 14 -5.56 -2.34 6.09
N SER A 15 -4.28 -2.00 6.23
CA SER A 15 -3.71 -1.72 7.54
C SER A 15 -2.38 -0.99 7.40
N TRP A 16 -2.08 -0.14 8.39
CA TRP A 16 -0.78 0.52 8.47
C TRP A 16 -0.06 0.14 9.76
N SER A 17 -0.26 0.94 10.79
CA SER A 17 0.51 0.81 12.02
C SER A 17 2.01 0.85 11.72
N ASP A 18 2.81 1.04 12.77
CA ASP A 18 4.23 1.27 12.61
C ASP A 18 5.03 0.51 13.68
N PRO A 19 4.66 -0.75 13.91
CA PRO A 19 5.39 -1.64 14.82
C PRO A 19 6.73 -2.07 14.24
N THR A 20 7.64 -2.49 15.12
CA THR A 20 8.95 -2.97 14.69
C THR A 20 9.28 -4.30 15.35
N GLU A 21 8.27 -4.95 15.90
CA GLU A 21 8.47 -6.23 16.59
C GLU A 21 7.50 -7.29 16.06
N GLU A 22 6.22 -7.07 16.28
CA GLU A 22 5.20 -8.01 15.82
C GLU A 22 4.22 -7.34 14.86
N THR A 23 4.65 -7.16 13.62
CA THR A 23 4.03 -6.20 12.72
C THR A 23 2.70 -6.75 12.18
N GLY A 24 1.89 -5.86 11.60
CA GLY A 24 0.51 -6.20 11.32
C GLY A 24 0.28 -6.52 9.86
N PRO A 25 0.52 -5.54 8.99
CA PRO A 25 0.18 -5.63 7.57
C PRO A 25 0.75 -6.88 6.91
N VAL A 26 0.05 -7.39 5.91
CA VAL A 26 0.46 -8.61 5.22
C VAL A 26 1.85 -8.46 4.62
N ALA A 27 2.77 -9.32 5.05
CA ALA A 27 4.17 -9.18 4.65
C ALA A 27 4.50 -10.09 3.46
N GLY A 28 3.80 -11.21 3.37
CA GLY A 28 4.16 -12.24 2.42
C GLY A 28 3.01 -13.18 2.12
N ILE A 29 3.30 -14.27 1.41
CA ILE A 29 2.27 -15.19 0.96
C ILE A 29 2.41 -16.54 1.66
N LEU A 30 1.27 -17.12 2.02
CA LEU A 30 1.24 -18.46 2.62
C LEU A 30 0.46 -19.43 1.75
N ASP A 31 1.08 -20.54 1.39
CA ASP A 31 0.38 -21.63 0.73
C ASP A 31 -0.30 -22.55 1.75
N THR A 32 -1.62 -22.56 1.74
CA THR A 32 -2.39 -23.26 2.76
C THR A 32 -2.29 -24.77 2.58
N GLU A 33 -1.67 -25.19 1.47
CA GLU A 33 -1.40 -26.61 1.24
C GLU A 33 -0.31 -27.12 2.18
N THR A 34 0.60 -26.22 2.55
CA THR A 34 1.76 -26.61 3.34
C THR A 34 2.12 -25.51 4.35
N LEU A 35 1.38 -24.42 4.31
CA LEU A 35 1.63 -23.29 5.20
C LEU A 35 3.07 -22.81 5.07
N GLU A 36 3.55 -22.71 3.84
CA GLU A 36 4.92 -22.27 3.58
C GLU A 36 4.99 -20.75 3.47
N LYS A 37 5.63 -20.13 4.45
CA LYS A 37 5.85 -18.68 4.43
C LYS A 37 6.87 -18.30 3.37
N VAL A 38 6.44 -17.50 2.39
CA VAL A 38 7.35 -16.91 1.42
C VAL A 38 7.10 -15.41 1.28
N SER A 39 8.13 -14.70 0.81
CA SER A 39 8.01 -13.27 0.57
C SER A 39 7.15 -12.99 -0.66
N ILE A 40 6.75 -11.73 -0.82
CA ILE A 40 6.01 -11.31 -2.00
C ILE A 40 6.82 -11.56 -3.28
N THR A 41 8.12 -11.27 -3.20
CA THR A 41 9.01 -11.52 -4.32
C THR A 41 9.12 -13.02 -4.62
N GLU A 42 9.28 -13.82 -3.55
CA GLU A 42 9.42 -15.26 -3.70
C GLU A 42 8.14 -15.88 -4.22
N ALA A 43 7.00 -15.36 -3.78
CA ALA A 43 5.70 -15.89 -4.18
C ALA A 43 5.48 -15.68 -5.68
N MET A 44 5.84 -14.50 -6.17
CA MET A 44 5.73 -14.20 -7.60
C MET A 44 6.66 -15.08 -8.42
N HIS A 45 7.79 -15.45 -7.82
CA HIS A 45 8.83 -16.17 -8.54
C HIS A 45 8.32 -17.51 -9.06
N ARG A 46 7.52 -18.18 -8.24
CA ARG A 46 6.84 -19.40 -8.66
C ARG A 46 6.34 -20.19 -7.45
N ASN A 47 5.54 -19.53 -6.61
CA ASN A 47 4.94 -20.19 -5.46
C ASN A 47 3.50 -20.58 -5.75
N LEU A 48 2.72 -19.61 -6.24
CA LEU A 48 1.35 -19.88 -6.68
C LEU A 48 0.70 -18.62 -7.23
N VAL A 49 1.17 -17.46 -6.75
CA VAL A 49 0.55 -16.19 -7.09
C VAL A 49 0.96 -15.74 -8.49
N ASP A 50 0.16 -14.84 -9.08
CA ASP A 50 0.53 -14.21 -10.34
C ASP A 50 1.40 -12.98 -10.08
N ASN A 51 1.96 -12.43 -11.15
CA ASN A 51 2.73 -11.20 -11.07
C ASN A 51 1.89 -10.07 -10.47
N ILE A 52 0.63 -10.00 -10.88
CA ILE A 52 -0.26 -8.96 -10.40
C ILE A 52 -0.66 -9.18 -8.94
N THR A 53 -0.92 -10.44 -8.60
CA THR A 53 -1.40 -10.78 -7.26
C THR A 53 -0.34 -10.45 -6.20
N GLY A 54 0.91 -10.81 -6.49
CA GLY A 54 2.01 -10.35 -5.67
C GLY A 54 2.20 -8.84 -5.74
N GLN A 55 2.01 -8.28 -6.93
CA GLN A 55 2.15 -6.84 -7.13
C GLN A 55 1.18 -6.07 -6.26
N ARG A 56 0.00 -6.64 -6.03
CA ARG A 56 -1.07 -5.95 -5.33
C ARG A 56 -0.67 -5.63 -3.90
N LEU A 57 -0.10 -6.61 -3.22
CA LEU A 57 0.43 -6.41 -1.87
C LEU A 57 1.68 -5.53 -1.92
N LEU A 58 2.45 -5.64 -3.00
CA LEU A 58 3.59 -4.75 -3.23
C LEU A 58 3.12 -3.31 -3.41
N GLU A 59 1.99 -3.14 -4.11
CA GLU A 59 1.37 -1.83 -4.22
C GLU A 59 0.89 -1.34 -2.85
N ALA A 60 0.46 -2.27 -2.01
CA ALA A 60 0.13 -1.95 -0.63
C ALA A 60 1.34 -1.36 0.10
N GLN A 61 2.52 -1.88 -0.22
CA GLN A 61 3.76 -1.31 0.30
C GLN A 61 4.06 0.04 -0.33
N ALA A 62 3.66 0.20 -1.59
CA ALA A 62 3.87 1.45 -2.31
C ALA A 62 3.05 2.58 -1.69
N CYS A 63 1.82 2.26 -1.28
CA CYS A 63 0.90 3.27 -0.78
C CYS A 63 1.21 3.61 0.67
N THR A 64 2.27 3.02 1.20
CA THR A 64 2.85 3.47 2.46
C THR A 64 4.17 4.19 2.23
N GLY A 65 4.26 4.90 1.11
CA GLY A 65 5.49 5.59 0.76
C GLY A 65 6.50 4.68 0.08
N GLY A 66 7.57 4.35 0.79
CA GLY A 66 8.58 3.46 0.23
C GLY A 66 8.17 2.01 0.32
N ILE A 67 8.93 1.15 -0.34
CA ILE A 67 8.62 -0.28 -0.37
C ILE A 67 9.12 -0.97 0.89
N ILE A 68 8.25 -1.75 1.53
CA ILE A 68 8.54 -2.32 2.83
C ILE A 68 9.19 -3.70 2.69
N ASP A 69 10.33 -3.90 3.35
CA ASP A 69 11.02 -5.17 3.34
C ASP A 69 10.42 -6.13 4.36
N PRO A 70 9.84 -7.24 3.86
CA PRO A 70 9.26 -8.29 4.72
C PRO A 70 10.25 -8.81 5.76
N SER A 71 10.02 -8.44 7.02
CA SER A 71 10.96 -8.77 8.08
C SER A 71 10.51 -8.15 9.41
N THR A 72 10.18 -6.86 9.35
CA THR A 72 9.74 -6.14 10.55
C THR A 72 9.29 -4.73 10.21
N GLY A 73 8.86 -4.53 8.96
CA GLY A 73 8.22 -3.29 8.59
C GLY A 73 9.21 -2.19 8.24
N GLU A 74 10.42 -2.60 7.88
CA GLU A 74 11.44 -1.65 7.44
C GLU A 74 11.10 -1.09 6.07
N ARG A 75 11.24 0.23 5.91
CA ARG A 75 10.82 0.91 4.70
C ARG A 75 12.02 1.38 3.89
N PHE A 76 12.03 1.03 2.60
CA PHE A 76 13.11 1.44 1.71
C PHE A 76 12.55 1.98 0.40
N PRO A 77 13.31 2.88 -0.25
CA PRO A 77 12.95 3.42 -1.56
C PRO A 77 12.73 2.33 -2.59
N VAL A 78 11.69 2.49 -3.42
CA VAL A 78 11.35 1.50 -4.42
C VAL A 78 12.51 1.27 -5.38
N THR A 79 13.22 2.35 -5.72
CA THR A 79 14.30 2.27 -6.69
C THR A 79 15.47 1.47 -6.14
N ASP A 80 15.74 1.62 -4.85
CA ASP A 80 16.82 0.89 -4.19
C ASP A 80 16.47 -0.59 -4.06
N ALA A 81 15.20 -0.86 -3.78
CA ALA A 81 14.75 -2.23 -3.56
C ALA A 81 14.96 -3.09 -4.80
N VAL A 82 14.82 -2.47 -5.97
CA VAL A 82 14.96 -3.18 -7.23
C VAL A 82 16.36 -3.75 -7.41
N ASN A 83 17.35 -3.01 -6.92
CA ASN A 83 18.74 -3.27 -7.26
C ASN A 83 19.19 -4.63 -6.72
N LYS A 84 18.66 -4.99 -5.55
CA LYS A 84 18.97 -6.28 -4.94
C LYS A 84 17.96 -6.62 -3.86
N GLY A 85 16.68 -6.55 -4.20
CA GLY A 85 15.64 -6.64 -3.19
C GLY A 85 14.32 -7.13 -3.78
N LEU A 86 13.34 -6.24 -3.81
CA LEU A 86 11.94 -6.63 -3.67
C LEU A 86 11.18 -6.49 -4.98
N VAL A 87 11.61 -5.55 -5.81
CA VAL A 87 10.74 -4.98 -6.83
C VAL A 87 11.34 -5.16 -8.23
N ASP A 88 10.48 -5.48 -9.19
CA ASP A 88 10.90 -5.59 -10.58
C ASP A 88 11.08 -4.20 -11.20
N LYS A 89 11.99 -4.11 -12.16
CA LYS A 89 12.25 -2.86 -12.86
C LYS A 89 10.97 -2.33 -13.51
N ILE A 90 10.14 -3.25 -13.98
CA ILE A 90 8.94 -2.88 -14.72
C ILE A 90 7.89 -2.26 -13.79
N MET A 91 8.10 -2.40 -12.49
CA MET A 91 7.14 -1.93 -11.50
C MET A 91 7.57 -0.58 -10.93
N VAL A 92 8.76 -0.13 -11.31
CA VAL A 92 9.31 1.11 -10.79
C VAL A 92 8.46 2.31 -11.19
N ASP A 93 8.17 2.41 -12.49
CA ASP A 93 7.41 3.54 -13.02
C ASP A 93 5.98 3.51 -12.52
N ARG A 94 5.42 2.30 -12.41
CA ARG A 94 4.09 2.13 -11.85
C ARG A 94 4.05 2.55 -10.38
N ILE A 95 5.07 2.16 -9.64
CA ILE A 95 5.10 2.39 -8.19
C ILE A 95 5.57 3.81 -7.88
N ASN A 96 6.29 4.40 -8.81
CA ASN A 96 6.98 5.67 -8.55
C ASN A 96 5.99 6.77 -8.21
N LEU A 97 4.82 6.72 -8.82
CA LEU A 97 3.81 7.76 -8.63
C LEU A 97 3.33 7.80 -7.18
N ALA A 98 3.09 6.62 -6.61
CA ALA A 98 2.57 6.51 -5.26
C ALA A 98 3.60 6.99 -4.23
N GLN A 99 4.87 6.67 -4.49
CA GLN A 99 5.93 6.99 -3.55
C GLN A 99 6.19 8.49 -3.50
N LYS A 100 6.31 9.10 -4.68
CA LYS A 100 6.65 10.51 -4.77
C LYS A 100 5.46 11.39 -4.39
N ALA A 101 4.27 10.92 -4.70
CA ALA A 101 3.07 11.74 -4.58
C ALA A 101 2.79 12.09 -3.12
N PHE A 102 3.16 11.20 -2.22
CA PHE A 102 2.94 11.40 -0.79
C PHE A 102 4.02 12.29 -0.18
N CYS A 103 5.25 12.11 -0.66
CA CYS A 103 6.36 12.97 -0.25
C CYS A 103 7.48 12.94 -1.28
N GLY A 104 7.63 14.03 -2.03
CA GLY A 104 8.76 14.20 -2.90
C GLY A 104 8.36 14.55 -4.32
N PHE A 105 7.06 14.59 -4.57
CA PHE A 105 6.53 15.04 -5.86
C PHE A 105 6.55 16.56 -5.95
N GLU A 106 7.54 17.11 -6.63
CA GLU A 106 7.76 18.55 -6.65
C GLU A 106 8.29 19.00 -8.01
N ASP A 107 7.96 20.23 -8.39
CA ASP A 107 8.45 20.80 -9.64
C ASP A 107 9.88 21.31 -9.48
N PRO A 108 10.66 21.25 -10.58
CA PRO A 108 12.04 21.74 -10.60
C PRO A 108 12.10 23.27 -10.73
N ARG A 109 11.27 23.95 -9.94
CA ARG A 109 11.19 25.41 -10.01
C ARG A 109 11.15 26.01 -8.61
N THR A 110 10.34 25.42 -7.75
CA THR A 110 10.18 25.91 -6.38
C THR A 110 10.22 24.77 -5.37
N LYS A 111 10.24 23.54 -5.88
CA LYS A 111 10.33 22.36 -5.02
C LYS A 111 9.22 22.36 -3.98
N THR A 112 8.07 22.92 -4.34
CA THR A 112 6.87 22.81 -3.52
C THR A 112 6.54 21.35 -3.23
N LYS A 113 5.96 21.09 -2.06
CA LYS A 113 5.67 19.73 -1.63
C LYS A 113 4.19 19.58 -1.29
N MET A 114 3.70 18.35 -1.37
CA MET A 114 2.26 18.09 -1.21
C MET A 114 2.00 16.60 -1.05
N SER A 115 0.95 16.27 -0.31
CA SER A 115 0.49 14.89 -0.21
C SER A 115 -0.35 14.50 -1.43
N ALA A 116 -0.79 13.25 -1.47
CA ALA A 116 -1.74 12.81 -2.48
C ALA A 116 -3.06 13.56 -2.38
N ALA A 117 -3.53 13.75 -1.15
CA ALA A 117 -4.77 14.47 -0.92
C ALA A 117 -4.63 15.94 -1.27
N GLN A 118 -3.49 16.52 -0.92
CA GLN A 118 -3.18 17.89 -1.31
C GLN A 118 -2.92 17.99 -2.81
N ALA A 119 -2.37 16.92 -3.38
CA ALA A 119 -2.14 16.84 -4.82
C ALA A 119 -3.45 16.96 -5.58
N LEU A 120 -4.52 16.43 -5.01
CA LEU A 120 -5.86 16.59 -5.57
C LEU A 120 -6.28 18.05 -5.56
N LYS A 121 -5.92 18.76 -4.49
CA LYS A 121 -6.21 20.18 -4.38
C LYS A 121 -5.34 20.99 -5.34
N LYS A 122 -4.18 20.45 -5.67
CA LYS A 122 -3.25 21.12 -6.58
C LYS A 122 -3.51 20.71 -8.03
N GLY A 123 -4.16 19.56 -8.20
CA GLY A 123 -4.51 19.09 -9.54
C GLY A 123 -3.37 18.33 -10.19
N TRP A 124 -2.43 17.85 -9.38
CA TRP A 124 -1.27 17.13 -9.89
C TRP A 124 -1.61 15.67 -10.16
N LEU A 125 -1.96 14.95 -9.11
CA LEU A 125 -2.55 13.62 -9.24
C LEU A 125 -4.03 13.72 -9.62
N TYR A 126 -4.61 12.59 -10.02
CA TYR A 126 -5.97 12.56 -10.52
C TYR A 126 -6.93 12.02 -9.47
N TYR A 127 -8.22 12.03 -9.79
CA TYR A 127 -9.15 11.06 -9.22
C TYR A 127 -8.70 9.63 -9.49
N GLU A 128 -8.22 9.40 -10.72
CA GLU A 128 -7.83 8.06 -11.14
C GLU A 128 -6.67 7.54 -10.31
N ALA A 129 -5.64 8.39 -10.14
CA ALA A 129 -4.48 8.04 -9.34
C ALA A 129 -4.68 8.44 -7.88
N GLY A 130 -4.86 9.73 -7.64
CA GLY A 130 -4.75 10.26 -6.30
C GLY A 130 -5.88 9.78 -5.40
N GLN A 131 -7.11 9.92 -5.88
CA GLN A 131 -8.28 9.52 -5.10
C GLN A 131 -8.29 8.01 -4.86
N ARG A 132 -7.86 7.26 -5.86
CA ARG A 132 -7.76 5.81 -5.73
C ARG A 132 -6.71 5.42 -4.70
N PHE A 133 -5.65 6.20 -4.63
CA PHE A 133 -4.62 6.00 -3.61
C PHE A 133 -5.16 6.27 -2.22
N LEU A 134 -6.04 7.27 -2.11
CA LEU A 134 -6.61 7.65 -0.82
C LEU A 134 -7.52 6.55 -0.29
N GLU A 135 -8.22 5.88 -1.18
CA GLU A 135 -9.22 4.89 -0.79
C GLU A 135 -8.59 3.75 -0.01
N VAL A 136 -7.38 3.36 -0.41
CA VAL A 136 -6.59 2.41 0.36
C VAL A 136 -6.10 3.04 1.66
N GLN A 137 -5.69 4.31 1.59
CA GLN A 137 -5.09 4.99 2.73
C GLN A 137 -6.09 5.10 3.88
N TYR A 138 -7.35 5.27 3.54
CA TYR A 138 -8.41 5.35 4.54
C TYR A 138 -8.51 4.04 5.33
N LEU A 139 -8.40 2.92 4.62
CA LEU A 139 -8.64 1.62 5.22
C LEU A 139 -7.61 1.32 6.30
N THR A 140 -6.42 1.91 6.17
CA THR A 140 -5.31 1.62 7.06
C THR A 140 -5.52 2.27 8.42
N GLY A 141 -6.57 3.10 8.53
CA GLY A 141 -6.86 3.76 9.79
C GLY A 141 -6.47 5.22 9.78
N GLY A 142 -6.62 5.86 8.63
CA GLY A 142 -6.14 7.22 8.48
C GLY A 142 -5.17 7.36 7.31
N LEU A 143 -5.20 8.53 6.66
CA LEU A 143 -4.50 8.70 5.38
C LEU A 143 -2.99 8.57 5.57
N ILE A 144 -2.30 8.28 4.48
CA ILE A 144 -0.85 8.12 4.52
C ILE A 144 -0.14 9.43 4.19
N GLU A 145 0.55 9.99 5.17
CA GLU A 145 1.33 11.19 4.96
C GLU A 145 0.56 12.22 4.14
N PRO A 146 -0.64 12.58 4.63
CA PRO A 146 -1.49 13.58 3.98
C PRO A 146 -1.05 15.00 4.29
N ASP A 147 -0.09 15.13 5.20
CA ASP A 147 0.39 16.44 5.61
C ASP A 147 1.57 16.31 6.58
N THR A 148 1.63 15.17 7.27
CA THR A 148 2.74 14.90 8.18
C THR A 148 3.45 13.61 7.81
N PRO A 149 4.67 13.42 8.35
CA PRO A 149 5.44 12.20 8.16
C PRO A 149 4.89 11.04 8.99
N GLY A 150 3.68 10.61 8.67
CA GLY A 150 3.05 9.54 9.43
C GLY A 150 1.61 9.30 9.00
N ARG A 151 0.84 8.65 9.86
CA ARG A 151 -0.57 8.37 9.58
C ARG A 151 -1.46 9.41 10.23
N VAL A 152 -2.38 9.97 9.45
CA VAL A 152 -3.30 10.99 9.95
C VAL A 152 -4.75 10.60 9.67
N PRO A 153 -5.57 10.58 10.73
CA PRO A 153 -7.00 10.25 10.63
C PRO A 153 -7.72 11.13 9.61
N LEU A 154 -8.77 10.59 9.01
CA LEU A 154 -9.59 11.34 8.06
C LEU A 154 -10.14 12.61 8.71
N ASP A 155 -10.57 12.49 9.96
CA ASP A 155 -11.14 13.61 10.69
C ASP A 155 -10.13 14.73 10.86
N GLU A 156 -8.89 14.35 11.15
CA GLU A 156 -7.80 15.32 11.27
C GLU A 156 -7.41 15.88 9.91
N ALA A 157 -7.51 15.05 8.87
CA ALA A 157 -7.28 15.50 7.51
C ALA A 157 -8.27 16.59 7.11
N LEU A 158 -9.49 16.47 7.61
CA LEU A 158 -10.53 17.45 7.32
C LEU A 158 -10.18 18.81 7.94
N GLN A 159 -9.78 18.79 9.21
CA GLN A 159 -9.45 20.02 9.91
C GLN A 159 -8.12 20.60 9.42
N ARG A 160 -7.28 19.73 8.84
CA ARG A 160 -6.04 20.16 8.23
C ARG A 160 -6.31 20.83 6.89
N GLY A 161 -7.47 20.54 6.30
CA GLY A 161 -7.81 21.12 5.01
C GLY A 161 -7.25 20.31 3.86
N THR A 162 -6.51 19.26 4.18
CA THR A 162 -5.91 18.41 3.15
C THR A 162 -6.96 17.58 2.44
N VAL A 163 -8.10 17.37 3.09
CA VAL A 163 -9.30 16.89 2.43
C VAL A 163 -10.51 17.76 2.78
N ASP A 164 -11.52 17.72 1.93
CA ASP A 164 -12.80 18.37 2.23
C ASP A 164 -13.90 17.34 2.41
N ALA A 165 -15.12 17.82 2.68
CA ALA A 165 -16.25 16.93 2.93
C ALA A 165 -16.53 16.04 1.72
N ARG A 166 -16.45 16.63 0.53
CA ARG A 166 -16.76 15.92 -0.70
C ARG A 166 -15.78 14.76 -0.92
N THR A 167 -14.50 15.01 -0.62
CA THR A 167 -13.49 13.97 -0.70
C THR A 167 -13.64 12.96 0.43
N ALA A 168 -13.95 13.46 1.63
CA ALA A 168 -13.91 12.64 2.83
C ALA A 168 -14.95 11.54 2.78
N GLN A 169 -16.12 11.86 2.26
CA GLN A 169 -17.20 10.89 2.15
C GLN A 169 -16.85 9.78 1.17
N LYS A 170 -16.06 10.12 0.16
CA LYS A 170 -15.59 9.14 -0.82
C LYS A 170 -14.67 8.12 -0.16
N LEU A 171 -13.91 8.58 0.84
CA LEU A 171 -13.05 7.69 1.62
C LEU A 171 -13.89 6.70 2.41
N ARG A 172 -15.04 7.15 2.91
CA ARG A 172 -15.90 6.32 3.73
C ARG A 172 -16.69 5.33 2.87
N ASP A 173 -16.83 5.65 1.60
CA ASP A 173 -17.73 4.91 0.72
C ASP A 173 -17.24 3.47 0.52
N VAL A 174 -15.95 3.27 0.74
CA VAL A 174 -15.32 1.97 0.49
C VAL A 174 -15.92 0.89 1.40
N GLY A 175 -16.44 1.32 2.54
CA GLY A 175 -16.97 0.38 3.51
C GLY A 175 -18.28 -0.24 3.06
N ALA A 176 -18.90 0.37 2.06
CA ALA A 176 -20.20 -0.09 1.57
C ALA A 176 -20.09 -1.46 0.91
N TYR A 177 -19.27 -1.54 -0.13
CA TYR A 177 -19.24 -2.72 -0.97
C TYR A 177 -18.20 -3.72 -0.48
N SER A 178 -18.63 -4.96 -0.25
CA SER A 178 -17.72 -6.04 0.10
C SER A 178 -17.12 -6.67 -1.16
N LYS A 179 -15.92 -6.24 -1.52
CA LYS A 179 -15.18 -6.86 -2.61
C LYS A 179 -13.95 -6.03 -2.97
N TYR A 180 -12.78 -6.68 -3.00
CA TYR A 180 -11.52 -5.97 -3.17
C TYR A 180 -10.39 -6.96 -3.46
N LEU A 181 -10.53 -8.18 -2.97
CA LEU A 181 -9.59 -9.25 -3.27
C LEU A 181 -10.32 -10.48 -3.82
N THR A 182 -9.72 -11.12 -4.81
CA THR A 182 -10.18 -12.43 -5.26
C THR A 182 -9.13 -13.50 -4.96
N CYS A 183 -9.54 -14.53 -4.25
CA CYS A 183 -8.61 -15.57 -3.80
C CYS A 183 -8.61 -16.75 -4.77
N PRO A 184 -7.42 -17.31 -5.02
CA PRO A 184 -7.24 -18.40 -5.99
C PRO A 184 -8.12 -19.60 -5.68
N LYS A 185 -9.03 -19.92 -6.58
CA LYS A 185 -9.85 -21.12 -6.47
C LYS A 185 -10.90 -21.17 -7.58
N THR A 186 -11.83 -20.23 -7.55
CA THR A 186 -12.80 -20.07 -8.62
C THR A 186 -13.31 -18.63 -8.70
N LYS A 187 -14.17 -18.26 -7.75
CA LYS A 187 -14.70 -16.91 -7.69
C LYS A 187 -14.90 -16.48 -6.24
N LEU A 188 -13.81 -16.05 -5.60
CA LEU A 188 -13.84 -15.73 -4.18
C LEU A 188 -13.75 -14.23 -3.96
N LYS A 189 -14.89 -13.54 -4.11
CA LYS A 189 -14.92 -12.09 -4.05
C LYS A 189 -15.10 -11.61 -2.61
N ILE A 190 -14.03 -11.08 -2.03
CA ILE A 190 -14.01 -10.75 -0.61
C ILE A 190 -13.60 -9.30 -0.39
N SER A 191 -14.02 -8.74 0.74
CA SER A 191 -13.66 -7.37 1.09
C SER A 191 -12.26 -7.31 1.71
N TYR A 192 -11.77 -6.11 1.96
CA TYR A 192 -10.53 -5.91 2.68
C TYR A 192 -10.64 -6.42 4.12
N LYS A 193 -11.79 -6.16 4.73
CA LYS A 193 -12.08 -6.69 6.07
C LYS A 193 -12.10 -8.21 6.05
N ASP A 194 -12.65 -8.78 4.99
CA ASP A 194 -12.60 -10.23 4.77
C ASP A 194 -11.16 -10.68 4.55
N ALA A 195 -10.41 -9.89 3.79
CA ALA A 195 -9.03 -10.23 3.46
C ALA A 195 -8.15 -10.29 4.71
N LEU A 196 -8.41 -9.40 5.64
CA LEU A 196 -7.70 -9.39 6.92
C LEU A 196 -8.13 -10.56 7.78
N ASP A 197 -9.38 -10.97 7.64
CA ASP A 197 -9.87 -12.19 8.28
C ASP A 197 -9.24 -13.43 7.66
N ARG A 198 -8.90 -13.33 6.38
CA ARG A 198 -8.40 -14.47 5.62
C ARG A 198 -6.88 -14.50 5.61
N SER A 199 -6.27 -13.54 6.29
CA SER A 199 -4.83 -13.55 6.51
C SER A 199 -4.47 -14.40 7.72
N MET A 200 -3.25 -14.95 7.71
CA MET A 200 -2.82 -15.86 8.75
C MET A 200 -1.59 -15.34 9.47
N VAL A 201 -1.68 -15.21 10.79
CA VAL A 201 -0.50 -14.95 11.62
C VAL A 201 -0.05 -16.22 12.34
N GLU A 202 1.26 -16.49 12.30
CA GLU A 202 1.81 -17.65 12.99
C GLU A 202 1.59 -17.54 14.49
N GLU A 203 2.23 -16.56 15.11
CA GLU A 203 2.04 -16.30 16.53
C GLU A 203 2.12 -14.80 16.83
N GLY A 204 3.30 -14.23 16.62
CA GLY A 204 3.49 -12.81 16.86
C GLY A 204 4.40 -12.15 15.85
N THR A 205 5.63 -12.63 15.77
CA THR A 205 6.59 -12.12 14.80
C THR A 205 6.49 -12.86 13.47
N GLY A 206 5.44 -13.65 13.33
CA GLY A 206 5.24 -14.41 12.10
C GLY A 206 4.73 -13.54 10.97
N LEU A 207 4.20 -12.37 11.31
CA LEU A 207 3.67 -11.45 10.31
C LEU A 207 2.48 -12.05 9.58
N ARG A 208 1.61 -11.18 9.05
CA ARG A 208 0.43 -11.62 8.33
C ARG A 208 0.81 -12.21 6.97
N LEU A 209 0.33 -13.41 6.69
CA LEU A 209 0.51 -14.02 5.39
C LEU A 209 -0.82 -14.20 4.67
N LEU A 210 -0.83 -13.95 3.37
CA LEU A 210 -2.04 -14.10 2.57
C LEU A 210 -2.28 -15.56 2.20
N GLU A 211 -3.43 -16.08 2.60
CA GLU A 211 -3.73 -17.50 2.43
C GLU A 211 -4.14 -17.80 0.99
N ALA A 212 -3.49 -18.80 0.39
CA ALA A 212 -3.93 -19.32 -0.90
C ALA A 212 -3.56 -20.79 -1.05
N ALA A 213 -4.34 -21.51 -1.85
CA ALA A 213 -4.11 -22.93 -2.06
C ALA A 213 -3.78 -23.23 -3.51
N ALA A 214 -3.22 -22.24 -4.21
CA ALA A 214 -2.85 -22.40 -5.60
C ALA A 214 -3.99 -22.96 -6.43
N GLN A 215 -5.19 -22.42 -6.21
CA GLN A 215 -6.38 -22.88 -6.91
C GLN A 215 -6.61 -24.38 -6.67
N MET A 1 13.71 -9.61 -12.93
CA MET A 1 13.57 -8.99 -11.62
C MET A 1 12.43 -9.61 -10.84
N GLY A 2 11.24 -9.01 -10.97
CA GLY A 2 10.09 -9.47 -10.21
C GLY A 2 10.03 -10.97 -10.10
N HIS A 3 10.40 -11.66 -11.18
CA HIS A 3 10.23 -13.10 -11.27
C HIS A 3 11.12 -13.82 -10.25
N HIS A 4 11.05 -15.14 -10.23
CA HIS A 4 11.50 -15.92 -9.08
C HIS A 4 13.02 -15.91 -8.99
N HIS A 5 13.54 -16.27 -7.82
CA HIS A 5 14.98 -16.35 -7.62
C HIS A 5 15.34 -17.56 -6.75
N HIS A 6 15.40 -18.73 -7.36
CA HIS A 6 15.60 -19.97 -6.61
C HIS A 6 16.84 -20.71 -7.12
N HIS A 7 17.63 -20.04 -7.95
CA HIS A 7 18.91 -20.58 -8.40
C HIS A 7 19.97 -19.49 -8.47
N HIS A 8 20.01 -18.65 -7.45
CA HIS A 8 21.02 -17.60 -7.36
C HIS A 8 21.41 -17.36 -5.90
N SER A 9 21.61 -18.44 -5.16
CA SER A 9 21.92 -18.33 -3.74
C SER A 9 21.52 -19.60 -2.99
N HIS A 10 22.47 -20.20 -2.29
CA HIS A 10 22.24 -21.46 -1.60
C HIS A 10 22.95 -21.49 -0.25
N MET A 11 22.92 -20.36 0.44
CA MET A 11 23.55 -20.26 1.76
C MET A 11 23.19 -18.94 2.43
N GLN A 12 22.84 -19.02 3.72
CA GLN A 12 22.64 -17.83 4.53
C GLN A 12 22.71 -18.15 6.02
N LEU A 13 23.72 -17.61 6.69
CA LEU A 13 23.90 -17.84 8.11
C LEU A 13 24.87 -16.82 8.71
N ALA A 14 24.50 -16.25 9.84
CA ALA A 14 25.33 -15.26 10.51
C ALA A 14 24.49 -14.29 11.35
N SER A 15 23.23 -14.66 11.57
CA SER A 15 22.32 -13.83 12.35
C SER A 15 21.23 -14.68 13.00
N TRP A 16 21.23 -14.73 14.32
CA TRP A 16 20.17 -15.42 15.06
C TRP A 16 19.02 -14.47 15.38
N SER A 17 19.31 -13.43 16.15
CA SER A 17 18.31 -12.44 16.51
C SER A 17 17.22 -13.06 17.37
N ASP A 18 16.10 -12.36 17.50
CA ASP A 18 14.98 -12.84 18.31
C ASP A 18 13.65 -12.36 17.73
N PRO A 19 12.83 -13.31 17.26
CA PRO A 19 11.55 -13.00 16.62
C PRO A 19 10.52 -12.44 17.60
N THR A 20 10.11 -11.20 17.36
CA THR A 20 9.03 -10.60 18.13
C THR A 20 8.75 -9.17 17.67
N GLU A 21 8.06 -9.05 16.54
CA GLU A 21 7.76 -7.73 15.97
C GLU A 21 6.62 -7.82 14.96
N GLU A 22 5.63 -6.95 15.13
CA GLU A 22 4.50 -6.90 14.20
C GLU A 22 4.34 -5.50 13.62
N THR A 23 5.14 -5.20 12.60
CA THR A 23 5.25 -3.83 12.11
C THR A 23 5.19 -3.79 10.58
N GLY A 24 3.97 -3.64 10.06
CA GLY A 24 3.81 -3.36 8.64
C GLY A 24 2.68 -4.16 8.02
N PRO A 25 2.38 -3.88 6.74
CA PRO A 25 1.33 -4.59 6.00
C PRO A 25 1.78 -5.98 5.56
N VAL A 26 0.96 -6.62 4.74
CA VAL A 26 1.27 -7.95 4.22
C VAL A 26 2.64 -7.97 3.56
N ALA A 27 3.58 -8.69 4.17
CA ALA A 27 4.93 -8.80 3.63
C ALA A 27 5.06 -10.01 2.72
N GLY A 28 4.25 -11.02 2.97
CA GLY A 28 4.34 -12.27 2.23
C GLY A 28 3.03 -13.01 2.16
N ILE A 29 3.03 -14.17 1.50
CA ILE A 29 1.80 -14.92 1.28
C ILE A 29 1.86 -16.28 1.97
N LEU A 30 0.75 -16.67 2.58
CA LEU A 30 0.65 -17.98 3.22
C LEU A 30 -0.33 -18.88 2.47
N ASP A 31 0.11 -20.09 2.14
CA ASP A 31 -0.80 -21.14 1.71
C ASP A 31 -1.40 -21.86 2.90
N THR A 32 -2.61 -21.47 3.29
CA THR A 32 -3.25 -22.01 4.48
C THR A 32 -3.53 -23.50 4.32
N GLU A 33 -3.67 -23.95 3.08
CA GLU A 33 -3.95 -25.36 2.80
C GLU A 33 -2.88 -26.25 3.42
N THR A 34 -1.64 -25.76 3.43
CA THR A 34 -0.52 -26.53 3.98
C THR A 34 0.33 -25.67 4.91
N LEU A 35 -0.12 -24.44 5.14
CA LEU A 35 0.64 -23.49 5.94
C LEU A 35 2.05 -23.31 5.38
N GLU A 36 2.14 -23.26 4.05
CA GLU A 36 3.40 -22.94 3.38
C GLU A 36 3.58 -21.43 3.28
N LYS A 37 4.40 -20.86 4.15
CA LYS A 37 4.75 -19.44 4.08
C LYS A 37 5.72 -19.18 2.93
N VAL A 38 5.36 -18.26 2.05
CA VAL A 38 6.17 -17.95 0.88
C VAL A 38 6.32 -16.45 0.68
N SER A 39 7.34 -16.06 -0.08
CA SER A 39 7.54 -14.65 -0.42
C SER A 39 6.52 -14.19 -1.45
N ILE A 40 6.44 -12.88 -1.64
CA ILE A 40 5.56 -12.31 -2.64
C ILE A 40 5.92 -12.81 -4.04
N THR A 41 7.21 -12.88 -4.32
CA THR A 41 7.69 -13.40 -5.59
C THR A 41 7.37 -14.88 -5.74
N GLU A 42 7.56 -15.63 -4.66
CA GLU A 42 7.36 -17.08 -4.69
C GLU A 42 5.88 -17.41 -4.90
N ALA A 43 5.01 -16.63 -4.26
CA ALA A 43 3.57 -16.87 -4.35
C ALA A 43 3.06 -16.63 -5.76
N MET A 44 3.63 -15.64 -6.44
CA MET A 44 3.34 -15.41 -7.85
C MET A 44 3.82 -16.57 -8.70
N HIS A 45 4.97 -17.12 -8.34
CA HIS A 45 5.57 -18.21 -9.12
C HIS A 45 4.77 -19.50 -8.95
N ARG A 46 4.25 -19.72 -7.75
CA ARG A 46 3.56 -20.96 -7.44
C ARG A 46 2.17 -20.98 -8.06
N ASN A 47 1.22 -20.31 -7.41
CA ASN A 47 -0.17 -20.35 -7.82
C ASN A 47 -1.08 -19.73 -6.76
N LEU A 48 -0.53 -18.80 -5.99
CA LEU A 48 -1.24 -18.22 -4.86
C LEU A 48 -1.78 -16.83 -5.22
N VAL A 49 -1.00 -16.09 -6.00
CA VAL A 49 -1.34 -14.72 -6.32
C VAL A 49 -0.99 -14.38 -7.77
N ASP A 50 -1.45 -13.23 -8.24
CA ASP A 50 -1.17 -12.81 -9.61
C ASP A 50 -0.22 -11.61 -9.62
N ASN A 51 0.23 -11.24 -10.81
CA ASN A 51 1.08 -10.06 -10.98
C ASN A 51 0.38 -8.81 -10.44
N ILE A 52 -0.94 -8.74 -10.65
CA ILE A 52 -1.73 -7.61 -10.19
C ILE A 52 -1.79 -7.57 -8.67
N THR A 53 -1.99 -8.73 -8.06
CA THR A 53 -2.08 -8.84 -6.61
C THR A 53 -0.75 -8.49 -5.95
N GLY A 54 0.34 -9.01 -6.52
CA GLY A 54 1.67 -8.64 -6.07
C GLY A 54 1.96 -7.17 -6.30
N GLN A 55 1.49 -6.65 -7.43
CA GLN A 55 1.68 -5.24 -7.76
C GLN A 55 0.99 -4.35 -6.73
N ARG A 56 -0.23 -4.71 -6.38
CA ARG A 56 -1.02 -3.92 -5.43
C ARG A 56 -0.41 -4.00 -4.03
N LEU A 57 0.09 -5.18 -3.68
CA LEU A 57 0.76 -5.37 -2.40
C LEU A 57 2.03 -4.54 -2.31
N LEU A 58 2.73 -4.42 -3.43
CA LEU A 58 3.88 -3.53 -3.51
C LEU A 58 3.47 -2.07 -3.35
N GLU A 59 2.33 -1.72 -3.95
CA GLU A 59 1.74 -0.40 -3.76
C GLU A 59 1.38 -0.17 -2.29
N ALA A 60 0.83 -1.21 -1.66
CA ALA A 60 0.37 -1.09 -0.28
C ALA A 60 1.54 -0.86 0.68
N GLN A 61 2.65 -1.55 0.42
CA GLN A 61 3.85 -1.39 1.22
C GLN A 61 4.47 -0.01 0.99
N ALA A 62 4.44 0.45 -0.26
CA ALA A 62 4.92 1.78 -0.59
C ALA A 62 4.06 2.85 0.06
N CYS A 63 2.76 2.60 0.14
CA CYS A 63 1.84 3.53 0.77
C CYS A 63 2.15 3.69 2.25
N THR A 64 2.65 2.61 2.85
CA THR A 64 3.08 2.64 4.25
C THR A 64 4.50 3.17 4.38
N GLY A 65 5.22 3.19 3.26
CA GLY A 65 6.54 3.79 3.24
C GLY A 65 7.42 3.23 2.14
N GLY A 66 8.22 2.22 2.47
CA GLY A 66 9.08 1.60 1.48
C GLY A 66 8.60 0.22 1.07
N ILE A 67 9.22 -0.33 0.03
CA ILE A 67 8.95 -1.70 -0.38
C ILE A 67 9.58 -2.70 0.59
N ILE A 68 8.76 -3.63 1.09
CA ILE A 68 9.18 -4.52 2.16
C ILE A 68 9.70 -5.85 1.59
N ASP A 69 10.96 -6.16 1.87
CA ASP A 69 11.60 -7.35 1.32
C ASP A 69 11.40 -8.54 2.25
N PRO A 70 10.68 -9.57 1.75
CA PRO A 70 10.48 -10.82 2.48
C PRO A 70 11.80 -11.45 2.92
N SER A 71 12.04 -11.46 4.23
CA SER A 71 13.33 -11.90 4.76
C SER A 71 13.38 -11.71 6.28
N THR A 72 12.99 -10.52 6.73
CA THR A 72 12.97 -10.22 8.15
C THR A 72 12.40 -8.83 8.41
N GLY A 73 11.58 -8.34 7.48
CA GLY A 73 10.93 -7.06 7.66
C GLY A 73 11.80 -5.91 7.22
N GLU A 74 12.76 -6.19 6.33
CA GLU A 74 13.62 -5.15 5.79
C GLU A 74 12.86 -4.24 4.84
N ARG A 75 13.16 -2.94 4.90
CA ARG A 75 12.43 -1.95 4.12
C ARG A 75 13.36 -1.20 3.18
N PHE A 76 12.99 -1.14 1.90
CA PHE A 76 13.81 -0.48 0.90
C PHE A 76 12.98 0.44 0.02
N PRO A 77 13.60 1.51 -0.48
CA PRO A 77 12.97 2.42 -1.45
C PRO A 77 12.42 1.69 -2.67
N VAL A 78 11.42 2.28 -3.30
CA VAL A 78 10.77 1.64 -4.45
C VAL A 78 11.73 1.48 -5.61
N THR A 79 12.46 2.55 -5.92
CA THR A 79 13.45 2.53 -6.99
C THR A 79 14.61 1.60 -6.64
N ASP A 80 14.99 1.59 -5.37
CA ASP A 80 16.09 0.74 -4.90
C ASP A 80 15.70 -0.73 -4.96
N ALA A 81 14.44 -1.03 -4.65
CA ALA A 81 13.93 -2.38 -4.71
C ALA A 81 13.99 -2.93 -6.14
N VAL A 82 13.77 -2.05 -7.11
CA VAL A 82 13.95 -2.41 -8.51
C VAL A 82 15.41 -2.65 -8.84
N ASN A 83 16.28 -1.85 -8.25
CA ASN A 83 17.71 -1.90 -8.56
C ASN A 83 18.34 -3.17 -8.02
N LYS A 84 17.82 -3.66 -6.90
CA LYS A 84 18.34 -4.86 -6.27
C LYS A 84 17.29 -5.49 -5.34
N GLY A 85 16.12 -5.75 -5.89
CA GLY A 85 15.06 -6.37 -5.11
C GLY A 85 14.12 -7.20 -5.96
N LEU A 86 12.82 -7.02 -5.75
CA LEU A 86 11.82 -7.85 -6.40
C LEU A 86 10.71 -7.00 -7.02
N VAL A 87 11.08 -5.81 -7.49
CA VAL A 87 10.14 -4.92 -8.14
C VAL A 87 10.53 -4.65 -9.59
N ASP A 88 9.55 -4.64 -10.48
CA ASP A 88 9.80 -4.41 -11.90
C ASP A 88 9.91 -2.92 -12.18
N LYS A 89 10.72 -2.57 -13.18
CA LYS A 89 10.86 -1.18 -13.62
C LYS A 89 9.53 -0.60 -14.03
N ILE A 90 8.66 -1.44 -14.59
CA ILE A 90 7.37 -0.99 -15.09
C ILE A 90 6.47 -0.53 -13.94
N MET A 91 6.87 -0.86 -12.72
CA MET A 91 6.05 -0.58 -11.55
C MET A 91 6.59 0.64 -10.81
N VAL A 92 7.70 1.19 -11.29
CA VAL A 92 8.36 2.31 -10.63
C VAL A 92 7.46 3.53 -10.59
N ASP A 93 7.02 3.98 -11.76
CA ASP A 93 6.21 5.19 -11.87
C ASP A 93 4.84 4.96 -11.22
N ARG A 94 4.29 3.77 -11.41
CA ARG A 94 2.99 3.43 -10.85
C ARG A 94 3.04 3.43 -9.32
N ILE A 95 4.10 2.86 -8.76
CA ILE A 95 4.27 2.78 -7.32
C ILE A 95 4.83 4.07 -6.75
N ASN A 96 5.55 4.81 -7.58
CA ASN A 96 6.24 6.01 -7.14
C ASN A 96 5.25 7.05 -6.62
N LEU A 97 4.07 7.08 -7.24
CA LEU A 97 2.98 7.93 -6.77
C LEU A 97 2.50 7.50 -5.39
N ALA A 98 2.57 6.20 -5.13
CA ALA A 98 2.29 5.66 -3.81
C ALA A 98 3.37 6.06 -2.82
N GLN A 99 4.62 6.07 -3.28
CA GLN A 99 5.72 6.54 -2.47
C GLN A 99 5.58 8.03 -2.16
N LYS A 100 5.18 8.80 -3.17
CA LYS A 100 4.97 10.23 -3.00
C LYS A 100 3.75 10.50 -2.13
N ALA A 101 2.76 9.61 -2.22
CA ALA A 101 1.55 9.74 -1.42
C ALA A 101 1.86 9.63 0.07
N PHE A 102 2.84 8.80 0.40
CA PHE A 102 3.34 8.70 1.78
C PHE A 102 4.18 9.93 2.13
N CYS A 103 5.12 10.26 1.26
CA CYS A 103 6.04 11.37 1.52
C CYS A 103 6.95 11.59 0.32
N GLY A 104 6.47 12.37 -0.65
CA GLY A 104 7.27 12.66 -1.83
C GLY A 104 6.91 14.00 -2.45
N PHE A 105 5.62 14.23 -2.66
CA PHE A 105 5.16 15.43 -3.35
C PHE A 105 5.78 16.68 -2.73
N GLU A 106 6.63 17.36 -3.50
CA GLU A 106 7.32 18.55 -3.01
C GLU A 106 8.02 19.28 -4.15
N ASP A 107 8.26 20.57 -3.95
CA ASP A 107 8.94 21.38 -4.95
C ASP A 107 10.42 21.56 -4.61
N PRO A 108 11.23 21.84 -5.63
CA PRO A 108 12.66 22.13 -5.45
C PRO A 108 12.90 23.57 -4.96
N ARG A 109 12.27 23.92 -3.85
CA ARG A 109 12.40 25.26 -3.30
C ARG A 109 12.54 25.22 -1.78
N THR A 110 11.64 24.48 -1.14
CA THR A 110 11.62 24.40 0.32
C THR A 110 11.26 23.00 0.79
N LYS A 111 11.12 22.08 -0.15
CA LYS A 111 10.78 20.69 0.17
C LYS A 111 9.51 20.63 1.00
N THR A 112 8.60 21.56 0.77
CA THR A 112 7.27 21.51 1.38
C THR A 112 6.62 20.15 1.15
N LYS A 113 5.70 19.78 2.05
CA LYS A 113 5.22 18.42 2.13
C LYS A 113 3.74 18.34 1.77
N MET A 114 3.45 17.82 0.57
CA MET A 114 2.08 17.63 0.14
C MET A 114 1.58 16.24 0.53
N SER A 115 0.35 16.18 1.05
CA SER A 115 -0.35 14.91 1.19
C SER A 115 -0.86 14.43 -0.16
N ALA A 116 -1.11 13.13 -0.26
CA ALA A 116 -1.83 12.57 -1.40
C ALA A 116 -3.23 13.18 -1.51
N ALA A 117 -3.87 13.41 -0.36
CA ALA A 117 -5.17 14.05 -0.33
C ALA A 117 -5.08 15.51 -0.77
N GLN A 118 -4.03 16.19 -0.35
CA GLN A 118 -3.75 17.54 -0.82
C GLN A 118 -3.36 17.52 -2.30
N ALA A 119 -2.64 16.48 -2.70
CA ALA A 119 -2.20 16.36 -4.09
C ALA A 119 -3.40 16.23 -5.03
N LEU A 120 -4.45 15.58 -4.55
CA LEU A 120 -5.70 15.50 -5.29
C LEU A 120 -6.38 16.87 -5.35
N LYS A 121 -6.32 17.60 -4.24
CA LYS A 121 -6.90 18.94 -4.18
C LYS A 121 -6.17 19.89 -5.11
N LYS A 122 -4.90 19.62 -5.38
CA LYS A 122 -4.09 20.48 -6.22
C LYS A 122 -3.58 19.72 -7.45
N GLY A 123 -2.74 20.38 -8.23
CA GLY A 123 -2.25 19.78 -9.47
C GLY A 123 -1.02 18.93 -9.26
N TRP A 124 -1.00 18.16 -8.18
CA TRP A 124 0.14 17.32 -7.85
C TRP A 124 -0.12 15.86 -8.20
N LEU A 125 -1.39 15.46 -8.11
CA LEU A 125 -1.77 14.07 -8.36
C LEU A 125 -3.20 13.99 -8.87
N TYR A 126 -3.45 13.05 -9.78
CA TYR A 126 -4.74 12.94 -10.43
C TYR A 126 -5.68 12.01 -9.67
N TYR A 127 -6.97 12.11 -9.95
CA TYR A 127 -7.98 11.52 -9.07
C TYR A 127 -7.77 10.03 -8.91
N GLU A 128 -7.55 9.34 -10.03
CA GLU A 128 -7.59 7.89 -10.05
C GLU A 128 -6.50 7.29 -9.16
N ALA A 129 -5.32 7.90 -9.19
CA ALA A 129 -4.18 7.36 -8.48
C ALA A 129 -4.30 7.60 -6.98
N GLY A 130 -4.59 8.85 -6.60
CA GLY A 130 -4.64 9.21 -5.20
C GLY A 130 -5.70 8.44 -4.44
N GLN A 131 -6.85 8.23 -5.08
CA GLN A 131 -7.96 7.53 -4.45
C GLN A 131 -7.57 6.10 -4.10
N ARG A 132 -6.80 5.47 -4.98
CA ARG A 132 -6.37 4.09 -4.77
C ARG A 132 -5.43 3.99 -3.58
N PHE A 133 -4.47 4.91 -3.51
CA PHE A 133 -3.45 4.87 -2.47
C PHE A 133 -4.00 5.36 -1.14
N LEU A 134 -4.92 6.32 -1.20
CA LEU A 134 -5.61 6.80 -0.01
C LEU A 134 -6.53 5.70 0.56
N GLU A 135 -7.10 4.90 -0.32
CA GLU A 135 -8.00 3.83 0.10
C GLU A 135 -7.26 2.80 0.95
N VAL A 136 -6.06 2.44 0.53
CA VAL A 136 -5.26 1.44 1.23
C VAL A 136 -4.84 1.95 2.60
N GLN A 137 -4.42 3.21 2.65
CA GLN A 137 -4.06 3.84 3.93
C GLN A 137 -5.29 3.98 4.82
N TYR A 138 -6.43 4.29 4.21
CA TYR A 138 -7.68 4.40 4.95
C TYR A 138 -8.09 3.06 5.56
N LEU A 139 -7.91 2.00 4.79
CA LEU A 139 -8.29 0.66 5.24
C LEU A 139 -7.43 0.21 6.41
N THR A 140 -6.20 0.69 6.44
CA THR A 140 -5.28 0.38 7.54
C THR A 140 -5.51 1.32 8.72
N GLY A 141 -5.93 2.54 8.42
CA GLY A 141 -6.24 3.50 9.48
C GLY A 141 -6.79 4.80 8.94
N GLY A 142 -5.90 5.62 8.37
CA GLY A 142 -6.31 6.91 7.86
C GLY A 142 -5.43 7.39 6.72
N LEU A 143 -5.62 8.63 6.31
CA LEU A 143 -4.87 9.19 5.18
C LEU A 143 -3.55 9.80 5.64
N ILE A 144 -2.45 9.27 5.11
CA ILE A 144 -1.12 9.61 5.60
C ILE A 144 -0.64 10.92 5.00
N GLU A 145 -0.13 11.81 5.85
CA GLU A 145 0.46 13.05 5.40
C GLU A 145 1.88 13.20 5.91
N PRO A 146 2.81 13.56 5.01
CA PRO A 146 4.24 13.66 5.34
C PRO A 146 4.51 14.70 6.43
N ASP A 147 3.65 15.71 6.50
CA ASP A 147 3.73 16.71 7.56
C ASP A 147 3.32 16.12 8.90
N THR A 148 2.07 15.67 8.99
CA THR A 148 1.57 15.05 10.21
C THR A 148 2.33 13.78 10.54
N PRO A 149 2.19 13.31 11.79
CA PRO A 149 2.80 12.05 12.24
C PRO A 149 2.06 10.83 11.69
N GLY A 150 2.17 10.61 10.38
CA GLY A 150 1.62 9.42 9.77
C GLY A 150 0.16 9.60 9.38
N ARG A 151 -0.70 8.74 9.91
CA ARG A 151 -2.07 8.64 9.42
C ARG A 151 -2.92 9.79 9.95
N VAL A 152 -3.83 10.27 9.11
CA VAL A 152 -4.79 11.29 9.53
C VAL A 152 -6.23 10.82 9.33
N PRO A 153 -7.02 10.89 10.41
CA PRO A 153 -8.45 10.54 10.37
C PRO A 153 -9.19 11.30 9.27
N LEU A 154 -10.09 10.60 8.59
CA LEU A 154 -10.85 11.18 7.49
C LEU A 154 -11.62 12.41 7.96
N ASP A 155 -12.21 12.31 9.15
CA ASP A 155 -12.90 13.44 9.75
C ASP A 155 -11.94 14.58 10.04
N GLU A 156 -10.71 14.23 10.43
CA GLU A 156 -9.67 15.22 10.65
C GLU A 156 -9.23 15.87 9.33
N ALA A 157 -9.22 15.06 8.27
CA ALA A 157 -8.93 15.57 6.93
C ALA A 157 -9.99 16.57 6.48
N LEU A 158 -11.24 16.31 6.85
CA LEU A 158 -12.35 17.17 6.47
C LEU A 158 -12.23 18.54 7.12
N GLN A 159 -11.96 18.55 8.43
CA GLN A 159 -11.83 19.79 9.18
C GLN A 159 -10.54 20.52 8.81
N ARG A 160 -9.56 19.77 8.34
CA ARG A 160 -8.31 20.35 7.86
C ARG A 160 -8.50 20.94 6.46
N GLY A 161 -9.53 20.49 5.77
CA GLY A 161 -9.86 21.04 4.46
C GLY A 161 -9.16 20.32 3.34
N THR A 162 -8.24 19.42 3.69
CA THR A 162 -7.45 18.70 2.69
C THR A 162 -8.34 17.81 1.84
N VAL A 163 -9.48 17.40 2.38
CA VAL A 163 -10.50 16.72 1.60
C VAL A 163 -11.87 17.39 1.78
N ASP A 164 -12.71 17.28 0.76
CA ASP A 164 -14.10 17.71 0.85
C ASP A 164 -15.03 16.53 1.06
N ALA A 165 -16.32 16.80 1.19
CA ALA A 165 -17.32 15.76 1.41
C ALA A 165 -17.34 14.78 0.25
N ARG A 166 -17.22 15.30 -0.97
CA ARG A 166 -17.33 14.48 -2.16
C ARG A 166 -16.19 13.46 -2.23
N THR A 167 -14.99 13.89 -1.86
CA THR A 167 -13.85 13.00 -1.79
C THR A 167 -13.94 12.06 -0.60
N ALA A 168 -14.41 12.58 0.54
CA ALA A 168 -14.38 11.85 1.80
C ALA A 168 -15.28 10.62 1.73
N GLN A 169 -16.45 10.79 1.11
CA GLN A 169 -17.40 9.70 0.97
C GLN A 169 -16.83 8.58 0.09
N LYS A 170 -15.94 8.96 -0.83
CA LYS A 170 -15.26 7.99 -1.66
C LYS A 170 -14.31 7.12 -0.84
N LEU A 171 -13.71 7.72 0.18
CA LEU A 171 -12.90 6.97 1.14
C LEU A 171 -13.77 6.10 2.03
N ARG A 172 -14.99 6.57 2.30
CA ARG A 172 -15.95 5.79 3.08
C ARG A 172 -16.54 4.66 2.25
N ASP A 173 -16.59 4.86 0.93
CA ASP A 173 -17.14 3.86 0.02
C ASP A 173 -16.04 3.02 -0.60
N VAL A 174 -15.27 2.35 0.25
CA VAL A 174 -14.20 1.47 -0.21
C VAL A 174 -14.75 0.30 -1.02
N GLY A 175 -16.02 -0.04 -0.76
CA GLY A 175 -16.61 -1.20 -1.39
C GLY A 175 -16.85 -1.01 -2.87
N ALA A 176 -16.92 0.25 -3.29
CA ALA A 176 -17.09 0.57 -4.70
C ALA A 176 -15.87 0.14 -5.52
N TYR A 177 -14.72 0.11 -4.86
CA TYR A 177 -13.46 -0.19 -5.54
C TYR A 177 -13.24 -1.70 -5.67
N SER A 178 -12.64 -2.10 -6.78
CA SER A 178 -12.38 -3.52 -7.02
C SER A 178 -11.37 -4.07 -6.01
N LYS A 179 -11.59 -5.30 -5.57
CA LYS A 179 -10.65 -5.97 -4.68
C LYS A 179 -9.55 -6.66 -5.46
N TYR A 180 -8.37 -6.74 -4.88
CA TYR A 180 -7.21 -7.31 -5.55
C TYR A 180 -6.51 -8.34 -4.66
N LEU A 181 -7.11 -8.63 -3.52
CA LEU A 181 -6.57 -9.62 -2.59
C LEU A 181 -7.42 -10.88 -2.58
N THR A 182 -6.76 -12.03 -2.69
CA THR A 182 -7.47 -13.32 -2.71
C THR A 182 -7.35 -14.01 -1.35
N CYS A 183 -8.49 -14.41 -0.80
CA CYS A 183 -8.50 -15.19 0.43
C CYS A 183 -9.63 -16.23 0.40
N PRO A 184 -9.28 -17.48 0.69
CA PRO A 184 -10.23 -18.60 0.65
C PRO A 184 -11.25 -18.54 1.79
N LYS A 185 -12.52 -18.40 1.42
CA LYS A 185 -13.61 -18.46 2.40
C LYS A 185 -14.96 -18.34 1.71
N THR A 186 -15.05 -18.90 0.50
CA THR A 186 -16.23 -18.70 -0.34
C THR A 186 -16.50 -17.22 -0.56
N LYS A 187 -15.44 -16.41 -0.50
CA LYS A 187 -15.56 -14.97 -0.73
C LYS A 187 -14.53 -14.50 -1.74
N LEU A 188 -13.29 -14.93 -1.58
CA LEU A 188 -12.24 -14.70 -2.57
C LEU A 188 -11.80 -13.24 -2.56
N LYS A 189 -12.70 -12.34 -2.90
CA LYS A 189 -12.38 -10.92 -3.00
C LYS A 189 -12.48 -10.24 -1.64
N ILE A 190 -11.36 -9.75 -1.15
CA ILE A 190 -11.34 -9.06 0.14
C ILE A 190 -10.64 -7.71 0.04
N SER A 191 -10.97 -6.81 0.98
CA SER A 191 -10.26 -5.56 1.10
C SER A 191 -8.99 -5.73 1.92
N TYR A 192 -8.16 -4.69 1.95
CA TYR A 192 -6.98 -4.68 2.80
C TYR A 192 -7.35 -4.71 4.28
N LYS A 193 -8.43 -4.00 4.62
CA LYS A 193 -8.97 -4.04 5.98
C LYS A 193 -9.47 -5.44 6.32
N ASP A 194 -10.08 -6.10 5.34
CA ASP A 194 -10.45 -7.51 5.48
C ASP A 194 -9.21 -8.38 5.61
N ALA A 195 -8.18 -8.05 4.84
CA ALA A 195 -6.96 -8.86 4.82
C ALA A 195 -6.25 -8.81 6.17
N LEU A 196 -6.28 -7.64 6.81
CA LEU A 196 -5.58 -7.45 8.08
C LEU A 196 -6.22 -8.29 9.18
N ASP A 197 -7.54 -8.44 9.11
CA ASP A 197 -8.25 -9.31 10.03
C ASP A 197 -7.93 -10.78 9.76
N ARG A 198 -7.60 -11.08 8.51
CA ARG A 198 -7.37 -12.46 8.10
C ARG A 198 -5.87 -12.75 7.98
N SER A 199 -5.07 -11.72 8.19
CA SER A 199 -3.61 -11.85 8.07
C SER A 199 -3.04 -12.68 9.23
N MET A 200 -1.99 -13.42 8.95
CA MET A 200 -1.30 -14.20 9.98
C MET A 200 0.16 -13.80 10.10
N VAL A 201 0.64 -13.66 11.32
CA VAL A 201 2.00 -13.19 11.58
C VAL A 201 3.00 -14.34 11.55
N GLU A 202 4.04 -14.19 10.75
CA GLU A 202 5.13 -15.16 10.72
C GLU A 202 5.98 -15.06 11.98
N GLU A 203 5.45 -15.56 13.09
CA GLU A 203 6.18 -15.57 14.35
C GLU A 203 6.29 -14.17 14.93
N GLY A 204 7.29 -13.41 14.48
CA GLY A 204 7.49 -12.07 14.97
C GLY A 204 8.68 -11.39 14.33
N THR A 205 8.70 -11.35 13.01
CA THR A 205 9.82 -10.77 12.28
C THR A 205 9.36 -9.68 11.32
N GLY A 206 8.20 -9.10 11.62
CA GLY A 206 7.65 -8.06 10.76
C GLY A 206 7.20 -8.59 9.41
N LEU A 207 6.95 -9.91 9.35
CA LEU A 207 6.53 -10.54 8.10
C LEU A 207 5.08 -10.97 8.18
N ARG A 208 4.18 -10.09 7.72
CA ARG A 208 2.76 -10.39 7.72
C ARG A 208 2.39 -11.28 6.54
N LEU A 209 1.64 -12.34 6.81
CA LEU A 209 1.25 -13.30 5.78
C LEU A 209 -0.23 -13.17 5.44
N LEU A 210 -0.53 -13.14 4.14
CA LEU A 210 -1.92 -13.15 3.69
C LEU A 210 -2.39 -14.58 3.40
N GLU A 211 -3.52 -14.96 4.00
CA GLU A 211 -4.05 -16.31 3.84
C GLU A 211 -4.44 -16.56 2.38
N ALA A 212 -3.95 -17.66 1.83
CA ALA A 212 -4.22 -18.01 0.44
C ALA A 212 -4.34 -19.52 0.27
N ALA A 213 -4.83 -19.93 -0.90
CA ALA A 213 -4.96 -21.36 -1.21
C ALA A 213 -4.50 -21.65 -2.64
N ALA A 214 -3.54 -22.57 -2.77
CA ALA A 214 -3.03 -22.95 -4.08
C ALA A 214 -4.01 -23.85 -4.81
N GLN A 215 -5.11 -23.27 -5.28
CA GLN A 215 -6.09 -24.00 -6.06
C GLN A 215 -5.46 -24.55 -7.34
N MET A 1 8.66 -4.13 8.74
CA MET A 1 10.06 -4.07 8.35
C MET A 1 10.44 -5.26 7.49
N GLY A 2 10.96 -4.99 6.29
CA GLY A 2 10.99 -5.98 5.24
C GLY A 2 12.38 -6.47 4.93
N HIS A 3 12.89 -6.09 3.76
CA HIS A 3 13.97 -6.83 3.11
C HIS A 3 14.78 -5.92 2.20
N HIS A 4 16.06 -6.24 2.05
CA HIS A 4 16.88 -5.67 0.98
C HIS A 4 17.45 -4.32 1.40
N HIS A 5 18.46 -4.35 2.26
CA HIS A 5 19.36 -3.22 2.43
C HIS A 5 18.69 -2.11 3.24
N HIS A 6 19.49 -1.38 4.02
CA HIS A 6 19.04 -0.13 4.61
C HIS A 6 18.96 -0.26 6.13
N HIS A 7 20.09 -0.14 6.80
CA HIS A 7 20.14 -0.19 8.26
C HIS A 7 21.52 0.21 8.77
N HIS A 8 21.54 0.92 9.90
CA HIS A 8 22.81 1.26 10.56
C HIS A 8 22.62 1.35 12.07
N SER A 9 23.73 1.33 12.80
CA SER A 9 23.70 1.36 14.25
C SER A 9 24.85 2.19 14.82
N HIS A 10 25.07 2.07 16.12
CA HIS A 10 26.14 2.81 16.78
C HIS A 10 26.92 1.90 17.73
N MET A 11 27.81 2.51 18.52
CA MET A 11 28.60 1.77 19.48
C MET A 11 27.95 1.80 20.86
N GLN A 12 28.78 1.84 21.90
CA GLN A 12 28.27 1.83 23.27
C GLN A 12 28.52 3.17 23.95
N LEU A 13 27.58 4.10 23.78
CA LEU A 13 27.63 5.38 24.48
C LEU A 13 26.24 5.98 24.61
N ALA A 14 25.75 6.06 25.85
CA ALA A 14 24.44 6.65 26.12
C ALA A 14 23.38 6.08 25.18
N SER A 15 23.40 4.76 25.02
CA SER A 15 22.51 4.09 24.07
C SER A 15 21.13 3.87 24.66
N TRP A 16 20.16 4.64 24.18
CA TRP A 16 18.76 4.41 24.55
C TRP A 16 18.22 3.16 23.85
N SER A 17 17.89 2.14 24.63
CA SER A 17 17.39 0.89 24.08
C SER A 17 15.86 0.85 24.15
N ASP A 18 15.24 0.53 23.03
CA ASP A 18 13.78 0.55 22.92
C ASP A 18 13.30 -0.40 21.83
N PRO A 19 11.98 -0.65 21.80
CA PRO A 19 11.36 -1.51 20.79
C PRO A 19 11.60 -1.00 19.37
N THR A 20 11.49 -1.90 18.40
CA THR A 20 11.75 -1.55 17.01
C THR A 20 10.51 -0.97 16.34
N GLU A 21 9.75 -1.83 15.67
CA GLU A 21 8.52 -1.40 15.01
C GLU A 21 7.59 -2.58 14.76
N GLU A 22 6.31 -2.40 15.10
CA GLU A 22 5.32 -3.45 14.89
C GLU A 22 4.15 -2.91 14.06
N THR A 23 4.46 -2.38 12.89
CA THR A 23 3.43 -1.83 12.01
C THR A 23 3.62 -2.30 10.57
N GLY A 24 2.75 -1.86 9.68
CA GLY A 24 2.91 -2.14 8.26
C GLY A 24 1.74 -2.93 7.69
N PRO A 25 1.45 -2.69 6.41
CA PRO A 25 0.48 -3.50 5.65
C PRO A 25 0.99 -4.91 5.41
N VAL A 26 0.22 -5.68 4.64
CA VAL A 26 0.63 -7.03 4.26
C VAL A 26 2.03 -7.04 3.68
N ALA A 27 2.97 -7.64 4.41
CA ALA A 27 4.37 -7.66 4.01
C ALA A 27 4.63 -8.77 2.98
N GLY A 28 4.01 -9.92 3.21
CA GLY A 28 4.25 -11.07 2.36
C GLY A 28 3.06 -12.03 2.33
N ILE A 29 3.24 -13.17 1.68
CA ILE A 29 2.15 -14.11 1.45
C ILE A 29 2.34 -15.39 2.25
N LEU A 30 1.27 -15.88 2.84
CA LEU A 30 1.29 -17.15 3.54
C LEU A 30 0.28 -18.13 2.96
N ASP A 31 0.74 -19.33 2.61
CA ASP A 31 -0.13 -20.36 2.08
C ASP A 31 -0.81 -21.12 3.20
N THR A 32 -2.12 -20.93 3.35
CA THR A 32 -2.87 -21.56 4.43
C THR A 32 -2.80 -23.08 4.36
N GLU A 33 -2.57 -23.59 3.15
CA GLU A 33 -2.54 -25.04 2.94
C GLU A 33 -1.40 -25.68 3.71
N THR A 34 -0.33 -24.92 3.92
CA THR A 34 0.86 -25.44 4.58
C THR A 34 1.37 -24.47 5.64
N LEU A 35 0.71 -23.32 5.75
CA LEU A 35 1.15 -22.27 6.65
C LEU A 35 2.60 -21.88 6.37
N GLU A 36 2.97 -21.88 5.10
CA GLU A 36 4.33 -21.50 4.69
C GLU A 36 4.37 -20.04 4.27
N LYS A 37 5.20 -19.26 4.96
CA LYS A 37 5.45 -17.87 4.57
C LYS A 37 6.40 -17.82 3.38
N VAL A 38 6.03 -17.03 2.37
CA VAL A 38 6.86 -16.86 1.19
C VAL A 38 6.97 -15.39 0.81
N SER A 39 8.00 -15.06 0.03
CA SER A 39 8.21 -13.69 -0.42
C SER A 39 7.16 -13.28 -1.45
N ILE A 40 7.05 -11.98 -1.69
CA ILE A 40 6.16 -11.47 -2.72
C ILE A 40 6.54 -12.01 -4.10
N THR A 41 7.84 -12.09 -4.36
CA THR A 41 8.34 -12.64 -5.62
C THR A 41 8.02 -14.12 -5.73
N GLU A 42 8.21 -14.85 -4.64
CA GLU A 42 7.96 -16.29 -4.64
C GLU A 42 6.49 -16.59 -4.82
N ALA A 43 5.63 -15.80 -4.19
CA ALA A 43 4.19 -15.98 -4.28
C ALA A 43 3.69 -15.72 -5.70
N MET A 44 4.23 -14.69 -6.33
CA MET A 44 3.87 -14.36 -7.70
C MET A 44 4.31 -15.46 -8.66
N HIS A 45 5.42 -16.12 -8.33
CA HIS A 45 6.06 -17.03 -9.27
C HIS A 45 5.13 -18.18 -9.64
N ARG A 46 4.38 -18.66 -8.67
CA ARG A 46 3.36 -19.68 -8.92
C ARG A 46 2.82 -20.24 -7.61
N ASN A 47 2.33 -19.36 -6.75
CA ASN A 47 1.74 -19.77 -5.48
C ASN A 47 0.21 -19.64 -5.52
N LEU A 48 -0.28 -18.41 -5.45
CA LEU A 48 -1.70 -18.15 -5.38
C LEU A 48 -2.02 -16.70 -5.77
N VAL A 49 -0.97 -15.90 -5.92
CA VAL A 49 -1.13 -14.53 -6.39
C VAL A 49 -0.62 -14.39 -7.82
N ASP A 50 -0.98 -13.27 -8.46
CA ASP A 50 -0.46 -12.95 -9.79
C ASP A 50 0.30 -11.63 -9.76
N ASN A 51 0.76 -11.19 -10.93
CA ASN A 51 1.50 -9.94 -11.04
C ASN A 51 0.66 -8.76 -10.54
N ILE A 52 -0.65 -8.81 -10.81
CA ILE A 52 -1.55 -7.74 -10.44
C ILE A 52 -1.71 -7.65 -8.93
N THR A 53 -1.91 -8.80 -8.29
CA THR A 53 -2.08 -8.86 -6.85
C THR A 53 -0.80 -8.44 -6.12
N GLY A 54 0.34 -8.93 -6.61
CA GLY A 54 1.62 -8.51 -6.08
C GLY A 54 1.86 -7.02 -6.24
N GLN A 55 1.44 -6.48 -7.38
CA GLN A 55 1.61 -5.05 -7.66
C GLN A 55 0.83 -4.22 -6.64
N ARG A 56 -0.41 -4.61 -6.38
CA ARG A 56 -1.27 -3.85 -5.49
C ARG A 56 -0.75 -3.88 -4.06
N LEU A 57 -0.22 -5.04 -3.66
CA LEU A 57 0.41 -5.16 -2.35
C LEU A 57 1.70 -4.35 -2.28
N LEU A 58 2.44 -4.33 -3.38
CA LEU A 58 3.65 -3.53 -3.47
C LEU A 58 3.33 -2.04 -3.41
N GLU A 59 2.24 -1.65 -4.07
CA GLU A 59 1.76 -0.27 -4.01
C GLU A 59 1.34 0.10 -2.59
N ALA A 60 0.71 -0.84 -1.90
CA ALA A 60 0.27 -0.62 -0.53
C ALA A 60 1.45 -0.42 0.41
N GLN A 61 2.52 -1.17 0.16
CA GLN A 61 3.76 -1.00 0.92
C GLN A 61 4.44 0.31 0.55
N ALA A 62 4.37 0.67 -0.73
CA ALA A 62 4.94 1.92 -1.21
C ALA A 62 4.21 3.11 -0.60
N CYS A 63 2.91 2.96 -0.42
CA CYS A 63 2.10 4.02 0.21
C CYS A 63 2.47 4.19 1.68
N THR A 64 3.02 3.13 2.28
CA THR A 64 3.45 3.18 3.66
C THR A 64 4.96 3.31 3.77
N GLY A 65 5.56 4.02 2.81
CA GLY A 65 6.99 4.24 2.84
C GLY A 65 7.73 3.33 1.87
N GLY A 66 8.66 2.54 2.40
CA GLY A 66 9.49 1.70 1.56
C GLY A 66 8.87 0.33 1.31
N ILE A 67 9.52 -0.45 0.46
CA ILE A 67 9.04 -1.80 0.15
C ILE A 67 9.40 -2.78 1.26
N ILE A 68 8.44 -3.62 1.65
CA ILE A 68 8.59 -4.47 2.82
C ILE A 68 8.32 -5.93 2.48
N ASP A 69 9.39 -6.73 2.44
CA ASP A 69 9.25 -8.17 2.29
C ASP A 69 9.84 -8.90 3.49
N PRO A 70 9.10 -9.90 4.00
CA PRO A 70 9.51 -10.69 5.17
C PRO A 70 10.91 -11.29 5.00
N SER A 71 11.89 -10.69 5.68
CA SER A 71 13.26 -11.20 5.63
C SER A 71 14.03 -10.81 6.90
N THR A 72 14.42 -9.55 6.97
CA THR A 72 15.46 -9.13 7.91
C THR A 72 15.11 -7.81 8.57
N GLY A 73 13.99 -7.21 8.14
CA GLY A 73 13.53 -5.98 8.75
C GLY A 73 14.03 -4.75 8.02
N GLU A 74 14.42 -4.93 6.76
CA GLU A 74 14.93 -3.83 5.95
C GLU A 74 13.80 -3.10 5.25
N ARG A 75 13.82 -1.77 5.30
CA ARG A 75 12.89 -0.96 4.54
C ARG A 75 13.63 -0.06 3.56
N PHE A 76 13.23 -0.11 2.29
CA PHE A 76 14.08 0.32 1.20
C PHE A 76 13.25 0.86 0.03
N PRO A 77 13.90 1.59 -0.88
CA PRO A 77 13.23 2.21 -2.03
C PRO A 77 12.68 1.18 -3.01
N VAL A 78 11.80 1.63 -3.90
CA VAL A 78 11.23 0.75 -4.92
C VAL A 78 12.28 0.36 -5.94
N THR A 79 13.14 1.32 -6.30
CA THR A 79 14.03 1.17 -7.45
C THR A 79 14.99 0.00 -7.22
N ASP A 80 15.44 -0.17 -5.98
CA ASP A 80 16.38 -1.23 -5.65
C ASP A 80 15.72 -2.60 -5.77
N ALA A 81 14.42 -2.65 -5.54
CA ALA A 81 13.68 -3.92 -5.54
C ALA A 81 13.79 -4.61 -6.90
N VAL A 82 13.92 -3.81 -7.95
CA VAL A 82 14.08 -4.35 -9.30
C VAL A 82 15.38 -5.14 -9.42
N ASN A 83 16.41 -4.66 -8.74
CA ASN A 83 17.77 -5.14 -8.98
C ASN A 83 17.93 -6.59 -8.54
N LYS A 84 17.24 -6.95 -7.45
CA LYS A 84 17.26 -8.32 -6.95
C LYS A 84 16.15 -8.54 -5.93
N GLY A 85 14.93 -8.14 -6.29
CA GLY A 85 13.84 -8.13 -5.34
C GLY A 85 12.50 -8.48 -5.97
N LEU A 86 11.53 -7.59 -5.83
CA LEU A 86 10.13 -7.95 -6.01
C LEU A 86 9.37 -6.85 -6.75
N VAL A 87 10.03 -6.24 -7.73
CA VAL A 87 9.40 -5.24 -8.58
C VAL A 87 9.87 -5.36 -10.02
N ASP A 88 8.92 -5.32 -10.95
CA ASP A 88 9.23 -5.38 -12.37
C ASP A 88 9.65 -4.01 -12.89
N LYS A 89 10.50 -4.00 -13.91
CA LYS A 89 10.98 -2.76 -14.50
C LYS A 89 9.81 -1.92 -15.01
N ILE A 90 8.77 -2.60 -15.50
CA ILE A 90 7.64 -1.92 -16.14
C ILE A 90 6.75 -1.26 -15.09
N MET A 91 6.90 -1.67 -13.85
CA MET A 91 6.01 -1.22 -12.78
C MET A 91 6.72 -0.22 -11.88
N VAL A 92 7.96 0.12 -12.22
CA VAL A 92 8.77 1.00 -11.39
C VAL A 92 8.13 2.38 -11.26
N ASP A 93 7.89 3.01 -12.40
CA ASP A 93 7.25 4.34 -12.41
C ASP A 93 5.81 4.25 -11.91
N ARG A 94 5.15 3.14 -12.22
CA ARG A 94 3.77 2.94 -11.81
C ARG A 94 3.65 2.89 -10.29
N ILE A 95 4.61 2.23 -9.65
CA ILE A 95 4.66 2.17 -8.19
C ILE A 95 5.36 3.40 -7.62
N ASN A 96 6.30 3.95 -8.38
CA ASN A 96 7.11 5.06 -7.91
C ASN A 96 6.24 6.30 -7.65
N LEU A 97 5.12 6.38 -8.35
CA LEU A 97 4.17 7.46 -8.13
C LEU A 97 3.64 7.43 -6.70
N ALA A 98 3.45 6.23 -6.17
CA ALA A 98 3.06 6.07 -4.77
C ALA A 98 4.18 6.51 -3.83
N GLN A 99 5.41 6.23 -4.23
CA GLN A 99 6.58 6.73 -3.51
C GLN A 99 6.64 8.25 -3.58
N LYS A 100 6.34 8.80 -4.76
CA LYS A 100 6.40 10.24 -4.98
C LYS A 100 5.28 10.95 -4.22
N ALA A 101 4.13 10.28 -4.10
CA ALA A 101 2.91 10.92 -3.65
C ALA A 101 3.05 11.40 -2.20
N PHE A 102 3.71 10.58 -1.38
CA PHE A 102 3.83 10.87 0.05
C PHE A 102 5.15 11.56 0.36
N CYS A 103 6.18 11.21 -0.41
CA CYS A 103 7.51 11.76 -0.20
C CYS A 103 8.28 11.84 -1.51
N GLY A 104 8.00 12.88 -2.30
CA GLY A 104 8.62 13.01 -3.61
C GLY A 104 8.26 14.31 -4.28
N PHE A 105 6.97 14.54 -4.49
CA PHE A 105 6.50 15.76 -5.12
C PHE A 105 6.64 16.96 -4.18
N GLU A 106 6.87 16.67 -2.90
CA GLU A 106 6.76 17.68 -1.87
C GLU A 106 7.53 18.94 -2.25
N ASP A 107 8.85 18.84 -2.23
CA ASP A 107 9.71 20.02 -2.38
C ASP A 107 11.18 19.63 -2.33
N PRO A 108 11.82 19.58 -3.50
CA PRO A 108 13.20 19.10 -3.63
C PRO A 108 14.21 20.14 -3.12
N ARG A 109 14.31 20.26 -1.80
CA ARG A 109 15.22 21.23 -1.19
C ARG A 109 15.05 21.26 0.32
N THR A 110 13.81 21.07 0.78
CA THR A 110 13.49 21.18 2.20
C THR A 110 12.55 20.06 2.63
N LYS A 111 11.72 19.60 1.70
CA LYS A 111 10.82 18.48 1.97
C LYS A 111 9.70 18.91 2.92
N THR A 112 8.49 18.42 2.65
CA THR A 112 7.31 18.89 3.36
C THR A 112 6.63 17.77 4.13
N LYS A 113 6.60 16.57 3.52
CA LYS A 113 5.79 15.48 4.03
C LYS A 113 4.30 15.83 3.93
N MET A 114 3.55 14.95 3.26
CA MET A 114 2.15 15.24 2.95
C MET A 114 1.42 13.96 2.55
N SER A 115 0.09 14.01 2.63
CA SER A 115 -0.74 12.84 2.32
C SER A 115 -1.06 12.79 0.84
N ALA A 116 -1.63 11.66 0.41
CA ALA A 116 -2.19 11.57 -0.94
C ALA A 116 -3.34 12.55 -1.13
N ALA A 117 -4.14 12.73 -0.08
CA ALA A 117 -5.27 13.66 -0.13
C ALA A 117 -4.80 15.10 -0.29
N GLN A 118 -3.71 15.43 0.41
CA GLN A 118 -3.08 16.75 0.25
C GLN A 118 -2.46 16.90 -1.14
N ALA A 119 -1.95 15.79 -1.68
CA ALA A 119 -1.47 15.76 -3.05
C ALA A 119 -2.58 16.11 -4.03
N LEU A 120 -3.80 15.66 -3.72
CA LEU A 120 -4.97 16.02 -4.50
C LEU A 120 -5.27 17.51 -4.35
N LYS A 121 -5.10 18.04 -3.14
CA LYS A 121 -5.38 19.43 -2.87
C LYS A 121 -4.30 20.33 -3.48
N LYS A 122 -3.10 19.79 -3.61
CA LYS A 122 -1.96 20.56 -4.12
C LYS A 122 -1.94 20.54 -5.64
N GLY A 123 -2.43 19.45 -6.22
CA GLY A 123 -2.55 19.37 -7.67
C GLY A 123 -1.27 18.93 -8.34
N TRP A 124 -0.56 18.01 -7.71
CA TRP A 124 0.61 17.38 -8.32
C TRP A 124 0.45 15.86 -8.35
N LEU A 125 -0.65 15.37 -7.80
CA LEU A 125 -1.09 14.00 -8.06
C LEU A 125 -2.51 13.97 -8.62
N TYR A 126 -2.73 13.13 -9.62
CA TYR A 126 -3.97 13.15 -10.39
C TYR A 126 -5.02 12.24 -9.76
N TYR A 127 -6.27 12.40 -10.19
CA TYR A 127 -7.41 11.87 -9.45
C TYR A 127 -7.28 10.36 -9.25
N GLU A 128 -6.95 9.66 -10.33
CA GLU A 128 -6.95 8.20 -10.33
C GLU A 128 -5.92 7.67 -9.33
N ALA A 129 -4.78 8.34 -9.25
CA ALA A 129 -3.68 7.91 -8.38
C ALA A 129 -4.04 8.13 -6.92
N GLY A 130 -4.55 9.32 -6.62
CA GLY A 130 -4.86 9.67 -5.25
C GLY A 130 -5.95 8.78 -4.66
N GLN A 131 -6.99 8.53 -5.44
CA GLN A 131 -8.12 7.73 -4.98
C GLN A 131 -7.70 6.30 -4.69
N ARG A 132 -6.83 5.76 -5.54
CA ARG A 132 -6.34 4.40 -5.36
C ARG A 132 -5.53 4.27 -4.07
N PHE A 133 -4.77 5.32 -3.75
CA PHE A 133 -3.97 5.33 -2.53
C PHE A 133 -4.87 5.54 -1.30
N LEU A 134 -5.89 6.38 -1.46
CA LEU A 134 -6.73 6.78 -0.33
C LEU A 134 -7.61 5.62 0.11
N GLU A 135 -8.14 4.88 -0.86
CA GLU A 135 -9.19 3.90 -0.59
C GLU A 135 -8.68 2.80 0.34
N VAL A 136 -7.44 2.40 0.15
CA VAL A 136 -6.79 1.43 1.03
C VAL A 136 -6.64 1.99 2.44
N GLN A 137 -6.34 3.29 2.53
CA GLN A 137 -6.01 3.92 3.80
C GLN A 137 -7.21 3.90 4.74
N TYR A 138 -8.40 4.13 4.19
CA TYR A 138 -9.63 4.08 4.96
C TYR A 138 -9.88 2.68 5.52
N LEU A 139 -9.56 1.67 4.72
CA LEU A 139 -9.70 0.28 5.14
C LEU A 139 -8.75 -0.03 6.29
N THR A 140 -7.61 0.65 6.32
CA THR A 140 -6.64 0.47 7.39
C THR A 140 -6.98 1.35 8.59
N GLY A 141 -7.84 2.34 8.37
CA GLY A 141 -8.51 2.99 9.48
C GLY A 141 -8.27 4.49 9.50
N GLY A 142 -7.57 4.98 8.48
CA GLY A 142 -7.30 6.40 8.39
C GLY A 142 -6.32 6.74 7.28
N LEU A 143 -6.24 8.02 6.93
CA LEU A 143 -5.42 8.44 5.79
C LEU A 143 -3.97 8.66 6.22
N ILE A 144 -3.04 8.24 5.35
CA ILE A 144 -1.63 8.24 5.70
C ILE A 144 -1.00 9.61 5.43
N GLU A 145 -0.35 10.17 6.44
CA GLU A 145 0.42 11.40 6.26
C GLU A 145 1.75 11.33 7.02
N PRO A 146 2.85 11.34 6.26
CA PRO A 146 4.20 11.21 6.83
C PRO A 146 4.48 12.25 7.90
N ASP A 147 3.82 13.40 7.79
CA ASP A 147 3.99 14.48 8.76
C ASP A 147 3.43 14.07 10.13
N THR A 148 2.38 13.25 10.11
CA THR A 148 1.77 12.79 11.35
C THR A 148 2.39 11.50 11.83
N PRO A 149 2.24 11.20 13.14
CA PRO A 149 2.81 10.01 13.76
C PRO A 149 2.33 8.72 13.10
N GLY A 150 1.14 8.78 12.52
CA GLY A 150 0.61 7.63 11.81
C GLY A 150 -0.47 8.01 10.82
N ARG A 151 -1.69 7.53 11.06
CA ARG A 151 -2.79 7.74 10.13
C ARG A 151 -3.88 8.60 10.78
N VAL A 152 -4.47 9.49 9.98
CA VAL A 152 -5.48 10.40 10.48
C VAL A 152 -6.88 9.97 10.02
N PRO A 153 -7.81 9.85 10.98
CA PRO A 153 -9.20 9.51 10.69
C PRO A 153 -9.82 10.42 9.64
N LEU A 154 -10.67 9.85 8.79
CA LEU A 154 -11.32 10.61 7.72
C LEU A 154 -12.11 11.78 8.29
N ASP A 155 -12.81 11.53 9.40
CA ASP A 155 -13.58 12.59 10.06
C ASP A 155 -12.67 13.69 10.58
N GLU A 156 -11.49 13.31 11.07
CA GLU A 156 -10.49 14.27 11.50
C GLU A 156 -9.86 14.98 10.30
N ALA A 157 -9.72 14.25 9.20
CA ALA A 157 -9.18 14.82 7.97
C ALA A 157 -10.10 15.92 7.44
N LEU A 158 -11.41 15.75 7.64
CA LEU A 158 -12.38 16.72 7.16
C LEU A 158 -12.22 18.05 7.86
N GLN A 159 -12.06 18.01 9.19
CA GLN A 159 -11.86 19.21 9.97
C GLN A 159 -10.46 19.77 9.78
N ARG A 160 -9.53 18.90 9.39
CA ARG A 160 -8.17 19.32 9.05
C ARG A 160 -8.14 19.97 7.68
N GLY A 161 -9.13 19.66 6.84
CA GLY A 161 -9.28 20.34 5.57
C GLY A 161 -8.61 19.59 4.43
N THR A 162 -7.79 18.60 4.78
CA THR A 162 -7.04 17.85 3.79
C THR A 162 -7.98 17.12 2.83
N VAL A 163 -9.18 16.82 3.30
CA VAL A 163 -10.24 16.29 2.44
C VAL A 163 -11.50 17.14 2.54
N ASP A 164 -12.36 17.05 1.52
CA ASP A 164 -13.68 17.66 1.57
C ASP A 164 -14.77 16.59 1.60
N ALA A 165 -16.02 17.02 1.65
CA ALA A 165 -17.15 16.11 1.76
C ALA A 165 -17.22 15.18 0.55
N ARG A 166 -16.98 15.73 -0.64
CA ARG A 166 -17.11 14.97 -1.87
C ARG A 166 -16.07 13.86 -1.93
N THR A 167 -14.86 14.17 -1.50
CA THR A 167 -13.79 13.17 -1.43
C THR A 167 -14.04 12.18 -0.30
N ALA A 168 -14.53 12.69 0.83
CA ALA A 168 -14.65 11.89 2.04
C ALA A 168 -15.67 10.77 1.87
N GLN A 169 -16.77 11.09 1.20
CA GLN A 169 -17.85 10.13 1.00
C GLN A 169 -17.39 8.98 0.12
N LYS A 170 -16.50 9.28 -0.82
CA LYS A 170 -15.88 8.25 -1.64
C LYS A 170 -14.98 7.35 -0.81
N LEU A 171 -14.32 7.93 0.18
CA LEU A 171 -13.52 7.16 1.13
C LEU A 171 -14.42 6.28 2.00
N ARG A 172 -15.64 6.76 2.27
CA ARG A 172 -16.61 6.01 3.04
C ARG A 172 -17.17 4.85 2.22
N ASP A 173 -17.13 4.98 0.90
CA ASP A 173 -17.55 3.91 0.01
C ASP A 173 -16.36 3.10 -0.49
N VAL A 174 -15.76 2.34 0.42
CA VAL A 174 -14.63 1.47 0.07
C VAL A 174 -15.07 0.36 -0.88
N GLY A 175 -16.36 0.06 -0.87
CA GLY A 175 -16.87 -1.02 -1.70
C GLY A 175 -16.75 -0.72 -3.18
N ALA A 176 -16.58 0.56 -3.52
CA ALA A 176 -16.41 0.97 -4.91
C ALA A 176 -15.00 0.70 -5.40
N TYR A 177 -14.07 0.59 -4.46
CA TYR A 177 -12.66 0.36 -4.80
C TYR A 177 -12.45 -1.08 -5.27
N SER A 178 -11.67 -1.24 -6.34
CA SER A 178 -11.45 -2.55 -6.93
C SER A 178 -10.75 -3.48 -5.96
N LYS A 179 -11.26 -4.70 -5.83
CA LYS A 179 -10.64 -5.71 -4.97
C LYS A 179 -9.57 -6.49 -5.73
N TYR A 180 -8.55 -6.94 -5.01
CA TYR A 180 -7.44 -7.65 -5.62
C TYR A 180 -6.96 -8.80 -4.74
N LEU A 181 -7.59 -8.94 -3.57
CA LEU A 181 -7.26 -10.02 -2.65
C LEU A 181 -8.38 -11.07 -2.64
N THR A 182 -7.99 -12.32 -2.87
CA THR A 182 -8.95 -13.43 -2.84
C THR A 182 -8.77 -14.26 -1.58
N CYS A 183 -9.86 -14.47 -0.85
CA CYS A 183 -9.84 -15.26 0.38
C CYS A 183 -10.73 -16.49 0.27
N PRO A 184 -10.27 -17.61 0.84
CA PRO A 184 -10.96 -18.89 0.75
C PRO A 184 -12.21 -18.94 1.64
N LYS A 185 -12.42 -17.88 2.40
CA LYS A 185 -13.53 -17.83 3.35
C LYS A 185 -14.82 -18.31 2.70
N THR A 186 -15.35 -17.50 1.79
CA THR A 186 -16.57 -17.86 1.07
C THR A 186 -16.90 -16.84 -0.01
N LYS A 187 -16.42 -15.61 0.18
CA LYS A 187 -16.74 -14.51 -0.72
C LYS A 187 -15.69 -14.39 -1.82
N LEU A 188 -14.55 -15.04 -1.62
CA LEU A 188 -13.40 -14.87 -2.50
C LEU A 188 -13.03 -13.40 -2.64
N LYS A 189 -13.83 -12.66 -3.41
CA LYS A 189 -13.57 -11.24 -3.64
C LYS A 189 -13.89 -10.43 -2.39
N ILE A 190 -12.85 -9.88 -1.76
CA ILE A 190 -13.00 -9.22 -0.47
C ILE A 190 -12.27 -7.88 -0.45
N SER A 191 -12.58 -7.07 0.55
CA SER A 191 -11.85 -5.82 0.77
C SER A 191 -10.50 -6.09 1.43
N TYR A 192 -9.62 -5.09 1.41
CA TYR A 192 -8.36 -5.17 2.13
C TYR A 192 -8.59 -5.28 3.63
N LYS A 193 -9.59 -4.55 4.13
CA LYS A 193 -9.98 -4.63 5.53
C LYS A 193 -10.46 -6.03 5.89
N ASP A 194 -11.15 -6.67 4.95
CA ASP A 194 -11.54 -8.07 5.11
C ASP A 194 -10.30 -8.96 5.19
N ALA A 195 -9.30 -8.66 4.37
CA ALA A 195 -8.05 -9.40 4.39
C ALA A 195 -7.31 -9.22 5.71
N LEU A 196 -7.41 -8.02 6.28
CA LEU A 196 -6.73 -7.70 7.52
C LEU A 196 -7.28 -8.53 8.69
N ASP A 197 -8.57 -8.87 8.60
CA ASP A 197 -9.19 -9.73 9.60
C ASP A 197 -8.65 -11.16 9.50
N ARG A 198 -8.24 -11.55 8.30
CA ARG A 198 -7.79 -12.91 8.06
C ARG A 198 -6.26 -12.98 7.98
N SER A 199 -5.62 -11.81 8.05
CA SER A 199 -4.17 -11.72 7.96
C SER A 199 -3.51 -12.39 9.17
N MET A 200 -2.27 -12.84 8.98
CA MET A 200 -1.56 -13.55 10.03
C MET A 200 -0.24 -12.86 10.37
N VAL A 201 0.03 -12.68 11.65
CA VAL A 201 1.29 -12.11 12.09
C VAL A 201 2.39 -13.16 12.13
N GLU A 202 3.48 -12.90 11.41
CA GLU A 202 4.53 -13.88 11.23
C GLU A 202 5.24 -14.17 12.55
N GLU A 203 5.33 -13.15 13.40
CA GLU A 203 6.04 -13.28 14.66
C GLU A 203 5.73 -12.10 15.58
N GLY A 204 5.71 -10.90 15.01
CA GLY A 204 5.55 -9.70 15.81
C GLY A 204 6.67 -8.70 15.58
N THR A 205 7.37 -8.84 14.46
CA THR A 205 8.43 -7.92 14.10
C THR A 205 8.00 -6.99 12.98
N GLY A 206 6.69 -6.91 12.73
CA GLY A 206 6.18 -6.06 11.69
C GLY A 206 5.98 -6.80 10.38
N LEU A 207 5.87 -8.12 10.46
CA LEU A 207 5.73 -8.95 9.27
C LEU A 207 4.30 -9.47 9.14
N ARG A 208 3.47 -8.73 8.40
CA ARG A 208 2.10 -9.17 8.13
C ARG A 208 2.05 -10.14 6.95
N LEU A 209 1.40 -11.28 7.16
CA LEU A 209 1.24 -12.27 6.11
C LEU A 209 -0.21 -12.34 5.63
N LEU A 210 -0.39 -12.48 4.32
CA LEU A 210 -1.73 -12.67 3.76
C LEU A 210 -2.12 -14.15 3.81
N GLU A 211 -3.21 -14.44 4.50
CA GLU A 211 -3.71 -15.80 4.59
C GLU A 211 -4.60 -16.13 3.39
N ALA A 212 -4.16 -17.11 2.59
CA ALA A 212 -4.93 -17.54 1.44
C ALA A 212 -4.63 -18.99 1.09
N ALA A 213 -5.58 -19.65 0.43
CA ALA A 213 -5.44 -21.06 0.10
C ALA A 213 -5.59 -21.28 -1.41
N ALA A 214 -5.27 -20.26 -2.19
CA ALA A 214 -5.38 -20.36 -3.64
C ALA A 214 -6.79 -20.75 -4.07
N GLN A 215 -7.78 -20.08 -3.47
CA GLN A 215 -9.18 -20.38 -3.78
C GLN A 215 -9.53 -19.93 -5.19
N MET A 1 9.26 -17.28 -33.63
CA MET A 1 9.26 -17.32 -32.17
C MET A 1 9.29 -15.93 -31.58
N GLY A 2 9.11 -15.83 -30.26
CA GLY A 2 8.95 -14.54 -29.63
C GLY A 2 7.61 -14.40 -28.94
N HIS A 3 6.77 -13.51 -29.45
CA HIS A 3 5.68 -12.94 -28.67
C HIS A 3 4.87 -14.05 -28.00
N HIS A 4 5.33 -14.51 -26.84
CA HIS A 4 4.58 -15.47 -26.04
C HIS A 4 4.59 -15.07 -24.57
N HIS A 5 4.00 -15.92 -23.73
CA HIS A 5 3.66 -15.53 -22.37
C HIS A 5 2.81 -14.26 -22.36
N HIS A 6 3.36 -13.19 -21.81
CA HIS A 6 2.62 -11.95 -21.66
C HIS A 6 1.46 -12.11 -20.68
N HIS A 7 1.63 -11.59 -19.47
CA HIS A 7 0.73 -11.91 -18.37
C HIS A 7 -0.63 -11.25 -18.57
N HIS A 8 -1.69 -11.96 -18.20
CA HIS A 8 -3.05 -11.51 -18.49
C HIS A 8 -3.72 -10.97 -17.23
N SER A 9 -4.42 -9.85 -17.37
CA SER A 9 -4.92 -9.11 -16.21
C SER A 9 -6.10 -8.23 -16.61
N HIS A 10 -6.88 -7.82 -15.60
CA HIS A 10 -8.19 -7.23 -15.85
C HIS A 10 -8.70 -6.51 -14.61
N MET A 11 -9.80 -5.76 -14.76
CA MET A 11 -10.26 -4.86 -13.72
C MET A 11 -11.78 -4.86 -13.63
N GLN A 12 -12.30 -5.06 -12.43
CA GLN A 12 -13.74 -5.06 -12.22
C GLN A 12 -14.07 -4.89 -10.73
N LEU A 13 -15.34 -5.10 -10.38
CA LEU A 13 -15.83 -4.75 -9.07
C LEU A 13 -16.49 -5.95 -8.39
N ALA A 14 -16.70 -5.85 -7.08
CA ALA A 14 -17.37 -6.90 -6.34
C ALA A 14 -18.09 -6.33 -5.11
N SER A 15 -19.17 -6.98 -4.72
CA SER A 15 -20.00 -6.50 -3.61
C SER A 15 -19.20 -6.49 -2.31
N TRP A 16 -19.80 -5.93 -1.26
CA TRP A 16 -19.06 -5.63 -0.04
C TRP A 16 -19.99 -5.73 1.17
N SER A 17 -21.00 -4.86 1.20
CA SER A 17 -21.95 -4.85 2.31
C SER A 17 -21.27 -4.49 3.62
N ASP A 18 -21.41 -5.37 4.61
CA ASP A 18 -20.91 -5.09 5.95
C ASP A 18 -20.15 -6.29 6.51
N PRO A 19 -18.87 -6.43 6.10
CA PRO A 19 -17.98 -7.45 6.64
C PRO A 19 -17.41 -7.06 8.00
N THR A 20 -16.45 -7.84 8.48
CA THR A 20 -15.66 -7.47 9.66
C THR A 20 -14.30 -6.94 9.26
N GLU A 21 -13.60 -6.32 10.22
CA GLU A 21 -12.43 -5.51 9.91
C GLU A 21 -11.33 -5.76 10.95
N GLU A 22 -10.41 -6.66 10.62
CA GLU A 22 -9.06 -6.62 11.18
C GLU A 22 -8.11 -5.88 10.25
N THR A 23 -7.08 -5.27 10.82
CA THR A 23 -6.14 -4.47 10.05
C THR A 23 -4.69 -4.86 10.36
N GLY A 24 -3.79 -4.56 9.44
CA GLY A 24 -2.38 -4.79 9.69
C GLY A 24 -1.57 -4.81 8.40
N PRO A 25 -0.25 -4.55 8.52
CA PRO A 25 0.65 -4.52 7.36
C PRO A 25 0.97 -5.91 6.84
N VAL A 26 0.58 -6.17 5.60
CA VAL A 26 0.85 -7.47 4.98
C VAL A 26 2.23 -7.50 4.34
N ALA A 27 3.06 -8.41 4.79
CA ALA A 27 4.46 -8.45 4.38
C ALA A 27 4.69 -9.49 3.29
N GLY A 28 3.95 -10.60 3.38
CA GLY A 28 4.24 -11.77 2.57
C GLY A 28 3.07 -12.72 2.48
N ILE A 29 3.33 -13.91 1.95
CA ILE A 29 2.26 -14.85 1.62
C ILE A 29 2.34 -16.10 2.48
N LEU A 30 1.18 -16.60 2.90
CA LEU A 30 1.11 -17.85 3.64
C LEU A 30 0.23 -18.86 2.92
N ASP A 31 0.75 -20.06 2.71
CA ASP A 31 -0.03 -21.16 2.16
C ASP A 31 -0.86 -21.84 3.25
N THR A 32 -2.18 -21.68 3.16
CA THR A 32 -3.08 -22.15 4.21
C THR A 32 -3.08 -23.68 4.28
N GLU A 33 -2.84 -24.32 3.15
CA GLU A 33 -2.87 -25.77 3.07
C GLU A 33 -2.03 -26.40 4.18
N THR A 34 -0.85 -25.82 4.42
CA THR A 34 0.04 -26.33 5.44
C THR A 34 0.55 -25.21 6.35
N LEU A 35 0.01 -24.02 6.15
CA LEU A 35 0.44 -22.84 6.91
C LEU A 35 1.94 -22.63 6.79
N GLU A 36 2.41 -22.43 5.56
CA GLU A 36 3.82 -22.14 5.33
C GLU A 36 4.02 -20.68 4.93
N LYS A 37 4.71 -19.93 5.78
CA LYS A 37 5.02 -18.54 5.49
C LYS A 37 6.16 -18.44 4.46
N VAL A 38 5.93 -17.68 3.40
CA VAL A 38 6.96 -17.42 2.40
C VAL A 38 7.02 -15.95 2.03
N SER A 39 8.17 -15.52 1.52
CA SER A 39 8.34 -14.14 1.09
C SER A 39 7.58 -13.87 -0.20
N ILE A 40 7.45 -12.59 -0.55
CA ILE A 40 6.85 -12.20 -1.82
C ILE A 40 7.63 -12.78 -3.00
N THR A 41 8.96 -12.78 -2.88
CA THR A 41 9.82 -13.37 -3.89
C THR A 41 9.59 -14.86 -4.00
N GLU A 42 9.50 -15.54 -2.86
CA GLU A 42 9.36 -16.98 -2.83
C GLU A 42 8.01 -17.41 -3.40
N ALA A 43 6.96 -16.68 -3.03
CA ALA A 43 5.62 -16.94 -3.54
C ALA A 43 5.52 -16.61 -5.03
N MET A 44 6.10 -15.47 -5.40
CA MET A 44 6.03 -15.01 -6.79
C MET A 44 6.82 -15.92 -7.72
N HIS A 45 7.91 -16.48 -7.19
CA HIS A 45 8.86 -17.21 -8.02
C HIS A 45 8.20 -18.39 -8.71
N ARG A 46 7.30 -19.06 -8.00
CA ARG A 46 6.57 -20.19 -8.56
C ARG A 46 5.85 -20.97 -7.47
N ASN A 47 5.02 -20.27 -6.70
CA ASN A 47 4.26 -20.90 -5.62
C ASN A 47 2.81 -21.08 -6.01
N LEU A 48 2.06 -19.98 -6.05
CA LEU A 48 0.63 -20.03 -6.29
C LEU A 48 0.09 -18.66 -6.70
N VAL A 49 0.90 -17.62 -6.46
CA VAL A 49 0.47 -16.26 -6.74
C VAL A 49 0.84 -15.84 -8.15
N ASP A 50 0.36 -14.66 -8.57
CA ASP A 50 0.78 -14.06 -9.82
C ASP A 50 1.39 -12.68 -9.58
N ASN A 51 1.81 -12.03 -10.67
CA ASN A 51 2.42 -10.71 -10.57
C ASN A 51 1.46 -9.71 -9.96
N ILE A 52 0.18 -9.85 -10.27
CA ILE A 52 -0.83 -8.90 -9.81
C ILE A 52 -1.03 -8.99 -8.30
N THR A 53 -1.08 -10.21 -7.79
CA THR A 53 -1.29 -10.43 -6.37
C THR A 53 -0.12 -9.89 -5.54
N GLY A 54 1.10 -10.18 -6.00
CA GLY A 54 2.27 -9.60 -5.39
C GLY A 54 2.35 -8.10 -5.56
N GLN A 55 1.97 -7.63 -6.75
CA GLN A 55 2.06 -6.20 -7.06
C GLN A 55 1.14 -5.38 -6.17
N ARG A 56 -0.07 -5.89 -5.94
CA ARG A 56 -1.07 -5.17 -5.18
C ARG A 56 -0.65 -5.04 -3.71
N LEU A 57 -0.05 -6.10 -3.19
CA LEU A 57 0.50 -6.08 -1.84
C LEU A 57 1.70 -5.13 -1.75
N LEU A 58 2.52 -5.15 -2.79
CA LEU A 58 3.63 -4.20 -2.89
C LEU A 58 3.14 -2.77 -3.03
N GLU A 59 2.03 -2.62 -3.74
CA GLU A 59 1.41 -1.30 -3.91
C GLU A 59 0.96 -0.74 -2.57
N ALA A 60 0.39 -1.60 -1.74
CA ALA A 60 -0.07 -1.19 -0.41
C ALA A 60 1.10 -0.80 0.47
N GLN A 61 2.21 -1.52 0.34
CA GLN A 61 3.42 -1.22 1.11
C GLN A 61 4.02 0.11 0.69
N ALA A 62 3.97 0.40 -0.61
CA ALA A 62 4.41 1.69 -1.13
C ALA A 62 3.53 2.82 -0.62
N CYS A 63 2.23 2.55 -0.52
CA CYS A 63 1.28 3.52 0.02
C CYS A 63 1.56 3.80 1.49
N THR A 64 2.00 2.77 2.21
CA THR A 64 2.31 2.90 3.63
C THR A 64 3.71 3.44 3.84
N GLY A 65 4.56 3.27 2.83
CA GLY A 65 5.93 3.75 2.90
C GLY A 65 6.79 3.26 1.76
N GLY A 66 7.81 2.46 2.08
CA GLY A 66 8.61 1.82 1.06
C GLY A 66 8.19 0.38 0.82
N ILE A 67 8.90 -0.29 -0.08
CA ILE A 67 8.69 -1.71 -0.30
C ILE A 67 9.24 -2.54 0.87
N ILE A 68 8.43 -3.47 1.36
CA ILE A 68 8.75 -4.19 2.59
C ILE A 68 9.02 -5.66 2.30
N ASP A 69 10.25 -6.10 2.58
CA ASP A 69 10.58 -7.52 2.56
C ASP A 69 10.22 -8.18 3.88
N PRO A 70 9.46 -9.29 3.81
CA PRO A 70 8.96 -10.00 4.99
C PRO A 70 10.08 -10.66 5.79
N SER A 71 11.26 -10.73 5.19
CA SER A 71 12.40 -11.39 5.82
C SER A 71 12.58 -10.90 7.25
N THR A 72 12.67 -9.59 7.42
CA THR A 72 12.80 -9.00 8.75
C THR A 72 12.05 -7.66 8.82
N GLY A 73 11.12 -7.47 7.91
CA GLY A 73 10.38 -6.22 7.86
C GLY A 73 11.21 -5.08 7.31
N GLU A 74 11.94 -5.34 6.23
CA GLU A 74 12.85 -4.35 5.67
C GLU A 74 12.07 -3.21 5.00
N ARG A 75 12.68 -2.03 4.96
CA ARG A 75 12.09 -0.89 4.25
C ARG A 75 13.07 -0.34 3.23
N PHE A 76 12.69 -0.40 1.95
CA PHE A 76 13.54 0.09 0.87
C PHE A 76 12.69 0.58 -0.31
N PRO A 77 13.24 1.53 -1.07
CA PRO A 77 12.54 2.16 -2.20
C PRO A 77 12.13 1.14 -3.26
N VAL A 78 11.09 1.47 -4.01
CA VAL A 78 10.63 0.61 -5.10
C VAL A 78 11.66 0.55 -6.23
N THR A 79 12.32 1.67 -6.48
CA THR A 79 13.35 1.73 -7.51
C THR A 79 14.54 0.85 -7.15
N ASP A 80 14.90 0.84 -5.87
CA ASP A 80 15.94 -0.06 -5.38
C ASP A 80 15.45 -1.51 -5.39
N ALA A 81 14.16 -1.70 -5.12
CA ALA A 81 13.57 -3.03 -5.14
C ALA A 81 13.66 -3.65 -6.54
N VAL A 82 13.52 -2.81 -7.56
CA VAL A 82 13.65 -3.26 -8.94
C VAL A 82 15.09 -3.64 -9.25
N ASN A 83 16.03 -2.88 -8.71
CA ASN A 83 17.46 -3.11 -8.98
C ASN A 83 17.95 -4.35 -8.24
N LYS A 84 17.40 -4.58 -7.05
CA LYS A 84 17.83 -5.69 -6.21
C LYS A 84 16.76 -6.06 -5.20
N GLY A 85 15.56 -6.34 -5.70
CA GLY A 85 14.46 -6.70 -4.82
C GLY A 85 13.45 -7.62 -5.48
N LEU A 86 12.17 -7.31 -5.31
CA LEU A 86 11.11 -8.18 -5.80
C LEU A 86 10.06 -7.38 -6.57
N VAL A 87 10.49 -6.31 -7.21
CA VAL A 87 9.60 -5.47 -8.00
C VAL A 87 10.00 -5.46 -9.47
N ASP A 88 9.04 -5.68 -10.34
CA ASP A 88 9.27 -5.63 -11.78
C ASP A 88 9.53 -4.19 -12.23
N LYS A 89 10.44 -4.04 -13.20
CA LYS A 89 10.76 -2.72 -13.74
C LYS A 89 9.52 -2.05 -14.30
N ILE A 90 8.60 -2.85 -14.84
CA ILE A 90 7.38 -2.32 -15.44
C ILE A 90 6.49 -1.67 -14.38
N MET A 91 6.80 -1.93 -13.11
CA MET A 91 5.95 -1.48 -12.01
C MET A 91 6.52 -0.22 -11.37
N VAL A 92 7.68 0.21 -11.86
CA VAL A 92 8.36 1.38 -11.30
C VAL A 92 7.50 2.63 -11.43
N ASP A 93 7.09 2.94 -12.65
CA ASP A 93 6.27 4.12 -12.91
C ASP A 93 4.91 3.99 -12.25
N ARG A 94 4.36 2.78 -12.26
CA ARG A 94 3.06 2.53 -11.67
C ARG A 94 3.08 2.79 -10.16
N ILE A 95 4.14 2.32 -9.51
CA ILE A 95 4.27 2.46 -8.06
C ILE A 95 4.85 3.81 -7.69
N ASN A 96 5.63 4.39 -8.59
CA ASN A 96 6.38 5.61 -8.30
C ASN A 96 5.44 6.77 -8.00
N LEU A 97 4.29 6.78 -8.65
CA LEU A 97 3.27 7.78 -8.40
C LEU A 97 2.72 7.66 -6.99
N ALA A 98 2.59 6.43 -6.50
CA ALA A 98 2.21 6.18 -5.13
C ALA A 98 3.31 6.62 -4.16
N GLN A 99 4.56 6.44 -4.58
CA GLN A 99 5.70 6.87 -3.79
C GLN A 99 5.72 8.40 -3.65
N LYS A 100 5.41 9.08 -4.74
CA LYS A 100 5.32 10.54 -4.74
C LYS A 100 4.12 11.00 -3.92
N ALA A 101 3.02 10.24 -4.02
CA ALA A 101 1.82 10.56 -3.24
C ALA A 101 2.06 10.36 -1.76
N PHE A 102 2.91 9.38 -1.42
CA PHE A 102 3.25 9.12 -0.03
C PHE A 102 4.05 10.28 0.57
N CYS A 103 5.03 10.76 -0.19
CA CYS A 103 5.82 11.91 0.24
C CYS A 103 6.76 12.37 -0.88
N GLY A 104 6.21 13.11 -1.83
CA GLY A 104 6.99 13.55 -2.98
C GLY A 104 6.20 14.47 -3.90
N PHE A 105 6.56 14.48 -5.17
CA PHE A 105 5.95 15.38 -6.14
C PHE A 105 6.08 16.82 -5.68
N GLU A 106 7.21 17.44 -5.98
CA GLU A 106 7.52 18.77 -5.46
C GLU A 106 8.63 19.43 -6.29
N ASP A 107 8.71 20.76 -6.19
CA ASP A 107 9.75 21.51 -6.89
C ASP A 107 10.99 21.67 -6.01
N PRO A 108 12.17 21.51 -6.62
CA PRO A 108 13.45 21.69 -5.91
C PRO A 108 13.72 23.15 -5.55
N ARG A 109 13.46 23.50 -4.29
CA ARG A 109 13.62 24.86 -3.83
C ARG A 109 13.59 24.93 -2.31
N THR A 110 12.53 24.41 -1.72
CA THR A 110 12.35 24.43 -0.28
C THR A 110 11.80 23.12 0.25
N LYS A 111 11.73 22.12 -0.63
CA LYS A 111 11.25 20.80 -0.25
C LYS A 111 9.98 20.91 0.59
N THR A 112 8.85 21.15 -0.07
CA THR A 112 7.59 21.39 0.62
C THR A 112 7.00 20.09 1.17
N LYS A 113 5.98 20.23 2.02
CA LYS A 113 5.29 19.07 2.57
C LYS A 113 3.82 19.08 2.18
N MET A 114 3.49 18.34 1.13
CA MET A 114 2.11 18.23 0.68
C MET A 114 1.55 16.85 0.99
N SER A 115 0.25 16.79 1.31
CA SER A 115 -0.42 15.53 1.55
C SER A 115 -1.01 14.97 0.26
N ALA A 116 -1.39 13.70 0.29
CA ALA A 116 -2.06 13.08 -0.85
C ALA A 116 -3.39 13.78 -1.14
N ALA A 117 -4.12 14.12 -0.08
CA ALA A 117 -5.41 14.78 -0.23
C ALA A 117 -5.23 16.19 -0.80
N GLN A 118 -4.20 16.88 -0.36
CA GLN A 118 -3.90 18.22 -0.85
C GLN A 118 -3.49 18.18 -2.32
N ALA A 119 -2.82 17.11 -2.72
CA ALA A 119 -2.38 16.95 -4.10
C ALA A 119 -3.56 16.98 -5.06
N LEU A 120 -4.71 16.46 -4.61
CA LEU A 120 -5.93 16.53 -5.39
C LEU A 120 -6.49 17.95 -5.40
N LYS A 121 -6.38 18.63 -4.26
CA LYS A 121 -6.86 20.00 -4.14
C LYS A 121 -6.04 20.94 -5.02
N LYS A 122 -4.80 20.54 -5.31
CA LYS A 122 -3.90 21.36 -6.12
C LYS A 122 -3.62 20.69 -7.46
N GLY A 123 -2.79 21.33 -8.28
CA GLY A 123 -2.39 20.75 -9.55
C GLY A 123 -1.24 19.76 -9.40
N TRP A 124 -1.27 18.97 -8.33
CA TRP A 124 -0.17 18.06 -8.02
C TRP A 124 -0.53 16.63 -8.35
N LEU A 125 -1.83 16.31 -8.27
CA LEU A 125 -2.33 15.00 -8.66
C LEU A 125 -3.71 15.13 -9.31
N TYR A 126 -4.28 13.99 -9.69
CA TYR A 126 -5.53 13.97 -10.43
C TYR A 126 -6.47 12.89 -9.91
N TYR A 127 -7.75 13.02 -10.22
CA TYR A 127 -8.80 12.31 -9.49
C TYR A 127 -8.56 10.81 -9.51
N GLU A 128 -8.21 10.29 -10.69
CA GLU A 128 -8.07 8.85 -10.87
C GLU A 128 -6.96 8.29 -9.99
N ALA A 129 -5.88 9.05 -9.87
CA ALA A 129 -4.75 8.64 -9.05
C ALA A 129 -5.03 8.85 -7.56
N GLY A 130 -5.68 9.97 -7.24
CA GLY A 130 -5.96 10.29 -5.86
C GLY A 130 -6.90 9.29 -5.21
N GLN A 131 -7.96 8.93 -5.92
CA GLN A 131 -8.91 7.95 -5.42
C GLN A 131 -8.26 6.58 -5.26
N ARG A 132 -7.36 6.25 -6.19
CA ARG A 132 -6.63 4.98 -6.14
C ARG A 132 -5.77 4.89 -4.89
N PHE A 133 -5.07 5.98 -4.58
CA PHE A 133 -4.15 6.00 -3.44
C PHE A 133 -4.92 6.18 -2.13
N LEU A 134 -5.90 7.06 -2.15
CA LEU A 134 -6.58 7.48 -0.92
C LEU A 134 -7.42 6.34 -0.37
N GLU A 135 -8.03 5.56 -1.26
CA GLU A 135 -8.85 4.43 -0.85
C GLU A 135 -8.01 3.37 -0.15
N VAL A 136 -6.82 3.13 -0.69
CA VAL A 136 -5.92 2.13 -0.11
C VAL A 136 -5.39 2.59 1.25
N GLN A 137 -5.06 3.87 1.35
CA GLN A 137 -4.51 4.43 2.58
C GLN A 137 -5.53 4.36 3.71
N TYR A 138 -6.79 4.63 3.37
CA TYR A 138 -7.87 4.54 4.33
C TYR A 138 -8.08 3.09 4.79
N LEU A 139 -8.01 2.17 3.83
CA LEU A 139 -8.27 0.76 4.11
C LEU A 139 -7.24 0.19 5.08
N THR A 140 -6.01 0.70 4.99
CA THR A 140 -4.92 0.21 5.82
C THR A 140 -4.89 0.94 7.16
N GLY A 141 -5.11 2.25 7.12
CA GLY A 141 -5.23 3.02 8.34
C GLY A 141 -5.82 4.39 8.10
N GLY A 142 -4.97 5.36 7.76
CA GLY A 142 -5.46 6.69 7.44
C GLY A 142 -4.78 7.27 6.20
N LEU A 143 -5.07 8.53 5.92
CA LEU A 143 -4.51 9.19 4.74
C LEU A 143 -3.10 9.70 5.01
N ILE A 144 -2.22 9.55 4.04
CA ILE A 144 -0.79 9.79 4.24
C ILE A 144 -0.49 11.29 4.21
N GLU A 145 0.31 11.74 5.19
CA GLU A 145 0.74 13.13 5.22
C GLU A 145 2.14 13.25 5.83
N PRO A 146 2.99 14.05 5.18
CA PRO A 146 4.39 14.24 5.60
C PRO A 146 4.50 14.68 7.05
N ASP A 147 3.50 15.40 7.53
CA ASP A 147 3.50 15.90 8.90
C ASP A 147 3.40 14.75 9.90
N THR A 148 2.26 14.07 9.90
CA THR A 148 2.09 12.89 10.72
C THR A 148 3.24 11.91 10.55
N PRO A 149 3.54 11.14 11.61
CA PRO A 149 4.51 10.04 11.54
C PRO A 149 4.15 9.03 10.45
N GLY A 150 2.91 9.07 9.99
CA GLY A 150 2.50 8.22 8.90
C GLY A 150 1.08 8.51 8.43
N ARG A 151 0.11 8.07 9.21
CA ARG A 151 -1.29 8.12 8.80
C ARG A 151 -2.04 9.23 9.52
N VAL A 152 -2.99 9.84 8.84
CA VAL A 152 -3.96 10.73 9.47
C VAL A 152 -5.38 10.19 9.32
N PRO A 153 -6.07 10.05 10.46
CA PRO A 153 -7.49 9.66 10.48
C PRO A 153 -8.35 10.56 9.61
N LEU A 154 -9.33 9.97 8.94
CA LEU A 154 -10.23 10.72 8.06
C LEU A 154 -10.93 11.83 8.82
N ASP A 155 -11.38 11.52 10.03
CA ASP A 155 -12.04 12.50 10.88
C ASP A 155 -11.08 13.62 11.26
N GLU A 156 -9.82 13.27 11.49
CA GLU A 156 -8.79 14.25 11.79
C GLU A 156 -8.47 15.09 10.55
N ALA A 157 -8.52 14.46 9.38
CA ALA A 157 -8.31 15.16 8.13
C ALA A 157 -9.40 16.20 7.90
N LEU A 158 -10.62 15.88 8.33
CA LEU A 158 -11.75 16.79 8.14
C LEU A 158 -11.57 18.07 8.95
N GLN A 159 -11.18 17.91 10.22
CA GLN A 159 -10.90 19.06 11.07
C GLN A 159 -9.61 19.76 10.64
N ARG A 160 -8.71 19.01 10.02
CA ARG A 160 -7.45 19.55 9.56
C ARG A 160 -7.65 20.39 8.30
N GLY A 161 -8.72 20.11 7.56
CA GLY A 161 -9.07 20.91 6.40
C GLY A 161 -8.50 20.34 5.12
N THR A 162 -7.63 19.33 5.25
CA THR A 162 -6.96 18.74 4.10
C THR A 162 -7.95 18.01 3.21
N VAL A 163 -9.07 17.57 3.79
CA VAL A 163 -10.16 16.98 3.03
C VAL A 163 -11.48 17.68 3.33
N ASP A 164 -12.45 17.51 2.44
CA ASP A 164 -13.81 17.97 2.69
C ASP A 164 -14.75 16.80 2.91
N ALA A 165 -15.96 17.10 3.36
CA ALA A 165 -16.97 16.06 3.60
C ALA A 165 -17.28 15.29 2.33
N ARG A 166 -17.30 16.00 1.20
CA ARG A 166 -17.61 15.38 -0.09
C ARG A 166 -16.59 14.32 -0.45
N THR A 167 -15.32 14.60 -0.19
CA THR A 167 -14.25 13.63 -0.38
C THR A 167 -14.29 12.56 0.69
N ALA A 168 -14.56 12.96 1.93
CA ALA A 168 -14.43 12.08 3.08
C ALA A 168 -15.43 10.93 3.00
N GLN A 169 -16.65 11.24 2.55
CA GLN A 169 -17.70 10.24 2.45
C GLN A 169 -17.33 9.16 1.43
N LYS A 170 -16.58 9.56 0.41
CA LYS A 170 -16.07 8.61 -0.56
C LYS A 170 -15.04 7.69 0.06
N LEU A 171 -14.25 8.23 1.00
CA LEU A 171 -13.32 7.43 1.78
C LEU A 171 -14.08 6.49 2.73
N ARG A 172 -15.24 6.93 3.19
CA ARG A 172 -16.09 6.10 4.03
C ARG A 172 -16.80 5.04 3.19
N ASP A 173 -17.00 5.34 1.91
CA ASP A 173 -17.60 4.38 0.98
C ASP A 173 -16.53 3.51 0.34
N VAL A 174 -15.83 2.72 1.16
CA VAL A 174 -14.75 1.87 0.66
C VAL A 174 -15.28 0.81 -0.30
N GLY A 175 -16.57 0.50 -0.18
CA GLY A 175 -17.18 -0.49 -1.05
C GLY A 175 -17.18 -0.06 -2.50
N ALA A 176 -17.02 1.25 -2.73
CA ALA A 176 -16.90 1.77 -4.08
C ALA A 176 -15.57 1.37 -4.71
N TYR A 177 -14.56 1.17 -3.87
CA TYR A 177 -13.21 0.87 -4.36
C TYR A 177 -13.14 -0.55 -4.91
N SER A 178 -12.54 -0.69 -6.09
CA SER A 178 -12.38 -1.99 -6.73
C SER A 178 -11.43 -2.88 -5.93
N LYS A 179 -11.79 -4.15 -5.80
CA LYS A 179 -11.00 -5.08 -5.01
C LYS A 179 -9.93 -5.76 -5.87
N TYR A 180 -8.74 -5.91 -5.30
CA TYR A 180 -7.59 -6.35 -6.07
C TYR A 180 -6.76 -7.36 -5.27
N LEU A 181 -7.37 -7.95 -4.25
CA LEU A 181 -6.72 -8.97 -3.45
C LEU A 181 -7.36 -10.34 -3.69
N THR A 182 -6.54 -11.38 -3.67
CA THR A 182 -6.97 -12.71 -4.10
C THR A 182 -7.38 -13.57 -2.91
N CYS A 183 -8.54 -14.20 -3.01
CA CYS A 183 -9.05 -15.05 -1.94
C CYS A 183 -9.15 -16.49 -2.39
N PRO A 184 -8.64 -17.41 -1.56
CA PRO A 184 -8.69 -18.85 -1.84
C PRO A 184 -10.03 -19.47 -1.48
N LYS A 185 -11.07 -19.07 -2.20
CA LYS A 185 -12.42 -19.58 -1.96
C LYS A 185 -13.27 -19.48 -3.22
N THR A 186 -12.78 -20.07 -4.30
CA THR A 186 -13.54 -20.15 -5.54
C THR A 186 -13.82 -18.76 -6.11
N LYS A 187 -13.15 -17.75 -5.54
CA LYS A 187 -13.36 -16.37 -5.95
C LYS A 187 -12.05 -15.59 -5.95
N LEU A 188 -12.11 -14.35 -6.42
CA LEU A 188 -10.91 -13.53 -6.55
C LEU A 188 -11.03 -12.24 -5.74
N LYS A 189 -12.12 -11.51 -5.97
CA LYS A 189 -12.25 -10.14 -5.48
C LYS A 189 -12.52 -10.13 -3.97
N ILE A 190 -11.51 -9.76 -3.20
CA ILE A 190 -11.72 -9.32 -1.83
C ILE A 190 -10.99 -8.02 -1.54
N SER A 191 -11.51 -7.25 -0.58
CA SER A 191 -10.95 -5.94 -0.27
C SER A 191 -9.75 -6.08 0.67
N TYR A 192 -9.08 -4.96 0.92
CA TYR A 192 -8.01 -4.91 1.92
C TYR A 192 -8.57 -5.23 3.31
N LYS A 193 -9.77 -4.75 3.59
CA LYS A 193 -10.47 -5.07 4.83
C LYS A 193 -10.80 -6.56 4.89
N ASP A 194 -11.20 -7.12 3.76
CA ASP A 194 -11.55 -8.54 3.69
C ASP A 194 -10.31 -9.41 3.90
N ALA A 195 -9.22 -9.06 3.21
CA ALA A 195 -7.99 -9.84 3.29
C ALA A 195 -7.35 -9.71 4.67
N LEU A 196 -7.36 -8.49 5.21
CA LEU A 196 -6.76 -8.23 6.51
C LEU A 196 -7.52 -8.94 7.62
N ASP A 197 -8.81 -9.14 7.40
CA ASP A 197 -9.63 -9.92 8.33
C ASP A 197 -9.20 -11.39 8.34
N ARG A 198 -8.72 -11.86 7.19
CA ARG A 198 -8.28 -13.24 7.07
C ARG A 198 -6.75 -13.33 7.10
N SER A 199 -6.10 -12.17 7.18
CA SER A 199 -4.65 -12.13 7.26
C SER A 199 -4.16 -12.70 8.58
N MET A 200 -3.12 -13.52 8.53
CA MET A 200 -2.61 -14.20 9.72
C MET A 200 -1.38 -13.48 10.26
N VAL A 201 -1.23 -13.50 11.58
CA VAL A 201 -0.09 -12.88 12.23
C VAL A 201 1.09 -13.83 12.32
N GLU A 202 2.19 -13.47 11.67
CA GLU A 202 3.38 -14.30 11.66
C GLU A 202 4.05 -14.30 13.04
N GLU A 203 3.72 -13.28 13.85
CA GLU A 203 4.33 -13.12 15.16
C GLU A 203 5.81 -12.78 15.03
N GLY A 204 6.12 -11.79 14.20
CA GLY A 204 7.48 -11.33 14.05
C GLY A 204 7.63 -9.84 14.28
N THR A 205 7.74 -9.09 13.19
CA THR A 205 7.86 -7.64 13.29
C THR A 205 6.95 -6.94 12.27
N GLY A 206 5.67 -6.86 12.60
CA GLY A 206 4.71 -6.26 11.69
C GLY A 206 4.47 -7.12 10.45
N LEU A 207 4.66 -8.42 10.60
CA LEU A 207 4.61 -9.33 9.45
C LEU A 207 3.26 -10.05 9.39
N ARG A 208 2.32 -9.44 8.68
CA ARG A 208 1.04 -10.09 8.40
C ARG A 208 1.12 -10.91 7.12
N LEU A 209 0.52 -12.09 7.14
CA LEU A 209 0.58 -13.01 6.01
C LEU A 209 -0.78 -13.13 5.33
N LEU A 210 -0.78 -13.09 4.00
CA LEU A 210 -2.01 -13.27 3.24
C LEU A 210 -2.28 -14.75 2.96
N GLU A 211 -3.44 -15.22 3.39
CA GLU A 211 -3.80 -16.63 3.21
C GLU A 211 -4.08 -16.93 1.74
N ALA A 212 -3.49 -18.02 1.25
CA ALA A 212 -3.81 -18.54 -0.07
C ALA A 212 -3.66 -20.06 -0.12
N ALA A 213 -4.37 -20.68 -1.05
CA ALA A 213 -4.36 -22.14 -1.17
C ALA A 213 -4.37 -22.57 -2.64
N ALA A 214 -3.41 -22.07 -3.40
CA ALA A 214 -3.30 -22.40 -4.81
C ALA A 214 -4.51 -21.90 -5.59
N GLN A 215 -5.10 -20.82 -5.12
CA GLN A 215 -6.28 -20.24 -5.76
C GLN A 215 -7.29 -21.32 -6.11
N MET A 1 4.63 -3.14 8.49
CA MET A 1 3.62 -2.75 9.48
C MET A 1 2.92 -1.45 9.08
N GLY A 2 3.60 -0.65 8.25
CA GLY A 2 3.27 0.75 8.16
C GLY A 2 4.35 1.64 8.75
N HIS A 3 4.25 1.88 10.06
CA HIS A 3 5.32 2.55 10.79
C HIS A 3 6.68 1.93 10.47
N HIS A 4 7.49 2.66 9.71
CA HIS A 4 8.86 2.24 9.42
C HIS A 4 9.81 3.42 9.41
N HIS A 5 10.15 3.91 10.60
CA HIS A 5 11.05 5.05 10.73
C HIS A 5 11.58 5.16 12.16
N HIS A 6 11.60 6.38 12.68
CA HIS A 6 12.10 6.62 14.04
C HIS A 6 11.71 5.48 14.98
N HIS A 7 12.68 5.00 15.75
CA HIS A 7 12.56 3.70 16.39
C HIS A 7 12.25 3.85 17.89
N HIS A 8 12.31 2.73 18.61
CA HIS A 8 11.87 2.70 20.00
C HIS A 8 13.06 2.67 20.95
N SER A 9 12.82 2.21 22.17
CA SER A 9 13.83 2.26 23.22
C SER A 9 15.22 1.95 22.65
N HIS A 10 16.17 2.87 22.89
CA HIS A 10 17.48 2.78 22.27
C HIS A 10 18.52 3.50 23.12
N MET A 11 19.65 3.83 22.51
CA MET A 11 20.74 4.49 23.20
C MET A 11 20.62 6.01 23.07
N GLN A 12 21.69 6.64 22.59
CA GLN A 12 21.79 8.10 22.63
C GLN A 12 21.52 8.70 21.25
N LEU A 13 20.31 9.21 21.07
CA LEU A 13 19.98 10.01 19.89
C LEU A 13 19.35 11.34 20.29
N ALA A 14 19.09 12.18 19.29
CA ALA A 14 18.48 13.48 19.53
C ALA A 14 17.19 13.35 20.34
N SER A 15 16.56 12.18 20.24
CA SER A 15 15.36 11.90 21.02
C SER A 15 15.39 10.48 21.59
N TRP A 16 14.47 10.18 22.49
CA TRP A 16 14.42 8.88 23.14
C TRP A 16 13.03 8.61 23.71
N SER A 17 12.02 8.69 22.84
CA SER A 17 10.66 8.32 23.23
C SER A 17 9.79 8.13 21.99
N ASP A 18 9.21 6.94 21.85
CA ASP A 18 8.38 6.62 20.71
C ASP A 18 7.39 5.50 21.04
N PRO A 19 6.41 5.82 21.89
CA PRO A 19 5.34 4.89 22.27
C PRO A 19 4.31 4.70 21.15
N THR A 20 4.72 4.01 20.09
CA THR A 20 3.90 3.91 18.89
C THR A 20 3.82 2.47 18.40
N GLU A 21 2.60 1.92 18.38
CA GLU A 21 2.37 0.61 17.79
C GLU A 21 1.33 0.68 16.68
N GLU A 22 1.77 0.51 15.45
CA GLU A 22 0.90 0.67 14.28
C GLU A 22 0.81 -0.62 13.48
N THR A 23 -0.36 -0.87 12.89
CA THR A 23 -0.53 -2.00 11.98
C THR A 23 -1.05 -1.54 10.63
N GLY A 24 -0.68 -2.27 9.58
CA GLY A 24 -0.88 -1.77 8.23
C GLY A 24 -1.03 -2.89 7.22
N PRO A 25 -0.33 -2.77 6.08
CA PRO A 25 -0.54 -3.64 4.92
C PRO A 25 0.11 -5.00 5.11
N VAL A 26 -0.19 -5.93 4.20
CA VAL A 26 0.44 -7.24 4.21
C VAL A 26 1.87 -7.16 3.67
N ALA A 27 2.78 -7.88 4.33
CA ALA A 27 4.18 -7.86 3.95
C ALA A 27 4.48 -8.95 2.92
N GLY A 28 3.83 -10.10 3.08
CA GLY A 28 4.10 -11.23 2.20
C GLY A 28 2.93 -12.17 2.10
N ILE A 29 3.10 -13.26 1.34
CA ILE A 29 2.00 -14.15 1.02
C ILE A 29 2.16 -15.50 1.72
N LEU A 30 1.07 -15.98 2.29
CA LEU A 30 1.09 -17.26 3.01
C LEU A 30 0.03 -18.21 2.46
N ASP A 31 0.46 -19.39 2.03
CA ASP A 31 -0.47 -20.45 1.66
C ASP A 31 -0.96 -21.20 2.89
N THR A 32 -2.24 -21.05 3.21
CA THR A 32 -2.79 -21.59 4.44
C THR A 32 -2.71 -23.11 4.46
N GLU A 33 -2.67 -23.72 3.28
CA GLU A 33 -2.64 -25.17 3.16
C GLU A 33 -1.59 -25.77 4.08
N THR A 34 -0.39 -25.21 4.05
CA THR A 34 0.68 -25.62 4.96
C THR A 34 1.45 -24.41 5.48
N LEU A 35 0.80 -23.25 5.47
CA LEU A 35 1.42 -22.03 5.98
C LEU A 35 2.75 -21.75 5.28
N GLU A 36 2.74 -21.84 3.95
CA GLU A 36 3.94 -21.58 3.16
C GLU A 36 4.14 -20.08 2.95
N LYS A 37 4.73 -19.43 3.95
CA LYS A 37 5.04 -18.01 3.85
C LYS A 37 6.15 -17.76 2.83
N VAL A 38 5.85 -16.92 1.84
CA VAL A 38 6.82 -16.62 0.79
C VAL A 38 6.82 -15.14 0.43
N SER A 39 7.86 -14.71 -0.27
CA SER A 39 7.93 -13.32 -0.74
C SER A 39 6.91 -13.06 -1.84
N ILE A 40 6.72 -11.78 -2.17
CA ILE A 40 5.79 -11.40 -3.23
C ILE A 40 6.20 -12.00 -4.57
N THR A 41 7.51 -11.94 -4.86
CA THR A 41 8.03 -12.53 -6.08
C THR A 41 7.91 -14.04 -6.06
N GLU A 42 8.20 -14.65 -4.92
CA GLU A 42 8.09 -16.10 -4.76
C GLU A 42 6.65 -16.56 -4.90
N ALA A 43 5.72 -15.75 -4.39
CA ALA A 43 4.30 -16.04 -4.52
C ALA A 43 3.86 -16.00 -5.98
N MET A 44 4.33 -14.99 -6.70
CA MET A 44 4.03 -14.86 -8.12
C MET A 44 4.66 -15.99 -8.92
N HIS A 45 5.79 -16.49 -8.43
CA HIS A 45 6.60 -17.43 -9.20
C HIS A 45 5.81 -18.69 -9.51
N ARG A 46 5.00 -19.14 -8.55
CA ARG A 46 4.10 -20.27 -8.76
C ARG A 46 3.54 -20.77 -7.44
N ASN A 47 3.18 -19.84 -6.56
CA ASN A 47 2.58 -20.19 -5.28
C ASN A 47 1.06 -20.25 -5.39
N LEU A 48 0.46 -19.18 -5.90
CA LEU A 48 -0.97 -19.17 -6.18
C LEU A 48 -1.39 -17.81 -6.74
N VAL A 49 -0.65 -16.78 -6.40
CA VAL A 49 -0.98 -15.42 -6.84
C VAL A 49 -0.49 -15.16 -8.26
N ASP A 50 -1.07 -14.16 -8.90
CA ASP A 50 -0.65 -13.77 -10.24
C ASP A 50 0.13 -12.46 -10.21
N ASN A 51 0.58 -12.02 -11.38
CA ASN A 51 1.32 -10.75 -11.48
C ASN A 51 0.48 -9.59 -10.97
N ILE A 52 -0.83 -9.67 -11.21
CA ILE A 52 -1.73 -8.59 -10.81
C ILE A 52 -1.78 -8.44 -9.31
N THR A 53 -1.85 -9.56 -8.60
CA THR A 53 -1.91 -9.55 -7.14
C THR A 53 -0.62 -9.00 -6.54
N GLY A 54 0.52 -9.43 -7.08
CA GLY A 54 1.80 -8.93 -6.62
C GLY A 54 1.97 -7.44 -6.87
N GLN A 55 1.50 -6.98 -8.03
CA GLN A 55 1.59 -5.57 -8.38
C GLN A 55 0.77 -4.71 -7.43
N ARG A 56 -0.42 -5.19 -7.10
CA ARG A 56 -1.32 -4.46 -6.22
C ARG A 56 -0.77 -4.38 -4.80
N LEU A 57 -0.16 -5.49 -4.36
CA LEU A 57 0.39 -5.56 -3.01
C LEU A 57 1.59 -4.64 -2.87
N LEU A 58 2.43 -4.62 -3.89
CA LEU A 58 3.61 -3.74 -3.90
C LEU A 58 3.19 -2.28 -3.96
N GLU A 59 2.16 -1.99 -4.75
CA GLU A 59 1.58 -0.66 -4.79
C GLU A 59 1.01 -0.26 -3.42
N ALA A 60 0.38 -1.22 -2.75
CA ALA A 60 -0.25 -0.96 -1.46
C ALA A 60 0.78 -0.60 -0.40
N GLN A 61 1.92 -1.30 -0.43
CA GLN A 61 3.00 -1.03 0.50
C GLN A 61 3.61 0.34 0.23
N ALA A 62 3.76 0.68 -1.05
CA ALA A 62 4.33 1.98 -1.43
C ALA A 62 3.41 3.12 -1.01
N CYS A 63 2.10 2.88 -1.08
CA CYS A 63 1.13 3.88 -0.69
C CYS A 63 1.23 4.19 0.80
N THR A 64 1.49 3.16 1.60
CA THR A 64 1.65 3.33 3.03
C THR A 64 3.04 3.83 3.38
N GLY A 65 4.00 3.60 2.48
CA GLY A 65 5.36 4.04 2.71
C GLY A 65 6.30 3.56 1.62
N GLY A 66 7.25 2.71 2.00
CA GLY A 66 8.10 2.05 1.02
C GLY A 66 7.70 0.61 0.78
N ILE A 67 8.48 -0.09 -0.03
CA ILE A 67 8.28 -1.51 -0.25
C ILE A 67 8.75 -2.32 0.96
N ILE A 68 7.87 -3.16 1.48
CA ILE A 68 8.08 -3.79 2.78
C ILE A 68 8.53 -5.24 2.63
N ASP A 69 9.73 -5.54 3.09
CA ASP A 69 10.32 -6.87 2.91
C ASP A 69 9.76 -7.84 3.94
N PRO A 70 9.30 -9.01 3.46
CA PRO A 70 8.74 -10.06 4.31
C PRO A 70 9.82 -10.72 5.18
N SER A 71 11.07 -10.34 4.96
CA SER A 71 12.17 -10.85 5.77
C SER A 71 11.96 -10.49 7.24
N THR A 72 11.55 -9.25 7.49
CA THR A 72 11.31 -8.79 8.86
C THR A 72 10.73 -7.38 8.86
N GLY A 73 10.08 -7.01 7.76
CA GLY A 73 9.35 -5.75 7.73
C GLY A 73 10.25 -4.56 7.47
N GLU A 74 11.38 -4.80 6.83
CA GLU A 74 12.29 -3.73 6.44
C GLU A 74 11.69 -2.91 5.29
N ARG A 75 11.97 -1.62 5.30
CA ARG A 75 11.42 -0.71 4.30
C ARG A 75 12.48 -0.32 3.27
N PHE A 76 12.18 -0.54 1.99
CA PHE A 76 13.07 -0.15 0.91
C PHE A 76 12.27 0.47 -0.25
N PRO A 77 12.92 1.40 -0.96
CA PRO A 77 12.38 1.95 -2.21
C PRO A 77 12.20 0.87 -3.28
N VAL A 78 11.27 1.11 -4.20
CA VAL A 78 11.06 0.21 -5.33
C VAL A 78 12.32 0.06 -6.16
N THR A 79 13.06 1.16 -6.30
CA THR A 79 14.26 1.17 -7.15
C THR A 79 15.34 0.28 -6.56
N ASP A 80 15.48 0.30 -5.23
CA ASP A 80 16.40 -0.60 -4.55
C ASP A 80 15.86 -2.02 -4.54
N ALA A 81 14.55 -2.15 -4.35
CA ALA A 81 13.92 -3.45 -4.19
C ALA A 81 14.08 -4.30 -5.46
N VAL A 82 14.06 -3.64 -6.61
CA VAL A 82 14.30 -4.32 -7.88
C VAL A 82 15.73 -4.84 -7.97
N ASN A 83 16.67 -4.06 -7.49
CA ASN A 83 18.08 -4.42 -7.54
C ASN A 83 18.39 -5.55 -6.57
N LYS A 84 17.70 -5.56 -5.44
CA LYS A 84 17.96 -6.52 -4.37
C LYS A 84 16.74 -6.70 -3.49
N GLY A 85 15.61 -7.05 -4.09
CA GLY A 85 14.39 -7.26 -3.34
C GLY A 85 13.42 -8.18 -4.05
N LEU A 86 12.15 -7.80 -4.06
CA LEU A 86 11.10 -8.65 -4.62
C LEU A 86 10.18 -7.85 -5.54
N VAL A 87 10.68 -6.73 -6.04
CA VAL A 87 9.91 -5.88 -6.94
C VAL A 87 10.37 -6.06 -8.38
N ASP A 88 9.41 -6.08 -9.31
CA ASP A 88 9.73 -6.11 -10.73
C ASP A 88 10.15 -4.73 -11.22
N LYS A 89 11.17 -4.69 -12.06
CA LYS A 89 11.67 -3.43 -12.61
C LYS A 89 10.58 -2.69 -13.35
N ILE A 90 9.66 -3.43 -13.95
CA ILE A 90 8.62 -2.85 -14.79
C ILE A 90 7.60 -2.09 -13.95
N MET A 91 7.66 -2.28 -12.64
CA MET A 91 6.67 -1.69 -11.73
C MET A 91 7.23 -0.44 -11.06
N VAL A 92 8.50 -0.15 -11.33
CA VAL A 92 9.19 0.94 -10.64
C VAL A 92 8.52 2.28 -10.93
N ASP A 93 8.39 2.61 -12.22
CA ASP A 93 7.81 3.87 -12.63
C ASP A 93 6.33 3.94 -12.25
N ARG A 94 5.65 2.81 -12.34
CA ARG A 94 4.24 2.74 -11.99
C ARG A 94 4.03 3.03 -10.50
N ILE A 95 4.90 2.46 -9.67
CA ILE A 95 4.74 2.54 -8.22
C ILE A 95 5.39 3.81 -7.67
N ASN A 96 6.37 4.33 -8.40
CA ASN A 96 7.23 5.38 -7.88
C ASN A 96 6.43 6.61 -7.52
N LEU A 97 5.35 6.85 -8.25
CA LEU A 97 4.47 7.99 -7.99
C LEU A 97 3.85 7.89 -6.60
N ALA A 98 3.55 6.67 -6.18
CA ALA A 98 3.01 6.43 -4.84
C ALA A 98 4.04 6.75 -3.77
N GLN A 99 5.29 6.42 -4.05
CA GLN A 99 6.39 6.77 -3.15
C GLN A 99 6.59 8.29 -3.11
N LYS A 100 6.43 8.94 -4.25
CA LYS A 100 6.58 10.39 -4.33
C LYS A 100 5.43 11.09 -3.60
N ALA A 101 4.24 10.51 -3.70
CA ALA A 101 3.08 11.05 -2.99
C ALA A 101 3.24 10.88 -1.48
N PHE A 102 3.83 9.77 -1.06
CA PHE A 102 4.14 9.55 0.34
C PHE A 102 5.28 10.46 0.80
N CYS A 103 6.30 10.59 -0.04
CA CYS A 103 7.46 11.41 0.29
C CYS A 103 8.13 11.94 -0.97
N GLY A 104 7.63 13.06 -1.48
CA GLY A 104 8.19 13.63 -2.70
C GLY A 104 7.41 14.85 -3.16
N PHE A 105 7.75 15.34 -4.35
CA PHE A 105 7.10 16.53 -4.90
C PHE A 105 7.20 17.69 -3.91
N GLU A 106 8.37 17.88 -3.33
CA GLU A 106 8.58 18.93 -2.34
C GLU A 106 9.78 19.80 -2.71
N ASP A 107 9.81 21.01 -2.17
CA ASP A 107 10.86 21.97 -2.50
C ASP A 107 12.22 21.46 -2.03
N PRO A 108 13.21 21.48 -2.95
CA PRO A 108 14.57 21.01 -2.66
C PRO A 108 15.38 22.05 -1.87
N ARG A 109 14.99 22.27 -0.63
CA ARG A 109 15.63 23.27 0.21
C ARG A 109 14.91 23.41 1.56
N THR A 110 13.60 23.23 1.54
CA THR A 110 12.81 23.32 2.76
C THR A 110 11.99 22.05 2.98
N LYS A 111 11.73 21.33 1.89
CA LYS A 111 11.10 20.02 1.98
C LYS A 111 9.73 20.11 2.64
N THR A 112 8.83 20.89 2.03
CA THR A 112 7.49 21.09 2.58
C THR A 112 6.83 19.75 2.88
N LYS A 113 5.80 19.79 3.73
CA LYS A 113 5.15 18.58 4.20
C LYS A 113 3.68 18.54 3.74
N MET A 114 3.44 17.93 2.59
CA MET A 114 2.13 17.96 1.97
C MET A 114 1.52 16.56 1.89
N SER A 115 0.20 16.49 1.90
CA SER A 115 -0.49 15.21 1.81
C SER A 115 -1.00 14.96 0.39
N ALA A 116 -1.09 13.69 0.02
CA ALA A 116 -1.65 13.30 -1.27
C ALA A 116 -3.09 13.78 -1.40
N ALA A 117 -3.83 13.72 -0.31
CA ALA A 117 -5.21 14.18 -0.29
C ALA A 117 -5.28 15.69 -0.52
N GLN A 118 -4.31 16.41 0.01
CA GLN A 118 -4.16 17.84 -0.27
C GLN A 118 -3.82 18.07 -1.73
N ALA A 119 -3.02 17.17 -2.30
CA ALA A 119 -2.61 17.28 -3.69
C ALA A 119 -3.81 17.31 -4.62
N LEU A 120 -4.86 16.56 -4.27
CA LEU A 120 -6.03 16.43 -5.11
C LEU A 120 -6.75 17.77 -5.26
N LYS A 121 -6.85 18.51 -4.15
CA LYS A 121 -7.44 19.84 -4.17
C LYS A 121 -6.50 20.85 -4.81
N LYS A 122 -5.20 20.63 -4.64
CA LYS A 122 -4.19 21.53 -5.20
C LYS A 122 -2.79 21.05 -4.83
N GLY A 123 -1.87 21.12 -5.80
CA GLY A 123 -0.47 20.91 -5.51
C GLY A 123 0.29 20.36 -6.70
N TRP A 124 0.14 19.06 -6.95
CA TRP A 124 1.02 18.35 -7.88
C TRP A 124 0.31 17.13 -8.45
N LEU A 125 -0.34 16.36 -7.57
CA LEU A 125 -0.84 15.04 -7.93
C LEU A 125 -2.23 15.12 -8.55
N TYR A 126 -2.49 14.25 -9.52
CA TYR A 126 -3.78 14.25 -10.21
C TYR A 126 -4.74 13.25 -9.57
N TYR A 127 -6.03 13.41 -9.86
CA TYR A 127 -7.07 12.73 -9.11
C TYR A 127 -6.87 11.22 -9.15
N GLU A 128 -6.56 10.70 -10.34
CA GLU A 128 -6.52 9.27 -10.56
C GLU A 128 -5.45 8.62 -9.68
N ALA A 129 -4.32 9.30 -9.52
CA ALA A 129 -3.22 8.80 -8.71
C ALA A 129 -3.54 8.91 -7.23
N GLY A 130 -4.03 10.08 -6.82
CA GLY A 130 -4.32 10.31 -5.42
C GLY A 130 -5.39 9.38 -4.89
N GLN A 131 -6.40 9.11 -5.71
CA GLN A 131 -7.52 8.26 -5.30
C GLN A 131 -7.04 6.85 -4.98
N ARG A 132 -6.11 6.36 -5.79
CA ARG A 132 -5.53 5.03 -5.57
C ARG A 132 -4.71 5.01 -4.27
N PHE A 133 -3.93 6.06 -4.05
CA PHE A 133 -3.00 6.09 -2.92
C PHE A 133 -3.75 6.28 -1.61
N LEU A 134 -4.81 7.08 -1.66
CA LEU A 134 -5.64 7.32 -0.47
C LEU A 134 -6.44 6.07 -0.11
N GLU A 135 -6.84 5.32 -1.12
CA GLU A 135 -7.69 4.15 -0.92
C GLU A 135 -7.01 3.13 -0.02
N VAL A 136 -5.74 2.86 -0.32
CA VAL A 136 -4.97 1.88 0.45
C VAL A 136 -4.71 2.39 1.87
N GLN A 137 -4.40 3.67 1.99
CA GLN A 137 -4.07 4.27 3.27
C GLN A 137 -5.26 4.22 4.23
N TYR A 138 -6.45 4.44 3.68
CA TYR A 138 -7.68 4.30 4.46
C TYR A 138 -7.90 2.83 4.85
N LEU A 139 -7.69 1.94 3.90
CA LEU A 139 -8.00 0.52 4.12
C LEU A 139 -7.08 -0.08 5.18
N THR A 140 -5.87 0.46 5.28
CA THR A 140 -4.91 0.01 6.28
C THR A 140 -5.10 0.77 7.59
N GLY A 141 -5.21 2.09 7.49
CA GLY A 141 -5.45 2.91 8.67
C GLY A 141 -6.11 4.23 8.34
N GLY A 142 -5.30 5.27 8.18
CA GLY A 142 -5.81 6.56 7.77
C GLY A 142 -4.97 7.21 6.69
N LEU A 143 -5.34 8.42 6.28
CA LEU A 143 -4.65 9.12 5.22
C LEU A 143 -3.38 9.77 5.74
N ILE A 144 -2.29 9.64 4.98
CA ILE A 144 -0.96 9.97 5.48
C ILE A 144 -0.61 11.42 5.17
N GLU A 145 0.02 12.09 6.13
CA GLU A 145 0.59 13.40 5.90
C GLU A 145 1.89 13.58 6.70
N PRO A 146 2.96 13.97 6.00
CA PRO A 146 4.29 14.11 6.61
C PRO A 146 4.28 15.06 7.81
N ASP A 147 3.40 16.06 7.74
CA ASP A 147 3.23 16.98 8.87
C ASP A 147 2.70 16.26 10.10
N THR A 148 1.51 15.67 9.97
CA THR A 148 0.95 14.85 11.04
C THR A 148 1.85 13.65 11.34
N PRO A 149 1.61 13.02 12.49
CA PRO A 149 2.35 11.80 12.89
C PRO A 149 1.89 10.57 12.11
N GLY A 150 2.18 10.56 10.81
CA GLY A 150 1.86 9.40 9.99
C GLY A 150 0.44 9.45 9.46
N ARG A 151 -0.39 8.52 9.93
CA ARG A 151 -1.72 8.33 9.34
C ARG A 151 -2.75 9.18 10.07
N VAL A 152 -3.73 9.69 9.31
CA VAL A 152 -4.77 10.55 9.87
C VAL A 152 -6.15 9.98 9.61
N PRO A 153 -6.95 9.83 10.68
CA PRO A 153 -8.35 9.41 10.57
C PRO A 153 -9.13 10.23 9.55
N LEU A 154 -9.97 9.55 8.78
CA LEU A 154 -10.73 10.22 7.72
C LEU A 154 -11.59 11.34 8.29
N ASP A 155 -12.19 11.09 9.45
CA ASP A 155 -13.00 12.11 10.12
C ASP A 155 -12.13 13.30 10.53
N GLU A 156 -10.91 13.01 10.96
CA GLU A 156 -9.95 14.06 11.29
C GLU A 156 -9.49 14.78 10.03
N ALA A 157 -9.37 14.05 8.93
CA ALA A 157 -9.06 14.64 7.64
C ALA A 157 -10.12 15.64 7.21
N LEU A 158 -11.37 15.35 7.55
CA LEU A 158 -12.47 16.24 7.23
C LEU A 158 -12.37 17.55 8.01
N GLN A 159 -12.12 17.44 9.31
CA GLN A 159 -12.04 18.61 10.17
C GLN A 159 -10.77 19.42 9.90
N ARG A 160 -9.76 18.74 9.38
CA ARG A 160 -8.51 19.40 8.98
C ARG A 160 -8.68 20.08 7.63
N GLY A 161 -9.70 19.67 6.89
CA GLY A 161 -10.00 20.31 5.61
C GLY A 161 -9.21 19.72 4.47
N THR A 162 -8.32 18.77 4.79
CA THR A 162 -7.48 18.14 3.78
C THR A 162 -8.32 17.29 2.83
N VAL A 163 -9.49 16.87 3.30
CA VAL A 163 -10.50 16.26 2.43
C VAL A 163 -11.87 16.91 2.63
N ASP A 164 -12.73 16.77 1.63
CA ASP A 164 -14.12 17.20 1.76
C ASP A 164 -15.06 16.01 1.85
N ALA A 165 -16.36 16.29 1.92
CA ALA A 165 -17.36 15.24 2.08
C ALA A 165 -17.33 14.27 0.89
N ARG A 166 -17.15 14.82 -0.31
CA ARG A 166 -17.15 14.00 -1.52
C ARG A 166 -15.98 13.03 -1.51
N THR A 167 -14.82 13.50 -1.06
CA THR A 167 -13.63 12.67 -0.96
C THR A 167 -13.76 11.63 0.14
N ALA A 168 -14.33 12.05 1.27
CA ALA A 168 -14.41 11.19 2.45
C ALA A 168 -15.35 10.02 2.20
N GLN A 169 -16.48 10.29 1.57
CA GLN A 169 -17.46 9.25 1.27
C GLN A 169 -16.91 8.24 0.28
N LYS A 170 -16.04 8.71 -0.61
CA LYS A 170 -15.34 7.84 -1.53
C LYS A 170 -14.39 6.89 -0.79
N LEU A 171 -13.76 7.41 0.26
CA LEU A 171 -12.92 6.59 1.12
C LEU A 171 -13.76 5.64 1.97
N ARG A 172 -14.98 6.06 2.28
CA ARG A 172 -15.89 5.25 3.08
C ARG A 172 -16.43 4.09 2.27
N ASP A 173 -16.45 4.25 0.95
CA ASP A 173 -17.04 3.25 0.06
C ASP A 173 -16.06 2.12 -0.24
N VAL A 174 -14.80 2.49 -0.43
CA VAL A 174 -13.79 1.52 -0.87
C VAL A 174 -13.60 0.42 0.17
N GLY A 175 -13.91 0.74 1.43
CA GLY A 175 -13.82 -0.24 2.48
C GLY A 175 -14.89 -1.32 2.37
N ALA A 176 -16.00 -0.98 1.73
CA ALA A 176 -17.09 -1.93 1.55
C ALA A 176 -16.97 -2.66 0.21
N TYR A 177 -16.51 -1.96 -0.81
CA TYR A 177 -16.34 -2.55 -2.13
C TYR A 177 -15.12 -3.46 -2.16
N SER A 178 -15.29 -4.63 -2.78
CA SER A 178 -14.22 -5.62 -2.84
C SER A 178 -13.02 -5.09 -3.62
N LYS A 179 -11.82 -5.33 -3.09
CA LYS A 179 -10.60 -4.85 -3.73
C LYS A 179 -10.08 -5.89 -4.74
N TYR A 180 -9.69 -7.05 -4.24
CA TYR A 180 -9.25 -8.14 -5.10
C TYR A 180 -8.24 -9.02 -4.39
N LEU A 181 -8.47 -9.24 -3.10
CA LEU A 181 -7.72 -10.24 -2.34
C LEU A 181 -8.59 -11.44 -1.99
N THR A 182 -8.06 -12.63 -2.23
CA THR A 182 -8.83 -13.85 -2.08
C THR A 182 -8.46 -14.59 -0.79
N CYS A 183 -9.49 -14.96 -0.01
CA CYS A 183 -9.28 -15.72 1.21
C CYS A 183 -9.05 -17.20 0.90
N PRO A 184 -8.54 -17.94 1.90
CA PRO A 184 -8.16 -19.33 1.73
C PRO A 184 -9.37 -20.28 1.76
N LYS A 185 -10.24 -20.15 0.77
CA LYS A 185 -11.37 -21.06 0.60
C LYS A 185 -11.61 -21.37 -0.87
N THR A 186 -12.15 -20.39 -1.59
CA THR A 186 -12.48 -20.57 -3.00
C THR A 186 -12.33 -19.27 -3.77
N LYS A 187 -13.35 -18.41 -3.66
CA LYS A 187 -13.35 -17.13 -4.36
C LYS A 187 -13.94 -16.04 -3.48
N LEU A 188 -13.13 -15.50 -2.59
CA LEU A 188 -13.61 -14.54 -1.60
C LEU A 188 -12.95 -13.17 -1.81
N LYS A 189 -13.04 -12.65 -3.03
CA LYS A 189 -12.48 -11.35 -3.35
C LYS A 189 -13.10 -10.26 -2.48
N ILE A 190 -12.30 -9.72 -1.57
CA ILE A 190 -12.79 -8.76 -0.59
C ILE A 190 -11.89 -7.54 -0.50
N SER A 191 -12.37 -6.50 0.17
CA SER A 191 -11.59 -5.27 0.32
C SER A 191 -10.31 -5.53 1.10
N TYR A 192 -9.34 -4.63 0.94
CA TYR A 192 -8.05 -4.76 1.61
C TYR A 192 -8.22 -4.75 3.13
N LYS A 193 -9.14 -3.92 3.60
CA LYS A 193 -9.40 -3.80 5.04
C LYS A 193 -9.93 -5.11 5.62
N ASP A 194 -10.83 -5.74 4.87
CA ASP A 194 -11.38 -7.03 5.29
C ASP A 194 -10.32 -8.12 5.21
N ALA A 195 -9.51 -8.08 4.15
CA ALA A 195 -8.44 -9.04 3.98
C ALA A 195 -7.38 -8.88 5.05
N LEU A 196 -7.12 -7.63 5.44
CA LEU A 196 -6.14 -7.34 6.49
C LEU A 196 -6.60 -7.89 7.84
N ASP A 197 -7.90 -7.80 8.09
CA ASP A 197 -8.49 -8.36 9.30
C ASP A 197 -8.41 -9.89 9.28
N ARG A 198 -8.41 -10.45 8.08
CA ARG A 198 -8.38 -11.91 7.92
C ARG A 198 -6.96 -12.39 7.65
N SER A 199 -6.01 -11.45 7.60
CA SER A 199 -4.61 -11.78 7.41
C SER A 199 -4.06 -12.53 8.62
N MET A 200 -2.91 -13.20 8.44
CA MET A 200 -2.26 -13.90 9.52
C MET A 200 -0.92 -13.25 9.85
N VAL A 201 -0.74 -12.91 11.13
CA VAL A 201 0.54 -12.39 11.61
C VAL A 201 1.48 -13.52 12.02
N GLU A 202 2.68 -13.53 11.46
CA GLU A 202 3.63 -14.60 11.71
C GLU A 202 3.73 -14.91 13.20
N GLU A 203 3.95 -13.87 14.01
CA GLU A 203 4.03 -14.01 15.45
C GLU A 203 4.18 -12.67 16.14
N GLY A 204 5.31 -12.00 15.88
CA GLY A 204 5.51 -10.66 16.40
C GLY A 204 6.85 -10.08 15.98
N THR A 205 7.09 -10.04 14.68
CA THR A 205 8.31 -9.48 14.14
C THR A 205 8.03 -8.45 13.05
N GLY A 206 6.78 -8.01 12.98
CA GLY A 206 6.39 -7.02 11.99
C GLY A 206 6.09 -7.65 10.64
N LEU A 207 5.59 -8.87 10.66
CA LEU A 207 5.31 -9.61 9.43
C LEU A 207 3.83 -9.98 9.34
N ARG A 208 3.09 -9.24 8.54
CA ARG A 208 1.73 -9.62 8.17
C ARG A 208 1.73 -10.47 6.91
N LEU A 209 1.05 -11.62 6.96
CA LEU A 209 0.96 -12.50 5.81
C LEU A 209 -0.49 -12.63 5.33
N LEU A 210 -0.67 -12.62 4.02
CA LEU A 210 -2.00 -12.78 3.43
C LEU A 210 -2.34 -14.25 3.24
N GLU A 211 -3.44 -14.69 3.84
CA GLU A 211 -3.84 -16.09 3.78
C GLU A 211 -4.52 -16.40 2.44
N ALA A 212 -4.06 -17.46 1.79
CA ALA A 212 -4.73 -17.97 0.60
C ALA A 212 -4.51 -19.47 0.45
N ALA A 213 -5.38 -20.11 -0.31
CA ALA A 213 -5.30 -21.56 -0.51
C ALA A 213 -5.54 -21.92 -1.97
N ALA A 214 -4.93 -21.16 -2.87
CA ALA A 214 -5.04 -21.43 -4.30
C ALA A 214 -6.45 -21.11 -4.81
N GLN A 215 -7.37 -22.03 -4.59
CA GLN A 215 -8.75 -21.84 -5.02
C GLN A 215 -9.65 -22.96 -4.47
N MET A 1 5.27 10.31 -15.30
CA MET A 1 4.51 9.07 -15.19
C MET A 1 3.72 8.80 -16.47
N GLY A 2 2.73 7.93 -16.38
CA GLY A 2 1.67 7.88 -17.37
C GLY A 2 1.02 6.52 -17.46
N HIS A 3 1.81 5.50 -17.79
CA HIS A 3 1.34 4.13 -17.76
C HIS A 3 -0.15 4.06 -17.48
N HIS A 4 -0.95 4.04 -18.53
CA HIS A 4 -2.40 3.91 -18.40
C HIS A 4 -3.03 3.50 -19.73
N HIS A 5 -3.64 2.32 -19.74
CA HIS A 5 -4.41 1.87 -20.90
C HIS A 5 -5.38 0.76 -20.52
N HIS A 6 -6.48 1.15 -19.86
CA HIS A 6 -7.52 0.19 -19.48
C HIS A 6 -7.79 0.24 -17.99
N HIS A 7 -9.00 -0.15 -17.60
CA HIS A 7 -9.36 -0.25 -16.19
C HIS A 7 -10.61 -1.11 -16.01
N HIS A 8 -10.87 -1.50 -14.77
CA HIS A 8 -12.02 -2.35 -14.46
C HIS A 8 -12.97 -1.64 -13.49
N SER A 9 -14.27 -1.77 -13.75
CA SER A 9 -15.28 -1.31 -12.81
C SER A 9 -16.59 -2.06 -13.00
N HIS A 10 -16.92 -2.92 -12.05
CA HIS A 10 -18.15 -3.70 -12.12
C HIS A 10 -18.87 -3.71 -10.77
N MET A 11 -19.73 -2.72 -10.55
CA MET A 11 -20.34 -2.52 -9.24
C MET A 11 -21.71 -1.85 -9.37
N GLN A 12 -22.47 -1.85 -8.30
CA GLN A 12 -23.78 -1.19 -8.27
C GLN A 12 -24.06 -0.59 -6.90
N LEU A 13 -25.21 0.07 -6.78
CA LEU A 13 -25.62 0.64 -5.50
C LEU A 13 -26.33 -0.41 -4.65
N ALA A 14 -25.55 -1.24 -3.95
CA ALA A 14 -26.11 -2.29 -3.10
C ALA A 14 -25.26 -2.49 -1.86
N SER A 15 -25.05 -1.41 -1.12
CA SER A 15 -24.25 -1.46 0.11
C SER A 15 -24.68 -0.38 1.09
N TRP A 16 -24.24 -0.51 2.34
CA TRP A 16 -24.56 0.47 3.36
C TRP A 16 -23.74 0.23 4.63
N SER A 17 -22.56 -0.37 4.45
CA SER A 17 -21.73 -0.77 5.58
C SER A 17 -20.26 -0.79 5.19
N ASP A 18 -19.44 -0.03 5.91
CA ASP A 18 -18.01 0.04 5.63
C ASP A 18 -17.23 0.39 6.90
N PRO A 19 -16.87 -0.64 7.66
CA PRO A 19 -16.11 -0.46 8.91
C PRO A 19 -14.66 -0.07 8.66
N THR A 20 -13.99 0.38 9.71
CA THR A 20 -12.60 0.83 9.61
C THR A 20 -11.63 -0.32 9.84
N GLU A 21 -11.80 -1.02 10.96
CA GLU A 21 -10.99 -2.19 11.27
C GLU A 21 -9.50 -1.89 11.05
N GLU A 22 -8.96 -1.04 11.93
CA GLU A 22 -7.56 -0.65 11.83
C GLU A 22 -6.64 -1.87 11.92
N THR A 23 -5.81 -2.06 10.90
CA THR A 23 -4.84 -3.14 10.90
C THR A 23 -3.46 -2.64 10.49
N GLY A 24 -2.52 -3.57 10.28
CA GLY A 24 -1.21 -3.20 9.80
C GLY A 24 -0.98 -3.66 8.36
N PRO A 25 -0.01 -3.02 7.70
CA PRO A 25 0.32 -3.33 6.30
C PRO A 25 0.78 -4.78 6.13
N VAL A 26 0.33 -5.42 5.06
CA VAL A 26 0.77 -6.78 4.73
C VAL A 26 2.18 -6.78 4.18
N ALA A 27 3.04 -7.60 4.78
CA ALA A 27 4.46 -7.60 4.42
C ALA A 27 4.75 -8.62 3.32
N GLY A 28 4.10 -9.78 3.41
CA GLY A 28 4.42 -10.87 2.51
C GLY A 28 3.34 -11.94 2.50
N ILE A 29 3.65 -13.07 1.85
CA ILE A 29 2.64 -14.10 1.62
C ILE A 29 2.94 -15.35 2.45
N LEU A 30 1.89 -15.96 2.99
CA LEU A 30 2.03 -17.21 3.74
C LEU A 30 1.16 -18.30 3.12
N ASP A 31 1.80 -19.42 2.77
CA ASP A 31 1.06 -20.59 2.31
C ASP A 31 0.54 -21.40 3.49
N THR A 32 -0.79 -21.39 3.68
CA THR A 32 -1.40 -22.00 4.85
C THR A 32 -1.18 -23.50 4.85
N GLU A 33 -0.98 -24.08 3.68
CA GLU A 33 -0.84 -25.52 3.54
C GLU A 33 0.37 -26.02 4.34
N THR A 34 1.38 -25.16 4.48
CA THR A 34 2.59 -25.51 5.22
C THR A 34 3.04 -24.35 6.09
N LEU A 35 2.26 -23.28 6.11
CA LEU A 35 2.64 -22.06 6.81
C LEU A 35 4.01 -21.57 6.35
N GLU A 36 4.25 -21.63 5.05
CA GLU A 36 5.50 -21.17 4.48
C GLU A 36 5.47 -19.66 4.22
N LYS A 37 6.18 -18.92 5.05
CA LYS A 37 6.47 -17.52 4.77
C LYS A 37 7.33 -17.39 3.51
N VAL A 38 6.76 -16.82 2.46
CA VAL A 38 7.47 -16.62 1.21
C VAL A 38 7.41 -15.16 0.76
N SER A 39 8.33 -14.79 -0.13
CA SER A 39 8.43 -13.41 -0.60
C SER A 39 7.32 -13.10 -1.60
N ILE A 40 7.14 -11.82 -1.89
CA ILE A 40 6.09 -11.39 -2.81
C ILE A 40 6.30 -11.99 -4.20
N THR A 41 7.55 -12.04 -4.64
CA THR A 41 7.88 -12.54 -5.96
C THR A 41 7.57 -14.03 -6.08
N GLU A 42 7.88 -14.77 -5.02
CA GLU A 42 7.73 -16.22 -5.04
C GLU A 42 6.25 -16.61 -5.15
N ALA A 43 5.41 -15.92 -4.39
CA ALA A 43 3.96 -16.09 -4.50
C ALA A 43 3.44 -15.48 -5.80
N MET A 44 3.99 -14.32 -6.18
CA MET A 44 3.55 -13.63 -7.37
C MET A 44 3.87 -14.44 -8.62
N HIS A 45 4.81 -15.37 -8.50
CA HIS A 45 5.13 -16.28 -9.58
C HIS A 45 3.90 -17.03 -10.06
N ARG A 46 2.86 -17.04 -9.22
CA ARG A 46 1.67 -17.85 -9.48
C ARG A 46 1.89 -19.29 -9.04
N ASN A 47 2.64 -19.46 -7.96
CA ASN A 47 2.53 -20.66 -7.14
C ASN A 47 1.48 -20.48 -6.04
N LEU A 48 1.30 -19.24 -5.60
CA LEU A 48 0.27 -18.91 -4.62
C LEU A 48 -0.74 -17.94 -5.21
N VAL A 49 -0.26 -16.78 -5.66
CA VAL A 49 -1.12 -15.64 -5.91
C VAL A 49 -0.95 -15.13 -7.34
N ASP A 50 -1.77 -14.16 -7.72
CA ASP A 50 -1.72 -13.60 -9.06
C ASP A 50 -0.77 -12.42 -9.12
N ASN A 51 -0.45 -11.97 -10.34
CA ASN A 51 0.36 -10.79 -10.53
C ASN A 51 -0.29 -9.55 -9.91
N ILE A 52 -1.61 -9.45 -10.05
CA ILE A 52 -2.36 -8.34 -9.49
C ILE A 52 -2.30 -8.36 -7.96
N THR A 53 -2.31 -9.56 -7.39
CA THR A 53 -2.26 -9.71 -5.94
C THR A 53 -0.96 -9.15 -5.38
N GLY A 54 0.15 -9.46 -6.03
CA GLY A 54 1.43 -8.86 -5.67
C GLY A 54 1.45 -7.37 -5.91
N GLN A 55 0.84 -6.93 -7.00
CA GLN A 55 0.87 -5.52 -7.38
C GLN A 55 0.19 -4.65 -6.33
N ARG A 56 -0.95 -5.11 -5.84
CA ARG A 56 -1.72 -4.35 -4.86
C ARG A 56 -0.98 -4.27 -3.54
N LEU A 57 -0.33 -5.36 -3.15
CA LEU A 57 0.40 -5.42 -1.89
C LEU A 57 1.64 -4.53 -1.93
N LEU A 58 2.34 -4.56 -3.06
CA LEU A 58 3.53 -3.74 -3.25
C LEU A 58 3.17 -2.26 -3.31
N GLU A 59 2.01 -1.97 -3.91
CA GLU A 59 1.48 -0.61 -3.91
C GLU A 59 1.19 -0.14 -2.48
N ALA A 60 0.62 -1.03 -1.67
CA ALA A 60 0.28 -0.69 -0.30
C ALA A 60 1.54 -0.44 0.53
N GLN A 61 2.59 -1.21 0.26
CA GLN A 61 3.87 -1.01 0.93
C GLN A 61 4.54 0.26 0.44
N ALA A 62 4.35 0.56 -0.85
CA ALA A 62 4.86 1.81 -1.41
C ALA A 62 4.17 3.01 -0.79
N CYS A 63 2.88 2.88 -0.51
CA CYS A 63 2.12 3.93 0.16
C CYS A 63 2.63 4.14 1.58
N THR A 64 3.20 3.10 2.16
CA THR A 64 3.80 3.20 3.49
C THR A 64 5.30 3.39 3.39
N GLY A 65 5.73 4.22 2.45
CA GLY A 65 7.15 4.48 2.27
C GLY A 65 7.80 3.52 1.30
N GLY A 66 8.82 2.79 1.77
CA GLY A 66 9.54 1.88 0.91
C GLY A 66 8.88 0.53 0.81
N ILE A 67 9.27 -0.25 -0.19
CA ILE A 67 8.82 -1.63 -0.31
C ILE A 67 9.37 -2.49 0.83
N ILE A 68 8.50 -3.30 1.42
CA ILE A 68 8.80 -3.95 2.69
C ILE A 68 9.11 -5.43 2.49
N ASP A 69 10.33 -5.83 2.84
CA ASP A 69 10.69 -7.25 2.88
C ASP A 69 10.30 -7.87 4.22
N PRO A 70 9.43 -8.88 4.17
CA PRO A 70 8.98 -9.60 5.36
C PRO A 70 10.13 -10.32 6.07
N SER A 71 10.53 -9.78 7.22
CA SER A 71 11.72 -10.26 7.92
C SER A 71 11.82 -9.65 9.31
N THR A 72 11.79 -8.32 9.37
CA THR A 72 12.00 -7.62 10.63
C THR A 72 11.74 -6.12 10.46
N GLY A 73 10.90 -5.78 9.49
CA GLY A 73 10.57 -4.38 9.25
C GLY A 73 11.54 -3.71 8.29
N GLU A 74 11.95 -4.45 7.27
CA GLU A 74 12.90 -3.93 6.29
C GLU A 74 12.26 -2.88 5.39
N ARG A 75 13.06 -1.93 4.93
CA ARG A 75 12.59 -0.93 3.99
C ARG A 75 13.52 -0.83 2.79
N PHE A 76 12.97 -0.99 1.60
CA PHE A 76 13.73 -0.80 0.36
C PHE A 76 12.94 0.04 -0.64
N PRO A 77 13.63 0.97 -1.30
CA PRO A 77 13.06 1.74 -2.41
C PRO A 77 12.48 0.84 -3.50
N VAL A 78 11.52 1.37 -4.25
CA VAL A 78 10.82 0.58 -5.26
C VAL A 78 11.77 0.11 -6.35
N THR A 79 12.62 1.01 -6.82
CA THR A 79 13.61 0.68 -7.83
C THR A 79 14.66 -0.27 -7.29
N ASP A 80 15.04 -0.07 -6.03
CA ASP A 80 16.04 -0.91 -5.38
C ASP A 80 15.49 -2.32 -5.14
N ALA A 81 14.21 -2.40 -4.80
CA ALA A 81 13.57 -3.68 -4.53
C ALA A 81 13.54 -4.55 -5.79
N VAL A 82 13.39 -3.90 -6.94
CA VAL A 82 13.47 -4.61 -8.21
C VAL A 82 14.88 -5.13 -8.47
N ASN A 83 15.88 -4.33 -8.10
CA ASN A 83 17.27 -4.69 -8.34
C ASN A 83 17.72 -5.77 -7.37
N LYS A 84 17.17 -5.75 -6.15
CA LYS A 84 17.60 -6.65 -5.09
C LYS A 84 16.50 -6.82 -4.05
N GLY A 85 15.30 -7.20 -4.50
CA GLY A 85 14.19 -7.39 -3.60
C GLY A 85 13.14 -8.33 -4.15
N LEU A 86 11.88 -7.94 -4.04
CA LEU A 86 10.78 -8.77 -4.52
C LEU A 86 9.75 -7.93 -5.29
N VAL A 87 10.25 -7.10 -6.20
CA VAL A 87 9.38 -6.33 -7.07
C VAL A 87 9.71 -6.56 -8.54
N ASP A 88 8.68 -6.71 -9.36
CA ASP A 88 8.85 -6.88 -10.80
C ASP A 88 9.14 -5.54 -11.47
N LYS A 89 10.11 -5.54 -12.38
CA LYS A 89 10.56 -4.32 -13.02
C LYS A 89 9.40 -3.59 -13.70
N ILE A 90 8.39 -4.35 -14.12
CA ILE A 90 7.27 -3.80 -14.86
C ILE A 90 6.44 -2.87 -13.97
N MET A 91 6.67 -2.96 -12.66
CA MET A 91 5.87 -2.20 -11.70
C MET A 91 6.57 -0.91 -11.30
N VAL A 92 7.79 -0.72 -11.80
CA VAL A 92 8.60 0.43 -11.43
C VAL A 92 7.89 1.73 -11.78
N ASP A 93 7.38 1.81 -13.00
CA ASP A 93 6.78 3.04 -13.51
C ASP A 93 5.49 3.36 -12.76
N ARG A 94 4.66 2.34 -12.54
CA ARG A 94 3.32 2.54 -12.01
C ARG A 94 3.37 2.81 -10.51
N ILE A 95 4.31 2.15 -9.82
CA ILE A 95 4.40 2.25 -8.37
C ILE A 95 5.14 3.51 -7.97
N ASN A 96 5.96 4.03 -8.88
CA ASN A 96 6.85 5.14 -8.56
C ASN A 96 6.07 6.38 -8.13
N LEU A 97 4.91 6.57 -8.75
CA LEU A 97 4.03 7.68 -8.38
C LEU A 97 3.57 7.54 -6.93
N ALA A 98 3.32 6.30 -6.51
CA ALA A 98 2.96 6.03 -5.12
C ALA A 98 4.12 6.31 -4.19
N GLN A 99 5.33 5.99 -4.64
CA GLN A 99 6.54 6.25 -3.85
C GLN A 99 6.77 7.74 -3.69
N LYS A 100 6.50 8.51 -4.75
CA LYS A 100 6.67 9.95 -4.73
C LYS A 100 5.69 10.60 -3.75
N ALA A 101 4.48 10.06 -3.70
CA ALA A 101 3.39 10.71 -2.96
C ALA A 101 3.66 10.71 -1.46
N PHE A 102 4.31 9.65 -0.99
CA PHE A 102 4.70 9.56 0.41
C PHE A 102 5.98 10.35 0.68
N CYS A 103 6.96 10.17 -0.19
CA CYS A 103 8.22 10.91 -0.07
C CYS A 103 8.98 10.89 -1.40
N GLY A 104 9.05 12.04 -2.05
CA GLY A 104 9.80 12.13 -3.30
C GLY A 104 9.21 13.18 -4.24
N PHE A 105 7.90 13.34 -4.20
CA PHE A 105 7.22 14.29 -5.07
C PHE A 105 7.60 15.72 -4.72
N GLU A 106 7.77 15.98 -3.42
CA GLU A 106 8.09 17.33 -2.95
C GLU A 106 9.31 17.88 -3.67
N ASP A 107 9.45 19.20 -3.67
CA ASP A 107 10.61 19.85 -4.26
C ASP A 107 11.88 19.54 -3.48
N PRO A 108 13.02 19.48 -4.20
CA PRO A 108 14.33 19.23 -3.59
C PRO A 108 14.86 20.44 -2.84
N ARG A 109 16.07 20.33 -2.29
CA ARG A 109 16.72 21.45 -1.64
C ARG A 109 16.11 21.71 -0.27
N THR A 110 14.80 21.98 -0.25
CA THR A 110 14.09 22.23 1.00
C THR A 110 13.35 20.98 1.45
N LYS A 111 12.98 20.12 0.49
CA LYS A 111 12.25 18.90 0.79
C LYS A 111 11.11 19.17 1.78
N THR A 112 10.01 19.71 1.26
CA THR A 112 8.84 19.99 2.09
C THR A 112 7.97 18.76 2.27
N LYS A 113 6.80 18.95 2.86
CA LYS A 113 5.88 17.85 3.11
C LYS A 113 4.50 18.16 2.56
N MET A 114 3.73 17.12 2.26
CA MET A 114 2.36 17.29 1.75
C MET A 114 1.59 15.98 1.86
N SER A 115 0.26 16.11 1.98
CA SER A 115 -0.61 14.95 1.92
C SER A 115 -1.14 14.75 0.50
N ALA A 116 -1.54 13.52 0.19
CA ALA A 116 -2.22 13.23 -1.07
C ALA A 116 -3.53 14.00 -1.17
N ALA A 117 -4.23 14.14 -0.04
CA ALA A 117 -5.50 14.85 0.01
C ALA A 117 -5.30 16.33 -0.33
N GLN A 118 -4.21 16.90 0.14
CA GLN A 118 -3.84 18.26 -0.23
C GLN A 118 -3.48 18.35 -1.70
N ALA A 119 -2.83 17.31 -2.21
CA ALA A 119 -2.47 17.25 -3.63
C ALA A 119 -3.72 17.20 -4.50
N LEU A 120 -4.75 16.51 -4.02
CA LEU A 120 -5.99 16.38 -4.77
C LEU A 120 -6.68 17.72 -4.94
N LYS A 121 -6.37 18.65 -4.04
CA LYS A 121 -6.91 20.00 -4.11
C LYS A 121 -6.54 20.66 -5.44
N LYS A 122 -5.56 20.10 -6.13
CA LYS A 122 -5.26 20.48 -7.50
C LYS A 122 -4.04 21.39 -7.57
N GLY A 123 -2.90 20.83 -7.95
CA GLY A 123 -1.67 21.59 -8.00
C GLY A 123 -0.45 20.72 -7.87
N TRP A 124 -0.62 19.54 -7.29
CA TRP A 124 0.50 18.63 -7.05
C TRP A 124 0.27 17.30 -7.75
N LEU A 125 -0.52 16.43 -7.13
CA LEU A 125 -0.63 15.04 -7.56
C LEU A 125 -1.94 14.81 -8.31
N TYR A 126 -1.93 13.84 -9.22
CA TYR A 126 -3.10 13.55 -10.03
C TYR A 126 -4.22 12.94 -9.21
N TYR A 127 -5.43 13.46 -9.39
CA TYR A 127 -6.49 13.27 -8.40
C TYR A 127 -6.74 11.79 -8.14
N GLU A 128 -6.89 11.02 -9.22
CA GLU A 128 -7.22 9.61 -9.12
C GLU A 128 -6.09 8.83 -8.44
N ALA A 129 -4.86 9.23 -8.71
CA ALA A 129 -3.69 8.56 -8.15
C ALA A 129 -3.60 8.80 -6.65
N GLY A 130 -3.78 10.06 -6.24
CA GLY A 130 -3.89 10.37 -4.84
C GLY A 130 -5.12 9.76 -4.19
N GLN A 131 -6.21 9.70 -4.95
CA GLN A 131 -7.43 9.05 -4.47
C GLN A 131 -7.19 7.58 -4.19
N ARG A 132 -6.40 6.94 -5.04
CA ARG A 132 -5.94 5.57 -4.77
C ARG A 132 -5.00 5.55 -3.57
N PHE A 133 -4.19 6.60 -3.44
CA PHE A 133 -3.23 6.70 -2.35
C PHE A 133 -3.94 6.85 -1.00
N LEU A 134 -5.06 7.54 -1.01
CA LEU A 134 -5.87 7.71 0.19
C LEU A 134 -6.64 6.42 0.50
N GLU A 135 -7.14 5.76 -0.55
CA GLU A 135 -7.97 4.58 -0.37
C GLU A 135 -7.18 3.43 0.24
N VAL A 136 -5.98 3.21 -0.28
CA VAL A 136 -5.18 2.04 0.10
C VAL A 136 -4.76 2.11 1.56
N GLN A 137 -4.31 3.28 1.99
CA GLN A 137 -3.96 3.51 3.38
C GLN A 137 -5.20 3.45 4.26
N TYR A 138 -6.30 4.01 3.76
CA TYR A 138 -7.55 4.04 4.51
C TYR A 138 -8.05 2.63 4.79
N LEU A 139 -7.85 1.73 3.84
CA LEU A 139 -8.28 0.35 3.99
C LEU A 139 -7.59 -0.31 5.18
N THR A 140 -6.39 0.15 5.49
CA THR A 140 -5.64 -0.35 6.64
C THR A 140 -5.91 0.51 7.87
N GLY A 141 -6.02 1.82 7.67
CA GLY A 141 -6.21 2.74 8.77
C GLY A 141 -6.83 4.04 8.34
N GLY A 142 -5.99 5.04 8.09
CA GLY A 142 -6.49 6.36 7.74
C GLY A 142 -5.86 6.89 6.46
N LEU A 143 -5.66 8.21 6.41
CA LEU A 143 -5.04 8.83 5.24
C LEU A 143 -3.55 9.05 5.47
N ILE A 144 -2.81 9.21 4.38
CA ILE A 144 -1.37 9.48 4.48
C ILE A 144 -1.10 10.92 4.85
N GLU A 145 -0.25 11.12 5.86
CA GLU A 145 0.29 12.44 6.16
C GLU A 145 1.69 12.32 6.76
N PRO A 146 2.68 12.93 6.10
CA PRO A 146 4.08 12.84 6.51
C PRO A 146 4.37 13.64 7.77
N ASP A 147 3.46 14.56 8.10
CA ASP A 147 3.59 15.33 9.33
C ASP A 147 3.32 14.46 10.56
N THR A 148 2.43 13.49 10.40
CA THR A 148 2.04 12.63 11.51
C THR A 148 2.89 11.37 11.56
N PRO A 149 2.95 10.74 12.74
CA PRO A 149 3.77 9.55 12.96
C PRO A 149 3.30 8.36 12.11
N GLY A 150 2.04 8.37 11.74
CA GLY A 150 1.48 7.27 10.97
C GLY A 150 0.29 7.70 10.14
N ARG A 151 -0.91 7.40 10.64
CA ARG A 151 -2.12 7.49 9.83
C ARG A 151 -3.11 8.48 10.45
N VAL A 152 -3.77 9.26 9.60
CA VAL A 152 -4.72 10.27 10.07
C VAL A 152 -6.16 9.85 9.80
N PRO A 153 -6.99 9.88 10.85
CA PRO A 153 -8.42 9.62 10.74
C PRO A 153 -9.09 10.51 9.69
N LEU A 154 -10.00 9.92 8.92
CA LEU A 154 -10.73 10.66 7.90
C LEU A 154 -11.50 11.83 8.51
N ASP A 155 -12.11 11.58 9.67
CA ASP A 155 -12.83 12.61 10.39
C ASP A 155 -11.89 13.72 10.84
N GLU A 156 -10.67 13.35 11.20
CA GLU A 156 -9.64 14.32 11.55
C GLU A 156 -9.19 15.10 10.32
N ALA A 157 -9.15 14.42 9.17
CA ALA A 157 -8.84 15.07 7.91
C ALA A 157 -9.87 16.12 7.55
N LEU A 158 -11.14 15.83 7.86
CA LEU A 158 -12.23 16.74 7.55
C LEU A 158 -12.12 18.03 8.36
N GLN A 159 -11.87 17.88 9.66
CA GLN A 159 -11.71 19.03 10.54
C GLN A 159 -10.38 19.74 10.27
N ARG A 160 -9.41 18.99 9.77
CA ARG A 160 -8.11 19.56 9.42
C ARG A 160 -8.20 20.36 8.12
N GLY A 161 -9.18 20.01 7.29
CA GLY A 161 -9.44 20.79 6.09
C GLY A 161 -8.74 20.22 4.86
N THR A 162 -7.97 19.16 5.07
CA THR A 162 -7.16 18.59 4.00
C THR A 162 -8.03 17.82 3.00
N VAL A 163 -9.19 17.36 3.46
CA VAL A 163 -10.20 16.81 2.57
C VAL A 163 -11.50 17.60 2.67
N ASP A 164 -12.37 17.42 1.66
CA ASP A 164 -13.72 17.95 1.73
C ASP A 164 -14.74 16.82 1.80
N ALA A 165 -16.02 17.18 1.87
CA ALA A 165 -17.09 16.19 2.00
C ALA A 165 -17.11 15.26 0.79
N ARG A 166 -16.91 15.83 -0.40
CA ARG A 166 -17.00 15.06 -1.64
C ARG A 166 -15.91 13.99 -1.70
N THR A 167 -14.72 14.36 -1.24
CA THR A 167 -13.61 13.41 -1.17
C THR A 167 -13.82 12.40 -0.04
N ALA A 168 -14.33 12.89 1.09
CA ALA A 168 -14.41 12.08 2.30
C ALA A 168 -15.37 10.91 2.11
N GLN A 169 -16.48 11.18 1.44
CA GLN A 169 -17.50 10.15 1.22
C GLN A 169 -16.96 9.03 0.33
N LYS A 170 -16.05 9.38 -0.57
CA LYS A 170 -15.35 8.39 -1.39
C LYS A 170 -14.48 7.49 -0.51
N LEU A 171 -13.89 8.07 0.52
CA LEU A 171 -13.11 7.29 1.48
C LEU A 171 -14.03 6.48 2.39
N ARG A 172 -15.22 7.01 2.65
CA ARG A 172 -16.17 6.35 3.54
C ARG A 172 -16.81 5.15 2.85
N ASP A 173 -16.84 5.17 1.52
CA ASP A 173 -17.53 4.14 0.76
C ASP A 173 -16.55 3.43 -0.18
N VAL A 174 -15.34 3.18 0.32
CA VAL A 174 -14.38 2.36 -0.41
C VAL A 174 -14.82 0.90 -0.48
N GLY A 175 -15.61 0.48 0.51
CA GLY A 175 -16.13 -0.86 0.51
C GLY A 175 -17.25 -1.06 -0.51
N ALA A 176 -17.80 0.04 -0.99
CA ALA A 176 -18.85 -0.02 -2.01
C ALA A 176 -18.32 -0.58 -3.32
N TYR A 177 -17.04 -0.35 -3.58
CA TYR A 177 -16.40 -0.84 -4.80
C TYR A 177 -16.29 -2.36 -4.78
N SER A 178 -16.61 -2.99 -5.91
CA SER A 178 -16.61 -4.44 -6.00
C SER A 178 -15.20 -5.00 -5.82
N LYS A 179 -15.12 -6.29 -5.52
CA LYS A 179 -13.86 -6.91 -5.13
C LYS A 179 -12.81 -6.75 -6.23
N TYR A 180 -11.58 -7.16 -5.94
CA TYR A 180 -10.43 -6.79 -6.76
C TYR A 180 -9.19 -7.56 -6.33
N LEU A 181 -9.17 -7.99 -5.07
CA LEU A 181 -8.04 -8.75 -4.54
C LEU A 181 -8.25 -10.25 -4.75
N THR A 182 -7.27 -10.89 -5.38
CA THR A 182 -7.35 -12.31 -5.66
C THR A 182 -6.60 -13.12 -4.60
N CYS A 183 -7.29 -14.09 -4.01
CA CYS A 183 -6.68 -14.98 -3.03
C CYS A 183 -6.95 -16.44 -3.37
N PRO A 184 -6.06 -17.04 -4.17
CA PRO A 184 -6.23 -18.42 -4.64
C PRO A 184 -6.15 -19.43 -3.51
N LYS A 185 -7.31 -19.87 -3.03
CA LYS A 185 -7.37 -20.89 -1.99
C LYS A 185 -8.81 -21.38 -1.79
N THR A 186 -9.75 -20.44 -1.73
CA THR A 186 -11.15 -20.78 -1.63
C THR A 186 -12.03 -19.71 -2.30
N LYS A 187 -12.18 -18.58 -1.64
CA LYS A 187 -12.88 -17.43 -2.22
C LYS A 187 -11.88 -16.43 -2.81
N LEU A 188 -11.60 -16.59 -4.10
CA LEU A 188 -10.58 -15.78 -4.76
C LEU A 188 -10.98 -14.31 -4.80
N LYS A 189 -12.27 -14.07 -5.01
CA LYS A 189 -12.76 -12.70 -5.22
C LYS A 189 -13.07 -12.02 -3.90
N ILE A 190 -12.12 -11.24 -3.41
CA ILE A 190 -12.25 -10.58 -2.11
C ILE A 190 -11.83 -9.11 -2.19
N SER A 191 -12.20 -8.35 -1.16
CA SER A 191 -11.67 -7.00 -0.99
C SER A 191 -10.38 -7.03 -0.18
N TYR A 192 -9.75 -5.87 -0.04
CA TYR A 192 -8.56 -5.74 0.78
C TYR A 192 -8.88 -5.96 2.25
N LYS A 193 -10.02 -5.44 2.68
CA LYS A 193 -10.50 -5.64 4.04
C LYS A 193 -10.79 -7.11 4.30
N ASP A 194 -11.34 -7.79 3.29
CA ASP A 194 -11.57 -9.23 3.37
C ASP A 194 -10.26 -9.99 3.54
N ALA A 195 -9.23 -9.54 2.83
CA ALA A 195 -7.89 -10.09 3.00
C ALA A 195 -7.35 -9.78 4.39
N LEU A 196 -7.62 -8.57 4.88
CA LEU A 196 -7.16 -8.17 6.20
C LEU A 196 -7.88 -8.98 7.29
N ASP A 197 -9.13 -9.34 7.03
CA ASP A 197 -9.92 -10.10 7.98
C ASP A 197 -9.38 -11.52 8.13
N ARG A 198 -8.77 -12.04 7.07
CA ARG A 198 -8.21 -13.38 7.08
C ARG A 198 -6.69 -13.32 7.19
N SER A 199 -6.14 -12.12 7.13
CA SER A 199 -4.70 -11.93 7.24
C SER A 199 -4.16 -12.49 8.55
N MET A 200 -3.01 -13.13 8.49
CA MET A 200 -2.44 -13.80 9.66
C MET A 200 -1.33 -12.96 10.28
N VAL A 201 -1.23 -13.00 11.60
CA VAL A 201 -0.19 -12.25 12.30
C VAL A 201 1.05 -13.12 12.51
N GLU A 202 2.18 -12.61 12.04
CA GLU A 202 3.41 -13.40 12.04
C GLU A 202 3.93 -13.62 13.47
N GLU A 203 3.47 -12.78 14.39
CA GLU A 203 3.86 -12.87 15.78
C GLU A 203 5.35 -12.59 15.95
N GLY A 204 5.77 -11.41 15.48
CA GLY A 204 7.17 -11.03 15.58
C GLY A 204 7.36 -9.53 15.59
N THR A 205 7.63 -8.97 14.41
CA THR A 205 7.85 -7.54 14.28
C THR A 205 6.65 -6.84 13.65
N GLY A 206 5.47 -7.42 13.87
CA GLY A 206 4.25 -6.81 13.36
C GLY A 206 4.02 -7.11 11.90
N LEU A 207 4.59 -8.21 11.43
CA LEU A 207 4.47 -8.59 10.02
C LEU A 207 3.13 -9.24 9.73
N ARG A 208 2.34 -8.61 8.87
CA ARG A 208 1.09 -9.20 8.40
C ARG A 208 1.34 -10.12 7.21
N LEU A 209 0.77 -11.32 7.27
CA LEU A 209 0.91 -12.29 6.19
C LEU A 209 -0.43 -12.59 5.53
N LEU A 210 -0.42 -12.67 4.20
CA LEU A 210 -1.64 -12.92 3.45
C LEU A 210 -1.88 -14.42 3.28
N GLU A 211 -3.10 -14.86 3.58
CA GLU A 211 -3.44 -16.27 3.48
C GLU A 211 -3.48 -16.73 2.02
N ALA A 212 -2.78 -17.82 1.74
CA ALA A 212 -2.70 -18.34 0.38
C ALA A 212 -2.56 -19.86 0.39
N ALA A 213 -2.90 -20.48 -0.75
CA ALA A 213 -2.68 -21.91 -0.92
C ALA A 213 -2.07 -22.22 -2.28
N ALA A 214 -2.81 -21.90 -3.33
CA ALA A 214 -2.43 -22.30 -4.69
C ALA A 214 -3.61 -22.16 -5.65
N GLN A 215 -4.68 -22.89 -5.39
CA GLN A 215 -5.80 -22.97 -6.32
C GLN A 215 -5.32 -22.80 -7.76
N MET A 1 27.15 1.18 -6.73
CA MET A 1 27.20 2.50 -6.12
C MET A 1 28.64 3.01 -6.06
N GLY A 2 28.81 4.25 -5.62
CA GLY A 2 29.95 4.60 -4.80
C GLY A 2 29.61 5.66 -3.77
N HIS A 3 28.90 5.26 -2.73
CA HIS A 3 28.29 6.20 -1.80
C HIS A 3 27.88 5.51 -0.49
N HIS A 4 27.01 6.17 0.27
CA HIS A 4 26.27 5.48 1.31
C HIS A 4 25.06 4.75 0.74
N HIS A 5 24.13 4.38 1.61
CA HIS A 5 22.92 3.67 1.19
C HIS A 5 21.97 4.60 0.45
N HIS A 6 21.51 4.17 -0.72
CA HIS A 6 20.58 4.96 -1.51
C HIS A 6 19.59 4.06 -2.26
N HIS A 7 18.57 4.68 -2.84
CA HIS A 7 17.63 3.94 -3.68
C HIS A 7 18.29 3.46 -4.95
N HIS A 8 19.43 4.05 -5.29
CA HIS A 8 20.16 3.69 -6.50
C HIS A 8 20.59 2.22 -6.47
N SER A 9 21.16 1.74 -7.56
CA SER A 9 21.25 0.32 -7.82
C SER A 9 22.28 -0.33 -6.90
N HIS A 10 23.09 -1.23 -7.46
CA HIS A 10 23.78 -2.24 -6.68
C HIS A 10 24.50 -1.60 -5.48
N MET A 11 24.04 -1.92 -4.28
CA MET A 11 24.67 -1.44 -3.07
C MET A 11 25.62 -2.48 -2.49
N GLN A 12 26.70 -2.01 -1.87
CA GLN A 12 27.64 -2.91 -1.21
C GLN A 12 28.23 -2.26 0.04
N LEU A 13 27.71 -2.65 1.19
CA LEU A 13 28.22 -2.15 2.47
C LEU A 13 27.75 -3.03 3.62
N ALA A 14 28.59 -3.16 4.64
CA ALA A 14 28.32 -4.06 5.75
C ALA A 14 28.18 -3.30 7.07
N SER A 15 27.21 -2.40 7.12
CA SER A 15 26.88 -1.70 8.36
C SER A 15 25.39 -1.80 8.67
N TRP A 16 25.08 -2.25 9.88
CA TRP A 16 23.69 -2.46 10.28
C TRP A 16 23.44 -1.88 11.67
N SER A 17 23.30 -0.55 11.74
CA SER A 17 23.14 0.12 13.03
C SER A 17 21.96 1.10 12.97
N ASP A 18 20.75 0.56 12.86
CA ASP A 18 19.55 1.38 12.89
C ASP A 18 18.34 0.54 13.28
N PRO A 19 17.36 1.19 13.94
CA PRO A 19 16.13 0.53 14.39
C PRO A 19 15.12 0.35 13.25
N THR A 20 14.01 -0.31 13.56
CA THR A 20 12.93 -0.46 12.59
C THR A 20 11.67 0.24 13.06
N GLU A 21 10.70 -0.54 13.53
CA GLU A 21 9.40 0.00 13.92
C GLU A 21 8.44 -1.12 14.28
N GLU A 22 8.68 -2.32 13.76
CA GLU A 22 7.77 -3.43 13.93
C GLU A 22 6.43 -3.16 13.24
N THR A 23 5.48 -4.07 13.41
CA THR A 23 4.20 -3.97 12.73
C THR A 23 4.38 -3.93 11.22
N GLY A 24 3.39 -3.38 10.52
CA GLY A 24 3.47 -3.26 9.07
C GLY A 24 2.43 -4.10 8.37
N PRO A 25 1.75 -3.49 7.38
CA PRO A 25 0.74 -4.19 6.58
C PRO A 25 1.33 -5.38 5.82
N VAL A 26 0.48 -6.06 5.06
CA VAL A 26 0.87 -7.31 4.40
C VAL A 26 2.23 -7.15 3.71
N ALA A 27 3.19 -7.96 4.13
CA ALA A 27 4.53 -7.91 3.56
C ALA A 27 4.68 -8.94 2.42
N GLY A 28 3.97 -10.05 2.54
CA GLY A 28 4.17 -11.15 1.63
C GLY A 28 2.98 -12.10 1.61
N ILE A 29 3.16 -13.24 0.93
CA ILE A 29 2.04 -14.15 0.68
C ILE A 29 2.20 -15.43 1.49
N LEU A 30 1.08 -15.93 2.04
CA LEU A 30 1.07 -17.20 2.74
C LEU A 30 -0.01 -18.11 2.19
N ASP A 31 0.37 -19.33 1.81
CA ASP A 31 -0.58 -20.36 1.42
C ASP A 31 -1.14 -21.06 2.65
N THR A 32 -2.43 -20.85 2.92
CA THR A 32 -3.05 -21.38 4.13
C THR A 32 -3.01 -22.91 4.14
N GLU A 33 -2.99 -23.50 2.97
CA GLU A 33 -3.02 -24.96 2.84
C GLU A 33 -1.97 -25.60 3.74
N THR A 34 -0.78 -24.99 3.77
CA THR A 34 0.32 -25.51 4.58
C THR A 34 1.08 -24.38 5.26
N LEU A 35 0.50 -23.19 5.26
CA LEU A 35 1.18 -22.00 5.76
C LEU A 35 2.52 -21.81 5.07
N GLU A 36 2.48 -21.70 3.74
CA GLU A 36 3.70 -21.58 2.95
C GLU A 36 4.08 -20.12 2.74
N LYS A 37 5.16 -19.69 3.37
CA LYS A 37 5.62 -18.32 3.27
C LYS A 37 6.40 -18.10 1.98
N VAL A 38 5.87 -17.23 1.11
CA VAL A 38 6.56 -16.86 -0.12
C VAL A 38 6.52 -15.36 -0.34
N SER A 39 7.43 -14.87 -1.18
CA SER A 39 7.48 -13.45 -1.51
C SER A 39 6.38 -13.09 -2.51
N ILE A 40 6.22 -11.79 -2.75
CA ILE A 40 5.26 -11.32 -3.75
C ILE A 40 5.60 -11.86 -5.13
N THR A 41 6.89 -11.86 -5.47
CA THR A 41 7.35 -12.38 -6.75
C THR A 41 7.16 -13.89 -6.83
N GLU A 42 7.49 -14.58 -5.74
CA GLU A 42 7.48 -16.04 -5.73
C GLU A 42 6.05 -16.57 -5.89
N ALA A 43 5.11 -15.92 -5.22
CA ALA A 43 3.71 -16.31 -5.29
C ALA A 43 3.15 -16.13 -6.70
N MET A 44 3.54 -15.02 -7.33
CA MET A 44 3.20 -14.78 -8.74
C MET A 44 3.96 -15.73 -9.65
N HIS A 45 5.22 -16.00 -9.31
CA HIS A 45 6.11 -16.74 -10.19
C HIS A 45 5.69 -18.20 -10.29
N ARG A 46 5.16 -18.73 -9.18
CA ARG A 46 4.79 -20.14 -9.12
C ARG A 46 3.28 -20.31 -9.25
N ASN A 47 2.58 -20.16 -8.13
CA ASN A 47 1.14 -20.38 -8.10
C ASN A 47 0.54 -19.93 -6.78
N LEU A 48 -0.07 -18.74 -6.77
CA LEU A 48 -0.83 -18.28 -5.62
C LEU A 48 -1.52 -16.95 -5.93
N VAL A 49 -0.86 -16.10 -6.72
CA VAL A 49 -1.42 -14.82 -7.11
C VAL A 49 -1.15 -14.52 -8.57
N ASP A 50 -1.81 -13.49 -9.09
CA ASP A 50 -1.52 -12.99 -10.44
C ASP A 50 -0.63 -11.75 -10.36
N ASN A 51 -0.23 -11.26 -11.53
CA ASN A 51 0.61 -10.08 -11.61
C ASN A 51 -0.08 -8.87 -10.97
N ILE A 52 -1.39 -8.80 -11.14
CA ILE A 52 -2.15 -7.64 -10.67
C ILE A 52 -2.13 -7.56 -9.15
N THR A 53 -2.34 -8.69 -8.50
CA THR A 53 -2.38 -8.74 -7.04
C THR A 53 -1.02 -8.40 -6.45
N GLY A 54 0.03 -8.93 -7.05
CA GLY A 54 1.38 -8.63 -6.59
C GLY A 54 1.72 -7.16 -6.74
N GLN A 55 1.30 -6.56 -7.85
CA GLN A 55 1.52 -5.14 -8.08
C GLN A 55 0.77 -4.30 -7.06
N ARG A 56 -0.46 -4.70 -6.76
CA ARG A 56 -1.31 -3.94 -5.84
C ARG A 56 -0.75 -3.99 -4.42
N LEU A 57 -0.24 -5.16 -4.04
CA LEU A 57 0.33 -5.33 -2.70
C LEU A 57 1.61 -4.52 -2.55
N LEU A 58 2.43 -4.51 -3.59
CA LEU A 58 3.65 -3.70 -3.61
C LEU A 58 3.31 -2.21 -3.62
N GLU A 59 2.26 -1.85 -4.36
CA GLU A 59 1.75 -0.49 -4.33
C GLU A 59 1.23 -0.12 -2.95
N ALA A 60 0.60 -1.09 -2.28
CA ALA A 60 0.04 -0.86 -0.96
C ALA A 60 1.14 -0.60 0.07
N GLN A 61 2.25 -1.29 -0.08
CA GLN A 61 3.44 -1.02 0.72
C GLN A 61 4.05 0.32 0.33
N ALA A 62 4.00 0.64 -0.96
CA ALA A 62 4.47 1.94 -1.44
C ALA A 62 3.60 3.07 -0.89
N CYS A 63 2.31 2.81 -0.77
CA CYS A 63 1.39 3.80 -0.21
C CYS A 63 1.69 4.07 1.26
N THR A 64 2.34 3.10 1.91
CA THR A 64 2.83 3.29 3.27
C THR A 64 4.32 3.64 3.27
N GLY A 65 4.77 4.25 2.17
CA GLY A 65 6.16 4.69 2.10
C GLY A 65 7.01 3.76 1.25
N GLY A 66 7.95 3.08 1.89
CA GLY A 66 8.87 2.21 1.15
C GLY A 66 8.32 0.82 0.97
N ILE A 67 8.93 0.05 0.08
CA ILE A 67 8.59 -1.36 -0.10
C ILE A 67 9.08 -2.20 1.08
N ILE A 68 8.20 -3.05 1.60
CA ILE A 68 8.44 -3.71 2.87
C ILE A 68 8.86 -5.16 2.67
N ASP A 69 10.05 -5.49 3.13
CA ASP A 69 10.58 -6.85 2.99
C ASP A 69 10.18 -7.71 4.18
N PRO A 70 9.46 -8.81 3.89
CA PRO A 70 9.10 -9.81 4.90
C PRO A 70 10.33 -10.43 5.56
N SER A 71 10.55 -10.12 6.83
CA SER A 71 11.77 -10.50 7.52
C SER A 71 11.80 -9.92 8.93
N THR A 72 11.52 -8.63 9.04
CA THR A 72 11.45 -7.98 10.33
C THR A 72 10.97 -6.54 10.19
N GLY A 73 10.24 -6.26 9.12
CA GLY A 73 9.70 -4.93 8.90
C GLY A 73 10.70 -4.00 8.25
N GLU A 74 11.58 -4.56 7.43
CA GLU A 74 12.56 -3.76 6.71
C GLU A 74 11.91 -2.97 5.58
N ARG A 75 12.30 -1.71 5.45
CA ARG A 75 11.72 -0.83 4.45
C ARG A 75 12.79 -0.32 3.48
N PHE A 76 12.50 -0.44 2.18
CA PHE A 76 13.43 0.03 1.16
C PHE A 76 12.68 0.72 0.02
N PRO A 77 13.32 1.71 -0.61
CA PRO A 77 12.83 2.34 -1.83
C PRO A 77 12.53 1.33 -2.93
N VAL A 78 11.53 1.62 -3.75
CA VAL A 78 11.11 0.71 -4.80
C VAL A 78 12.27 0.37 -5.73
N THR A 79 13.13 1.36 -5.99
CA THR A 79 14.25 1.17 -6.90
C THR A 79 15.28 0.22 -6.32
N ASP A 80 15.52 0.33 -5.02
CA ASP A 80 16.42 -0.59 -4.32
C ASP A 80 15.79 -1.97 -4.19
N ALA A 81 14.48 -1.99 -3.96
CA ALA A 81 13.77 -3.24 -3.68
C ALA A 81 13.88 -4.20 -4.87
N VAL A 82 13.89 -3.65 -6.07
CA VAL A 82 14.06 -4.44 -7.28
C VAL A 82 15.44 -5.09 -7.32
N ASN A 83 16.45 -4.34 -6.88
CA ASN A 83 17.84 -4.77 -7.03
C ASN A 83 18.17 -5.91 -6.06
N LYS A 84 17.47 -5.94 -4.94
CA LYS A 84 17.69 -6.98 -3.93
C LYS A 84 16.43 -7.20 -3.09
N GLY A 85 15.33 -7.49 -3.76
CA GLY A 85 14.08 -7.75 -3.06
C GLY A 85 13.12 -8.60 -3.87
N LEU A 86 11.85 -8.21 -3.87
CA LEU A 86 10.82 -8.99 -4.55
C LEU A 86 9.98 -8.11 -5.47
N VAL A 87 10.60 -7.05 -5.98
CA VAL A 87 9.92 -6.14 -6.90
C VAL A 87 10.50 -6.25 -8.31
N ASP A 88 9.63 -6.15 -9.30
CA ASP A 88 10.05 -6.27 -10.71
C ASP A 88 10.43 -4.90 -11.27
N LYS A 89 11.31 -4.90 -12.25
CA LYS A 89 11.76 -3.66 -12.88
C LYS A 89 10.59 -2.91 -13.50
N ILE A 90 9.62 -3.66 -14.01
CA ILE A 90 8.52 -3.07 -14.78
C ILE A 90 7.57 -2.31 -13.86
N MET A 91 7.69 -2.54 -12.56
CA MET A 91 6.76 -1.96 -11.60
C MET A 91 7.36 -0.73 -10.93
N VAL A 92 8.60 -0.41 -11.27
CA VAL A 92 9.33 0.66 -10.62
C VAL A 92 8.63 2.00 -10.81
N ASP A 93 8.28 2.30 -12.06
CA ASP A 93 7.76 3.62 -12.42
C ASP A 93 6.39 3.85 -11.77
N ARG A 94 5.54 2.84 -11.85
CA ARG A 94 4.19 2.95 -11.31
C ARG A 94 4.21 3.02 -9.78
N ILE A 95 5.13 2.27 -9.17
CA ILE A 95 5.21 2.20 -7.73
C ILE A 95 5.97 3.41 -7.15
N ASN A 96 6.89 3.94 -7.94
CA ASN A 96 7.69 5.07 -7.49
C ASN A 96 6.83 6.30 -7.24
N LEU A 97 5.74 6.42 -8.01
CA LEU A 97 4.76 7.47 -7.79
C LEU A 97 4.08 7.31 -6.43
N ALA A 98 3.81 6.06 -6.05
CA ALA A 98 3.12 5.78 -4.81
C ALA A 98 4.01 6.05 -3.60
N GLN A 99 5.28 5.65 -3.71
CA GLN A 99 6.25 5.90 -2.65
C GLN A 99 6.57 7.39 -2.54
N LYS A 100 6.57 8.07 -3.69
CA LYS A 100 6.71 9.53 -3.71
C LYS A 100 5.49 10.19 -3.08
N ALA A 101 4.32 9.59 -3.27
CA ALA A 101 3.08 10.16 -2.76
C ALA A 101 3.07 10.18 -1.23
N PHE A 102 3.98 9.41 -0.63
CA PHE A 102 4.05 9.30 0.82
C PHE A 102 4.17 10.67 1.48
N CYS A 103 4.91 11.56 0.82
CA CYS A 103 5.00 12.95 1.28
C CYS A 103 4.61 13.90 0.16
N GLY A 104 3.66 13.48 -0.68
CA GLY A 104 3.17 14.34 -1.74
C GLY A 104 4.01 14.24 -2.99
N PHE A 105 3.39 14.50 -4.14
CA PHE A 105 4.11 14.50 -5.41
C PHE A 105 5.20 15.57 -5.43
N GLU A 106 4.80 16.83 -5.31
CA GLU A 106 5.74 17.91 -5.11
C GLU A 106 6.55 18.18 -6.39
N ASP A 107 6.99 19.42 -6.56
CA ASP A 107 7.82 19.79 -7.69
C ASP A 107 9.01 20.63 -7.25
N PRO A 108 10.11 20.54 -8.02
CA PRO A 108 11.32 21.34 -7.76
C PRO A 108 11.13 22.80 -8.13
N ARG A 109 10.67 23.59 -7.16
CA ARG A 109 10.24 24.96 -7.43
C ARG A 109 9.65 25.60 -6.19
N THR A 110 8.97 24.79 -5.37
CA THR A 110 8.39 25.28 -4.13
C THR A 110 8.77 24.38 -2.96
N LYS A 111 8.79 23.07 -3.20
CA LYS A 111 9.22 22.12 -2.19
C LYS A 111 8.47 22.34 -0.87
N THR A 112 7.15 22.27 -0.93
CA THR A 112 6.32 22.58 0.23
C THR A 112 5.87 21.31 0.95
N LYS A 113 5.88 20.20 0.23
CA LYS A 113 5.37 18.93 0.76
C LYS A 113 3.86 19.00 0.97
N MET A 114 3.17 17.92 0.60
CA MET A 114 1.71 17.92 0.60
C MET A 114 1.17 16.51 0.77
N SER A 115 -0.08 16.40 1.19
CA SER A 115 -0.78 15.12 1.20
C SER A 115 -1.32 14.79 -0.19
N ALA A 116 -1.59 13.50 -0.41
CA ALA A 116 -2.25 13.07 -1.65
C ALA A 116 -3.62 13.70 -1.79
N ALA A 117 -4.35 13.80 -0.67
CA ALA A 117 -5.67 14.41 -0.67
C ALA A 117 -5.59 15.89 -1.01
N GLN A 118 -4.56 16.56 -0.49
CA GLN A 118 -4.30 17.95 -0.86
C GLN A 118 -3.89 18.06 -2.32
N ALA A 119 -3.13 17.07 -2.80
CA ALA A 119 -2.70 17.04 -4.19
C ALA A 119 -3.88 16.92 -5.14
N LEU A 120 -4.91 16.20 -4.71
CA LEU A 120 -6.14 16.07 -5.48
C LEU A 120 -6.86 17.40 -5.58
N LYS A 121 -6.83 18.17 -4.51
CA LYS A 121 -7.44 19.50 -4.49
C LYS A 121 -6.71 20.44 -5.43
N LYS A 122 -5.43 20.17 -5.69
CA LYS A 122 -4.63 21.01 -6.56
C LYS A 122 -4.25 20.27 -7.84
N GLY A 123 -3.39 20.89 -8.64
CA GLY A 123 -2.84 20.21 -9.79
C GLY A 123 -1.52 19.52 -9.50
N TRP A 124 -1.40 19.00 -8.28
CA TRP A 124 -0.12 18.46 -7.81
C TRP A 124 0.00 16.97 -8.16
N LEU A 125 -1.13 16.29 -8.26
CA LEU A 125 -1.15 14.87 -8.57
C LEU A 125 -2.50 14.45 -9.14
N TYR A 126 -2.50 13.42 -9.98
CA TYR A 126 -3.73 12.89 -10.55
C TYR A 126 -4.74 12.57 -9.46
N TYR A 127 -6.02 12.81 -9.75
CA TYR A 127 -7.11 12.10 -9.09
C TYR A 127 -6.94 10.59 -9.25
N GLU A 128 -6.53 10.17 -10.45
CA GLU A 128 -6.38 8.75 -10.75
C GLU A 128 -5.34 8.12 -9.85
N ALA A 129 -4.19 8.79 -9.70
CA ALA A 129 -3.11 8.28 -8.89
C ALA A 129 -3.40 8.43 -7.41
N GLY A 130 -3.77 9.65 -7.00
CA GLY A 130 -3.98 9.94 -5.60
C GLY A 130 -5.12 9.14 -5.00
N GLN A 131 -6.21 9.01 -5.76
CA GLN A 131 -7.39 8.30 -5.28
C GLN A 131 -7.07 6.85 -4.97
N ARG A 132 -6.26 6.23 -5.83
CA ARG A 132 -5.84 4.84 -5.62
C ARG A 132 -4.96 4.71 -4.38
N PHE A 133 -4.13 5.72 -4.16
CA PHE A 133 -3.20 5.71 -3.02
C PHE A 133 -3.96 5.89 -1.71
N LEU A 134 -4.98 6.74 -1.74
CA LEU A 134 -5.72 7.09 -0.53
C LEU A 134 -6.57 5.91 -0.05
N GLU A 135 -7.13 5.16 -1.00
CA GLU A 135 -8.08 4.11 -0.68
C GLU A 135 -7.42 3.00 0.14
N VAL A 136 -6.20 2.65 -0.24
CA VAL A 136 -5.45 1.63 0.48
C VAL A 136 -5.07 2.10 1.88
N GLN A 137 -4.71 3.37 2.00
CA GLN A 137 -4.32 3.94 3.27
C GLN A 137 -5.50 3.97 4.23
N TYR A 138 -6.69 4.27 3.71
CA TYR A 138 -7.90 4.27 4.50
C TYR A 138 -8.22 2.86 5.01
N LEU A 139 -8.01 1.87 4.14
CA LEU A 139 -8.30 0.48 4.48
C LEU A 139 -7.36 -0.02 5.57
N THR A 140 -6.14 0.52 5.58
CA THR A 140 -5.17 0.17 6.61
C THR A 140 -5.34 1.04 7.86
N GLY A 141 -6.08 2.14 7.70
CA GLY A 141 -6.42 2.97 8.85
C GLY A 141 -6.86 4.36 8.45
N GLY A 142 -5.89 5.27 8.30
CA GLY A 142 -6.21 6.63 7.90
C GLY A 142 -5.36 7.08 6.73
N LEU A 143 -5.49 8.37 6.39
CA LEU A 143 -4.76 8.92 5.24
C LEU A 143 -3.39 9.44 5.67
N ILE A 144 -2.39 9.17 4.86
CA ILE A 144 -1.02 9.56 5.18
C ILE A 144 -0.68 10.93 4.60
N GLU A 145 -0.13 11.79 5.45
CA GLU A 145 0.31 13.11 5.01
C GLU A 145 1.57 13.54 5.75
N PRO A 146 2.43 14.32 5.07
CA PRO A 146 3.68 14.83 5.65
C PRO A 146 3.42 15.89 6.71
N ASP A 147 2.21 16.41 6.75
CA ASP A 147 1.82 17.40 7.75
C ASP A 147 1.84 16.79 9.15
N THR A 148 1.58 15.49 9.23
CA THR A 148 1.56 14.79 10.51
C THR A 148 2.63 13.70 10.56
N PRO A 149 3.01 13.30 11.78
CA PRO A 149 4.00 12.24 12.00
C PRO A 149 3.52 10.89 11.48
N GLY A 150 2.21 10.75 11.28
CA GLY A 150 1.66 9.49 10.85
C GLY A 150 0.39 9.66 10.03
N ARG A 151 -0.70 9.07 10.51
CA ARG A 151 -1.92 8.97 9.71
C ARG A 151 -3.03 9.83 10.33
N VAL A 152 -3.87 10.40 9.47
CA VAL A 152 -5.05 11.13 9.93
C VAL A 152 -6.33 10.42 9.51
N PRO A 153 -7.20 10.14 10.49
CA PRO A 153 -8.52 9.55 10.24
C PRO A 153 -9.34 10.37 9.24
N LEU A 154 -10.16 9.70 8.46
CA LEU A 154 -10.95 10.35 7.43
C LEU A 154 -11.84 11.45 8.03
N ASP A 155 -12.45 11.14 9.16
CA ASP A 155 -13.30 12.10 9.86
C ASP A 155 -12.48 13.29 10.36
N GLU A 156 -11.27 13.00 10.83
CA GLU A 156 -10.36 14.06 11.27
C GLU A 156 -9.83 14.85 10.08
N ALA A 157 -9.65 14.16 8.95
CA ALA A 157 -9.21 14.82 7.73
C ALA A 157 -10.23 15.82 7.23
N LEU A 158 -11.51 15.51 7.44
CA LEU A 158 -12.60 16.37 6.98
C LEU A 158 -12.56 17.71 7.71
N GLN A 159 -12.41 17.66 9.03
CA GLN A 159 -12.28 18.87 9.83
C GLN A 159 -10.93 19.53 9.62
N ARG A 160 -9.93 18.72 9.24
CA ARG A 160 -8.60 19.24 8.97
C ARG A 160 -8.56 19.97 7.63
N GLY A 161 -9.47 19.61 6.74
CA GLY A 161 -9.66 20.36 5.51
C GLY A 161 -8.96 19.72 4.33
N THR A 162 -8.12 18.74 4.61
CA THR A 162 -7.32 18.10 3.56
C THR A 162 -8.20 17.32 2.59
N VAL A 163 -9.37 16.90 3.07
CA VAL A 163 -10.37 16.28 2.21
C VAL A 163 -11.70 17.03 2.29
N ASP A 164 -12.54 16.84 1.30
CA ASP A 164 -13.92 17.31 1.36
C ASP A 164 -14.89 16.13 1.39
N ALA A 165 -16.19 16.44 1.48
CA ALA A 165 -17.21 15.40 1.58
C ALA A 165 -17.21 14.52 0.35
N ARG A 166 -17.05 15.13 -0.82
CA ARG A 166 -17.14 14.41 -2.09
C ARG A 166 -16.03 13.37 -2.20
N THR A 167 -14.84 13.73 -1.75
CA THR A 167 -13.72 12.80 -1.71
C THR A 167 -13.90 11.78 -0.60
N ALA A 168 -14.39 12.24 0.56
CA ALA A 168 -14.43 11.41 1.75
C ALA A 168 -15.37 10.23 1.57
N GLN A 169 -16.50 10.48 0.92
CA GLN A 169 -17.52 9.45 0.75
C GLN A 169 -17.00 8.29 -0.08
N LYS A 170 -16.11 8.60 -1.03
CA LYS A 170 -15.46 7.58 -1.84
C LYS A 170 -14.54 6.71 -0.99
N LEU A 171 -13.90 7.32 0.00
CA LEU A 171 -13.10 6.58 0.97
C LEU A 171 -14.00 5.72 1.86
N ARG A 172 -15.21 6.19 2.11
CA ARG A 172 -16.18 5.46 2.91
C ARG A 172 -16.75 4.28 2.12
N ASP A 173 -16.78 4.42 0.79
CA ASP A 173 -17.32 3.39 -0.07
C ASP A 173 -16.39 2.17 -0.12
N VAL A 174 -15.11 2.42 -0.34
CA VAL A 174 -14.13 1.35 -0.46
C VAL A 174 -13.97 0.60 0.85
N GLY A 175 -14.33 1.26 1.96
CA GLY A 175 -14.35 0.59 3.24
C GLY A 175 -15.46 -0.45 3.34
N ALA A 176 -16.45 -0.33 2.46
CA ALA A 176 -17.55 -1.29 2.42
C ALA A 176 -17.32 -2.35 1.36
N TYR A 177 -16.88 -1.91 0.18
CA TYR A 177 -16.72 -2.80 -0.97
C TYR A 177 -15.33 -3.43 -0.97
N SER A 178 -15.27 -4.68 -1.42
CA SER A 178 -13.98 -5.36 -1.58
C SER A 178 -13.14 -4.69 -2.67
N LYS A 179 -11.83 -4.74 -2.51
CA LYS A 179 -10.92 -4.13 -3.47
C LYS A 179 -10.50 -5.12 -4.55
N TYR A 180 -9.49 -5.92 -4.25
CA TYR A 180 -9.04 -6.97 -5.16
C TYR A 180 -7.93 -7.80 -4.52
N LEU A 181 -8.21 -8.35 -3.34
CA LEU A 181 -7.34 -9.35 -2.75
C LEU A 181 -8.03 -10.71 -2.69
N THR A 182 -7.28 -11.76 -3.02
CA THR A 182 -7.86 -13.11 -3.11
C THR A 182 -7.71 -13.85 -1.80
N CYS A 183 -8.85 -14.26 -1.22
CA CYS A 183 -8.85 -15.13 -0.05
C CYS A 183 -10.11 -15.96 0.01
N PRO A 184 -10.06 -17.17 -0.55
CA PRO A 184 -11.23 -18.03 -0.68
C PRO A 184 -11.62 -18.68 0.64
N LYS A 185 -12.14 -17.88 1.55
CA LYS A 185 -12.54 -18.37 2.87
C LYS A 185 -13.98 -17.95 3.18
N THR A 186 -14.60 -17.25 2.24
CA THR A 186 -16.00 -16.84 2.41
C THR A 186 -16.53 -16.21 1.12
N LYS A 187 -15.72 -15.37 0.49
CA LYS A 187 -16.16 -14.60 -0.66
C LYS A 187 -15.00 -14.28 -1.60
N LEU A 188 -13.89 -15.00 -1.41
CA LEU A 188 -12.71 -14.81 -2.24
C LEU A 188 -12.28 -13.36 -2.25
N LYS A 189 -13.02 -12.52 -3.00
CA LYS A 189 -12.64 -11.14 -3.22
C LYS A 189 -12.83 -10.31 -1.95
N ILE A 190 -11.73 -9.82 -1.39
CA ILE A 190 -11.77 -9.09 -0.14
C ILE A 190 -11.03 -7.76 -0.26
N SER A 191 -11.31 -6.85 0.67
CA SER A 191 -10.58 -5.59 0.75
C SER A 191 -9.30 -5.75 1.55
N TYR A 192 -8.49 -4.70 1.58
CA TYR A 192 -7.27 -4.68 2.39
C TYR A 192 -7.62 -4.77 3.88
N LYS A 193 -8.68 -4.09 4.27
CA LYS A 193 -9.14 -4.11 5.66
C LYS A 193 -9.59 -5.50 6.05
N ASP A 194 -10.28 -6.18 5.14
CA ASP A 194 -10.63 -7.59 5.33
C ASP A 194 -9.39 -8.47 5.36
N ALA A 195 -8.43 -8.15 4.49
CA ALA A 195 -7.20 -8.94 4.40
C ALA A 195 -6.39 -8.85 5.68
N LEU A 196 -6.36 -7.66 6.28
CA LEU A 196 -5.58 -7.43 7.49
C LEU A 196 -6.15 -8.21 8.66
N ASP A 197 -7.49 -8.29 8.71
CA ASP A 197 -8.16 -9.06 9.74
C ASP A 197 -7.95 -10.56 9.53
N ARG A 198 -7.79 -10.96 8.28
CA ARG A 198 -7.71 -12.36 7.92
C ARG A 198 -6.27 -12.76 7.60
N SER A 199 -5.37 -11.79 7.68
CA SER A 199 -3.95 -12.06 7.48
C SER A 199 -3.37 -12.83 8.67
N MET A 200 -2.20 -13.45 8.45
CA MET A 200 -1.54 -14.21 9.49
C MET A 200 -0.13 -13.69 9.74
N VAL A 201 0.22 -13.52 11.01
CA VAL A 201 1.60 -13.24 11.39
C VAL A 201 2.38 -14.52 11.63
N GLU A 202 3.53 -14.64 10.98
CA GLU A 202 4.30 -15.88 11.01
C GLU A 202 4.48 -16.38 12.44
N GLU A 203 5.19 -15.60 13.25
CA GLU A 203 5.40 -15.94 14.65
C GLU A 203 6.15 -14.84 15.38
N GLY A 204 7.27 -14.40 14.80
CA GLY A 204 8.03 -13.32 15.38
C GLY A 204 8.45 -12.28 14.35
N THR A 205 7.94 -11.06 14.49
CA THR A 205 8.19 -10.00 13.52
C THR A 205 8.12 -10.55 12.09
N GLY A 206 7.06 -11.32 11.81
CA GLY A 206 6.88 -11.85 10.48
C GLY A 206 5.93 -11.00 9.65
N LEU A 207 5.69 -9.77 10.08
CA LEU A 207 4.74 -8.89 9.42
C LEU A 207 3.39 -9.58 9.24
N ARG A 208 2.54 -8.99 8.41
CA ARG A 208 1.33 -9.66 7.96
C ARG A 208 1.59 -10.49 6.71
N LEU A 209 1.10 -11.72 6.69
CA LEU A 209 1.07 -12.51 5.47
C LEU A 209 -0.36 -12.69 4.96
N LEU A 210 -0.54 -12.52 3.66
CA LEU A 210 -1.87 -12.61 3.06
C LEU A 210 -2.26 -14.07 2.85
N GLU A 211 -3.37 -14.48 3.48
CA GLU A 211 -3.79 -15.87 3.46
C GLU A 211 -4.58 -16.18 2.19
N ALA A 212 -4.20 -17.25 1.50
CA ALA A 212 -4.99 -17.75 0.39
C ALA A 212 -4.79 -19.25 0.21
N ALA A 213 -5.70 -19.88 -0.53
CA ALA A 213 -5.64 -21.32 -0.74
C ALA A 213 -5.75 -21.66 -2.23
N ALA A 214 -4.62 -21.66 -2.92
CA ALA A 214 -4.60 -21.94 -4.35
C ALA A 214 -5.21 -23.31 -4.65
N GLN A 215 -4.68 -24.35 -4.02
CA GLN A 215 -5.21 -25.70 -4.17
C GLN A 215 -5.09 -26.17 -5.61
N MET A 1 18.50 13.37 4.23
CA MET A 1 19.18 12.42 5.10
C MET A 1 18.55 11.04 5.00
N GLY A 2 18.20 10.64 3.77
CA GLY A 2 17.69 9.29 3.55
C GLY A 2 16.19 9.27 3.36
N HIS A 3 15.74 9.58 2.15
CA HIS A 3 14.38 9.24 1.73
C HIS A 3 14.13 9.68 0.29
N HIS A 4 14.20 8.73 -0.63
CA HIS A 4 14.27 9.04 -2.05
C HIS A 4 13.26 8.23 -2.86
N HIS A 5 12.57 8.89 -3.77
CA HIS A 5 11.86 8.20 -4.85
C HIS A 5 12.76 8.01 -6.06
N HIS A 6 12.22 7.37 -7.10
CA HIS A 6 12.99 7.09 -8.30
C HIS A 6 13.54 8.37 -8.91
N HIS A 7 12.65 9.20 -9.44
CA HIS A 7 13.03 10.23 -10.40
C HIS A 7 14.31 9.84 -11.14
N HIS A 8 15.17 10.82 -11.38
CA HIS A 8 16.44 10.57 -12.06
C HIS A 8 17.58 10.51 -11.05
N SER A 9 18.06 11.68 -10.64
CA SER A 9 19.08 11.76 -9.59
C SER A 9 19.25 13.19 -9.10
N HIS A 10 19.30 13.36 -7.79
CA HIS A 10 19.70 14.64 -7.20
C HIS A 10 20.87 14.45 -6.24
N MET A 11 21.42 15.54 -5.74
CA MET A 11 22.37 15.50 -4.63
C MET A 11 22.01 16.54 -3.57
N GLN A 12 21.49 16.06 -2.44
CA GLN A 12 20.97 16.95 -1.41
C GLN A 12 20.48 16.15 -0.21
N LEU A 13 20.55 16.76 0.97
CA LEU A 13 20.05 16.13 2.19
C LEU A 13 19.06 17.05 2.90
N ALA A 14 17.78 16.70 2.82
CA ALA A 14 16.74 17.48 3.47
C ALA A 14 15.51 16.62 3.77
N SER A 15 15.68 15.67 4.69
CA SER A 15 14.57 14.83 5.14
C SER A 15 14.35 14.96 6.64
N TRP A 16 13.21 14.48 7.11
CA TRP A 16 12.89 14.52 8.53
C TRP A 16 12.63 13.12 9.07
N SER A 17 13.69 12.40 9.42
CA SER A 17 13.57 11.05 9.93
C SER A 17 13.71 11.04 11.45
N ASP A 18 13.28 9.93 12.07
CA ASP A 18 13.34 9.80 13.52
C ASP A 18 12.76 8.46 13.96
N PRO A 19 11.59 8.11 13.41
CA PRO A 19 10.89 6.86 13.74
C PRO A 19 11.43 5.67 12.95
N THR A 20 10.90 4.49 13.24
CA THR A 20 11.26 3.28 12.49
C THR A 20 10.09 2.79 11.64
N GLU A 21 8.99 2.45 12.29
CA GLU A 21 7.78 2.05 11.58
C GLU A 21 8.05 0.90 10.63
N GLU A 22 7.72 1.09 9.35
CA GLU A 22 7.88 0.04 8.36
C GLU A 22 7.00 -1.16 8.68
N THR A 23 5.72 -0.91 8.88
CA THR A 23 4.76 -1.98 9.14
C THR A 23 3.56 -1.88 8.20
N GLY A 24 3.77 -2.23 6.94
CA GLY A 24 2.76 -2.01 5.93
C GLY A 24 1.82 -3.19 5.78
N PRO A 25 0.74 -2.99 5.01
CA PRO A 25 -0.24 -4.05 4.75
C PRO A 25 0.35 -5.20 3.94
N VAL A 26 0.43 -6.38 4.55
CA VAL A 26 0.90 -7.57 3.87
C VAL A 26 2.35 -7.42 3.43
N ALA A 27 3.25 -8.07 4.15
CA ALA A 27 4.67 -8.08 3.78
C ALA A 27 4.96 -9.16 2.75
N GLY A 28 4.24 -10.28 2.84
CA GLY A 28 4.51 -11.41 1.97
C GLY A 28 3.32 -12.34 1.85
N ILE A 29 3.53 -13.48 1.19
CA ILE A 29 2.43 -14.39 0.87
C ILE A 29 2.56 -15.69 1.67
N LEU A 30 1.42 -16.19 2.14
CA LEU A 30 1.39 -17.46 2.85
C LEU A 30 0.34 -18.40 2.25
N ASP A 31 0.78 -19.60 1.87
CA ASP A 31 -0.14 -20.64 1.42
C ASP A 31 -0.73 -21.39 2.62
N THR A 32 -2.02 -21.21 2.85
CA THR A 32 -2.65 -21.72 4.07
C THR A 32 -2.58 -23.24 4.14
N GLU A 33 -2.46 -23.88 2.97
CA GLU A 33 -2.45 -25.33 2.90
C GLU A 33 -1.38 -25.92 3.80
N THR A 34 -0.25 -25.22 3.90
CA THR A 34 0.85 -25.65 4.77
C THR A 34 1.53 -24.44 5.41
N LEU A 35 0.87 -23.30 5.37
CA LEU A 35 1.44 -22.06 5.89
C LEU A 35 2.79 -21.77 5.24
N GLU A 36 2.85 -21.92 3.92
CA GLU A 36 4.10 -21.72 3.19
C GLU A 36 4.40 -20.23 3.04
N LYS A 37 5.15 -19.68 3.99
CA LYS A 37 5.59 -18.30 3.93
C LYS A 37 6.60 -18.10 2.81
N VAL A 38 6.25 -17.27 1.84
CA VAL A 38 7.13 -16.97 0.71
C VAL A 38 7.19 -15.48 0.43
N SER A 39 8.21 -15.05 -0.30
CA SER A 39 8.35 -13.66 -0.70
C SER A 39 7.34 -13.31 -1.80
N ILE A 40 7.21 -12.02 -2.08
CA ILE A 40 6.31 -11.56 -3.14
C ILE A 40 6.71 -12.13 -4.50
N THR A 41 8.02 -12.13 -4.77
CA THR A 41 8.54 -12.69 -6.00
C THR A 41 8.32 -14.20 -6.06
N GLU A 42 8.57 -14.87 -4.95
CA GLU A 42 8.47 -16.33 -4.89
C GLU A 42 7.03 -16.77 -5.12
N ALA A 43 6.09 -16.00 -4.60
CA ALA A 43 4.67 -16.27 -4.82
C ALA A 43 4.30 -16.08 -6.28
N MET A 44 4.77 -15.00 -6.88
CA MET A 44 4.49 -14.72 -8.28
C MET A 44 5.16 -15.75 -9.19
N HIS A 45 6.31 -16.25 -8.76
CA HIS A 45 7.16 -17.06 -9.64
C HIS A 45 6.43 -18.33 -10.07
N ARG A 46 5.66 -18.91 -9.17
CA ARG A 46 4.84 -20.06 -9.49
C ARG A 46 4.22 -20.67 -8.22
N ASN A 47 3.50 -19.84 -7.47
CA ASN A 47 2.82 -20.31 -6.27
C ASN A 47 1.32 -20.43 -6.52
N LEU A 48 0.64 -19.29 -6.57
CA LEU A 48 -0.82 -19.27 -6.71
C LEU A 48 -1.30 -17.88 -7.10
N VAL A 49 -0.44 -16.88 -6.92
CA VAL A 49 -0.79 -15.50 -7.22
C VAL A 49 -0.44 -15.17 -8.67
N ASP A 50 -0.85 -13.98 -9.12
CA ASP A 50 -0.38 -13.44 -10.38
C ASP A 50 0.46 -12.19 -10.15
N ASN A 51 0.97 -11.61 -11.24
CA ASN A 51 1.69 -10.35 -11.17
C ASN A 51 0.83 -9.26 -10.56
N ILE A 52 -0.45 -9.23 -10.93
CA ILE A 52 -1.32 -8.13 -10.59
C ILE A 52 -1.55 -8.06 -9.08
N THR A 53 -1.74 -9.21 -8.46
CA THR A 53 -1.90 -9.29 -7.01
C THR A 53 -0.62 -8.86 -6.29
N GLY A 54 0.52 -9.29 -6.82
CA GLY A 54 1.80 -8.83 -6.29
C GLY A 54 1.97 -7.33 -6.41
N GLN A 55 1.54 -6.78 -7.54
CA GLN A 55 1.65 -5.35 -7.78
C GLN A 55 0.78 -4.57 -6.77
N ARG A 56 -0.43 -5.08 -6.52
CA ARG A 56 -1.37 -4.41 -5.64
C ARG A 56 -0.83 -4.37 -4.21
N LEU A 57 -0.23 -5.48 -3.77
CA LEU A 57 0.33 -5.56 -2.44
C LEU A 57 1.57 -4.69 -2.32
N LEU A 58 2.37 -4.65 -3.38
CA LEU A 58 3.54 -3.78 -3.44
C LEU A 58 3.13 -2.31 -3.41
N GLU A 59 2.03 -2.00 -4.08
CA GLU A 59 1.44 -0.66 -4.01
C GLU A 59 0.97 -0.36 -2.59
N ALA A 60 0.44 -1.38 -1.92
CA ALA A 60 -0.02 -1.23 -0.55
C ALA A 60 1.16 -0.95 0.38
N GLN A 61 2.30 -1.57 0.11
CA GLN A 61 3.54 -1.24 0.80
C GLN A 61 4.05 0.13 0.37
N ALA A 62 3.82 0.47 -0.89
CA ALA A 62 4.22 1.78 -1.41
C ALA A 62 3.44 2.90 -0.73
N CYS A 63 2.17 2.64 -0.42
CA CYS A 63 1.35 3.60 0.31
C CYS A 63 1.90 3.83 1.71
N THR A 64 2.65 2.86 2.21
CA THR A 64 3.45 3.05 3.41
C THR A 64 4.91 3.32 3.07
N GLY A 65 5.13 4.12 2.02
CA GLY A 65 6.48 4.57 1.71
C GLY A 65 7.21 3.61 0.79
N GLY A 66 8.27 3.00 1.30
CA GLY A 66 9.10 2.14 0.48
C GLY A 66 8.59 0.71 0.44
N ILE A 67 9.19 -0.11 -0.41
CA ILE A 67 8.80 -1.51 -0.52
C ILE A 67 9.36 -2.33 0.64
N ILE A 68 8.50 -3.16 1.24
CA ILE A 68 8.84 -3.84 2.47
C ILE A 68 9.17 -5.31 2.22
N ASP A 69 10.37 -5.71 2.61
CA ASP A 69 10.85 -7.07 2.34
C ASP A 69 10.48 -8.01 3.47
N PRO A 70 9.65 -9.01 3.16
CA PRO A 70 9.29 -10.06 4.12
C PRO A 70 10.50 -10.86 4.59
N SER A 71 10.88 -10.64 5.85
CA SER A 71 12.18 -11.09 6.33
C SER A 71 12.42 -10.62 7.77
N THR A 72 12.16 -9.34 8.01
CA THR A 72 12.24 -8.78 9.35
C THR A 72 11.79 -7.32 9.37
N GLY A 73 10.96 -6.95 8.41
CA GLY A 73 10.34 -5.64 8.43
C GLY A 73 11.25 -4.55 7.89
N GLU A 74 12.24 -4.95 7.09
CA GLU A 74 13.09 -4.00 6.40
C GLU A 74 12.36 -3.34 5.24
N ARG A 75 12.59 -2.04 5.06
CA ARG A 75 11.88 -1.27 4.04
C ARG A 75 12.86 -0.49 3.19
N PHE A 76 12.74 -0.66 1.86
CA PHE A 76 13.62 0.03 0.92
C PHE A 76 12.82 0.67 -0.20
N PRO A 77 13.35 1.76 -0.77
CA PRO A 77 12.78 2.40 -1.96
C PRO A 77 12.54 1.39 -3.09
N VAL A 78 11.55 1.68 -3.93
CA VAL A 78 11.11 0.73 -4.95
C VAL A 78 12.28 0.33 -5.84
N THR A 79 13.18 1.27 -6.11
CA THR A 79 14.33 1.01 -6.96
C THR A 79 15.31 0.06 -6.28
N ASP A 80 15.46 0.21 -4.97
CA ASP A 80 16.33 -0.66 -4.20
C ASP A 80 15.73 -2.05 -4.06
N ALA A 81 14.41 -2.11 -3.97
CA ALA A 81 13.69 -3.38 -3.96
C ALA A 81 13.87 -4.13 -5.27
N VAL A 82 13.96 -3.39 -6.36
CA VAL A 82 14.32 -3.96 -7.65
C VAL A 82 15.79 -4.37 -7.67
N ASN A 83 16.65 -3.54 -7.07
CA ASN A 83 18.09 -3.73 -7.15
C ASN A 83 18.51 -4.92 -6.29
N LYS A 84 17.81 -5.14 -5.19
CA LYS A 84 18.11 -6.24 -4.28
C LYS A 84 16.89 -6.60 -3.43
N GLY A 85 15.77 -6.86 -4.09
CA GLY A 85 14.57 -7.24 -3.38
C GLY A 85 13.66 -8.13 -4.20
N LEU A 86 12.37 -7.81 -4.21
CA LEU A 86 11.37 -8.68 -4.84
C LEU A 86 10.45 -7.87 -5.74
N VAL A 87 10.98 -6.81 -6.35
CA VAL A 87 10.22 -6.00 -7.29
C VAL A 87 10.86 -6.02 -8.67
N ASP A 88 10.02 -6.01 -9.70
CA ASP A 88 10.50 -5.98 -11.08
C ASP A 88 10.65 -4.55 -11.57
N LYS A 89 11.53 -4.36 -12.55
CA LYS A 89 11.76 -3.04 -13.13
C LYS A 89 10.47 -2.46 -13.69
N ILE A 90 9.62 -3.33 -14.22
CA ILE A 90 8.39 -2.90 -14.87
C ILE A 90 7.39 -2.35 -13.86
N MET A 91 7.64 -2.61 -12.58
CA MET A 91 6.72 -2.24 -11.52
C MET A 91 7.13 -0.91 -10.87
N VAL A 92 8.31 -0.42 -11.25
CA VAL A 92 8.86 0.78 -10.65
C VAL A 92 7.96 1.98 -10.89
N ASP A 93 7.59 2.19 -12.16
CA ASP A 93 6.87 3.38 -12.55
C ASP A 93 5.46 3.40 -11.95
N ARG A 94 4.79 2.26 -11.99
CA ARG A 94 3.44 2.15 -11.47
C ARG A 94 3.43 2.27 -9.94
N ILE A 95 4.48 1.75 -9.31
CA ILE A 95 4.64 1.86 -7.86
C ILE A 95 5.15 3.24 -7.48
N ASN A 96 5.89 3.87 -8.38
CA ASN A 96 6.59 5.10 -8.07
C ASN A 96 5.61 6.23 -7.72
N LEU A 97 4.45 6.19 -8.36
CA LEU A 97 3.45 7.24 -8.18
C LEU A 97 2.95 7.27 -6.74
N ALA A 98 2.77 6.09 -6.15
CA ALA A 98 2.41 5.99 -4.74
C ALA A 98 3.60 6.36 -3.86
N GLN A 99 4.80 6.01 -4.31
CA GLN A 99 6.02 6.35 -3.57
C GLN A 99 6.21 7.86 -3.52
N LYS A 100 5.88 8.54 -4.60
CA LYS A 100 5.94 10.00 -4.65
C LYS A 100 4.94 10.62 -3.68
N ALA A 101 3.77 10.00 -3.57
CA ALA A 101 2.70 10.54 -2.75
C ALA A 101 3.06 10.50 -1.27
N PHE A 102 3.78 9.45 -0.87
CA PHE A 102 4.20 9.30 0.52
C PHE A 102 5.33 10.28 0.85
N CYS A 103 6.27 10.42 -0.08
CA CYS A 103 7.46 11.23 0.15
C CYS A 103 7.11 12.71 0.28
N GLY A 104 6.07 13.12 -0.45
CA GLY A 104 5.68 14.52 -0.45
C GLY A 104 5.01 14.94 -1.74
N PHE A 105 5.41 14.31 -2.84
CA PHE A 105 4.86 14.65 -4.16
C PHE A 105 5.20 16.08 -4.53
N GLU A 106 6.37 16.55 -4.09
CA GLU A 106 6.82 17.90 -4.41
C GLU A 106 7.81 17.87 -5.58
N ASP A 107 7.95 19.01 -6.25
CA ASP A 107 9.04 19.22 -7.18
C ASP A 107 10.18 19.99 -6.53
N PRO A 108 11.42 19.73 -6.98
CA PRO A 108 12.62 20.38 -6.44
C PRO A 108 12.66 21.88 -6.74
N ARG A 109 11.72 22.33 -7.56
CA ARG A 109 11.66 23.74 -7.95
C ARG A 109 10.61 24.49 -7.12
N THR A 110 9.65 23.75 -6.58
CA THR A 110 8.59 24.34 -5.78
C THR A 110 8.12 23.37 -4.70
N LYS A 111 8.04 23.86 -3.47
CA LYS A 111 7.69 23.01 -2.33
C LYS A 111 6.41 23.51 -1.65
N THR A 112 5.27 23.05 -2.14
CA THR A 112 3.99 23.56 -1.69
C THR A 112 3.58 22.99 -0.35
N LYS A 113 4.27 21.94 0.07
CA LYS A 113 3.91 21.21 1.28
C LYS A 113 2.52 20.60 1.15
N MET A 114 2.36 19.70 0.19
CA MET A 114 1.05 19.14 -0.11
C MET A 114 0.91 17.74 0.48
N SER A 115 -0.33 17.35 0.78
CA SER A 115 -0.65 15.95 1.04
C SER A 115 -1.19 15.27 -0.21
N ALA A 116 -1.29 13.95 -0.17
CA ALA A 116 -1.93 13.19 -1.23
C ALA A 116 -3.40 13.57 -1.38
N ALA A 117 -4.06 13.79 -0.25
CA ALA A 117 -5.46 14.20 -0.25
C ALA A 117 -5.62 15.60 -0.84
N GLN A 118 -4.68 16.48 -0.54
CA GLN A 118 -4.66 17.82 -1.14
C GLN A 118 -4.32 17.75 -2.62
N ALA A 119 -3.51 16.76 -2.99
CA ALA A 119 -3.22 16.50 -4.40
C ALA A 119 -4.49 16.14 -5.17
N LEU A 120 -5.39 15.43 -4.50
CA LEU A 120 -6.73 15.21 -5.04
C LEU A 120 -7.54 16.49 -5.02
N LYS A 121 -7.38 17.28 -3.97
CA LYS A 121 -8.08 18.55 -3.83
C LYS A 121 -7.66 19.52 -4.93
N LYS A 122 -6.44 19.36 -5.43
CA LYS A 122 -5.92 20.22 -6.49
C LYS A 122 -5.71 19.41 -7.77
N GLY A 123 -5.12 20.05 -8.78
CA GLY A 123 -4.81 19.38 -10.03
C GLY A 123 -3.43 18.73 -10.02
N TRP A 124 -3.08 18.09 -8.91
CA TRP A 124 -1.74 17.58 -8.72
C TRP A 124 -1.69 16.07 -8.95
N LEU A 125 -2.76 15.39 -8.59
CA LEU A 125 -2.84 13.94 -8.74
C LEU A 125 -4.27 13.49 -9.03
N TYR A 126 -4.40 12.52 -9.92
CA TYR A 126 -5.69 12.17 -10.49
C TYR A 126 -6.41 11.13 -9.64
N TYR A 127 -7.72 11.03 -9.82
CA TYR A 127 -8.58 10.34 -8.86
C TYR A 127 -8.15 8.88 -8.72
N GLU A 128 -7.90 8.23 -9.85
CA GLU A 128 -7.75 6.79 -9.89
C GLU A 128 -6.59 6.33 -9.02
N ALA A 129 -5.49 7.09 -9.08
CA ALA A 129 -4.30 6.77 -8.29
C ALA A 129 -4.46 7.24 -6.85
N GLY A 130 -4.83 8.52 -6.69
CA GLY A 130 -4.87 9.11 -5.37
C GLY A 130 -5.87 8.42 -4.45
N GLN A 131 -7.04 8.12 -4.99
CA GLN A 131 -8.08 7.42 -4.22
C GLN A 131 -7.60 6.04 -3.79
N ARG A 132 -6.85 5.38 -4.67
CA ARG A 132 -6.27 4.08 -4.35
C ARG A 132 -5.25 4.20 -3.22
N PHE A 133 -4.46 5.27 -3.25
CA PHE A 133 -3.41 5.46 -2.27
C PHE A 133 -4.00 5.79 -0.89
N LEU A 134 -5.08 6.56 -0.90
CA LEU A 134 -5.73 6.97 0.34
C LEU A 134 -6.48 5.81 0.98
N GLU A 135 -7.08 4.97 0.14
CA GLU A 135 -7.94 3.90 0.62
C GLU A 135 -7.17 2.92 1.50
N VAL A 136 -5.97 2.56 1.07
CA VAL A 136 -5.14 1.61 1.80
C VAL A 136 -4.74 2.16 3.16
N GLN A 137 -4.37 3.44 3.19
CA GLN A 137 -4.03 4.11 4.44
C GLN A 137 -5.27 4.25 5.33
N TYR A 138 -6.40 4.53 4.71
CA TYR A 138 -7.66 4.69 5.44
C TYR A 138 -8.04 3.39 6.15
N LEU A 139 -7.81 2.26 5.48
CA LEU A 139 -8.19 0.97 6.01
C LEU A 139 -7.43 0.66 7.30
N THR A 140 -6.21 1.17 7.40
CA THR A 140 -5.38 0.95 8.57
C THR A 140 -5.70 1.94 9.68
N GLY A 141 -6.07 3.16 9.29
CA GLY A 141 -6.57 4.12 10.24
C GLY A 141 -6.95 5.43 9.59
N GLY A 142 -5.95 6.22 9.22
CA GLY A 142 -6.20 7.53 8.64
C GLY A 142 -5.33 7.80 7.43
N LEU A 143 -5.33 9.05 6.97
CA LEU A 143 -4.59 9.42 5.77
C LEU A 143 -3.23 10.01 6.13
N ILE A 144 -2.17 9.46 5.53
CA ILE A 144 -0.82 9.83 5.91
C ILE A 144 -0.41 11.15 5.27
N GLU A 145 0.11 12.07 6.09
CA GLU A 145 0.53 13.37 5.60
C GLU A 145 2.01 13.60 5.88
N PRO A 146 2.75 14.01 4.84
CA PRO A 146 4.21 14.16 4.91
C PRO A 146 4.63 15.31 5.80
N ASP A 147 3.74 16.28 5.97
CA ASP A 147 3.99 17.40 6.87
C ASP A 147 3.97 16.97 8.32
N THR A 148 3.20 15.92 8.61
CA THR A 148 3.05 15.43 9.97
C THR A 148 3.98 14.25 10.24
N PRO A 149 4.26 14.00 11.52
CA PRO A 149 5.08 12.84 11.93
C PRO A 149 4.38 11.52 11.66
N GLY A 150 3.07 11.59 11.41
CA GLY A 150 2.28 10.38 11.24
C GLY A 150 1.11 10.58 10.31
N ARG A 151 -0.05 10.08 10.71
CA ARG A 151 -1.23 10.09 9.85
C ARG A 151 -2.37 10.88 10.49
N VAL A 152 -3.20 11.49 9.66
CA VAL A 152 -4.32 12.29 10.15
C VAL A 152 -5.65 11.58 9.87
N PRO A 153 -6.47 11.42 10.93
CA PRO A 153 -7.82 10.86 10.81
C PRO A 153 -8.67 11.62 9.79
N LEU A 154 -9.54 10.91 9.10
CA LEU A 154 -10.40 11.50 8.09
C LEU A 154 -11.25 12.61 8.69
N ASP A 155 -11.77 12.37 9.89
CA ASP A 155 -12.58 13.36 10.59
C ASP A 155 -11.75 14.60 10.93
N GLU A 156 -10.50 14.38 11.31
CA GLU A 156 -9.58 15.47 11.59
C GLU A 156 -9.16 16.17 10.29
N ALA A 157 -9.06 15.41 9.22
CA ALA A 157 -8.75 15.96 7.91
C ALA A 157 -9.82 16.95 7.46
N LEU A 158 -11.07 16.65 7.80
CA LEU A 158 -12.18 17.52 7.45
C LEU A 158 -12.08 18.86 8.15
N GLN A 159 -11.82 18.82 9.46
CA GLN A 159 -11.73 20.04 10.26
C GLN A 159 -10.44 20.79 9.96
N ARG A 160 -9.45 20.08 9.43
CA ARG A 160 -8.25 20.71 8.90
C ARG A 160 -8.50 21.31 7.53
N GLY A 161 -9.53 20.81 6.85
CA GLY A 161 -9.88 21.33 5.54
C GLY A 161 -9.12 20.64 4.42
N THR A 162 -8.16 19.80 4.79
CA THR A 162 -7.28 19.17 3.81
C THR A 162 -8.06 18.25 2.88
N VAL A 163 -9.22 17.80 3.34
CA VAL A 163 -10.17 17.12 2.47
C VAL A 163 -11.51 17.84 2.44
N ASP A 164 -12.24 17.68 1.35
CA ASP A 164 -13.60 18.20 1.26
C ASP A 164 -14.62 17.15 1.72
N ALA A 165 -15.86 17.57 1.87
CA ALA A 165 -16.93 16.65 2.22
C ALA A 165 -17.11 15.58 1.15
N ARG A 166 -16.95 15.96 -0.11
CA ARG A 166 -17.03 15.02 -1.22
C ARG A 166 -15.89 14.00 -1.14
N THR A 167 -14.72 14.46 -0.73
CA THR A 167 -13.56 13.58 -0.60
C THR A 167 -13.75 12.59 0.56
N ALA A 168 -14.27 13.09 1.67
CA ALA A 168 -14.35 12.30 2.90
C ALA A 168 -15.32 11.13 2.73
N GLN A 169 -16.45 11.38 2.09
CA GLN A 169 -17.45 10.34 1.85
C GLN A 169 -16.91 9.29 0.88
N LYS A 170 -16.04 9.72 -0.03
CA LYS A 170 -15.39 8.80 -0.94
C LYS A 170 -14.41 7.89 -0.20
N LEU A 171 -13.77 8.44 0.82
CA LEU A 171 -12.91 7.65 1.71
C LEU A 171 -13.75 6.73 2.59
N ARG A 172 -14.95 7.19 2.95
CA ARG A 172 -15.86 6.38 3.75
C ARG A 172 -16.49 5.28 2.91
N ASP A 173 -16.58 5.52 1.61
CA ASP A 173 -17.16 4.54 0.69
C ASP A 173 -16.07 3.72 -0.01
N VAL A 174 -15.32 2.96 0.79
CA VAL A 174 -14.27 2.10 0.25
C VAL A 174 -14.86 1.01 -0.64
N GLY A 175 -16.12 0.66 -0.38
CA GLY A 175 -16.73 -0.45 -1.07
C GLY A 175 -16.93 -0.19 -2.55
N ALA A 176 -16.83 1.08 -2.94
CA ALA A 176 -16.97 1.46 -4.33
C ALA A 176 -15.90 0.80 -5.19
N TYR A 177 -14.68 0.73 -4.66
CA TYR A 177 -13.56 0.13 -5.39
C TYR A 177 -13.63 -1.39 -5.33
N SER A 178 -13.54 -2.02 -6.49
CA SER A 178 -13.61 -3.48 -6.58
C SER A 178 -12.30 -4.12 -6.14
N LYS A 179 -12.40 -5.16 -5.32
CA LYS A 179 -11.23 -5.91 -4.89
C LYS A 179 -11.22 -7.31 -5.50
N TYR A 180 -10.10 -8.01 -5.36
CA TYR A 180 -9.96 -9.34 -5.93
C TYR A 180 -8.89 -10.14 -5.17
N LEU A 181 -9.09 -10.30 -3.88
CA LEU A 181 -8.20 -11.13 -3.06
C LEU A 181 -8.88 -12.43 -2.67
N THR A 182 -8.22 -13.55 -2.97
CA THR A 182 -8.75 -14.86 -2.63
C THR A 182 -8.07 -15.42 -1.38
N CYS A 183 -8.87 -15.97 -0.48
CA CYS A 183 -8.35 -16.56 0.76
C CYS A 183 -9.37 -17.50 1.38
N PRO A 184 -10.61 -17.00 1.56
CA PRO A 184 -11.73 -17.82 2.04
C PRO A 184 -12.20 -18.83 1.00
N LYS A 185 -12.52 -20.03 1.45
CA LYS A 185 -13.05 -21.06 0.56
C LYS A 185 -14.58 -21.07 0.60
N THR A 186 -15.19 -20.00 0.11
CA THR A 186 -16.63 -19.85 0.17
C THR A 186 -17.08 -18.58 -0.56
N LYS A 187 -16.30 -17.52 -0.43
CA LYS A 187 -16.56 -16.28 -1.13
C LYS A 187 -15.40 -15.90 -2.04
N LEU A 188 -14.26 -16.54 -1.82
CA LEU A 188 -13.05 -16.25 -2.59
C LEU A 188 -12.68 -14.78 -2.47
N LYS A 189 -13.21 -13.96 -3.38
CA LYS A 189 -12.79 -12.57 -3.50
C LYS A 189 -13.48 -11.70 -2.45
N ILE A 190 -12.68 -11.02 -1.63
CA ILE A 190 -13.22 -10.09 -0.65
C ILE A 190 -12.46 -8.77 -0.68
N SER A 191 -12.94 -7.80 0.09
CA SER A 191 -12.28 -6.50 0.19
C SER A 191 -10.90 -6.64 0.83
N TYR A 192 -10.12 -5.57 0.77
CA TYR A 192 -8.85 -5.51 1.49
C TYR A 192 -9.07 -5.66 2.99
N LYS A 193 -10.16 -5.07 3.49
CA LYS A 193 -10.43 -5.06 4.92
C LYS A 193 -10.72 -6.46 5.43
N ASP A 194 -11.52 -7.21 4.67
CA ASP A 194 -11.81 -8.60 5.00
C ASP A 194 -10.58 -9.47 4.84
N ALA A 195 -9.79 -9.20 3.81
CA ALA A 195 -8.56 -9.93 3.56
C ALA A 195 -7.55 -9.69 4.69
N LEU A 196 -7.51 -8.46 5.19
CA LEU A 196 -6.63 -8.12 6.31
C LEU A 196 -7.12 -8.78 7.59
N ASP A 197 -8.43 -8.93 7.72
CA ASP A 197 -9.01 -9.68 8.83
C ASP A 197 -8.72 -11.17 8.70
N ARG A 198 -8.57 -11.63 7.46
CA ARG A 198 -8.35 -13.04 7.19
C ARG A 198 -6.87 -13.35 7.00
N SER A 199 -6.05 -12.30 7.03
CA SER A 199 -4.62 -12.45 6.83
C SER A 199 -3.96 -13.07 8.06
N MET A 200 -2.76 -13.61 7.88
CA MET A 200 -2.03 -14.24 8.98
C MET A 200 -0.93 -13.32 9.50
N VAL A 201 -0.95 -13.05 10.79
CA VAL A 201 0.10 -12.28 11.44
C VAL A 201 1.24 -13.19 11.91
N GLU A 202 2.46 -12.85 11.50
CA GLU A 202 3.60 -13.71 11.79
C GLU A 202 3.87 -13.78 13.29
N GLU A 203 3.52 -12.71 14.01
CA GLU A 203 3.75 -12.66 15.44
C GLU A 203 5.23 -12.76 15.78
N GLY A 204 6.04 -11.92 15.13
CA GLY A 204 7.47 -11.98 15.32
C GLY A 204 8.15 -10.65 15.02
N THR A 205 8.40 -10.38 13.74
CA THR A 205 9.03 -9.13 13.34
C THR A 205 8.02 -8.21 12.67
N GLY A 206 6.74 -8.43 12.96
CA GLY A 206 5.71 -7.52 12.48
C GLY A 206 5.37 -7.75 11.02
N LEU A 207 5.57 -8.98 10.55
CA LEU A 207 5.30 -9.32 9.16
C LEU A 207 3.85 -9.75 8.97
N ARG A 208 3.14 -9.08 8.07
CA ARG A 208 1.81 -9.51 7.67
C ARG A 208 1.89 -10.49 6.50
N LEU A 209 1.17 -11.60 6.63
CA LEU A 209 1.11 -12.59 5.56
C LEU A 209 -0.31 -12.70 5.01
N LEU A 210 -0.43 -12.67 3.68
CA LEU A 210 -1.71 -12.84 3.03
C LEU A 210 -2.02 -14.31 2.79
N GLU A 211 -3.11 -14.79 3.38
CA GLU A 211 -3.47 -16.20 3.30
C GLU A 211 -4.14 -16.52 1.97
N ALA A 212 -3.67 -17.58 1.32
CA ALA A 212 -4.31 -18.07 0.10
C ALA A 212 -4.07 -19.57 -0.07
N ALA A 213 -4.85 -20.19 -0.95
CA ALA A 213 -4.70 -21.60 -1.25
C ALA A 213 -4.53 -21.84 -2.75
N ALA A 214 -3.66 -22.77 -3.10
CA ALA A 214 -3.36 -23.05 -4.51
C ALA A 214 -4.44 -23.93 -5.13
N GLN A 215 -5.59 -23.32 -5.41
CA GLN A 215 -6.70 -24.04 -6.04
C GLN A 215 -6.30 -24.53 -7.42
N MET A 1 0.08 18.21 6.58
CA MET A 1 -0.89 19.09 7.21
C MET A 1 -0.21 20.32 7.81
N GLY A 2 0.18 21.25 6.96
CA GLY A 2 0.51 22.58 7.42
C GLY A 2 1.93 22.68 7.93
N HIS A 3 2.86 22.04 7.22
CA HIS A 3 4.27 22.04 7.61
C HIS A 3 4.89 23.40 7.35
N HIS A 4 4.52 24.39 8.16
CA HIS A 4 5.03 25.74 8.01
C HIS A 4 5.42 26.33 9.36
N HIS A 5 6.52 25.84 9.93
CA HIS A 5 6.95 26.25 11.25
C HIS A 5 8.36 26.82 11.21
N HIS A 6 8.54 28.00 11.81
CA HIS A 6 9.85 28.63 11.88
C HIS A 6 10.89 27.70 12.50
N HIS A 7 12.00 27.52 11.81
CA HIS A 7 13.06 26.64 12.28
C HIS A 7 13.94 27.35 13.31
N HIS A 8 14.43 26.58 14.29
CA HIS A 8 15.23 27.16 15.37
C HIS A 8 16.70 26.83 15.20
N SER A 9 17.45 26.88 16.29
CA SER A 9 18.90 26.71 16.23
C SER A 9 19.26 25.31 15.77
N HIS A 10 18.30 24.39 15.84
CA HIS A 10 18.46 23.07 15.27
C HIS A 10 17.11 22.40 15.06
N MET A 11 16.76 22.16 13.80
CA MET A 11 15.53 21.46 13.46
C MET A 11 15.54 20.99 12.00
N GLN A 12 15.74 19.69 11.80
CA GLN A 12 15.77 19.12 10.47
C GLN A 12 15.62 17.60 10.52
N LEU A 13 14.77 17.06 9.65
CA LEU A 13 14.63 15.62 9.52
C LEU A 13 14.37 15.22 8.07
N ALA A 14 15.36 14.56 7.46
CA ALA A 14 15.21 14.09 6.09
C ALA A 14 16.08 12.86 5.85
N SER A 15 15.65 11.71 6.36
CA SER A 15 16.44 10.49 6.30
C SER A 15 15.56 9.28 6.02
N TRP A 16 16.19 8.17 5.65
CA TRP A 16 15.46 6.96 5.33
C TRP A 16 16.11 5.74 5.98
N SER A 17 15.44 5.18 6.97
CA SER A 17 15.98 4.04 7.70
C SER A 17 14.85 3.13 8.19
N ASP A 18 15.20 1.89 8.52
CA ASP A 18 14.20 0.88 8.89
C ASP A 18 13.61 1.19 10.26
N PRO A 19 14.49 1.47 11.23
CA PRO A 19 14.08 1.70 12.62
C PRO A 19 13.55 3.10 12.85
N THR A 20 12.44 3.43 12.21
CA THR A 20 11.71 4.66 12.49
C THR A 20 10.23 4.40 12.68
N GLU A 21 9.81 3.17 12.37
CA GLU A 21 8.40 2.81 12.42
C GLU A 21 8.21 1.30 12.42
N GLU A 22 7.13 0.84 13.03
CA GLU A 22 6.79 -0.58 13.02
C GLU A 22 5.67 -0.86 12.02
N THR A 23 4.44 -0.91 12.52
CA THR A 23 3.27 -1.09 11.66
C THR A 23 3.56 -2.11 10.56
N GLY A 24 2.94 -1.90 9.40
CA GLY A 24 3.30 -2.66 8.22
C GLY A 24 2.14 -3.44 7.66
N PRO A 25 1.84 -3.21 6.37
CA PRO A 25 0.84 -3.99 5.63
C PRO A 25 1.32 -5.38 5.29
N VAL A 26 0.51 -6.13 4.54
CA VAL A 26 0.88 -7.46 4.10
C VAL A 26 2.25 -7.47 3.43
N ALA A 27 3.17 -8.25 3.99
CA ALA A 27 4.55 -8.25 3.53
C ALA A 27 4.78 -9.33 2.48
N GLY A 28 4.07 -10.45 2.61
CA GLY A 28 4.32 -11.60 1.76
C GLY A 28 3.14 -12.55 1.72
N ILE A 29 3.34 -13.71 1.09
CA ILE A 29 2.24 -14.65 0.85
C ILE A 29 2.43 -15.93 1.67
N LEU A 30 1.34 -16.42 2.24
CA LEU A 30 1.36 -17.69 2.94
C LEU A 30 0.45 -18.72 2.27
N ASP A 31 1.01 -19.88 1.94
CA ASP A 31 0.23 -20.98 1.41
C ASP A 31 -0.44 -21.76 2.54
N THR A 32 -1.76 -21.67 2.63
CA THR A 32 -2.51 -22.30 3.71
C THR A 32 -2.43 -23.82 3.62
N GLU A 33 -2.21 -24.32 2.42
CA GLU A 33 -2.18 -25.77 2.19
C GLU A 33 -0.92 -26.38 2.78
N THR A 34 0.13 -25.56 2.91
CA THR A 34 1.42 -26.04 3.40
C THR A 34 1.93 -25.18 4.55
N LEU A 35 1.18 -24.11 4.86
CA LEU A 35 1.62 -23.14 5.85
C LEU A 35 3.06 -22.70 5.58
N GLU A 36 3.33 -22.32 4.34
CA GLU A 36 4.65 -21.85 3.96
C GLU A 36 4.64 -20.34 3.68
N LYS A 37 5.38 -19.59 4.47
CA LYS A 37 5.56 -18.16 4.24
C LYS A 37 6.61 -17.92 3.17
N VAL A 38 6.24 -17.16 2.14
CA VAL A 38 7.15 -16.83 1.05
C VAL A 38 7.10 -15.35 0.72
N SER A 39 8.15 -14.86 0.07
CA SER A 39 8.22 -13.45 -0.32
C SER A 39 7.30 -13.16 -1.49
N ILE A 40 7.02 -11.88 -1.72
CA ILE A 40 6.22 -11.45 -2.86
C ILE A 40 6.89 -11.86 -4.17
N THR A 41 8.21 -11.73 -4.22
CA THR A 41 8.97 -12.16 -5.39
C THR A 41 8.90 -13.67 -5.58
N GLU A 42 9.04 -14.41 -4.49
CA GLU A 42 8.97 -15.86 -4.55
C GLU A 42 7.58 -16.33 -4.94
N ALA A 43 6.55 -15.65 -4.43
CA ALA A 43 5.17 -16.01 -4.70
C ALA A 43 4.84 -15.82 -6.18
N MET A 44 5.27 -14.70 -6.73
CA MET A 44 5.06 -14.41 -8.15
C MET A 44 5.86 -15.37 -9.03
N HIS A 45 7.02 -15.78 -8.53
CA HIS A 45 7.98 -16.50 -9.36
C HIS A 45 7.42 -17.84 -9.81
N ARG A 46 6.70 -18.51 -8.93
CA ARG A 46 6.03 -19.77 -9.27
C ARG A 46 5.49 -20.45 -8.02
N ASN A 47 4.64 -19.74 -7.28
CA ASN A 47 3.98 -20.32 -6.12
C ASN A 47 2.52 -20.64 -6.44
N LEU A 48 1.69 -19.61 -6.50
CA LEU A 48 0.26 -19.80 -6.75
C LEU A 48 -0.39 -18.48 -7.16
N VAL A 49 0.30 -17.37 -6.90
CA VAL A 49 -0.22 -16.05 -7.23
C VAL A 49 0.18 -15.65 -8.65
N ASP A 50 -0.43 -14.59 -9.15
CA ASP A 50 0.02 -13.95 -10.38
C ASP A 50 0.81 -12.67 -10.06
N ASN A 51 1.28 -12.00 -11.11
CA ASN A 51 1.95 -10.72 -10.96
C ASN A 51 1.02 -9.70 -10.32
N ILE A 52 -0.26 -9.76 -10.68
CA ILE A 52 -1.21 -8.71 -10.32
C ILE A 52 -1.46 -8.68 -8.82
N THR A 53 -1.58 -9.86 -8.22
CA THR A 53 -1.86 -9.97 -6.80
C THR A 53 -0.70 -9.41 -5.97
N GLY A 54 0.52 -9.75 -6.36
CA GLY A 54 1.69 -9.15 -5.74
C GLY A 54 1.78 -7.66 -5.97
N GLN A 55 1.42 -7.23 -7.18
CA GLN A 55 1.47 -5.82 -7.54
C GLN A 55 0.51 -5.00 -6.67
N ARG A 56 -0.65 -5.58 -6.39
CA ARG A 56 -1.65 -4.92 -5.55
C ARG A 56 -1.15 -4.76 -4.13
N LEU A 57 -0.46 -5.79 -3.63
CA LEU A 57 0.12 -5.74 -2.29
C LEU A 57 1.28 -4.74 -2.23
N LEU A 58 2.05 -4.68 -3.31
CA LEU A 58 3.17 -3.75 -3.40
C LEU A 58 2.68 -2.30 -3.38
N GLU A 59 1.53 -2.07 -3.99
CA GLU A 59 0.88 -0.76 -3.91
C GLU A 59 0.52 -0.42 -2.46
N ALA A 60 0.05 -1.42 -1.73
CA ALA A 60 -0.34 -1.23 -0.34
C ALA A 60 0.86 -0.88 0.52
N GLN A 61 2.00 -1.50 0.21
CA GLN A 61 3.25 -1.18 0.91
C GLN A 61 3.74 0.21 0.51
N ALA A 62 3.58 0.56 -0.75
CA ALA A 62 3.97 1.88 -1.24
C ALA A 62 3.10 2.96 -0.61
N CYS A 63 1.83 2.65 -0.40
CA CYS A 63 0.91 3.59 0.23
C CYS A 63 1.29 3.83 1.69
N THR A 64 2.01 2.87 2.27
CA THR A 64 2.57 3.04 3.61
C THR A 64 4.01 3.49 3.55
N GLY A 65 4.36 4.23 2.50
CA GLY A 65 5.70 4.76 2.37
C GLY A 65 6.55 3.96 1.40
N GLY A 66 7.54 3.24 1.92
CA GLY A 66 8.40 2.45 1.08
C GLY A 66 7.92 1.03 0.91
N ILE A 67 8.50 0.30 -0.03
CA ILE A 67 8.18 -1.10 -0.24
C ILE A 67 8.75 -1.97 0.88
N ILE A 68 7.93 -2.87 1.41
CA ILE A 68 8.29 -3.64 2.59
C ILE A 68 8.82 -5.01 2.21
N ASP A 69 10.08 -5.28 2.56
CA ASP A 69 10.69 -6.57 2.30
C ASP A 69 10.27 -7.59 3.36
N PRO A 70 9.76 -8.74 2.91
CA PRO A 70 9.26 -9.80 3.80
C PRO A 70 10.38 -10.50 4.57
N SER A 71 11.62 -10.17 4.21
CA SER A 71 12.78 -10.70 4.92
C SER A 71 12.63 -10.48 6.43
N THR A 72 12.23 -9.27 6.81
CA THR A 72 12.05 -8.93 8.22
C THR A 72 11.45 -7.54 8.37
N GLY A 73 10.72 -7.10 7.36
CA GLY A 73 9.97 -5.86 7.46
C GLY A 73 10.83 -4.64 7.15
N GLU A 74 11.88 -4.84 6.36
CA GLU A 74 12.74 -3.75 5.94
C GLU A 74 12.03 -2.83 4.95
N ARG A 75 12.32 -1.54 5.03
CA ARG A 75 11.64 -0.56 4.21
C ARG A 75 12.60 0.05 3.18
N PHE A 76 12.29 -0.13 1.91
CA PHE A 76 13.08 0.46 0.83
C PHE A 76 12.18 1.11 -0.21
N PRO A 77 12.68 2.20 -0.83
CA PRO A 77 12.01 2.84 -1.96
C PRO A 77 11.72 1.86 -3.09
N VAL A 78 10.73 2.19 -3.91
CA VAL A 78 10.27 1.29 -4.96
C VAL A 78 11.41 0.96 -5.94
N THR A 79 12.17 1.99 -6.30
CA THR A 79 13.29 1.81 -7.22
C THR A 79 14.40 0.98 -6.59
N ASP A 80 14.62 1.18 -5.30
CA ASP A 80 15.63 0.43 -4.56
C ASP A 80 15.23 -1.04 -4.41
N ALA A 81 13.92 -1.27 -4.29
CA ALA A 81 13.39 -2.63 -4.20
C ALA A 81 13.76 -3.43 -5.45
N VAL A 82 13.82 -2.76 -6.58
CA VAL A 82 14.29 -3.38 -7.81
C VAL A 82 15.76 -3.79 -7.69
N ASN A 83 16.55 -2.95 -7.03
CA ASN A 83 17.96 -3.24 -6.82
C ASN A 83 18.15 -4.42 -5.88
N LYS A 84 17.16 -4.65 -5.03
CA LYS A 84 17.18 -5.78 -4.10
C LYS A 84 16.68 -7.04 -4.78
N GLY A 85 15.99 -6.87 -5.91
CA GLY A 85 15.40 -8.01 -6.60
C GLY A 85 14.01 -8.35 -6.08
N LEU A 86 13.31 -7.33 -5.59
CA LEU A 86 12.00 -7.55 -4.97
C LEU A 86 10.87 -7.16 -5.92
N VAL A 87 10.93 -5.95 -6.43
CA VAL A 87 9.85 -5.40 -7.24
C VAL A 87 10.22 -5.38 -8.72
N ASP A 88 9.24 -5.68 -9.57
CA ASP A 88 9.46 -5.70 -11.00
C ASP A 88 9.69 -4.28 -11.53
N LYS A 89 10.60 -4.15 -12.49
CA LYS A 89 10.92 -2.86 -13.09
C LYS A 89 9.67 -2.23 -13.71
N ILE A 90 8.79 -3.07 -14.24
CA ILE A 90 7.63 -2.59 -14.96
C ILE A 90 6.58 -2.01 -14.02
N MET A 91 6.75 -2.27 -12.73
CA MET A 91 5.78 -1.84 -11.73
C MET A 91 6.25 -0.56 -11.03
N VAL A 92 7.49 -0.16 -11.30
CA VAL A 92 8.10 0.97 -10.61
C VAL A 92 7.37 2.27 -10.93
N ASP A 93 7.18 2.53 -12.22
CA ASP A 93 6.50 3.74 -12.66
C ASP A 93 5.03 3.72 -12.23
N ARG A 94 4.42 2.53 -12.27
CA ARG A 94 3.04 2.37 -11.86
C ARG A 94 2.88 2.64 -10.37
N ILE A 95 3.82 2.13 -9.58
CA ILE A 95 3.74 2.25 -8.12
C ILE A 95 4.35 3.56 -7.64
N ASN A 96 5.11 4.21 -8.51
CA ASN A 96 5.97 5.32 -8.09
C ASN A 96 5.15 6.42 -7.44
N LEU A 97 3.91 6.60 -7.90
CA LEU A 97 3.06 7.68 -7.43
C LEU A 97 2.75 7.52 -5.95
N ALA A 98 2.65 6.27 -5.50
CA ALA A 98 2.24 5.99 -4.13
C ALA A 98 3.32 6.41 -3.14
N GLN A 99 4.57 6.09 -3.46
CA GLN A 99 5.71 6.52 -2.64
C GLN A 99 5.99 8.00 -2.84
N LYS A 100 5.73 8.49 -4.05
CA LYS A 100 5.95 9.89 -4.37
C LYS A 100 5.01 10.79 -3.57
N ALA A 101 3.80 10.30 -3.33
CA ALA A 101 2.84 11.00 -2.49
C ALA A 101 3.32 11.06 -1.05
N PHE A 102 3.97 9.99 -0.59
CA PHE A 102 4.47 9.91 0.77
C PHE A 102 5.64 10.86 0.97
N CYS A 103 6.55 10.89 -0.03
CA CYS A 103 7.70 11.78 0.03
C CYS A 103 8.45 11.76 -1.30
N GLY A 104 7.90 12.48 -2.28
CA GLY A 104 8.50 12.49 -3.61
C GLY A 104 8.44 13.85 -4.27
N PHE A 105 7.22 14.36 -4.46
CA PHE A 105 7.03 15.69 -5.02
C PHE A 105 7.77 16.75 -4.21
N GLU A 106 7.48 16.80 -2.91
CA GLU A 106 8.16 17.72 -2.01
C GLU A 106 8.40 19.07 -2.69
N ASP A 107 9.41 19.78 -2.22
CA ASP A 107 9.85 21.01 -2.89
C ASP A 107 11.31 21.31 -2.55
N PRO A 108 12.16 21.33 -3.59
CA PRO A 108 13.60 21.51 -3.43
C PRO A 108 13.97 22.97 -3.12
N ARG A 109 13.62 23.42 -1.93
CA ARG A 109 13.89 24.80 -1.52
C ARG A 109 13.28 25.09 -0.15
N THR A 110 12.12 24.50 0.11
CA THR A 110 11.45 24.67 1.39
C THR A 110 10.94 23.34 1.93
N LYS A 111 10.72 22.39 1.03
CA LYS A 111 10.22 21.07 1.42
C LYS A 111 8.86 21.18 2.10
N THR A 112 7.80 21.01 1.31
CA THR A 112 6.44 21.16 1.82
C THR A 112 6.08 20.00 2.74
N LYS A 113 6.69 18.84 2.50
CA LYS A 113 6.31 17.63 3.20
C LYS A 113 4.83 17.31 3.00
N MET A 114 4.44 17.16 1.73
CA MET A 114 3.03 17.06 1.38
C MET A 114 2.52 15.63 1.52
N SER A 115 1.20 15.47 1.53
CA SER A 115 0.59 14.15 1.51
C SER A 115 -0.06 13.87 0.17
N ALA A 116 -0.53 12.63 -0.01
CA ALA A 116 -1.32 12.28 -1.18
C ALA A 116 -2.63 13.08 -1.22
N ALA A 117 -3.26 13.22 -0.07
CA ALA A 117 -4.55 13.91 0.02
C ALA A 117 -4.38 15.40 -0.26
N GLN A 118 -3.34 15.99 0.32
CA GLN A 118 -3.08 17.42 0.15
C GLN A 118 -2.62 17.72 -1.27
N ALA A 119 -1.83 16.82 -1.84
CA ALA A 119 -1.37 16.96 -3.22
C ALA A 119 -2.56 16.98 -4.19
N LEU A 120 -3.56 16.17 -3.91
CA LEU A 120 -4.79 16.18 -4.68
C LEU A 120 -5.55 17.49 -4.48
N LYS A 121 -5.51 18.01 -3.26
CA LYS A 121 -6.17 19.27 -2.95
C LYS A 121 -5.49 20.44 -3.67
N LYS A 122 -4.19 20.30 -3.91
CA LYS A 122 -3.41 21.37 -4.53
C LYS A 122 -3.22 21.11 -6.01
N GLY A 123 -3.53 19.89 -6.45
CA GLY A 123 -3.36 19.52 -7.84
C GLY A 123 -1.95 19.07 -8.15
N TRP A 124 -1.17 18.80 -7.11
CA TRP A 124 0.22 18.36 -7.27
C TRP A 124 0.27 16.95 -7.85
N LEU A 125 -0.51 16.05 -7.27
CA LEU A 125 -0.43 14.64 -7.59
C LEU A 125 -1.54 14.22 -8.54
N TYR A 126 -1.32 13.14 -9.27
CA TYR A 126 -2.31 12.63 -10.22
C TYR A 126 -3.55 12.13 -9.49
N TYR A 127 -4.62 12.90 -9.58
CA TYR A 127 -5.76 12.74 -8.67
C TYR A 127 -6.27 11.29 -8.70
N GLU A 128 -6.44 10.77 -9.91
CA GLU A 128 -7.11 9.48 -10.09
C GLU A 128 -6.34 8.35 -9.44
N ALA A 129 -5.02 8.40 -9.57
CA ALA A 129 -4.15 7.37 -9.00
C ALA A 129 -3.91 7.60 -7.52
N GLY A 130 -3.63 8.85 -7.16
CA GLY A 130 -3.40 9.18 -5.76
C GLY A 130 -4.62 8.94 -4.90
N GLN A 131 -5.79 9.28 -5.42
CA GLN A 131 -7.04 9.03 -4.73
C GLN A 131 -7.27 7.52 -4.55
N ARG A 132 -6.84 6.74 -5.54
CA ARG A 132 -6.92 5.30 -5.46
C ARG A 132 -6.00 4.76 -4.36
N PHE A 133 -4.83 5.38 -4.21
CA PHE A 133 -3.88 4.98 -3.18
C PHE A 133 -4.37 5.40 -1.80
N LEU A 134 -5.11 6.50 -1.74
CA LEU A 134 -5.70 6.95 -0.49
C LEU A 134 -6.76 5.97 0.00
N GLU A 135 -7.46 5.33 -0.94
CA GLU A 135 -8.49 4.36 -0.60
C GLU A 135 -7.89 3.16 0.13
N VAL A 136 -6.70 2.75 -0.29
CA VAL A 136 -5.97 1.69 0.39
C VAL A 136 -5.56 2.12 1.79
N GLN A 137 -5.11 3.35 1.92
CA GLN A 137 -4.74 3.90 3.22
C GLN A 137 -5.96 4.00 4.14
N TYR A 138 -7.10 4.34 3.55
CA TYR A 138 -8.35 4.41 4.30
C TYR A 138 -8.73 3.04 4.85
N LEU A 139 -8.52 2.01 4.05
CA LEU A 139 -8.84 0.65 4.46
C LEU A 139 -7.94 0.20 5.62
N THR A 140 -6.73 0.73 5.65
CA THR A 140 -5.77 0.38 6.68
C THR A 140 -6.01 1.17 7.97
N GLY A 141 -6.89 2.16 7.89
CA GLY A 141 -7.37 2.82 9.08
C GLY A 141 -7.47 4.33 8.91
N GLY A 142 -6.73 4.86 7.95
CA GLY A 142 -6.66 6.29 7.78
C GLY A 142 -5.53 6.71 6.84
N LEU A 143 -5.48 8.00 6.54
CA LEU A 143 -4.57 8.50 5.51
C LEU A 143 -3.15 8.67 6.06
N ILE A 144 -2.16 8.47 5.20
CA ILE A 144 -0.77 8.41 5.63
C ILE A 144 -0.11 9.78 5.58
N GLU A 145 0.70 10.09 6.57
CA GLU A 145 1.59 11.24 6.52
C GLU A 145 2.95 10.92 7.13
N PRO A 146 4.02 11.34 6.44
CA PRO A 146 5.40 11.04 6.85
C PRO A 146 5.75 11.65 8.21
N ASP A 147 5.13 12.78 8.51
CA ASP A 147 5.28 13.41 9.82
C ASP A 147 4.48 12.65 10.88
N THR A 148 3.16 12.66 10.73
CA THR A 148 2.29 11.94 11.64
C THR A 148 2.70 10.47 11.76
N PRO A 149 2.95 10.03 12.99
CA PRO A 149 3.48 8.69 13.26
C PRO A 149 2.46 7.58 13.00
N GLY A 150 1.19 7.96 13.03
CA GLY A 150 0.13 6.99 12.78
C GLY A 150 -0.72 7.35 11.58
N ARG A 151 -2.00 7.00 11.64
CA ARG A 151 -2.92 7.26 10.54
C ARG A 151 -4.03 8.23 10.97
N VAL A 152 -4.41 9.12 10.05
CA VAL A 152 -5.43 10.11 10.36
C VAL A 152 -6.76 9.74 9.70
N PRO A 153 -7.83 9.70 10.52
CA PRO A 153 -9.18 9.41 10.04
C PRO A 153 -9.61 10.35 8.91
N LEU A 154 -10.42 9.83 8.00
CA LEU A 154 -10.98 10.64 6.92
C LEU A 154 -11.77 11.82 7.50
N ASP A 155 -12.51 11.56 8.57
CA ASP A 155 -13.33 12.60 9.19
C ASP A 155 -12.45 13.73 9.72
N GLU A 156 -11.29 13.39 10.24
CA GLU A 156 -10.32 14.38 10.69
C GLU A 156 -9.66 15.07 9.49
N ALA A 157 -9.44 14.30 8.43
CA ALA A 157 -8.85 14.85 7.21
C ALA A 157 -9.71 15.97 6.64
N LEU A 158 -11.02 15.82 6.76
CA LEU A 158 -11.97 16.83 6.27
C LEU A 158 -11.80 18.14 7.03
N GLN A 159 -11.75 18.05 8.35
CA GLN A 159 -11.57 19.23 9.18
C GLN A 159 -10.14 19.74 9.12
N ARG A 160 -9.22 18.85 8.74
CA ARG A 160 -7.82 19.22 8.57
C ARG A 160 -7.63 20.01 7.28
N GLY A 161 -8.61 19.93 6.39
CA GLY A 161 -8.56 20.70 5.15
C GLY A 161 -7.78 19.98 4.06
N THR A 162 -7.47 18.71 4.30
CA THR A 162 -6.70 17.92 3.35
C THR A 162 -7.60 17.38 2.24
N VAL A 163 -8.85 17.08 2.59
CA VAL A 163 -9.79 16.50 1.64
C VAL A 163 -11.10 17.26 1.63
N ASP A 164 -11.86 17.11 0.55
CA ASP A 164 -13.20 17.68 0.46
C ASP A 164 -14.26 16.58 0.46
N ALA A 165 -15.52 16.98 0.40
CA ALA A 165 -16.63 16.02 0.45
C ALA A 165 -16.59 15.08 -0.75
N ARG A 166 -16.29 15.64 -1.92
CA ARG A 166 -16.33 14.86 -3.15
C ARG A 166 -15.27 13.76 -3.13
N THR A 167 -14.09 14.08 -2.63
CA THR A 167 -13.03 13.09 -2.47
C THR A 167 -13.33 12.15 -1.31
N ALA A 168 -13.86 12.70 -0.23
CA ALA A 168 -14.04 11.95 1.01
C ALA A 168 -15.04 10.82 0.83
N GLN A 169 -16.11 11.11 0.10
CA GLN A 169 -17.15 10.12 -0.16
C GLN A 169 -16.60 8.96 -1.00
N LYS A 170 -15.64 9.28 -1.87
CA LYS A 170 -14.94 8.26 -2.63
C LYS A 170 -14.10 7.37 -1.71
N LEU A 171 -13.55 7.97 -0.67
CA LEU A 171 -12.85 7.21 0.37
C LEU A 171 -13.82 6.37 1.18
N ARG A 172 -15.05 6.87 1.32
CA ARG A 172 -16.07 6.16 2.08
C ARG A 172 -16.64 5.00 1.26
N ASP A 173 -16.52 5.09 -0.06
CA ASP A 173 -17.07 4.08 -0.94
C ASP A 173 -16.42 2.72 -0.69
N VAL A 174 -15.10 2.71 -0.67
CA VAL A 174 -14.36 1.47 -0.42
C VAL A 174 -14.58 0.97 1.00
N GLY A 175 -14.93 1.88 1.90
CA GLY A 175 -15.28 1.50 3.26
C GLY A 175 -16.63 0.83 3.34
N ALA A 176 -17.48 1.09 2.34
CA ALA A 176 -18.81 0.49 2.30
C ALA A 176 -18.77 -0.88 1.64
N TYR A 177 -18.36 -0.92 0.38
CA TYR A 177 -18.35 -2.16 -0.38
C TYR A 177 -17.03 -2.90 -0.19
N SER A 178 -17.12 -4.18 0.19
CA SER A 178 -15.94 -5.01 0.38
C SER A 178 -15.32 -5.39 -0.96
N LYS A 179 -14.09 -4.93 -1.19
CA LYS A 179 -13.37 -5.26 -2.42
C LYS A 179 -11.94 -4.74 -2.36
N TYR A 180 -10.99 -5.65 -2.57
CA TYR A 180 -9.59 -5.25 -2.75
C TYR A 180 -8.73 -6.47 -3.08
N LEU A 181 -8.74 -7.45 -2.19
CA LEU A 181 -7.98 -8.68 -2.40
C LEU A 181 -8.90 -9.85 -2.70
N THR A 182 -8.53 -10.64 -3.71
CA THR A 182 -9.31 -11.81 -4.08
C THR A 182 -8.83 -13.06 -3.34
N CYS A 183 -9.75 -13.70 -2.64
CA CYS A 183 -9.46 -14.98 -2.00
C CYS A 183 -9.56 -16.12 -3.01
N PRO A 184 -8.48 -16.90 -3.12
CA PRO A 184 -8.41 -18.02 -4.07
C PRO A 184 -9.56 -19.01 -3.89
N LYS A 185 -10.48 -19.01 -4.85
CA LYS A 185 -11.65 -19.89 -4.78
C LYS A 185 -12.58 -19.63 -5.95
N THR A 186 -13.46 -18.64 -5.80
CA THR A 186 -14.38 -18.25 -6.86
C THR A 186 -14.44 -16.74 -7.02
N LYS A 187 -13.28 -16.13 -7.24
CA LYS A 187 -13.22 -14.70 -7.53
C LYS A 187 -13.84 -13.90 -6.40
N LEU A 188 -13.39 -14.14 -5.18
CA LEU A 188 -14.01 -13.54 -4.00
C LEU A 188 -13.21 -12.32 -3.52
N LYS A 189 -13.64 -11.15 -3.94
CA LYS A 189 -12.93 -9.91 -3.61
C LYS A 189 -13.44 -9.33 -2.29
N ILE A 190 -12.51 -9.10 -1.37
CA ILE A 190 -12.86 -8.51 -0.08
C ILE A 190 -11.96 -7.31 0.24
N SER A 191 -12.44 -6.44 1.12
CA SER A 191 -11.68 -5.26 1.51
C SER A 191 -10.34 -5.64 2.11
N TYR A 192 -9.40 -4.69 2.09
CA TYR A 192 -8.10 -4.89 2.71
C TYR A 192 -8.24 -5.11 4.21
N LYS A 193 -9.18 -4.39 4.82
CA LYS A 193 -9.45 -4.52 6.25
C LYS A 193 -9.95 -5.93 6.58
N ASP A 194 -10.80 -6.46 5.72
CA ASP A 194 -11.27 -7.83 5.86
C ASP A 194 -10.13 -8.82 5.62
N ALA A 195 -9.29 -8.54 4.63
CA ALA A 195 -8.13 -9.36 4.34
C ALA A 195 -7.13 -9.29 5.49
N LEU A 196 -6.98 -8.11 6.08
CA LEU A 196 -6.06 -7.92 7.19
C LEU A 196 -6.54 -8.67 8.44
N ASP A 197 -7.86 -8.73 8.62
CA ASP A 197 -8.44 -9.51 9.69
C ASP A 197 -8.28 -11.01 9.42
N ARG A 198 -8.23 -11.37 8.14
CA ARG A 198 -8.17 -12.78 7.74
C ARG A 198 -6.74 -13.19 7.43
N SER A 199 -5.83 -12.23 7.45
CA SER A 199 -4.42 -12.49 7.19
C SER A 199 -3.78 -13.26 8.35
N MET A 200 -2.62 -13.85 8.10
CA MET A 200 -1.90 -14.58 9.14
C MET A 200 -0.66 -13.80 9.58
N VAL A 201 -0.51 -13.66 10.90
CA VAL A 201 0.67 -13.03 11.47
C VAL A 201 1.85 -13.99 11.46
N GLU A 202 2.96 -13.55 10.86
CA GLU A 202 4.14 -14.39 10.74
C GLU A 202 4.58 -14.90 12.12
N GLU A 203 4.83 -13.98 13.05
CA GLU A 203 5.23 -14.34 14.39
C GLU A 203 5.33 -13.10 15.28
N GLY A 204 5.94 -12.04 14.75
CA GLY A 204 6.12 -10.83 15.52
C GLY A 204 7.27 -9.98 15.02
N THR A 205 7.42 -9.92 13.70
CA THR A 205 8.52 -9.17 13.09
C THR A 205 8.01 -8.12 12.11
N GLY A 206 6.71 -7.79 12.23
CA GLY A 206 6.12 -6.85 11.32
C GLY A 206 5.78 -7.46 9.97
N LEU A 207 5.60 -8.78 9.95
CA LEU A 207 5.35 -9.50 8.71
C LEU A 207 3.93 -10.05 8.67
N ARG A 208 3.04 -9.32 8.00
CA ARG A 208 1.72 -9.84 7.71
C ARG A 208 1.74 -10.75 6.48
N LEU A 209 1.12 -11.92 6.61
CA LEU A 209 1.07 -12.88 5.51
C LEU A 209 -0.36 -13.00 4.98
N LEU A 210 -0.49 -12.96 3.65
CA LEU A 210 -1.79 -13.14 3.02
C LEU A 210 -2.06 -14.60 2.70
N GLU A 211 -3.17 -15.13 3.23
CA GLU A 211 -3.46 -16.55 3.12
C GLU A 211 -3.98 -16.89 1.72
N ALA A 212 -3.43 -17.94 1.13
CA ALA A 212 -3.88 -18.40 -0.17
C ALA A 212 -3.81 -19.93 -0.27
N ALA A 213 -4.62 -20.49 -1.17
CA ALA A 213 -4.72 -21.94 -1.30
C ALA A 213 -4.67 -22.36 -2.76
N ALA A 214 -4.23 -21.45 -3.62
CA ALA A 214 -4.08 -21.74 -5.04
C ALA A 214 -5.38 -22.27 -5.63
N GLN A 215 -6.51 -21.75 -5.14
CA GLN A 215 -7.82 -22.18 -5.61
C GLN A 215 -7.91 -23.70 -5.61
N MET A 1 -12.30 19.31 -25.58
CA MET A 1 -13.51 19.59 -24.83
C MET A 1 -13.86 18.44 -23.90
N GLY A 2 -12.87 18.00 -23.12
CA GLY A 2 -13.00 16.76 -22.37
C GLY A 2 -12.16 15.64 -22.94
N HIS A 3 -11.27 15.10 -22.12
CA HIS A 3 -10.26 14.17 -22.61
C HIS A 3 -9.63 13.39 -21.45
N HIS A 4 -8.60 12.61 -21.75
CA HIS A 4 -7.92 11.81 -20.74
C HIS A 4 -6.95 12.65 -19.94
N HIS A 5 -6.63 12.19 -18.73
CA HIS A 5 -5.98 13.04 -17.74
C HIS A 5 -4.55 12.59 -17.47
N HIS A 6 -4.04 12.93 -16.29
CA HIS A 6 -2.59 12.98 -16.08
C HIS A 6 -2.06 11.60 -15.65
N HIS A 7 -0.80 11.35 -15.94
CA HIS A 7 -0.22 10.03 -15.75
C HIS A 7 1.11 10.11 -15.00
N HIS A 8 1.87 9.03 -15.02
CA HIS A 8 3.03 8.89 -14.16
C HIS A 8 4.19 9.75 -14.67
N SER A 9 5.11 10.08 -13.77
CA SER A 9 6.11 11.11 -14.06
C SER A 9 7.51 10.61 -13.69
N HIS A 10 8.31 11.49 -13.10
CA HIS A 10 9.72 11.21 -12.84
C HIS A 10 9.87 10.28 -11.64
N MET A 11 11.06 9.72 -11.49
CA MET A 11 11.34 8.81 -10.37
C MET A 11 12.73 9.07 -9.80
N GLN A 12 12.96 8.59 -8.59
CA GLN A 12 14.14 8.98 -7.82
C GLN A 12 14.37 8.03 -6.65
N LEU A 13 15.62 7.93 -6.21
CA LEU A 13 15.96 7.08 -5.08
C LEU A 13 16.78 7.85 -4.05
N ALA A 14 16.36 7.77 -2.78
CA ALA A 14 16.95 8.57 -1.73
C ALA A 14 18.00 7.78 -0.96
N SER A 15 17.58 6.68 -0.35
CA SER A 15 18.46 5.88 0.49
C SER A 15 17.85 4.51 0.76
N TRP A 16 18.66 3.61 1.31
CA TRP A 16 18.17 2.30 1.76
C TRP A 16 17.63 2.40 3.19
N SER A 17 17.81 3.56 3.80
CA SER A 17 17.28 3.80 5.14
C SER A 17 17.95 2.88 6.17
N ASP A 18 17.33 2.77 7.34
CA ASP A 18 17.91 1.99 8.43
C ASP A 18 16.90 0.97 8.96
N PRO A 19 17.37 0.08 9.85
CA PRO A 19 16.53 -0.96 10.45
C PRO A 19 15.30 -0.38 11.14
N THR A 20 14.14 -0.94 10.82
CA THR A 20 12.87 -0.47 11.38
C THR A 20 11.74 -1.45 11.11
N GLU A 21 10.82 -1.56 12.05
CA GLU A 21 9.71 -2.50 11.93
C GLU A 21 8.64 -1.97 10.99
N GLU A 22 7.93 -0.93 11.43
CA GLU A 22 6.99 -0.23 10.57
C GLU A 22 6.22 -1.21 9.69
N THR A 23 5.35 -2.00 10.30
CA THR A 23 4.65 -3.06 9.59
C THR A 23 3.68 -2.48 8.57
N GLY A 24 3.43 -3.25 7.51
CA GLY A 24 2.50 -2.81 6.48
C GLY A 24 1.46 -3.86 6.14
N PRO A 25 0.67 -3.60 5.10
CA PRO A 25 -0.39 -4.52 4.65
C PRO A 25 0.18 -5.73 3.91
N VAL A 26 0.31 -6.85 4.61
CA VAL A 26 0.80 -8.08 4.01
C VAL A 26 2.26 -7.93 3.56
N ALA A 27 3.17 -8.52 4.32
CA ALA A 27 4.58 -8.50 3.97
C ALA A 27 4.91 -9.63 3.00
N GLY A 28 4.14 -10.71 3.06
CA GLY A 28 4.42 -11.87 2.24
C GLY A 28 3.20 -12.73 2.02
N ILE A 29 3.39 -13.87 1.36
CA ILE A 29 2.27 -14.74 0.99
C ILE A 29 2.34 -16.07 1.73
N LEU A 30 1.19 -16.56 2.16
CA LEU A 30 1.12 -17.87 2.83
C LEU A 30 0.14 -18.79 2.12
N ASP A 31 0.60 -20.00 1.82
CA ASP A 31 -0.30 -21.05 1.32
C ASP A 31 -1.10 -21.67 2.45
N THR A 32 -2.41 -21.44 2.43
CA THR A 32 -3.28 -21.92 3.50
C THR A 32 -3.28 -23.44 3.58
N GLU A 33 -2.97 -24.08 2.45
CA GLU A 33 -3.06 -25.53 2.34
C GLU A 33 -2.10 -26.21 3.31
N THR A 34 -0.94 -25.59 3.50
CA THR A 34 0.09 -26.15 4.36
C THR A 34 0.71 -25.09 5.27
N LEU A 35 0.24 -23.85 5.10
CA LEU A 35 0.77 -22.72 5.88
C LEU A 35 2.26 -22.57 5.66
N GLU A 36 2.64 -22.04 4.50
CA GLU A 36 4.04 -21.84 4.16
C GLU A 36 4.32 -20.38 3.82
N LYS A 37 5.13 -19.73 4.65
CA LYS A 37 5.45 -18.32 4.44
C LYS A 37 6.48 -18.15 3.33
N VAL A 38 6.12 -17.38 2.31
CA VAL A 38 7.04 -17.09 1.22
C VAL A 38 7.02 -15.59 0.88
N SER A 39 8.08 -15.13 0.21
CA SER A 39 8.19 -13.74 -0.18
C SER A 39 7.21 -13.42 -1.32
N ILE A 40 7.01 -12.13 -1.56
CA ILE A 40 6.09 -11.69 -2.61
C ILE A 40 6.56 -12.17 -3.98
N THR A 41 7.85 -12.06 -4.24
CA THR A 41 8.43 -12.59 -5.47
C THR A 41 8.38 -14.12 -5.49
N GLU A 42 8.64 -14.73 -4.34
CA GLU A 42 8.77 -16.18 -4.25
C GLU A 42 7.44 -16.86 -4.55
N ALA A 43 6.36 -16.29 -4.03
CA ALA A 43 5.03 -16.83 -4.25
C ALA A 43 4.63 -16.75 -5.72
N MET A 44 5.02 -15.66 -6.37
CA MET A 44 4.85 -15.53 -7.81
C MET A 44 5.77 -16.49 -8.55
N HIS A 45 6.97 -16.68 -8.03
CA HIS A 45 7.98 -17.51 -8.68
C HIS A 45 7.57 -18.98 -8.66
N ARG A 46 6.94 -19.39 -7.56
CA ARG A 46 6.57 -20.79 -7.38
C ARG A 46 5.30 -21.13 -8.16
N ASN A 47 4.16 -20.71 -7.65
CA ASN A 47 2.87 -21.03 -8.26
C ASN A 47 1.72 -20.62 -7.36
N LEU A 48 1.97 -19.65 -6.49
CA LEU A 48 0.99 -19.28 -5.46
C LEU A 48 0.19 -18.06 -5.89
N VAL A 49 0.87 -17.04 -6.41
CA VAL A 49 0.23 -15.83 -6.89
C VAL A 49 0.67 -15.47 -8.30
N ASP A 50 0.09 -14.41 -8.84
CA ASP A 50 0.52 -13.88 -10.12
C ASP A 50 1.19 -12.52 -9.94
N ASN A 51 1.62 -11.93 -11.05
CA ASN A 51 2.20 -10.58 -11.03
C ASN A 51 1.19 -9.58 -10.45
N ILE A 52 -0.07 -9.76 -10.79
CA ILE A 52 -1.10 -8.77 -10.47
C ILE A 52 -1.35 -8.69 -8.97
N THR A 53 -1.41 -9.85 -8.33
CA THR A 53 -1.62 -9.92 -6.89
C THR A 53 -0.44 -9.32 -6.13
N GLY A 54 0.77 -9.65 -6.57
CA GLY A 54 1.96 -9.04 -6.00
C GLY A 54 2.02 -7.55 -6.24
N GLN A 55 1.56 -7.12 -7.42
CA GLN A 55 1.67 -5.72 -7.82
C GLN A 55 0.88 -4.82 -6.87
N ARG A 56 -0.35 -5.23 -6.57
CA ARG A 56 -1.22 -4.45 -5.69
C ARG A 56 -0.68 -4.44 -4.27
N LEU A 57 -0.11 -5.56 -3.84
CA LEU A 57 0.52 -5.65 -2.53
C LEU A 57 1.74 -4.74 -2.44
N LEU A 58 2.51 -4.68 -3.52
CA LEU A 58 3.68 -3.81 -3.59
C LEU A 58 3.25 -2.34 -3.58
N GLU A 59 2.17 -2.04 -4.27
CA GLU A 59 1.59 -0.70 -4.25
C GLU A 59 1.11 -0.34 -2.84
N ALA A 60 0.51 -1.31 -2.17
CA ALA A 60 -0.03 -1.08 -0.83
C ALA A 60 1.09 -0.77 0.17
N GLN A 61 2.21 -1.46 0.03
CA GLN A 61 3.39 -1.19 0.84
C GLN A 61 3.99 0.16 0.50
N ALA A 62 3.97 0.51 -0.78
CA ALA A 62 4.47 1.81 -1.23
C ALA A 62 3.62 2.95 -0.68
N CYS A 63 2.32 2.71 -0.57
CA CYS A 63 1.41 3.70 -0.03
C CYS A 63 1.71 3.99 1.43
N THR A 64 2.17 2.95 2.15
CA THR A 64 2.51 3.09 3.55
C THR A 64 3.93 3.64 3.72
N GLY A 65 4.74 3.48 2.68
CA GLY A 65 6.09 4.00 2.72
C GLY A 65 6.95 3.50 1.57
N GLY A 66 7.98 2.72 1.89
CA GLY A 66 8.72 2.03 0.86
C GLY A 66 8.24 0.61 0.65
N ILE A 67 8.87 -0.10 -0.28
CA ILE A 67 8.59 -1.51 -0.49
C ILE A 67 9.14 -2.36 0.65
N ILE A 68 8.28 -3.18 1.24
CA ILE A 68 8.63 -3.87 2.48
C ILE A 68 9.14 -5.28 2.20
N ASP A 69 10.38 -5.54 2.59
CA ASP A 69 11.00 -6.85 2.36
C ASP A 69 10.65 -7.81 3.48
N PRO A 70 10.02 -8.93 3.12
CA PRO A 70 9.73 -10.03 4.07
C PRO A 70 10.99 -10.56 4.74
N SER A 71 11.12 -10.29 6.03
CA SER A 71 12.36 -10.58 6.74
C SER A 71 12.31 -10.06 8.18
N THR A 72 11.88 -8.81 8.32
CA THR A 72 11.71 -8.21 9.64
C THR A 72 11.10 -6.82 9.54
N GLY A 73 10.36 -6.58 8.45
CA GLY A 73 9.70 -5.30 8.28
C GLY A 73 10.59 -4.26 7.64
N GLU A 74 11.62 -4.72 6.92
CA GLU A 74 12.57 -3.82 6.30
C GLU A 74 11.91 -3.03 5.16
N ARG A 75 12.25 -1.75 5.07
CA ARG A 75 11.67 -0.88 4.05
C ARG A 75 12.74 -0.40 3.08
N PHE A 76 12.47 -0.55 1.78
CA PHE A 76 13.39 -0.07 0.75
C PHE A 76 12.62 0.65 -0.36
N PRO A 77 13.29 1.61 -1.00
CA PRO A 77 12.72 2.33 -2.15
C PRO A 77 12.22 1.40 -3.24
N VAL A 78 11.21 1.85 -3.97
CA VAL A 78 10.65 1.06 -5.07
C VAL A 78 11.73 0.71 -6.09
N THR A 79 12.56 1.69 -6.44
CA THR A 79 13.64 1.49 -7.38
C THR A 79 14.70 0.55 -6.82
N ASP A 80 14.96 0.68 -5.52
CA ASP A 80 15.98 -0.13 -4.86
C ASP A 80 15.53 -1.59 -4.77
N ALA A 81 14.24 -1.78 -4.51
CA ALA A 81 13.69 -3.13 -4.35
C ALA A 81 13.83 -3.93 -5.64
N VAL A 82 13.74 -3.24 -6.78
CA VAL A 82 13.92 -3.87 -8.08
C VAL A 82 15.34 -4.42 -8.23
N ASN A 83 16.31 -3.69 -7.69
CA ASN A 83 17.70 -4.13 -7.74
C ASN A 83 17.90 -5.39 -6.91
N LYS A 84 17.03 -5.59 -5.92
CA LYS A 84 17.11 -6.78 -5.08
C LYS A 84 16.36 -7.95 -5.71
N GLY A 85 15.41 -7.64 -6.60
CA GLY A 85 14.60 -8.67 -7.21
C GLY A 85 13.23 -8.80 -6.58
N LEU A 86 12.84 -7.77 -5.82
CA LEU A 86 11.55 -7.78 -5.13
C LEU A 86 10.45 -7.23 -6.03
N VAL A 87 10.71 -6.06 -6.62
CA VAL A 87 9.75 -5.44 -7.52
C VAL A 87 10.16 -5.62 -8.98
N ASP A 88 9.16 -5.76 -9.85
CA ASP A 88 9.43 -5.85 -11.28
C ASP A 88 9.77 -4.49 -11.87
N LYS A 89 10.67 -4.49 -12.84
CA LYS A 89 11.10 -3.25 -13.49
C LYS A 89 9.91 -2.52 -14.10
N ILE A 90 8.96 -3.28 -14.62
CA ILE A 90 7.82 -2.70 -15.32
C ILE A 90 6.87 -2.02 -14.35
N MET A 91 7.07 -2.26 -13.07
CA MET A 91 6.15 -1.78 -12.04
C MET A 91 6.72 -0.54 -11.34
N VAL A 92 7.92 -0.13 -11.75
CA VAL A 92 8.63 0.95 -11.08
C VAL A 92 7.84 2.25 -11.15
N ASP A 93 7.53 2.68 -12.38
CA ASP A 93 6.81 3.93 -12.59
C ASP A 93 5.39 3.83 -12.03
N ARG A 94 4.79 2.66 -12.15
CA ARG A 94 3.42 2.45 -11.67
C ARG A 94 3.36 2.61 -10.15
N ILE A 95 4.36 2.07 -9.47
CA ILE A 95 4.37 2.08 -8.01
C ILE A 95 5.02 3.34 -7.47
N ASN A 96 5.92 3.92 -8.26
CA ASN A 96 6.74 5.04 -7.79
C ASN A 96 5.86 6.24 -7.43
N LEU A 97 4.76 6.38 -8.13
CA LEU A 97 3.82 7.47 -7.86
C LEU A 97 3.20 7.33 -6.47
N ALA A 98 3.00 6.08 -6.04
CA ALA A 98 2.54 5.81 -4.68
C ALA A 98 3.61 6.14 -3.66
N GLN A 99 4.86 5.89 -4.01
CA GLN A 99 5.98 6.28 -3.16
C GLN A 99 6.09 7.80 -3.07
N LYS A 100 5.87 8.47 -4.20
CA LYS A 100 5.82 9.93 -4.23
C LYS A 100 4.61 10.45 -3.48
N ALA A 101 3.50 9.73 -3.57
CA ALA A 101 2.27 10.11 -2.88
C ALA A 101 2.46 10.05 -1.37
N PHE A 102 3.38 9.22 -0.92
CA PHE A 102 3.71 9.13 0.50
C PHE A 102 4.36 10.43 0.99
N CYS A 103 5.42 10.85 0.30
CA CYS A 103 6.10 12.09 0.62
C CYS A 103 7.08 12.48 -0.48
N GLY A 104 6.67 13.41 -1.33
CA GLY A 104 7.59 13.97 -2.31
C GLY A 104 6.88 14.48 -3.55
N PHE A 105 7.62 14.62 -4.64
CA PHE A 105 7.05 15.09 -5.90
C PHE A 105 6.74 16.58 -5.83
N GLU A 106 7.62 17.33 -5.17
CA GLU A 106 7.48 18.79 -5.11
C GLU A 106 8.07 19.43 -6.36
N ASP A 107 7.23 20.15 -7.10
CA ASP A 107 7.66 20.88 -8.29
C ASP A 107 7.99 22.33 -7.94
N PRO A 108 8.71 23.01 -8.85
CA PRO A 108 9.04 24.42 -8.70
C PRO A 108 7.86 25.33 -9.03
N ARG A 109 6.77 25.15 -8.30
CA ARG A 109 5.56 25.93 -8.53
C ARG A 109 4.97 26.42 -7.21
N THR A 110 4.97 25.56 -6.20
CA THR A 110 4.39 25.89 -4.91
C THR A 110 5.41 25.73 -3.79
N LYS A 111 6.38 24.85 -4.00
CA LYS A 111 7.47 24.68 -3.04
C LYS A 111 6.94 24.43 -1.64
N THR A 112 6.14 23.38 -1.49
CA THR A 112 5.68 22.96 -0.18
C THR A 112 5.31 21.48 -0.17
N LYS A 113 5.17 20.92 1.02
CA LYS A 113 4.85 19.50 1.17
C LYS A 113 3.36 19.32 1.46
N MET A 114 2.52 19.69 0.51
CA MET A 114 1.08 19.47 0.63
C MET A 114 0.77 17.98 0.71
N SER A 115 -0.36 17.65 1.33
CA SER A 115 -0.79 16.26 1.46
C SER A 115 -1.22 15.69 0.11
N ALA A 116 -1.16 14.37 -0.01
CA ALA A 116 -1.63 13.69 -1.22
C ALA A 116 -3.10 13.97 -1.47
N ALA A 117 -3.89 13.95 -0.40
CA ALA A 117 -5.31 14.30 -0.48
C ALA A 117 -5.49 15.76 -0.84
N GLN A 118 -4.64 16.61 -0.29
CA GLN A 118 -4.62 18.02 -0.66
C GLN A 118 -4.15 18.21 -2.10
N ALA A 119 -3.25 17.34 -2.54
CA ALA A 119 -2.75 17.40 -3.92
C ALA A 119 -3.88 17.20 -4.91
N LEU A 120 -4.88 16.40 -4.54
CA LEU A 120 -6.04 16.17 -5.38
C LEU A 120 -6.80 17.47 -5.65
N LYS A 121 -6.87 18.31 -4.63
CA LYS A 121 -7.44 19.65 -4.78
C LYS A 121 -6.52 20.53 -5.62
N LYS A 122 -5.21 20.30 -5.52
CA LYS A 122 -4.23 21.07 -6.26
C LYS A 122 -2.87 21.01 -5.59
N GLY A 123 -1.98 20.16 -6.11
CA GLY A 123 -0.65 20.03 -5.54
C GLY A 123 0.33 19.38 -6.51
N TRP A 124 0.40 18.05 -6.48
CA TRP A 124 1.45 17.34 -7.17
C TRP A 124 1.01 15.91 -7.51
N LEU A 125 -0.30 15.67 -7.44
CA LEU A 125 -0.85 14.35 -7.70
C LEU A 125 -2.29 14.44 -8.19
N TYR A 126 -2.67 13.58 -9.11
CA TYR A 126 -3.95 13.68 -9.79
C TYR A 126 -4.95 12.69 -9.23
N TYR A 127 -6.23 12.96 -9.45
CA TYR A 127 -7.31 12.25 -8.74
C TYR A 127 -7.22 10.75 -8.98
N GLU A 128 -6.99 10.37 -10.23
CA GLU A 128 -7.17 8.99 -10.66
C GLU A 128 -6.25 8.05 -9.87
N ALA A 129 -5.01 8.49 -9.68
CA ALA A 129 -4.03 7.71 -8.94
C ALA A 129 -4.12 7.99 -7.44
N GLY A 130 -4.21 9.27 -7.09
CA GLY A 130 -4.15 9.66 -5.69
C GLY A 130 -5.31 9.10 -4.89
N GLN A 131 -6.51 9.15 -5.47
CA GLN A 131 -7.71 8.63 -4.81
C GLN A 131 -7.57 7.13 -4.56
N ARG A 132 -7.02 6.42 -5.52
CA ARG A 132 -6.82 4.98 -5.40
C ARG A 132 -5.81 4.68 -4.29
N PHE A 133 -4.77 5.50 -4.19
CA PHE A 133 -3.74 5.31 -3.18
C PHE A 133 -4.29 5.64 -1.79
N LEU A 134 -5.19 6.61 -1.72
CA LEU A 134 -5.81 6.99 -0.45
C LEU A 134 -6.73 5.89 0.06
N GLU A 135 -7.34 5.15 -0.88
CA GLU A 135 -8.24 4.07 -0.51
C GLU A 135 -7.52 3.00 0.30
N VAL A 136 -6.30 2.67 -0.12
CA VAL A 136 -5.51 1.65 0.55
C VAL A 136 -5.09 2.12 1.94
N GLN A 137 -4.68 3.38 2.04
CA GLN A 137 -4.26 3.94 3.32
C GLN A 137 -5.41 4.00 4.30
N TYR A 138 -6.59 4.34 3.81
CA TYR A 138 -7.79 4.39 4.64
C TYR A 138 -8.15 3.00 5.16
N LEU A 139 -8.02 1.99 4.30
CA LEU A 139 -8.34 0.63 4.66
C LEU A 139 -7.42 0.13 5.77
N THR A 140 -6.20 0.64 5.80
CA THR A 140 -5.25 0.29 6.85
C THR A 140 -5.47 1.13 8.10
N GLY A 141 -5.78 2.40 7.90
CA GLY A 141 -6.10 3.27 9.02
C GLY A 141 -6.67 4.61 8.57
N GLY A 142 -5.80 5.56 8.26
CA GLY A 142 -6.24 6.84 7.75
C GLY A 142 -5.47 7.28 6.53
N LEU A 143 -5.46 8.59 6.27
CA LEU A 143 -4.74 9.14 5.13
C LEU A 143 -3.37 9.66 5.55
N ILE A 144 -2.33 9.19 4.88
CA ILE A 144 -0.96 9.51 5.25
C ILE A 144 -0.50 10.82 4.63
N GLU A 145 0.06 11.70 5.44
CA GLU A 145 0.51 13.01 4.97
C GLU A 145 1.58 13.58 5.88
N PRO A 146 2.36 14.53 5.35
CA PRO A 146 3.41 15.22 6.12
C PRO A 146 2.83 16.22 7.12
N ASP A 147 3.69 16.72 7.99
CA ASP A 147 3.27 17.67 9.02
C ASP A 147 2.36 16.99 10.04
N THR A 148 2.39 15.66 10.07
CA THR A 148 1.63 14.89 11.03
C THR A 148 2.46 13.78 11.65
N PRO A 149 1.99 13.23 12.78
CA PRO A 149 2.57 12.02 13.38
C PRO A 149 2.62 10.86 12.40
N GLY A 150 1.86 10.96 11.32
CA GLY A 150 1.87 9.93 10.30
C GLY A 150 0.64 9.96 9.43
N ARG A 151 -0.48 9.48 9.98
CA ARG A 151 -1.72 9.38 9.23
C ARG A 151 -2.87 10.04 9.98
N VAL A 152 -3.73 10.74 9.24
CA VAL A 152 -4.88 11.42 9.85
C VAL A 152 -6.17 10.66 9.57
N PRO A 153 -6.94 10.38 10.64
CA PRO A 153 -8.28 9.81 10.52
C PRO A 153 -9.17 10.61 9.59
N LEU A 154 -10.03 9.91 8.86
CA LEU A 154 -10.86 10.56 7.84
C LEU A 154 -11.72 11.66 8.44
N ASP A 155 -12.32 11.37 9.59
CA ASP A 155 -13.14 12.35 10.30
C ASP A 155 -12.28 13.53 10.77
N GLU A 156 -11.07 13.23 11.21
CA GLU A 156 -10.13 14.27 11.60
C GLU A 156 -9.62 15.02 10.36
N ALA A 157 -9.49 14.30 9.25
CA ALA A 157 -9.10 14.91 7.99
C ALA A 157 -10.09 15.96 7.55
N LEU A 158 -11.37 15.72 7.83
CA LEU A 158 -12.43 16.66 7.47
C LEU A 158 -12.31 17.94 8.28
N GLN A 159 -12.12 17.80 9.59
CA GLN A 159 -12.06 18.95 10.48
C GLN A 159 -10.74 19.72 10.28
N ARG A 160 -9.73 19.01 9.80
CA ARG A 160 -8.46 19.65 9.44
C ARG A 160 -8.58 20.38 8.11
N GLY A 161 -9.57 20.00 7.31
CA GLY A 161 -9.76 20.62 6.01
C GLY A 161 -8.90 19.99 4.94
N THR A 162 -7.99 19.11 5.35
CA THR A 162 -7.06 18.48 4.43
C THR A 162 -7.80 17.69 3.35
N VAL A 163 -9.03 17.28 3.65
CA VAL A 163 -9.92 16.70 2.65
C VAL A 163 -11.26 17.43 2.64
N ASP A 164 -11.92 17.41 1.48
CA ASP A 164 -13.28 17.91 1.37
C ASP A 164 -14.29 16.80 1.61
N ALA A 165 -15.56 17.17 1.74
CA ALA A 165 -16.61 16.18 1.92
C ALA A 165 -16.72 15.26 0.71
N ARG A 166 -16.56 15.82 -0.48
CA ARG A 166 -16.67 15.05 -1.71
C ARG A 166 -15.58 13.98 -1.78
N THR A 167 -14.37 14.35 -1.38
CA THR A 167 -13.26 13.40 -1.37
C THR A 167 -13.40 12.39 -0.25
N ALA A 168 -13.87 12.86 0.91
CA ALA A 168 -13.88 12.04 2.11
C ALA A 168 -14.84 10.86 1.97
N GLN A 169 -15.99 11.12 1.36
CA GLN A 169 -17.01 10.08 1.17
C GLN A 169 -16.49 8.99 0.25
N LYS A 170 -15.56 9.35 -0.63
CA LYS A 170 -14.92 8.39 -1.52
C LYS A 170 -14.13 7.36 -0.73
N LEU A 171 -13.57 7.79 0.40
CA LEU A 171 -12.87 6.88 1.30
C LEU A 171 -13.84 5.98 2.05
N ARG A 172 -15.05 6.48 2.28
CA ARG A 172 -16.08 5.71 2.96
C ARG A 172 -16.67 4.66 2.02
N ASP A 173 -16.56 4.91 0.71
CA ASP A 173 -17.22 4.08 -0.28
C ASP A 173 -16.41 2.82 -0.57
N VAL A 174 -15.30 2.67 0.14
CA VAL A 174 -14.45 1.49 -0.02
C VAL A 174 -15.21 0.21 0.32
N GLY A 175 -16.27 0.35 1.11
CA GLY A 175 -17.10 -0.79 1.43
C GLY A 175 -17.91 -1.26 0.25
N ALA A 176 -18.04 -0.41 -0.78
CA ALA A 176 -18.77 -0.76 -1.98
C ALA A 176 -17.84 -0.87 -3.18
N TYR A 177 -16.58 -0.53 -2.98
CA TYR A 177 -15.57 -0.65 -4.04
C TYR A 177 -15.18 -2.10 -4.26
N SER A 178 -14.75 -2.40 -5.48
CA SER A 178 -14.46 -3.78 -5.87
C SER A 178 -13.35 -4.37 -4.99
N LYS A 179 -13.31 -5.69 -4.93
CA LYS A 179 -12.31 -6.37 -4.11
C LYS A 179 -10.92 -5.82 -4.36
N TYR A 180 -10.04 -5.97 -3.38
CA TYR A 180 -8.64 -5.57 -3.52
C TYR A 180 -7.72 -6.77 -3.39
N LEU A 181 -8.01 -7.65 -2.43
CA LEU A 181 -7.21 -8.85 -2.22
C LEU A 181 -8.06 -10.10 -2.35
N THR A 182 -7.56 -11.08 -3.08
CA THR A 182 -8.25 -12.36 -3.23
C THR A 182 -7.58 -13.45 -2.38
N CYS A 183 -8.39 -14.12 -1.57
CA CYS A 183 -7.90 -15.24 -0.77
C CYS A 183 -8.68 -16.51 -1.07
N PRO A 184 -8.20 -17.27 -2.08
CA PRO A 184 -8.89 -18.47 -2.55
C PRO A 184 -8.99 -19.54 -1.46
N LYS A 185 -10.07 -19.50 -0.70
CA LYS A 185 -10.31 -20.49 0.34
C LYS A 185 -11.68 -20.29 0.99
N THR A 186 -12.02 -19.03 1.29
CA THR A 186 -13.31 -18.70 1.87
C THR A 186 -13.76 -17.31 1.45
N LYS A 187 -13.13 -16.29 2.03
CA LYS A 187 -13.51 -14.91 1.76
C LYS A 187 -12.65 -14.31 0.66
N LEU A 188 -12.88 -14.76 -0.58
CA LEU A 188 -12.10 -14.28 -1.72
C LEU A 188 -12.25 -12.77 -1.88
N LYS A 189 -13.46 -12.31 -2.11
CA LYS A 189 -13.71 -10.92 -2.49
C LYS A 189 -13.67 -10.02 -1.25
N ILE A 190 -12.48 -9.57 -0.88
CA ILE A 190 -12.30 -8.78 0.33
C ILE A 190 -11.43 -7.56 0.06
N SER A 191 -11.55 -6.55 0.91
CA SER A 191 -10.69 -5.37 0.83
C SER A 191 -9.43 -5.56 1.66
N TYR A 192 -8.55 -4.55 1.64
CA TYR A 192 -7.34 -4.57 2.45
C TYR A 192 -7.69 -4.62 3.94
N LYS A 193 -8.69 -3.86 4.33
CA LYS A 193 -9.12 -3.80 5.72
C LYS A 193 -9.65 -5.16 6.19
N ASP A 194 -10.41 -5.82 5.32
CA ASP A 194 -10.90 -7.16 5.60
C ASP A 194 -9.76 -8.18 5.61
N ALA A 195 -8.83 -8.03 4.67
CA ALA A 195 -7.71 -8.95 4.57
C ALA A 195 -6.79 -8.85 5.78
N LEU A 196 -6.68 -7.64 6.34
CA LEU A 196 -5.87 -7.43 7.54
C LEU A 196 -6.46 -8.16 8.72
N ASP A 197 -7.79 -8.21 8.80
CA ASP A 197 -8.47 -9.02 9.81
C ASP A 197 -8.30 -10.50 9.53
N ARG A 198 -8.15 -10.85 8.25
CA ARG A 198 -8.12 -12.25 7.85
C ARG A 198 -6.68 -12.68 7.55
N SER A 199 -5.74 -11.75 7.67
CA SER A 199 -4.33 -12.04 7.44
C SER A 199 -3.80 -13.02 8.50
N MET A 200 -2.78 -13.77 8.14
CA MET A 200 -2.17 -14.74 9.04
C MET A 200 -0.83 -14.25 9.55
N VAL A 201 -0.67 -14.20 10.86
CA VAL A 201 0.64 -13.93 11.47
C VAL A 201 1.26 -15.20 12.03
N GLU A 202 2.48 -15.50 11.59
CA GLU A 202 3.18 -16.70 12.03
C GLU A 202 4.18 -16.36 13.13
N GLU A 203 5.01 -15.35 12.87
CA GLU A 203 6.04 -14.95 13.82
C GLU A 203 5.76 -13.55 14.36
N GLY A 204 6.51 -13.16 15.39
CA GLY A 204 6.31 -11.84 16.00
C GLY A 204 7.24 -10.80 15.41
N THR A 205 7.72 -11.06 14.19
CA THR A 205 8.64 -10.14 13.53
C THR A 205 7.91 -8.98 12.89
N GLY A 206 6.59 -9.12 12.76
CA GLY A 206 5.79 -8.07 12.15
C GLY A 206 5.50 -8.33 10.69
N LEU A 207 5.44 -9.60 10.31
CA LEU A 207 5.23 -9.99 8.93
C LEU A 207 3.83 -10.59 8.73
N ARG A 208 2.94 -9.79 8.15
CA ARG A 208 1.60 -10.29 7.82
C ARG A 208 1.63 -11.13 6.55
N LEU A 209 0.99 -12.29 6.61
CA LEU A 209 0.92 -13.19 5.46
C LEU A 209 -0.50 -13.25 4.89
N LEU A 210 -0.60 -13.13 3.57
CA LEU A 210 -1.89 -13.18 2.91
C LEU A 210 -2.24 -14.61 2.50
N GLU A 211 -3.43 -15.06 2.90
CA GLU A 211 -3.81 -16.46 2.73
C GLU A 211 -4.25 -16.74 1.30
N ALA A 212 -3.67 -17.78 0.70
CA ALA A 212 -4.13 -18.24 -0.62
C ALA A 212 -3.91 -19.74 -0.77
N ALA A 213 -4.61 -20.33 -1.73
CA ALA A 213 -4.52 -21.77 -1.97
C ALA A 213 -3.90 -22.06 -3.33
N ALA A 214 -3.03 -21.17 -3.79
CA ALA A 214 -2.34 -21.35 -5.06
C ALA A 214 -3.35 -21.56 -6.20
N GLN A 215 -4.41 -20.77 -6.20
CA GLN A 215 -5.45 -20.88 -7.22
C GLN A 215 -5.26 -19.81 -8.30
N MET A 1 -12.41 -13.04 3.00
CA MET A 1 -12.63 -13.83 1.80
C MET A 1 -12.54 -15.33 2.10
N GLY A 2 -12.86 -16.15 1.10
CA GLY A 2 -12.77 -17.59 1.27
C GLY A 2 -12.92 -18.33 -0.05
N HIS A 3 -13.36 -19.58 0.04
CA HIS A 3 -13.62 -20.38 -1.17
C HIS A 3 -14.39 -21.64 -0.82
N HIS A 4 -15.34 -22.01 -1.67
CA HIS A 4 -16.04 -23.28 -1.53
C HIS A 4 -16.70 -23.68 -2.86
N HIS A 5 -15.89 -23.78 -3.90
CA HIS A 5 -16.41 -24.11 -5.23
C HIS A 5 -15.47 -25.08 -5.94
N HIS A 6 -15.76 -25.37 -7.21
CA HIS A 6 -14.91 -26.22 -8.03
C HIS A 6 -14.96 -25.81 -9.50
N HIS A 7 -13.79 -25.72 -10.12
CA HIS A 7 -13.69 -25.26 -11.50
C HIS A 7 -12.60 -26.03 -12.25
N HIS A 8 -12.45 -25.72 -13.54
CA HIS A 8 -11.50 -26.42 -14.38
C HIS A 8 -10.67 -25.43 -15.20
N SER A 9 -9.82 -24.68 -14.52
CA SER A 9 -8.90 -23.77 -15.20
C SER A 9 -7.55 -23.70 -14.46
N HIS A 10 -6.71 -24.68 -14.71
CA HIS A 10 -5.48 -24.85 -13.94
C HIS A 10 -4.26 -24.95 -14.84
N MET A 11 -3.08 -24.97 -14.24
CA MET A 11 -1.84 -25.15 -14.99
C MET A 11 -1.58 -23.96 -15.91
N GLN A 12 -2.06 -22.79 -15.50
CA GLN A 12 -1.70 -21.54 -16.17
C GLN A 12 -1.96 -20.35 -15.26
N LEU A 13 -0.90 -19.65 -14.89
CA LEU A 13 -1.01 -18.46 -14.06
C LEU A 13 0.30 -17.68 -14.04
N ALA A 14 0.21 -16.37 -14.18
CA ALA A 14 1.38 -15.50 -14.14
C ALA A 14 1.01 -14.05 -14.41
N SER A 15 -0.22 -13.84 -14.86
CA SER A 15 -0.71 -12.49 -15.15
C SER A 15 -2.22 -12.50 -15.41
N TRP A 16 -2.83 -11.33 -15.32
CA TRP A 16 -4.22 -11.17 -15.74
C TRP A 16 -4.40 -9.91 -16.59
N SER A 17 -3.92 -9.97 -17.83
CA SER A 17 -3.84 -8.77 -18.66
C SER A 17 -5.18 -8.46 -19.30
N ASP A 18 -6.06 -7.83 -18.53
CA ASP A 18 -7.31 -7.32 -19.06
C ASP A 18 -8.29 -6.99 -17.93
N PRO A 19 -8.60 -7.98 -17.10
CA PRO A 19 -9.43 -7.80 -15.90
C PRO A 19 -8.65 -7.17 -14.76
N THR A 20 -9.35 -6.79 -13.70
CA THR A 20 -8.71 -6.34 -12.47
C THR A 20 -8.14 -4.94 -12.63
N GLU A 21 -8.82 -3.94 -12.05
CA GLU A 21 -8.38 -2.56 -12.15
C GLU A 21 -8.24 -1.94 -10.76
N GLU A 22 -9.12 -2.34 -9.85
CA GLU A 22 -9.05 -1.87 -8.47
C GLU A 22 -7.91 -2.54 -7.72
N THR A 23 -7.13 -1.75 -6.99
CA THR A 23 -5.93 -2.25 -6.33
C THR A 23 -6.20 -2.57 -4.87
N GLY A 24 -5.35 -3.40 -4.28
CA GLY A 24 -5.68 -4.05 -3.04
C GLY A 24 -4.74 -3.68 -1.91
N PRO A 25 -5.13 -4.01 -0.66
CA PRO A 25 -4.29 -3.79 0.51
C PRO A 25 -3.23 -4.87 0.67
N VAL A 26 -2.60 -4.90 1.85
CA VAL A 26 -1.73 -6.02 2.21
C VAL A 26 -0.33 -5.84 1.64
N ALA A 27 0.67 -6.09 2.46
CA ALA A 27 2.06 -5.88 2.06
C ALA A 27 2.70 -7.18 1.58
N GLY A 28 2.34 -8.28 2.24
CA GLY A 28 3.03 -9.54 2.01
C GLY A 28 2.08 -10.73 2.02
N ILE A 29 2.62 -11.92 1.82
CA ILE A 29 1.82 -13.13 1.75
C ILE A 29 2.13 -14.06 2.92
N LEU A 30 1.09 -14.69 3.46
CA LEU A 30 1.27 -15.72 4.48
C LEU A 30 0.63 -17.04 4.04
N ASP A 31 1.44 -18.09 4.02
CA ASP A 31 0.96 -19.42 3.66
C ASP A 31 0.32 -20.11 4.87
N THR A 32 -0.96 -20.41 4.76
CA THR A 32 -1.72 -20.97 5.87
C THR A 32 -1.47 -22.48 5.99
N GLU A 33 -0.77 -23.04 5.01
CA GLU A 33 -0.36 -24.44 5.07
C GLU A 33 0.56 -24.69 6.26
N THR A 34 1.38 -23.71 6.57
CA THR A 34 2.31 -23.83 7.69
C THR A 34 2.40 -22.52 8.47
N LEU A 35 1.55 -21.57 8.12
CA LEU A 35 1.60 -20.24 8.73
C LEU A 35 2.98 -19.62 8.58
N GLU A 36 3.43 -19.45 7.35
CA GLU A 36 4.74 -18.91 7.07
C GLU A 36 4.64 -17.64 6.22
N LYS A 37 5.22 -16.55 6.72
CA LYS A 37 5.27 -15.30 5.97
C LYS A 37 6.35 -15.36 4.89
N VAL A 38 5.97 -14.99 3.67
CA VAL A 38 6.91 -14.97 2.55
C VAL A 38 6.82 -13.65 1.79
N SER A 39 7.85 -13.35 1.00
CA SER A 39 7.89 -12.13 0.22
C SER A 39 6.95 -12.23 -0.99
N ILE A 40 6.62 -11.08 -1.57
CA ILE A 40 5.81 -11.04 -2.78
C ILE A 40 6.52 -11.75 -3.93
N THR A 41 7.83 -11.56 -4.01
CA THR A 41 8.63 -12.21 -5.04
C THR A 41 8.65 -13.73 -4.85
N GLU A 42 8.78 -14.16 -3.60
CA GLU A 42 8.79 -15.58 -3.28
C GLU A 42 7.42 -16.21 -3.56
N ALA A 43 6.36 -15.48 -3.21
CA ALA A 43 5.01 -15.93 -3.49
C ALA A 43 4.72 -15.95 -4.99
N MET A 44 5.22 -14.92 -5.68
CA MET A 44 4.97 -14.78 -7.11
C MET A 44 5.63 -15.93 -7.89
N HIS A 45 6.77 -16.40 -7.38
CA HIS A 45 7.67 -17.23 -8.17
C HIS A 45 6.96 -18.51 -8.64
N ARG A 46 6.16 -19.09 -7.75
CA ARG A 46 5.40 -20.28 -8.09
C ARG A 46 4.58 -20.75 -6.88
N ASN A 47 4.24 -19.82 -5.99
CA ASN A 47 3.56 -20.17 -4.75
C ASN A 47 2.06 -20.27 -4.97
N LEU A 48 1.46 -19.17 -5.41
CA LEU A 48 0.02 -19.14 -5.69
C LEU A 48 -0.38 -17.81 -6.31
N VAL A 49 0.31 -16.74 -5.91
CA VAL A 49 -0.01 -15.40 -6.41
C VAL A 49 0.62 -15.16 -7.77
N ASP A 50 -0.07 -14.36 -8.59
CA ASP A 50 0.46 -13.98 -9.90
C ASP A 50 1.09 -12.59 -9.86
N ASN A 51 1.51 -12.11 -11.03
CA ASN A 51 2.12 -10.79 -11.13
C ASN A 51 1.14 -9.71 -10.67
N ILE A 52 -0.11 -9.83 -11.08
CA ILE A 52 -1.12 -8.83 -10.78
C ILE A 52 -1.44 -8.80 -9.29
N THR A 53 -1.61 -9.99 -8.70
CA THR A 53 -1.89 -10.09 -7.27
C THR A 53 -0.71 -9.59 -6.44
N GLY A 54 0.50 -9.94 -6.87
CA GLY A 54 1.69 -9.38 -6.26
C GLY A 54 1.78 -7.87 -6.44
N GLN A 55 1.39 -7.39 -7.61
CA GLN A 55 1.46 -5.97 -7.92
C GLN A 55 0.53 -5.17 -6.99
N ARG A 56 -0.64 -5.73 -6.72
CA ARG A 56 -1.62 -5.06 -5.88
C ARG A 56 -1.10 -4.91 -4.44
N LEU A 57 -0.50 -5.97 -3.93
CA LEU A 57 0.14 -5.93 -2.61
C LEU A 57 1.38 -5.05 -2.64
N LEU A 58 2.09 -5.07 -3.76
CA LEU A 58 3.26 -4.21 -3.95
C LEU A 58 2.84 -2.74 -3.98
N GLU A 59 1.64 -2.48 -4.51
CA GLU A 59 1.08 -1.14 -4.49
C GLU A 59 0.88 -0.64 -3.07
N ALA A 60 0.50 -1.55 -2.17
CA ALA A 60 0.36 -1.23 -0.76
C ALA A 60 1.71 -0.86 -0.15
N GLN A 61 2.76 -1.55 -0.58
CA GLN A 61 4.13 -1.21 -0.18
C GLN A 61 4.54 0.14 -0.78
N ALA A 62 4.12 0.39 -2.01
CA ALA A 62 4.38 1.67 -2.66
C ALA A 62 3.68 2.82 -1.94
N CYS A 63 2.46 2.55 -1.48
CA CYS A 63 1.69 3.56 -0.77
C CYS A 63 2.27 3.83 0.60
N THR A 64 3.09 2.90 1.09
CA THR A 64 3.85 3.11 2.32
C THR A 64 5.31 3.44 2.01
N GLY A 65 5.54 4.10 0.88
CA GLY A 65 6.86 4.59 0.57
C GLY A 65 7.69 3.58 -0.19
N GLY A 66 8.81 3.19 0.38
CA GLY A 66 9.73 2.29 -0.31
C GLY A 66 9.24 0.85 -0.31
N ILE A 67 9.91 0.00 -1.08
CA ILE A 67 9.52 -1.40 -1.19
C ILE A 67 9.94 -2.20 0.03
N ILE A 68 9.01 -2.97 0.58
CA ILE A 68 9.20 -3.57 1.89
C ILE A 68 9.29 -5.09 1.79
N ASP A 69 10.40 -5.65 2.27
CA ASP A 69 10.56 -7.09 2.34
C ASP A 69 9.94 -7.65 3.61
N PRO A 70 8.91 -8.49 3.45
CA PRO A 70 8.17 -9.06 4.59
C PRO A 70 9.05 -9.90 5.50
N SER A 71 10.23 -10.27 5.00
CA SER A 71 11.16 -11.10 5.77
C SER A 71 11.37 -10.54 7.16
N THR A 72 11.40 -9.21 7.26
CA THR A 72 11.53 -8.54 8.55
C THR A 72 11.34 -7.03 8.41
N GLY A 73 10.62 -6.62 7.37
CA GLY A 73 10.27 -5.23 7.22
C GLY A 73 11.43 -4.39 6.70
N GLU A 74 12.28 -5.00 5.89
CA GLU A 74 13.40 -4.30 5.29
C GLU A 74 12.92 -3.32 4.22
N ARG A 75 13.50 -2.12 4.22
CA ARG A 75 13.02 -1.04 3.37
C ARG A 75 14.05 -0.69 2.30
N PHE A 76 13.65 -0.78 1.04
CA PHE A 76 14.51 -0.39 -0.06
C PHE A 76 13.73 0.43 -1.09
N PRO A 77 14.38 1.48 -1.64
CA PRO A 77 13.84 2.24 -2.76
C PRO A 77 13.41 1.35 -3.92
N VAL A 78 12.32 1.72 -4.58
CA VAL A 78 11.75 0.90 -5.64
C VAL A 78 12.80 0.57 -6.70
N THR A 79 13.69 1.51 -6.97
CA THR A 79 14.75 1.31 -7.94
C THR A 79 15.74 0.26 -7.46
N ASP A 80 16.00 0.25 -6.16
CA ASP A 80 16.93 -0.71 -5.57
C ASP A 80 16.31 -2.11 -5.53
N ALA A 81 15.02 -2.17 -5.20
CA ALA A 81 14.32 -3.44 -5.13
C ALA A 81 14.22 -4.10 -6.50
N VAL A 82 14.02 -3.29 -7.53
CA VAL A 82 14.03 -3.77 -8.91
C VAL A 82 15.43 -4.24 -9.30
N ASN A 83 16.44 -3.51 -8.85
CA ASN A 83 17.83 -3.86 -9.14
C ASN A 83 18.23 -5.14 -8.42
N LYS A 84 17.55 -5.43 -7.31
CA LYS A 84 17.80 -6.65 -6.56
C LYS A 84 17.03 -7.83 -7.15
N GLY A 85 15.87 -7.54 -7.74
CA GLY A 85 15.09 -8.58 -8.38
C GLY A 85 13.80 -8.86 -7.64
N LEU A 86 13.34 -7.89 -6.87
CA LEU A 86 12.08 -8.03 -6.12
C LEU A 86 10.90 -7.54 -6.96
N VAL A 87 11.06 -6.36 -7.56
CA VAL A 87 9.96 -5.72 -8.28
C VAL A 87 10.28 -5.59 -9.77
N ASP A 88 9.24 -5.64 -10.59
CA ASP A 88 9.41 -5.48 -12.04
C ASP A 88 9.75 -4.04 -12.39
N LYS A 89 10.54 -3.86 -13.43
CA LYS A 89 10.91 -2.52 -13.90
C LYS A 89 9.67 -1.72 -14.28
N ILE A 90 8.65 -2.40 -14.79
CA ILE A 90 7.48 -1.73 -15.33
C ILE A 90 6.63 -1.12 -14.22
N MET A 91 6.95 -1.47 -12.97
CA MET A 91 6.19 -1.00 -11.83
C MET A 91 6.84 0.24 -11.22
N VAL A 92 8.04 0.56 -11.69
CA VAL A 92 8.82 1.64 -11.10
C VAL A 92 8.11 2.98 -11.23
N ASP A 93 7.64 3.27 -12.43
CA ASP A 93 6.99 4.55 -12.70
C ASP A 93 5.67 4.66 -11.93
N ARG A 94 4.93 3.56 -11.86
CA ARG A 94 3.71 3.51 -11.07
C ARG A 94 4.02 3.65 -9.59
N ILE A 95 5.09 3.00 -9.15
CA ILE A 95 5.43 2.99 -7.73
C ILE A 95 6.12 4.28 -7.32
N ASN A 96 6.82 4.90 -8.28
CA ASN A 96 7.63 6.07 -7.99
C ASN A 96 6.76 7.25 -7.57
N LEU A 97 5.60 7.38 -8.20
CA LEU A 97 4.65 8.42 -7.85
C LEU A 97 4.09 8.21 -6.44
N ALA A 98 3.84 6.95 -6.10
CA ALA A 98 3.38 6.60 -4.76
C ALA A 98 4.50 6.74 -3.73
N GLN A 99 5.72 6.46 -4.17
CA GLN A 99 6.85 6.34 -3.25
C GLN A 99 7.16 7.68 -2.58
N LYS A 100 7.20 8.73 -3.38
CA LYS A 100 7.39 10.08 -2.86
C LYS A 100 6.16 10.57 -2.10
N ALA A 101 5.00 10.05 -2.49
CA ALA A 101 3.75 10.45 -1.87
C ALA A 101 3.74 10.13 -0.38
N PHE A 102 4.53 9.13 0.01
CA PHE A 102 4.61 8.72 1.41
C PHE A 102 5.15 9.86 2.28
N CYS A 103 6.12 10.60 1.75
CA CYS A 103 6.87 11.57 2.55
C CYS A 103 6.88 12.94 1.87
N GLY A 104 5.80 13.26 1.17
CA GLY A 104 5.66 14.58 0.59
C GLY A 104 6.11 14.64 -0.86
N PHE A 105 5.36 15.36 -1.68
CA PHE A 105 5.69 15.48 -3.10
C PHE A 105 6.75 16.55 -3.32
N GLU A 106 6.51 17.74 -2.76
CA GLU A 106 7.51 18.80 -2.78
C GLU A 106 8.09 18.95 -4.19
N ASP A 107 7.29 19.45 -5.12
CA ASP A 107 7.76 19.77 -6.46
C ASP A 107 8.96 20.72 -6.40
N PRO A 108 9.84 20.62 -7.40
CA PRO A 108 11.08 21.41 -7.45
C PRO A 108 10.81 22.90 -7.62
N ARG A 109 9.57 23.23 -7.99
CA ARG A 109 9.18 24.63 -8.18
C ARG A 109 8.29 25.10 -7.04
N THR A 110 8.20 24.29 -5.98
CA THR A 110 7.41 24.64 -4.81
C THR A 110 7.49 23.55 -3.75
N LYS A 111 8.53 23.62 -2.92
CA LYS A 111 8.76 22.60 -1.89
C LYS A 111 7.95 22.89 -0.64
N THR A 112 6.81 22.24 -0.51
CA THR A 112 5.88 22.51 0.59
C THR A 112 5.66 21.27 1.45
N LYS A 113 5.50 20.12 0.79
CA LYS A 113 5.33 18.85 1.49
C LYS A 113 3.87 18.63 1.88
N MET A 114 3.25 17.62 1.27
CA MET A 114 1.82 17.39 1.45
C MET A 114 1.50 15.91 1.38
N SER A 115 0.36 15.52 1.95
CA SER A 115 -0.19 14.19 1.74
C SER A 115 -0.76 14.04 0.35
N ALA A 116 -1.10 12.80 -0.03
CA ALA A 116 -1.78 12.55 -1.28
C ALA A 116 -3.14 13.27 -1.33
N ALA A 117 -3.84 13.26 -0.21
CA ALA A 117 -5.14 13.91 -0.11
C ALA A 117 -5.00 15.43 -0.16
N GLN A 118 -3.95 15.94 0.47
CA GLN A 118 -3.67 17.37 0.46
C GLN A 118 -3.24 17.84 -0.93
N ALA A 119 -2.49 16.98 -1.62
CA ALA A 119 -2.13 17.22 -3.01
C ALA A 119 -3.37 17.22 -3.89
N LEU A 120 -4.35 16.40 -3.54
CA LEU A 120 -5.65 16.42 -4.20
C LEU A 120 -6.39 17.71 -3.89
N LYS A 121 -6.33 18.14 -2.62
CA LYS A 121 -7.18 19.22 -2.13
C LYS A 121 -6.80 20.55 -2.76
N LYS A 122 -5.50 20.74 -3.00
CA LYS A 122 -5.01 22.00 -3.52
C LYS A 122 -3.50 21.94 -3.75
N GLY A 123 -3.02 20.79 -4.21
CA GLY A 123 -1.61 20.63 -4.50
C GLY A 123 -1.33 20.65 -5.99
N TRP A 124 -1.56 19.51 -6.65
CA TRP A 124 -1.24 19.37 -8.06
C TRP A 124 -1.49 17.94 -8.53
N LEU A 125 -1.43 16.99 -7.60
CA LEU A 125 -1.64 15.58 -7.93
C LEU A 125 -3.04 15.36 -8.48
N TYR A 126 -3.14 14.51 -9.51
CA TYR A 126 -4.38 14.34 -10.24
C TYR A 126 -5.21 13.20 -9.64
N TYR A 127 -6.49 13.18 -9.97
CA TYR A 127 -7.44 12.33 -9.27
C TYR A 127 -7.03 10.86 -9.36
N GLU A 128 -6.63 10.44 -10.56
CA GLU A 128 -6.41 9.02 -10.83
C GLU A 128 -5.30 8.46 -9.95
N ALA A 129 -4.28 9.26 -9.71
CA ALA A 129 -3.15 8.83 -8.89
C ALA A 129 -3.48 8.92 -7.40
N GLY A 130 -3.98 10.08 -6.98
CA GLY A 130 -4.25 10.30 -5.57
C GLY A 130 -5.31 9.37 -5.03
N GLN A 131 -6.36 9.14 -5.82
CA GLN A 131 -7.47 8.30 -5.39
C GLN A 131 -6.99 6.86 -5.13
N ARG A 132 -6.10 6.38 -5.99
CA ARG A 132 -5.54 5.05 -5.84
C ARG A 132 -4.69 4.95 -4.57
N PHE A 133 -3.94 6.00 -4.28
CA PHE A 133 -3.02 5.99 -3.16
C PHE A 133 -3.77 6.02 -1.84
N LEU A 134 -4.85 6.78 -1.79
CA LEU A 134 -5.61 6.98 -0.56
C LEU A 134 -6.38 5.72 -0.19
N GLU A 135 -6.93 5.05 -1.19
CA GLU A 135 -7.79 3.90 -0.97
C GLU A 135 -7.02 2.75 -0.32
N VAL A 136 -5.81 2.50 -0.82
CA VAL A 136 -4.99 1.39 -0.34
C VAL A 136 -4.48 1.67 1.08
N GLN A 137 -4.09 2.92 1.32
CA GLN A 137 -3.67 3.33 2.65
C GLN A 137 -4.82 3.23 3.64
N TYR A 138 -6.02 3.57 3.19
CA TYR A 138 -7.21 3.50 4.04
C TYR A 138 -7.50 2.05 4.43
N LEU A 139 -7.33 1.14 3.48
CA LEU A 139 -7.66 -0.27 3.70
C LEU A 139 -6.72 -0.89 4.73
N THR A 140 -5.47 -0.46 4.72
CA THR A 140 -4.46 -1.01 5.61
C THR A 140 -4.53 -0.36 6.99
N GLY A 141 -4.88 0.92 7.01
CA GLY A 141 -5.10 1.60 8.28
C GLY A 141 -5.77 2.95 8.10
N GLY A 142 -4.96 3.98 7.84
CA GLY A 142 -5.50 5.27 7.47
C GLY A 142 -4.67 5.97 6.42
N LEU A 143 -5.00 7.23 6.15
CA LEU A 143 -4.30 7.99 5.11
C LEU A 143 -2.96 8.49 5.61
N ILE A 144 -1.93 8.36 4.76
CA ILE A 144 -0.57 8.69 5.17
C ILE A 144 -0.22 10.13 4.80
N GLU A 145 0.35 10.86 5.77
CA GLU A 145 0.83 12.21 5.52
C GLU A 145 2.26 12.37 6.02
N PRO A 146 2.98 13.35 5.45
CA PRO A 146 4.38 13.60 5.79
C PRO A 146 4.53 14.25 7.16
N ASP A 147 3.46 14.88 7.63
CA ASP A 147 3.47 15.53 8.93
C ASP A 147 3.41 14.51 10.06
N THR A 148 2.25 13.87 10.20
CA THR A 148 2.08 12.79 11.17
C THR A 148 2.95 11.59 10.81
N PRO A 149 3.77 11.14 11.78
CA PRO A 149 4.64 9.97 11.59
C PRO A 149 3.87 8.66 11.63
N GLY A 150 3.08 8.41 10.59
CA GLY A 150 2.29 7.20 10.54
C GLY A 150 1.01 7.38 9.75
N ARG A 151 0.03 6.53 10.02
CA ARG A 151 -1.24 6.56 9.29
C ARG A 151 -2.28 7.35 10.07
N VAL A 152 -3.07 8.15 9.36
CA VAL A 152 -4.08 8.99 10.00
C VAL A 152 -5.50 8.50 9.68
N PRO A 153 -6.28 8.26 10.74
CA PRO A 153 -7.68 7.86 10.60
C PRO A 153 -8.50 8.83 9.76
N LEU A 154 -9.49 8.31 9.06
CA LEU A 154 -10.33 9.14 8.19
C LEU A 154 -11.02 10.24 8.99
N ASP A 155 -11.50 9.88 10.18
CA ASP A 155 -12.13 10.85 11.08
C ASP A 155 -11.12 11.91 11.51
N GLU A 156 -9.89 11.49 11.76
CA GLU A 156 -8.81 12.41 12.09
C GLU A 156 -8.42 13.26 10.88
N ALA A 157 -8.50 12.66 9.69
CA ALA A 157 -8.20 13.37 8.46
C ALA A 157 -9.17 14.52 8.23
N LEU A 158 -10.44 14.30 8.59
CA LEU A 158 -11.47 15.31 8.39
C LEU A 158 -11.23 16.53 9.27
N GLN A 159 -10.93 16.28 10.54
CA GLN A 159 -10.68 17.35 11.49
C GLN A 159 -9.33 18.01 11.23
N ARG A 160 -8.43 17.28 10.59
CA ARG A 160 -7.16 17.84 10.15
C ARG A 160 -7.32 18.67 8.90
N GLY A 161 -8.33 18.33 8.10
CA GLY A 161 -8.62 19.12 6.91
C GLY A 161 -7.96 18.57 5.66
N THR A 162 -7.10 17.58 5.85
CA THR A 162 -6.37 16.98 4.73
C THR A 162 -7.33 16.41 3.68
N VAL A 163 -8.51 15.98 4.14
CA VAL A 163 -9.56 15.54 3.23
C VAL A 163 -10.81 16.40 3.38
N ASP A 164 -11.57 16.51 2.30
CA ASP A 164 -12.92 17.08 2.38
C ASP A 164 -13.95 16.00 2.65
N ALA A 165 -15.18 16.42 2.94
CA ALA A 165 -16.28 15.49 3.16
C ALA A 165 -16.53 14.63 1.92
N ARG A 166 -16.44 15.26 0.75
CA ARG A 166 -16.60 14.55 -0.52
C ARG A 166 -15.50 13.52 -0.71
N THR A 167 -14.28 13.87 -0.31
CA THR A 167 -13.15 12.96 -0.42
C THR A 167 -13.28 11.81 0.59
N ALA A 168 -13.74 12.14 1.79
CA ALA A 168 -13.79 11.17 2.88
C ALA A 168 -14.78 10.05 2.58
N GLN A 169 -15.93 10.42 2.03
CA GLN A 169 -16.96 9.43 1.70
C GLN A 169 -16.51 8.53 0.57
N LYS A 170 -15.65 9.05 -0.29
CA LYS A 170 -15.05 8.26 -1.36
C LYS A 170 -14.14 7.18 -0.79
N LEU A 171 -13.47 7.49 0.31
CA LEU A 171 -12.68 6.50 1.04
C LEU A 171 -13.58 5.44 1.66
N ARG A 172 -14.81 5.82 1.97
CA ARG A 172 -15.77 4.90 2.58
C ARG A 172 -16.36 3.96 1.55
N ASP A 173 -16.18 4.31 0.27
CA ASP A 173 -16.81 3.58 -0.81
C ASP A 173 -16.07 2.29 -1.11
N VAL A 174 -14.92 2.10 -0.45
CA VAL A 174 -14.08 0.93 -0.69
C VAL A 174 -14.83 -0.35 -0.36
N GLY A 175 -15.85 -0.25 0.48
CA GLY A 175 -16.57 -1.42 0.93
C GLY A 175 -17.40 -2.05 -0.17
N ALA A 176 -17.61 -1.30 -1.26
CA ALA A 176 -18.47 -1.74 -2.33
C ALA A 176 -17.67 -2.23 -3.52
N TYR A 177 -16.35 -2.27 -3.36
CA TYR A 177 -15.45 -2.62 -4.46
C TYR A 177 -15.50 -4.11 -4.74
N SER A 178 -15.25 -4.47 -6.00
CA SER A 178 -15.53 -5.83 -6.48
C SER A 178 -14.56 -6.83 -5.86
N LYS A 179 -14.93 -8.10 -5.91
CA LYS A 179 -14.16 -9.15 -5.24
C LYS A 179 -13.08 -9.70 -6.17
N TYR A 180 -11.86 -9.83 -5.64
CA TYR A 180 -10.75 -10.37 -6.41
C TYR A 180 -10.10 -11.54 -5.67
N LEU A 181 -10.15 -11.48 -4.34
CA LEU A 181 -9.29 -12.31 -3.51
C LEU A 181 -10.06 -13.46 -2.88
N THR A 182 -9.49 -14.66 -2.95
CA THR A 182 -10.11 -15.84 -2.35
C THR A 182 -9.20 -16.49 -1.33
N CYS A 183 -9.80 -17.10 -0.31
CA CYS A 183 -9.05 -17.80 0.73
C CYS A 183 -9.61 -19.20 0.95
N PRO A 184 -9.08 -19.89 1.97
CA PRO A 184 -9.48 -21.25 2.30
C PRO A 184 -11.00 -21.40 2.41
N LYS A 185 -11.63 -20.49 3.15
CA LYS A 185 -13.05 -20.58 3.45
C LYS A 185 -13.43 -19.65 4.59
N THR A 186 -14.19 -18.60 4.27
CA THR A 186 -14.82 -17.77 5.29
C THR A 186 -16.05 -17.07 4.74
N LYS A 187 -15.83 -16.05 3.92
CA LYS A 187 -16.94 -15.30 3.34
C LYS A 187 -16.90 -15.38 1.81
N LEU A 188 -15.84 -15.97 1.28
CA LEU A 188 -15.71 -16.16 -0.16
C LEU A 188 -15.65 -14.82 -0.89
N LYS A 189 -16.73 -14.50 -1.60
CA LYS A 189 -16.77 -13.31 -2.44
C LYS A 189 -16.95 -12.05 -1.60
N ILE A 190 -15.91 -11.24 -1.52
CA ILE A 190 -15.89 -10.09 -0.62
C ILE A 190 -15.29 -8.86 -1.29
N SER A 191 -15.65 -7.69 -0.79
CA SER A 191 -14.98 -6.45 -1.18
C SER A 191 -13.60 -6.35 -0.53
N TYR A 192 -12.83 -5.35 -0.94
CA TYR A 192 -11.51 -5.13 -0.38
C TYR A 192 -11.60 -4.81 1.11
N LYS A 193 -12.64 -4.07 1.50
CA LYS A 193 -12.88 -3.77 2.90
C LYS A 193 -13.28 -5.03 3.66
N ASP A 194 -14.12 -5.86 3.04
CA ASP A 194 -14.47 -7.15 3.61
C ASP A 194 -13.28 -8.09 3.62
N ALA A 195 -12.40 -7.93 2.63
CA ALA A 195 -11.22 -8.78 2.51
C ALA A 195 -10.35 -8.69 3.75
N LEU A 196 -10.37 -7.52 4.40
CA LEU A 196 -9.47 -7.24 5.51
C LEU A 196 -9.80 -8.11 6.72
N ASP A 197 -11.00 -8.68 6.70
CA ASP A 197 -11.52 -9.38 7.88
C ASP A 197 -10.66 -10.58 8.23
N ARG A 198 -10.12 -11.24 7.21
CA ARG A 198 -9.25 -12.39 7.41
C ARG A 198 -7.79 -12.01 7.17
N SER A 199 -7.56 -10.79 6.71
CA SER A 199 -6.22 -10.27 6.52
C SER A 199 -5.46 -10.23 7.86
N MET A 200 -4.25 -10.78 7.86
CA MET A 200 -3.53 -11.04 9.10
C MET A 200 -2.42 -10.03 9.31
N VAL A 201 -2.50 -9.28 10.41
CA VAL A 201 -1.49 -8.29 10.73
C VAL A 201 -0.36 -8.89 11.56
N GLU A 202 0.87 -8.70 11.10
CA GLU A 202 2.04 -9.26 11.78
C GLU A 202 2.25 -8.58 13.14
N GLU A 203 1.86 -7.32 13.23
CA GLU A 203 1.88 -6.60 14.50
C GLU A 203 3.30 -6.52 15.04
N GLY A 204 4.26 -6.25 14.15
CA GLY A 204 5.63 -6.06 14.58
C GLY A 204 6.32 -4.94 13.82
N THR A 205 6.45 -5.10 12.51
CA THR A 205 7.10 -4.10 11.68
C THR A 205 6.10 -3.46 10.73
N GLY A 206 4.81 -3.72 10.94
CA GLY A 206 3.78 -3.11 10.12
C GLY A 206 3.52 -3.90 8.85
N LEU A 207 3.69 -5.21 8.93
CA LEU A 207 3.49 -6.07 7.76
C LEU A 207 2.09 -6.68 7.76
N ARG A 208 1.24 -6.20 6.86
CA ARG A 208 -0.06 -6.83 6.63
C ARG A 208 0.08 -8.03 5.69
N LEU A 209 -0.43 -9.18 6.13
CA LEU A 209 -0.26 -10.42 5.41
C LEU A 209 -1.60 -10.93 4.86
N LEU A 210 -1.57 -11.43 3.64
CA LEU A 210 -2.75 -12.09 3.06
C LEU A 210 -2.65 -13.61 3.21
N GLU A 211 -3.66 -14.20 3.81
CA GLU A 211 -3.71 -15.65 3.98
C GLU A 211 -3.98 -16.35 2.66
N ALA A 212 -3.25 -17.43 2.40
CA ALA A 212 -3.56 -18.31 1.28
C ALA A 212 -3.07 -19.73 1.55
N ALA A 213 -3.75 -20.71 0.94
CA ALA A 213 -3.34 -22.10 1.07
C ALA A 213 -3.13 -22.74 -0.30
N ALA A 214 -2.84 -21.91 -1.29
CA ALA A 214 -2.58 -22.40 -2.64
C ALA A 214 -3.75 -23.23 -3.15
N GLN A 215 -4.96 -22.68 -3.05
CA GLN A 215 -6.16 -23.38 -3.48
C GLN A 215 -6.61 -22.88 -4.86
#